data_6MDP
#
_entry.id   6MDP
#
_cell.length_a   1
_cell.length_b   1
_cell.length_c   1
_cell.angle_alpha   90.000
_cell.angle_beta   90.000
_cell.angle_gamma   90.000
#
_symmetry.space_group_name_H-M   'P 1'
#
loop_
_entity.id
_entity.type
_entity.pdbx_description
1 polymer 'Vesicle-fusing ATPase'
2 polymer 'Synaptosomal-associated protein 25'
3 non-polymer "ADENOSINE-5'-DIPHOSPHATE"
4 non-polymer "ADENOSINE-5'-TRIPHOSPHATE"
#
loop_
_entity_poly.entity_id
_entity_poly.type
_entity_poly.pdbx_seq_one_letter_code
_entity_poly.pdbx_strand_id
1 'polypeptide(L)'
;MGHHHHHHDYDIPTTENLYFQGAHMAGRSMQAARCPTDELSLSNCAVVSEKDYQSGQHVIVRTSPNHKYIFTLRTHPSVV
PGSVAFSLPQRKWAGLSIGQEIEVALYSFDKAKQCIGTMTIEIDFLQKKNIDSNPYDTDKMAAEFIQQFNNQAFSVGQQL
VFSFNDKLFGLLVKDIEAMDPSILKGEPASGKRQKIEVGLVVGNSQVAFEKAENSSLNLIGKAKTKENRQSIINPDWNFE
KMGIGGLDKEFSDIFRRAFASRVFPPEIVEQMGCKHVKGILLYGPPGCGKTLLARQIGKMLNAREPKVVNGPEILNKYVG
ESEANIRKLFADAEEEQRRLGANSGLHIIIFDEIDAICKQRGSMAGSTGVHDTVVNQLLSKIDGVEQLNNILVIGMTNRP
DLIDEALLRPGRLEVKMEIGLPDEKGRLQILHIHTARMRGHQLLSADVDIKELAVETKNFSGAELEGLVRAAQSTAMNRH
IIASTKVEVDMEKAESLQVTRGDFLASLENDIKPAFGTNQEDYASYIMNGIIKWGDPVTRVLDDGELLVQQTKNSDRTPL
VSVLLEGPPHSGKTALAAKIAEESNFPFIKICSPDKMIGFSETAKCQAMKKIFDDAYKSQLSCVVVDDIERLLDYVPIGP
RFSNLVLQALLVLLKKAPPQGRKLLIIGTTSRKDVLQEMEMLNAFSTTIHVPNIATGEQLLEALELLGNFKDKERTTIAQ
QVKGKKVWIGIKKLLMLIEMSLQMDPEYRVRKFLALLREEGASPLDFD
;
A,B,C,D,E,F
2 'polypeptide(L)'
;MASMAEDADMRNELEEMQRRADQLADESLESTRRMLQLVEESKDAGIRTLVMLDEQGEQLDRVEEGMNHINQDMKEAEKN
LKDLGKCCGLFICPCNKLKSSDAYKKAWGNNQDGVVASQPARVVDEREQMAISGGFIRRVTNDARENEMDENLEQVSGII
GNLRHMALDMGNEIDTQNRQIDRIMEKADSNKTRIDEANQRATKMLG
;
H
#
loop_
_chem_comp.id
_chem_comp.type
_chem_comp.name
_chem_comp.formula
ADP non-polymer ADENOSINE-5'-DIPHOSPHATE 'C10 H15 N5 O10 P2'
ATP non-polymer ADENOSINE-5'-TRIPHOSPHATE 'C10 H16 N5 O13 P3'
#
# COMPACT_ATOMS: atom_id res chain seq x y z
N PRO A 235 -0.80 62.01 2.07
CA PRO A 235 -1.47 60.72 2.28
C PRO A 235 -0.81 59.87 3.38
N ASP A 236 -1.48 58.80 3.79
CA ASP A 236 -0.97 57.90 4.82
C ASP A 236 -0.05 56.83 4.27
N TRP A 237 0.06 56.71 2.95
CA TRP A 237 0.90 55.72 2.28
C TRP A 237 2.25 56.29 1.85
N ASN A 238 2.57 57.51 2.32
CA ASN A 238 3.84 58.13 1.98
C ASN A 238 4.98 57.26 2.49
N PHE A 239 6.04 57.15 1.67
CA PHE A 239 7.19 56.33 2.00
C PHE A 239 8.41 57.14 2.41
N GLU A 240 8.23 58.42 2.74
CA GLU A 240 9.37 59.23 3.16
C GLU A 240 9.99 58.64 4.42
N LYS A 241 9.14 58.23 5.36
CA LYS A 241 9.54 57.54 6.57
C LYS A 241 8.96 56.14 6.44
N MET A 242 9.79 55.12 6.54
CA MET A 242 9.31 53.76 6.33
C MET A 242 10.30 52.77 6.95
N GLY A 243 9.98 51.48 6.82
CA GLY A 243 10.80 50.39 7.28
C GLY A 243 11.31 49.48 6.19
N ILE A 244 10.99 49.78 4.92
CA ILE A 244 11.26 48.90 3.79
C ILE A 244 12.04 49.68 2.73
N GLY A 245 13.13 49.10 2.25
CA GLY A 245 13.83 49.61 1.09
C GLY A 245 13.38 48.91 -0.17
N GLY A 246 13.23 49.68 -1.24
CA GLY A 246 12.89 49.09 -2.52
C GLY A 246 11.42 48.81 -2.61
N LEU A 247 11.03 48.29 -3.78
CA LEU A 247 9.69 47.75 -4.04
C LEU A 247 8.60 48.75 -3.65
N ASP A 248 8.84 50.01 -3.97
CA ASP A 248 7.90 51.08 -3.64
C ASP A 248 6.79 51.22 -4.68
N LYS A 249 7.00 50.74 -5.90
CA LYS A 249 5.95 50.80 -6.92
C LYS A 249 4.78 49.91 -6.55
N GLU A 250 5.06 48.62 -6.34
CA GLU A 250 4.01 47.63 -6.10
C GLU A 250 3.13 47.95 -4.91
N PHE A 251 3.63 48.74 -3.95
CA PHE A 251 2.74 49.14 -2.87
C PHE A 251 1.62 50.04 -3.38
N SER A 252 1.81 50.70 -4.53
CA SER A 252 0.69 51.39 -5.16
C SER A 252 -0.46 50.42 -5.39
N ASP A 253 -0.15 49.25 -5.95
CA ASP A 253 -1.19 48.25 -6.16
C ASP A 253 -1.71 47.70 -4.84
N ILE A 254 -0.83 47.58 -3.83
CA ILE A 254 -1.27 47.14 -2.51
C ILE A 254 -2.32 48.10 -1.94
N PHE A 255 -1.92 49.35 -1.77
CA PHE A 255 -2.80 50.40 -1.26
C PHE A 255 -4.09 50.43 -2.05
N ARG A 256 -3.97 50.52 -3.36
CA ARG A 256 -5.05 50.51 -4.32
C ARG A 256 -6.04 49.39 -4.05
N ARG A 257 -5.59 48.14 -4.16
CA ARG A 257 -6.50 47.02 -4.03
C ARG A 257 -7.12 46.90 -2.65
N ALA A 258 -6.32 47.02 -1.58
CA ALA A 258 -6.85 46.76 -0.24
C ALA A 258 -7.02 47.93 0.71
N PHE A 259 -6.04 48.80 0.86
CA PHE A 259 -6.16 49.79 1.91
C PHE A 259 -6.89 51.04 1.45
N ALA A 260 -7.23 51.14 0.16
CA ALA A 260 -7.97 52.29 -0.31
C ALA A 260 -9.32 52.33 0.37
N SER A 261 -9.97 51.17 0.47
CA SER A 261 -11.27 51.10 1.13
C SER A 261 -11.13 51.44 2.59
N ARG A 262 -10.02 51.00 3.20
CA ARG A 262 -9.82 51.16 4.64
C ARG A 262 -9.73 52.63 5.01
N VAL A 263 -8.73 53.32 4.47
CA VAL A 263 -8.50 54.73 4.81
C VAL A 263 -9.34 55.56 3.85
N PHE A 264 -10.55 55.90 4.28
CA PHE A 264 -11.55 56.44 3.39
C PHE A 264 -12.77 56.87 4.23
N PRO A 265 -13.61 57.78 3.73
CA PRO A 265 -14.87 58.07 4.44
C PRO A 265 -15.74 56.84 4.51
N PRO A 266 -16.06 56.33 5.71
CA PRO A 266 -16.83 55.07 5.77
C PRO A 266 -18.23 55.17 5.19
N GLU A 267 -18.89 56.33 5.28
CA GLU A 267 -20.30 56.41 4.93
C GLU A 267 -20.54 56.06 3.48
N ILE A 268 -19.65 56.50 2.58
CA ILE A 268 -19.92 56.37 1.16
C ILE A 268 -19.43 55.03 0.61
N VAL A 269 -18.35 54.49 1.17
CA VAL A 269 -18.01 53.10 0.86
C VAL A 269 -19.09 52.17 1.37
N GLU A 270 -19.80 52.55 2.43
CA GLU A 270 -20.96 51.78 2.85
C GLU A 270 -22.17 52.04 1.97
N GLN A 271 -22.26 53.23 1.37
CA GLN A 271 -23.28 53.45 0.35
C GLN A 271 -23.06 52.51 -0.83
N MET A 272 -21.80 52.29 -1.19
CA MET A 272 -21.52 51.38 -2.30
C MET A 272 -21.72 49.93 -1.88
N GLY A 273 -21.16 49.55 -0.74
CA GLY A 273 -21.39 48.22 -0.21
C GLY A 273 -20.38 47.24 -0.76
N CYS A 274 -19.35 46.95 0.01
CA CYS A 274 -18.36 45.98 -0.44
C CYS A 274 -17.61 45.39 0.73
N LYS A 275 -17.28 44.11 0.62
CA LYS A 275 -16.49 43.52 1.67
C LYS A 275 -15.08 44.07 1.54
N HIS A 276 -14.36 44.09 2.65
CA HIS A 276 -12.98 44.50 2.62
C HIS A 276 -12.14 43.34 2.10
N VAL A 277 -10.90 43.64 1.72
CA VAL A 277 -10.05 42.60 1.15
C VAL A 277 -9.75 41.58 2.23
N LYS A 278 -10.34 40.40 2.07
CA LYS A 278 -10.15 39.33 3.03
C LYS A 278 -8.72 38.82 3.04
N GLY A 279 -8.02 38.88 1.91
CA GLY A 279 -6.71 38.29 1.84
C GLY A 279 -5.77 38.63 0.69
N ILE A 280 -4.49 38.67 1.09
CA ILE A 280 -3.40 38.91 0.15
C ILE A 280 -2.35 37.83 0.35
N LEU A 281 -1.93 37.22 -0.75
CA LEU A 281 -0.81 36.31 -0.80
C LEU A 281 0.36 37.01 -1.48
N LEU A 282 1.57 36.71 -1.03
CA LEU A 282 2.76 37.28 -1.63
C LEU A 282 3.84 36.22 -1.76
N TYR A 283 4.27 35.98 -3.00
CA TYR A 283 5.23 34.97 -3.32
C TYR A 283 6.57 35.59 -3.71
N GLY A 284 7.63 34.84 -3.47
CA GLY A 284 8.96 35.27 -3.86
C GLY A 284 10.04 34.46 -3.16
N PRO A 285 11.29 34.88 -3.30
CA PRO A 285 12.37 34.22 -2.59
C PRO A 285 12.36 34.58 -1.12
N PRO A 286 13.07 33.82 -0.28
CA PRO A 286 12.92 34.02 1.18
C PRO A 286 13.35 35.37 1.71
N GLY A 287 14.55 35.84 1.34
CA GLY A 287 15.12 36.98 2.02
C GLY A 287 14.78 38.34 1.44
N CYS A 288 13.56 38.47 0.92
CA CYS A 288 13.10 39.69 0.28
C CYS A 288 12.05 40.44 1.08
N GLY A 289 12.06 40.30 2.41
CA GLY A 289 11.28 41.19 3.23
C GLY A 289 9.78 40.96 3.29
N LYS A 290 9.36 39.70 3.31
CA LYS A 290 7.94 39.40 3.29
C LYS A 290 7.26 39.88 4.57
N THR A 291 7.68 39.33 5.71
CA THR A 291 6.90 39.49 6.93
C THR A 291 6.97 40.89 7.49
N LEU A 292 8.10 41.57 7.30
CA LEU A 292 8.22 42.96 7.72
C LEU A 292 7.17 43.83 7.05
N LEU A 293 6.81 43.50 5.81
CA LEU A 293 5.78 44.26 5.13
C LEU A 293 4.45 44.13 5.85
N ALA A 294 4.12 42.93 6.30
CA ALA A 294 2.86 42.73 7.02
C ALA A 294 2.89 43.45 8.36
N ARG A 295 4.04 43.44 9.03
CA ARG A 295 4.18 44.17 10.27
C ARG A 295 3.91 45.66 10.05
N GLN A 296 4.49 46.23 9.01
CA GLN A 296 4.23 47.63 8.70
C GLN A 296 2.79 47.85 8.28
N ILE A 297 2.14 46.85 7.67
CA ILE A 297 0.72 46.99 7.38
C ILE A 297 -0.05 47.16 8.69
N GLY A 298 0.18 46.26 9.64
CA GLY A 298 -0.51 46.36 10.92
C GLY A 298 -0.30 47.70 11.57
N LYS A 299 0.96 48.17 11.61
CA LYS A 299 1.25 49.44 12.25
C LYS A 299 0.59 50.61 11.54
N MET A 300 0.57 50.61 10.21
CA MET A 300 -0.09 51.69 9.47
C MET A 300 -1.60 51.60 9.58
N LEU A 301 -2.13 50.39 9.71
CA LEU A 301 -3.56 50.12 9.68
C LEU A 301 -4.21 50.18 11.06
N ASN A 302 -3.43 50.45 12.11
CA ASN A 302 -3.97 50.55 13.47
C ASN A 302 -4.69 49.28 13.91
N ALA A 303 -4.12 48.14 13.55
CA ALA A 303 -4.69 46.85 13.93
C ALA A 303 -4.03 46.29 15.19
N ARG A 304 -4.64 45.23 15.69
CA ARG A 304 -4.10 44.50 16.83
C ARG A 304 -2.84 43.78 16.41
N GLU A 305 -1.97 43.51 17.37
CA GLU A 305 -0.69 42.89 17.07
C GLU A 305 -0.89 41.56 16.34
N PRO A 306 -0.19 41.30 15.25
CA PRO A 306 -0.38 40.06 14.51
C PRO A 306 0.28 38.88 15.19
N LYS A 307 -0.24 37.69 14.88
CA LYS A 307 0.28 36.42 15.37
C LYS A 307 0.75 35.62 14.17
N VAL A 308 2.06 35.41 14.06
CA VAL A 308 2.61 34.68 12.92
C VAL A 308 2.55 33.19 13.23
N VAL A 309 2.45 32.39 12.18
CA VAL A 309 2.49 30.94 12.30
C VAL A 309 3.34 30.38 11.18
N ASN A 310 4.19 29.42 11.53
CA ASN A 310 4.91 28.62 10.56
C ASN A 310 4.12 27.34 10.31
N GLY A 311 3.81 27.08 9.04
CA GLY A 311 3.08 25.91 8.64
C GLY A 311 3.56 24.62 9.24
N PRO A 312 4.87 24.32 9.14
CA PRO A 312 5.36 23.00 9.57
C PRO A 312 5.16 22.71 11.06
N GLU A 313 4.82 23.71 11.87
CA GLU A 313 4.82 23.55 13.32
C GLU A 313 3.43 23.26 13.88
N ILE A 314 2.36 23.65 13.19
CA ILE A 314 1.02 23.40 13.70
C ILE A 314 0.52 22.01 13.37
N LEU A 315 1.21 21.26 12.50
CA LEU A 315 0.78 19.93 12.12
C LEU A 315 1.20 18.95 13.20
N ASN A 316 0.25 18.52 14.02
CA ASN A 316 0.47 17.49 15.02
C ASN A 316 -0.01 16.15 14.48
N LYS A 317 0.72 15.09 14.80
CA LYS A 317 0.37 13.76 14.30
C LYS A 317 -1.00 13.32 14.82
N TYR A 318 -1.37 13.75 16.01
CA TYR A 318 -2.60 13.30 16.64
C TYR A 318 -3.77 14.09 16.06
N VAL A 319 -4.74 13.36 15.52
CA VAL A 319 -5.77 13.97 14.68
C VAL A 319 -6.67 14.88 15.50
N GLY A 320 -6.98 16.03 14.93
CA GLY A 320 -7.82 17.03 15.57
C GLY A 320 -7.04 18.23 16.02
N GLU A 321 -5.84 18.00 16.55
CA GLU A 321 -5.04 19.11 17.04
C GLU A 321 -4.53 19.95 15.87
N SER A 322 -4.22 19.29 14.76
CA SER A 322 -3.66 19.98 13.60
C SER A 322 -4.64 21.01 13.06
N GLU A 323 -5.89 20.61 12.84
CA GLU A 323 -6.88 21.56 12.35
C GLU A 323 -7.37 22.49 13.44
N ALA A 324 -7.46 22.02 14.69
CA ALA A 324 -7.98 22.83 15.76
C ALA A 324 -6.98 23.83 16.31
N ASN A 325 -5.72 23.78 15.88
CA ASN A 325 -4.78 24.83 16.20
C ASN A 325 -4.97 26.07 15.33
N ILE A 326 -5.91 26.05 14.39
CA ILE A 326 -6.15 27.18 13.50
C ILE A 326 -7.29 28.04 14.00
N ARG A 327 -8.38 27.43 14.44
CA ARG A 327 -9.56 28.19 14.86
C ARG A 327 -9.26 29.16 15.98
N LYS A 328 -8.19 28.92 16.75
CA LYS A 328 -7.77 29.86 17.77
C LYS A 328 -7.40 31.21 17.18
N LEU A 329 -6.78 31.19 15.99
CA LEU A 329 -6.40 32.42 15.32
C LEU A 329 -7.60 33.30 15.04
N PHE A 330 -8.75 32.68 14.80
CA PHE A 330 -9.96 33.40 14.41
C PHE A 330 -10.93 33.60 15.56
N ALA A 331 -10.78 32.85 16.65
CA ALA A 331 -11.79 32.81 17.70
C ALA A 331 -11.90 34.13 18.44
N ASP A 332 -10.77 34.76 18.78
CA ASP A 332 -10.84 36.01 19.51
C ASP A 332 -11.52 37.09 18.67
N ALA A 333 -11.20 37.16 17.39
CA ALA A 333 -11.86 38.12 16.51
C ALA A 333 -13.33 37.78 16.31
N GLU A 334 -13.67 36.50 16.26
CA GLU A 334 -15.07 36.12 16.22
C GLU A 334 -15.82 36.61 17.46
N GLU A 335 -15.20 36.46 18.63
CA GLU A 335 -15.84 36.97 19.84
C GLU A 335 -15.99 38.48 19.78
N GLU A 336 -14.98 39.16 19.25
CA GLU A 336 -15.11 40.59 19.01
C GLU A 336 -16.27 40.90 18.07
N GLN A 337 -16.57 40.00 17.12
CA GLN A 337 -17.72 40.26 16.25
C GLN A 337 -19.02 40.06 17.01
N ARG A 338 -19.06 39.07 17.88
CA ARG A 338 -20.23 38.89 18.73
C ARG A 338 -20.50 40.16 19.53
N ARG A 339 -19.44 40.78 20.05
CA ARG A 339 -19.61 41.91 20.94
C ARG A 339 -19.83 43.21 20.16
N LEU A 340 -18.91 43.54 19.25
CA LEU A 340 -18.97 44.72 18.39
C LEU A 340 -19.20 44.23 16.97
N GLY A 341 -20.36 44.58 16.40
CA GLY A 341 -20.72 44.02 15.12
C GLY A 341 -19.85 44.46 13.97
N ALA A 342 -19.88 45.76 13.64
CA ALA A 342 -19.30 46.26 12.41
C ALA A 342 -18.13 47.22 12.61
N ASN A 343 -17.91 47.68 13.84
CA ASN A 343 -16.91 48.71 14.14
C ASN A 343 -15.69 48.14 14.86
N SER A 344 -15.47 46.84 14.75
CA SER A 344 -14.37 46.21 15.48
C SER A 344 -13.04 46.54 14.81
N GLY A 345 -11.96 46.33 15.56
CA GLY A 345 -10.65 46.46 15.00
C GLY A 345 -10.20 45.20 14.31
N LEU A 346 -9.25 45.37 13.41
CA LEU A 346 -8.72 44.25 12.66
C LEU A 346 -8.04 43.24 13.56
N HIS A 347 -7.84 42.05 13.00
CA HIS A 347 -6.96 41.04 13.58
C HIS A 347 -6.20 40.38 12.43
N ILE A 348 -4.91 40.67 12.36
CA ILE A 348 -4.09 40.25 11.23
C ILE A 348 -3.51 38.88 11.52
N ILE A 349 -3.45 38.05 10.49
CA ILE A 349 -2.89 36.72 10.57
C ILE A 349 -1.81 36.58 9.49
N ILE A 350 -0.71 35.94 9.86
CA ILE A 350 0.47 35.81 9.02
C ILE A 350 0.81 34.34 8.97
N PHE A 351 0.63 33.72 7.80
CA PHE A 351 1.11 32.37 7.55
C PHE A 351 2.45 32.49 6.85
N ASP A 352 3.53 32.18 7.57
CA ASP A 352 4.86 32.44 7.05
C ASP A 352 5.26 31.43 5.97
N GLU A 353 4.82 30.18 6.11
CA GLU A 353 5.08 29.16 5.11
C GLU A 353 3.77 28.38 4.96
N ILE A 354 3.04 28.68 3.88
CA ILE A 354 1.68 28.21 3.72
C ILE A 354 1.64 26.91 2.92
N ASP A 355 2.58 26.73 2.00
CA ASP A 355 2.57 25.58 1.09
C ASP A 355 2.67 24.24 1.81
N ALA A 356 3.06 24.23 3.09
CA ALA A 356 3.06 23.01 3.88
C ALA A 356 1.69 22.78 4.50
N ILE A 357 1.05 23.85 4.97
CA ILE A 357 -0.35 23.78 5.36
C ILE A 357 -1.18 23.31 4.18
N CYS A 358 -1.12 24.07 3.09
CA CYS A 358 -2.02 23.92 1.96
C CYS A 358 -1.26 23.31 0.78
N LYS A 359 -1.88 22.32 0.16
CA LYS A 359 -1.45 21.79 -1.12
C LYS A 359 -2.70 21.45 -1.91
N GLN A 360 -2.52 21.07 -3.17
CA GLN A 360 -3.67 20.74 -3.99
C GLN A 360 -4.35 19.50 -3.43
N ARG A 361 -5.65 19.59 -3.17
CA ARG A 361 -6.36 18.49 -2.54
C ARG A 361 -6.54 17.33 -3.51
N GLY A 362 -6.50 16.12 -2.96
CA GLY A 362 -6.73 14.93 -3.76
C GLY A 362 -8.12 14.92 -4.35
N SER A 363 -8.29 14.11 -5.41
CA SER A 363 -9.57 14.04 -6.10
C SER A 363 -9.92 12.62 -6.52
N MET A 364 -11.23 12.35 -6.50
CA MET A 364 -11.90 11.13 -6.99
C MET A 364 -11.31 9.86 -6.41
N ALA A 365 -10.70 9.92 -5.23
CA ALA A 365 -10.12 8.72 -4.65
C ALA A 365 -9.98 8.86 -3.16
N GLY A 366 -10.05 7.71 -2.47
CA GLY A 366 -9.81 7.69 -1.04
C GLY A 366 -8.37 8.05 -0.73
N SER A 367 -7.44 7.55 -1.54
CA SER A 367 -6.02 7.82 -1.36
C SER A 367 -5.71 9.23 -1.85
N THR A 368 -4.53 9.72 -1.43
CA THR A 368 -4.02 11.05 -1.77
C THR A 368 -4.82 12.16 -1.08
N GLY A 369 -5.52 11.83 0.01
CA GLY A 369 -6.29 12.77 0.79
C GLY A 369 -5.60 13.24 2.05
N VAL A 370 -4.33 12.85 2.24
CA VAL A 370 -3.61 13.22 3.46
C VAL A 370 -3.44 14.74 3.56
N HIS A 371 -3.56 15.24 4.79
CA HIS A 371 -3.37 16.66 5.13
C HIS A 371 -4.26 17.60 4.32
N ASP A 372 -5.47 17.18 3.96
CA ASP A 372 -6.41 18.06 3.28
C ASP A 372 -7.43 18.65 4.24
N THR A 373 -7.65 18.00 5.38
CA THR A 373 -8.63 18.46 6.36
C THR A 373 -8.29 19.87 6.85
N VAL A 374 -7.00 20.19 6.92
CA VAL A 374 -6.59 21.51 7.37
C VAL A 374 -7.11 22.57 6.42
N VAL A 375 -6.95 22.30 5.12
CA VAL A 375 -7.44 23.22 4.10
C VAL A 375 -8.95 23.30 4.19
N ASN A 376 -9.61 22.15 4.32
CA ASN A 376 -11.07 22.14 4.44
C ASN A 376 -11.53 22.91 5.66
N GLN A 377 -10.67 23.08 6.66
CA GLN A 377 -11.01 23.87 7.83
C GLN A 377 -10.87 25.36 7.56
N LEU A 378 -9.69 25.79 7.12
CA LEU A 378 -9.47 27.24 7.08
C LEU A 378 -10.26 27.87 5.95
N LEU A 379 -10.45 27.13 4.85
CA LEU A 379 -11.37 27.59 3.81
C LEU A 379 -12.77 27.80 4.37
N SER A 380 -13.20 26.92 5.26
CA SER A 380 -14.51 27.08 5.88
C SER A 380 -14.52 28.28 6.82
N LYS A 381 -13.39 28.57 7.44
CA LYS A 381 -13.34 29.65 8.42
C LYS A 381 -13.44 31.02 7.75
N ILE A 382 -12.54 31.30 6.80
CA ILE A 382 -12.34 32.70 6.41
C ILE A 382 -13.54 33.23 5.62
N ASP A 383 -14.15 32.40 4.79
CA ASP A 383 -15.47 32.67 4.21
C ASP A 383 -16.37 31.45 4.44
N GLY A 384 -17.17 31.53 5.49
CA GLY A 384 -18.12 30.50 5.85
C GLY A 384 -19.50 31.08 6.00
N VAL A 385 -20.30 30.43 6.84
CA VAL A 385 -21.66 30.89 7.08
C VAL A 385 -21.64 32.09 8.01
N GLU A 386 -20.72 32.12 8.98
CA GLU A 386 -20.56 33.28 9.83
C GLU A 386 -19.70 34.28 9.07
N GLN A 387 -20.36 35.19 8.36
CA GLN A 387 -19.64 36.07 7.46
C GLN A 387 -18.81 37.04 8.28
N LEU A 388 -17.50 36.91 8.14
CA LEU A 388 -16.54 37.51 9.05
C LEU A 388 -15.77 38.58 8.28
N ASN A 389 -16.04 39.84 8.63
CA ASN A 389 -15.68 41.00 7.84
C ASN A 389 -14.48 41.76 8.38
N ASN A 390 -14.06 41.51 9.61
CA ASN A 390 -13.02 42.31 10.24
C ASN A 390 -11.59 41.81 10.10
N ILE A 391 -11.30 40.71 9.38
CA ILE A 391 -9.94 40.20 9.30
C ILE A 391 -9.41 40.19 7.87
N LEU A 392 -8.16 40.60 7.74
CA LEU A 392 -7.39 40.56 6.51
C LEU A 392 -6.34 39.50 6.80
N VAL A 393 -6.21 38.52 5.91
CA VAL A 393 -5.30 37.41 6.13
C VAL A 393 -4.14 37.55 5.16
N ILE A 394 -2.94 37.40 5.69
CA ILE A 394 -1.72 37.39 4.91
C ILE A 394 -1.34 35.95 4.64
N GLY A 395 -0.79 35.72 3.47
CA GLY A 395 -0.05 34.51 3.21
C GLY A 395 1.22 34.88 2.48
N MET A 396 2.27 34.10 2.73
CA MET A 396 3.54 34.40 2.12
C MET A 396 4.29 33.11 1.89
N THR A 397 4.89 32.98 0.70
CA THR A 397 5.58 31.74 0.40
C THR A 397 6.57 31.96 -0.74
N ASN A 398 7.15 30.86 -1.21
CA ASN A 398 8.05 30.84 -2.35
C ASN A 398 7.63 29.83 -3.42
N ARG A 399 6.45 29.22 -3.28
CA ARG A 399 5.95 28.24 -4.24
C ARG A 399 4.48 28.53 -4.50
N PRO A 400 4.18 29.54 -5.32
CA PRO A 400 2.78 29.97 -5.51
C PRO A 400 1.95 29.03 -6.37
N ASP A 401 2.52 27.97 -6.93
CA ASP A 401 1.81 27.09 -7.85
C ASP A 401 1.26 25.84 -7.17
N LEU A 402 1.63 25.58 -5.91
CA LEU A 402 1.12 24.43 -5.18
C LEU A 402 -0.30 24.63 -4.66
N ILE A 403 -0.78 25.87 -4.61
CA ILE A 403 -1.93 26.23 -3.80
C ILE A 403 -3.20 26.28 -4.64
N ASP A 404 -4.31 25.93 -4.00
CA ASP A 404 -5.61 25.82 -4.66
C ASP A 404 -6.08 27.14 -5.25
N GLU A 405 -6.67 27.04 -6.44
CA GLU A 405 -7.52 28.12 -6.92
C GLU A 405 -8.72 28.29 -6.01
N ALA A 406 -9.16 27.21 -5.37
CA ALA A 406 -10.22 27.30 -4.38
C ALA A 406 -9.86 28.27 -3.28
N LEU A 407 -8.59 28.32 -2.89
CA LEU A 407 -8.15 29.30 -1.91
C LEU A 407 -7.82 30.66 -2.53
N LEU A 408 -7.25 30.67 -3.73
CA LEU A 408 -6.86 31.94 -4.37
C LEU A 408 -8.02 32.75 -4.92
N ARG A 409 -9.20 32.17 -5.04
CA ARG A 409 -10.31 32.89 -5.61
C ARG A 409 -10.70 34.09 -4.75
N PRO A 410 -11.27 35.14 -5.35
CA PRO A 410 -11.66 36.34 -4.59
C PRO A 410 -12.59 36.03 -3.43
N GLY A 411 -12.35 36.71 -2.30
CA GLY A 411 -13.07 36.50 -1.07
C GLY A 411 -12.26 35.78 -0.01
N ARG A 412 -11.35 34.92 -0.42
CA ARG A 412 -10.47 34.21 0.49
C ARG A 412 -9.08 34.84 0.52
N LEU A 413 -8.52 35.01 -0.66
CA LEU A 413 -7.24 35.65 -0.89
C LEU A 413 -7.47 36.41 -2.18
N GLU A 414 -7.76 37.71 -2.04
CA GLU A 414 -8.09 38.50 -3.20
C GLU A 414 -6.90 38.59 -4.13
N VAL A 415 -5.79 39.12 -3.64
CA VAL A 415 -4.71 39.54 -4.53
C VAL A 415 -3.44 38.76 -4.24
N LYS A 416 -2.73 38.45 -5.32
CA LYS A 416 -1.42 37.82 -5.26
C LYS A 416 -0.39 38.83 -5.69
N MET A 417 0.75 38.81 -5.03
CA MET A 417 1.82 39.76 -5.27
C MET A 417 3.13 39.04 -5.47
N GLU A 418 4.03 39.74 -6.15
CA GLU A 418 5.38 39.29 -6.42
C GLU A 418 6.32 40.29 -5.79
N ILE A 419 7.28 39.78 -5.03
CA ILE A 419 8.40 40.55 -4.53
C ILE A 419 9.66 39.74 -4.75
N GLY A 420 10.61 40.32 -5.48
CA GLY A 420 11.78 39.61 -5.95
C GLY A 420 12.97 40.50 -5.67
N LEU A 421 14.15 40.06 -6.13
CA LEU A 421 15.37 40.76 -5.77
C LEU A 421 15.20 42.22 -6.18
N PRO A 422 15.38 43.19 -5.27
CA PRO A 422 14.91 44.53 -5.61
C PRO A 422 15.51 45.23 -6.82
N ASP A 423 16.84 45.14 -7.01
CA ASP A 423 17.63 45.72 -8.10
C ASP A 423 18.70 46.53 -7.39
N GLU A 424 19.71 47.03 -8.11
CA GLU A 424 20.68 47.91 -7.47
C GLU A 424 19.96 49.08 -6.82
N LYS A 425 18.93 49.61 -7.49
CA LYS A 425 18.16 50.74 -6.98
C LYS A 425 17.49 50.41 -5.66
N GLY A 426 16.90 49.21 -5.57
CA GLY A 426 16.25 48.82 -4.32
C GLY A 426 17.28 48.67 -3.22
N ARG A 427 18.43 48.08 -3.56
CA ARG A 427 19.46 47.85 -2.57
C ARG A 427 19.91 49.19 -2.03
N LEU A 428 19.98 50.18 -2.91
CA LEU A 428 20.44 51.51 -2.54
C LEU A 428 19.60 52.06 -1.38
N GLN A 429 18.27 51.94 -1.49
CA GLN A 429 17.41 52.42 -0.42
C GLN A 429 17.53 51.57 0.83
N ILE A 430 17.73 50.25 0.66
CA ILE A 430 17.97 49.40 1.82
C ILE A 430 19.18 49.91 2.58
N LEU A 431 20.23 50.21 1.84
CA LEU A 431 21.47 50.67 2.43
C LEU A 431 21.29 52.04 3.04
N HIS A 432 20.48 52.90 2.42
CA HIS A 432 20.12 54.16 3.07
C HIS A 432 19.52 53.91 4.44
N ILE A 433 18.60 52.96 4.57
CA ILE A 433 17.96 52.73 5.87
C ILE A 433 18.99 52.26 6.90
N HIS A 434 19.65 51.14 6.59
CA HIS A 434 20.49 50.51 7.60
C HIS A 434 21.73 51.35 7.88
N THR A 435 22.18 52.13 6.90
CA THR A 435 23.20 53.13 7.15
C THR A 435 22.64 54.29 7.96
N ALA A 436 21.41 54.71 7.66
CA ALA A 436 20.83 55.90 8.29
C ALA A 436 20.72 55.76 9.79
N ARG A 437 20.65 54.53 10.30
CA ARG A 437 20.72 54.39 11.75
C ARG A 437 22.08 54.92 12.25
N MET A 438 23.14 54.49 11.58
CA MET A 438 24.48 54.97 11.89
C MET A 438 24.61 56.45 11.58
N ARG A 439 23.91 56.92 10.54
CA ARG A 439 23.93 58.33 10.20
C ARG A 439 23.41 59.10 11.40
N GLY A 440 22.39 58.53 12.04
CA GLY A 440 21.85 59.14 13.23
C GLY A 440 22.93 59.20 14.31
N HIS A 441 23.71 58.13 14.46
CA HIS A 441 24.87 58.21 15.36
C HIS A 441 25.88 59.20 14.85
N GLN A 442 26.11 59.18 13.54
CA GLN A 442 27.03 60.01 12.78
C GLN A 442 28.45 59.46 12.92
N LEU A 443 28.68 58.36 13.66
CA LEU A 443 30.01 57.79 13.79
C LEU A 443 30.48 57.16 12.49
N LEU A 444 29.59 56.46 11.79
CA LEU A 444 29.94 55.66 10.61
C LEU A 444 29.97 56.47 9.32
N SER A 445 30.96 57.36 9.23
CA SER A 445 31.21 58.06 7.98
C SER A 445 32.69 57.93 7.70
N ALA A 446 33.03 57.25 6.61
CA ALA A 446 34.40 57.03 6.20
C ALA A 446 34.58 57.37 4.72
N ASP A 447 33.76 58.28 4.21
CA ASP A 447 33.68 58.55 2.78
C ASP A 447 33.34 57.28 2.01
N VAL A 448 32.45 56.47 2.58
CA VAL A 448 31.99 55.24 1.94
C VAL A 448 30.79 55.60 1.07
N ASP A 449 30.97 55.50 -0.25
CA ASP A 449 29.92 55.77 -1.20
C ASP A 449 29.10 54.52 -1.45
N ILE A 450 27.78 54.68 -1.52
CA ILE A 450 26.89 53.54 -1.57
C ILE A 450 26.80 52.96 -2.98
N LYS A 451 27.15 53.73 -4.01
CA LYS A 451 27.05 53.23 -5.38
C LYS A 451 28.04 52.10 -5.63
N GLU A 452 29.23 52.19 -5.03
CA GLU A 452 30.17 51.06 -5.06
C GLU A 452 29.45 49.79 -4.61
N LEU A 453 28.76 49.86 -3.49
CA LEU A 453 28.13 48.69 -2.89
C LEU A 453 26.99 48.21 -3.76
N ALA A 454 26.17 49.13 -4.25
CA ALA A 454 25.06 48.77 -5.13
C ALA A 454 25.57 48.04 -6.36
N VAL A 455 26.46 48.68 -7.12
CA VAL A 455 26.92 48.08 -8.37
C VAL A 455 27.76 46.84 -8.14
N GLU A 456 28.34 46.67 -6.94
CA GLU A 456 29.05 45.44 -6.63
C GLU A 456 28.09 44.31 -6.31
N THR A 457 27.04 44.60 -5.55
CA THR A 457 26.05 43.61 -5.15
C THR A 457 24.91 43.58 -6.15
N LYS A 458 24.83 42.51 -6.94
CA LYS A 458 23.90 42.42 -8.05
C LYS A 458 22.70 41.51 -7.76
N ASN A 459 22.93 40.35 -7.18
CA ASN A 459 21.89 39.39 -6.85
C ASN A 459 21.54 39.38 -5.35
N PHE A 460 22.22 40.16 -4.52
CA PHE A 460 22.05 39.98 -3.09
C PHE A 460 20.64 40.36 -2.67
N SER A 461 20.15 39.72 -1.62
CA SER A 461 18.83 39.95 -1.05
C SER A 461 18.96 40.69 0.27
N GLY A 462 17.86 41.35 0.67
CA GLY A 462 17.90 42.25 1.81
C GLY A 462 18.36 41.62 3.11
N ALA A 463 18.03 40.35 3.33
CA ALA A 463 18.41 39.70 4.58
C ALA A 463 19.93 39.56 4.67
N GLU A 464 20.52 38.94 3.65
CA GLU A 464 21.97 38.79 3.62
C GLU A 464 22.65 40.15 3.54
N LEU A 465 21.97 41.16 3.01
CA LEU A 465 22.56 42.49 2.94
C LEU A 465 22.61 43.14 4.33
N GLU A 466 21.57 42.93 5.13
CA GLU A 466 21.66 43.38 6.51
C GLU A 466 22.72 42.57 7.25
N GLY A 467 22.88 41.31 6.86
CA GLY A 467 24.00 40.52 7.37
C GLY A 467 25.34 41.13 7.00
N LEU A 468 25.44 41.67 5.77
CA LEU A 468 26.64 42.37 5.36
C LEU A 468 26.93 43.50 6.32
N VAL A 469 25.90 44.30 6.61
CA VAL A 469 26.14 45.48 7.42
C VAL A 469 26.45 45.12 8.88
N ARG A 470 25.84 44.06 9.41
CA ARG A 470 26.16 43.73 10.80
C ARG A 470 27.53 43.08 10.92
N ALA A 471 27.94 42.26 9.94
CA ALA A 471 29.29 41.73 9.96
C ALA A 471 30.30 42.85 9.71
N ALA A 472 29.90 43.84 8.92
CA ALA A 472 30.68 45.05 8.76
C ALA A 472 30.93 45.71 10.11
N GLN A 473 29.87 45.93 10.89
CA GLN A 473 30.04 46.52 12.21
C GLN A 473 30.91 45.64 13.10
N SER A 474 30.79 44.32 12.96
CA SER A 474 31.64 43.42 13.73
C SER A 474 33.11 43.64 13.40
N THR A 475 33.44 43.77 12.11
CA THR A 475 34.83 44.01 11.75
C THR A 475 35.26 45.44 12.07
N ALA A 476 34.30 46.38 12.12
CA ALA A 476 34.60 47.73 12.56
C ALA A 476 34.84 47.78 14.07
N MET A 477 34.42 46.75 14.79
CA MET A 477 34.87 46.56 16.17
C MET A 477 36.23 45.87 16.19
N ASN A 478 36.38 44.80 15.39
CA ASN A 478 37.59 44.00 15.39
C ASN A 478 38.78 44.67 14.70
N ARG A 479 38.62 45.90 14.20
CA ARG A 479 39.78 46.69 13.81
C ARG A 479 40.52 47.29 15.00
N HIS A 480 40.01 47.12 16.22
CA HIS A 480 40.62 47.70 17.41
C HIS A 480 41.74 46.83 17.97
N ILE A 481 42.16 45.80 17.24
CA ILE A 481 43.08 44.80 17.77
C ILE A 481 44.49 45.39 17.74
N ILE A 482 45.06 45.61 18.93
CA ILE A 482 46.43 46.07 19.07
C ILE A 482 47.24 45.02 19.83
N THR A 500 36.80 51.03 16.12
CA THR A 500 35.77 51.79 16.80
C THR A 500 34.79 52.40 15.79
N ARG A 501 35.34 52.87 14.68
CA ARG A 501 34.56 53.49 13.62
C ARG A 501 34.69 52.68 12.34
N GLY A 502 33.58 52.55 11.61
CA GLY A 502 33.52 51.67 10.46
C GLY A 502 34.14 52.29 9.22
N ASP A 503 34.99 51.53 8.56
CA ASP A 503 35.73 51.95 7.37
C ASP A 503 35.42 50.97 6.24
N PHE A 504 36.10 51.16 5.09
CA PHE A 504 35.78 50.40 3.90
C PHE A 504 35.98 48.90 4.08
N LEU A 505 36.76 48.48 5.09
CA LEU A 505 36.77 47.08 5.49
C LEU A 505 35.35 46.57 5.66
N ALA A 506 34.56 47.31 6.44
CA ALA A 506 33.19 46.91 6.75
C ALA A 506 32.37 46.69 5.50
N SER A 507 32.18 47.75 4.71
CA SER A 507 31.23 47.67 3.62
C SER A 507 31.78 46.91 2.42
N LEU A 508 33.08 46.70 2.33
CA LEU A 508 33.66 46.01 1.18
C LEU A 508 33.90 44.53 1.44
N GLU A 509 34.23 44.13 2.67
CA GLU A 509 34.69 42.78 2.93
C GLU A 509 33.51 41.82 2.87
N ASN A 510 33.34 41.18 1.71
CA ASN A 510 32.26 40.24 1.47
C ASN A 510 32.74 38.79 1.45
N ASP A 511 34.04 38.56 1.66
CA ASP A 511 34.59 37.20 1.66
C ASP A 511 33.99 36.34 2.78
N ILE A 512 33.73 36.93 3.94
CA ILE A 512 33.20 36.18 5.07
C ILE A 512 31.84 35.57 4.74
N LYS A 513 31.02 36.30 4.00
CA LYS A 513 29.66 35.86 3.72
C LYS A 513 29.44 35.42 2.27
N PRO A 514 28.91 34.17 2.04
CA PRO A 514 28.57 33.77 0.67
C PRO A 514 27.11 34.00 0.40
N ALA A 515 26.79 34.72 -0.67
CA ALA A 515 25.40 35.03 -1.00
C ALA A 515 24.69 33.86 -1.67
N PHE A 516 23.37 34.00 -1.72
CA PHE A 516 22.49 33.02 -2.34
C PHE A 516 22.80 32.89 -3.83
N GLY A 517 23.27 33.97 -4.45
CA GLY A 517 23.66 34.00 -5.85
C GLY A 517 25.07 33.50 -6.07
N THR A 518 25.90 34.32 -6.71
CA THR A 518 27.21 33.91 -7.17
C THR A 518 28.15 33.67 -5.99
N ASN A 519 28.95 32.61 -6.09
CA ASN A 519 29.99 32.27 -5.12
C ASN A 519 31.30 31.95 -5.81
N GLN A 520 32.36 32.63 -5.38
CA GLN A 520 33.67 32.46 -6.00
C GLN A 520 34.31 31.14 -5.58
N GLU A 521 33.97 30.61 -4.40
CA GLU A 521 34.63 29.40 -3.91
C GLU A 521 34.26 28.20 -4.76
N ASP A 522 33.07 28.23 -5.36
CA ASP A 522 32.62 27.16 -6.24
C ASP A 522 33.61 26.95 -7.37
N TYR A 523 34.19 28.06 -7.88
CA TYR A 523 35.15 27.97 -8.96
C TYR A 523 36.37 27.18 -8.52
N ALA A 524 36.98 27.58 -7.41
CA ALA A 524 38.19 26.93 -6.95
C ALA A 524 37.91 25.49 -6.54
N SER A 525 36.67 25.16 -6.19
CA SER A 525 36.34 23.78 -5.91
C SER A 525 36.38 22.95 -7.19
N TYR A 526 35.64 23.39 -8.21
CA TYR A 526 35.50 22.57 -9.41
C TYR A 526 36.70 22.66 -10.34
N ILE A 527 37.56 23.66 -10.17
CA ILE A 527 38.88 23.67 -10.78
C ILE A 527 39.89 23.94 -9.68
N MET A 528 40.68 22.92 -9.35
CA MET A 528 41.74 23.08 -8.36
C MET A 528 42.91 23.88 -8.93
N ASN A 529 43.16 23.74 -10.22
CA ASN A 529 44.22 24.44 -10.93
C ASN A 529 43.58 25.23 -12.07
N GLY A 530 44.40 26.08 -12.68
CA GLY A 530 43.92 26.98 -13.70
C GLY A 530 44.05 26.42 -15.10
N ILE A 531 43.36 27.08 -16.03
CA ILE A 531 43.49 26.75 -17.43
C ILE A 531 44.85 27.19 -17.93
N ILE A 532 45.42 26.40 -18.83
CA ILE A 532 46.69 26.70 -19.48
C ILE A 532 46.47 26.64 -20.97
N LYS A 533 47.08 27.57 -21.70
CA LYS A 533 46.93 27.61 -23.15
C LYS A 533 47.90 26.61 -23.76
N TRP A 534 47.42 25.38 -23.97
CA TRP A 534 48.21 24.43 -24.74
C TRP A 534 48.03 24.59 -26.24
N GLY A 535 47.38 25.63 -26.72
CA GLY A 535 47.34 25.85 -28.14
C GLY A 535 46.23 26.80 -28.55
N ASP A 536 46.01 26.82 -29.86
CA ASP A 536 44.93 27.61 -30.45
C ASP A 536 43.53 27.20 -30.01
N PRO A 537 43.20 25.91 -29.83
CA PRO A 537 41.78 25.57 -29.64
C PRO A 537 41.16 26.12 -28.38
N VAL A 538 41.88 26.26 -27.28
CA VAL A 538 41.24 26.78 -26.09
C VAL A 538 40.90 28.25 -26.27
N THR A 539 41.79 29.01 -26.94
CA THR A 539 41.46 30.38 -27.29
C THR A 539 40.27 30.42 -28.22
N ARG A 540 40.20 29.47 -29.15
CA ARG A 540 39.06 29.40 -30.06
C ARG A 540 37.77 29.18 -29.30
N VAL A 541 37.79 28.21 -28.38
CA VAL A 541 36.61 27.87 -27.59
C VAL A 541 36.16 29.06 -26.78
N LEU A 542 37.11 29.76 -26.16
CA LEU A 542 36.73 30.87 -25.31
C LEU A 542 36.20 32.03 -26.13
N ASP A 543 36.78 32.27 -27.30
CA ASP A 543 36.24 33.30 -28.20
C ASP A 543 34.82 32.97 -28.61
N ASP A 544 34.59 31.72 -29.05
CA ASP A 544 33.26 31.31 -29.49
C ASP A 544 32.24 31.46 -28.38
N GLY A 545 32.52 30.87 -27.22
CA GLY A 545 31.57 30.89 -26.14
C GLY A 545 31.39 32.27 -25.53
N GLU A 546 32.45 33.08 -25.53
CA GLU A 546 32.33 34.45 -25.06
C GLU A 546 31.60 35.33 -26.08
N LEU A 547 31.47 34.88 -27.31
CA LEU A 547 30.55 35.53 -28.23
C LEU A 547 29.12 35.11 -27.95
N LEU A 548 28.93 33.80 -27.73
CA LEU A 548 27.61 33.26 -27.38
C LEU A 548 27.05 33.91 -26.11
N VAL A 549 27.91 34.11 -25.12
CA VAL A 549 27.41 34.59 -23.83
C VAL A 549 26.91 36.01 -23.96
N GLN A 550 27.56 36.83 -24.78
CA GLN A 550 27.04 38.15 -25.03
C GLN A 550 25.88 38.14 -26.00
N GLN A 551 25.72 37.08 -26.81
CA GLN A 551 24.47 36.90 -27.53
C GLN A 551 23.31 36.85 -26.55
N THR A 552 23.45 36.01 -25.54
CA THR A 552 22.49 35.99 -24.45
C THR A 552 22.34 37.37 -23.85
N LYS A 553 23.47 38.03 -23.55
CA LYS A 553 23.41 39.30 -22.83
C LYS A 553 22.61 40.34 -23.58
N ASN A 554 22.75 40.42 -24.92
CA ASN A 554 21.99 41.42 -25.68
C ASN A 554 21.28 40.75 -26.86
N SER A 555 20.30 39.93 -26.52
CA SER A 555 19.39 39.37 -27.51
C SER A 555 18.06 39.21 -26.79
N ASP A 556 16.97 39.54 -27.48
CA ASP A 556 15.62 39.45 -26.95
C ASP A 556 14.81 38.33 -27.56
N ARG A 557 15.19 37.88 -28.76
CA ARG A 557 14.46 36.84 -29.45
C ARG A 557 14.68 35.48 -28.79
N THR A 558 15.77 35.33 -28.05
CA THR A 558 16.20 34.06 -27.47
C THR A 558 16.49 34.30 -25.99
N PRO A 559 15.48 34.21 -25.12
CA PRO A 559 15.75 34.35 -23.68
C PRO A 559 16.73 33.34 -23.13
N LEU A 560 16.97 32.23 -23.83
CA LEU A 560 17.96 31.26 -23.41
C LEU A 560 18.79 30.79 -24.59
N VAL A 561 19.95 30.23 -24.25
CA VAL A 561 20.72 29.40 -25.16
C VAL A 561 21.34 28.27 -24.35
N SER A 562 21.83 27.27 -25.08
CA SER A 562 22.12 25.99 -24.51
C SER A 562 23.19 25.31 -25.34
N VAL A 563 24.25 24.84 -24.68
CA VAL A 563 25.43 24.34 -25.38
C VAL A 563 25.91 23.05 -24.73
N LEU A 564 26.74 22.32 -25.48
CA LEU A 564 27.60 21.26 -24.96
C LEU A 564 29.06 21.62 -25.16
N LEU A 565 29.86 21.25 -24.17
CA LEU A 565 31.31 21.31 -24.25
C LEU A 565 31.92 19.93 -24.43
N GLU A 566 31.18 19.02 -25.08
CA GLU A 566 31.52 17.61 -25.09
C GLU A 566 32.87 17.36 -25.75
N GLY A 567 33.45 16.22 -25.40
CA GLY A 567 34.69 15.77 -25.98
C GLY A 567 35.07 14.44 -25.37
N PRO A 568 36.32 14.05 -25.54
CA PRO A 568 36.83 12.86 -24.87
C PRO A 568 36.76 13.01 -23.36
N PRO A 569 36.95 11.91 -22.63
CA PRO A 569 36.62 11.94 -21.18
C PRO A 569 37.46 12.90 -20.35
N HIS A 570 38.78 12.87 -20.51
CA HIS A 570 39.70 13.59 -19.64
C HIS A 570 40.27 14.84 -20.29
N SER A 571 39.50 15.51 -21.13
CA SER A 571 39.91 16.79 -21.71
C SER A 571 39.53 17.98 -20.83
N GLY A 572 39.04 17.75 -19.63
CA GLY A 572 38.83 18.82 -18.68
C GLY A 572 37.71 19.76 -19.06
N LYS A 573 36.55 19.17 -19.35
CA LYS A 573 35.45 19.92 -19.95
C LYS A 573 34.67 20.68 -18.89
N THR A 574 34.27 19.98 -17.83
CA THR A 574 33.58 20.61 -16.71
C THR A 574 34.50 21.46 -15.84
N ALA A 575 35.77 21.59 -16.22
CA ALA A 575 36.67 22.58 -15.67
C ALA A 575 36.94 23.71 -16.62
N LEU A 576 36.79 23.47 -17.92
CA LEU A 576 36.77 24.55 -18.90
C LEU A 576 35.47 25.32 -18.84
N ALA A 577 34.39 24.71 -18.35
CA ALA A 577 33.11 25.38 -18.31
C ALA A 577 33.07 26.48 -17.27
N ALA A 578 33.69 26.27 -16.11
CA ALA A 578 33.62 27.30 -15.09
C ALA A 578 34.40 28.55 -15.49
N LYS A 579 35.38 28.43 -16.38
CA LYS A 579 36.14 29.60 -16.80
C LYS A 579 35.30 30.50 -17.71
N ILE A 580 34.69 29.91 -18.73
CA ILE A 580 33.72 30.64 -19.54
C ILE A 580 32.59 31.17 -18.69
N ALA A 581 32.21 30.45 -17.63
CA ALA A 581 31.15 30.95 -16.76
C ALA A 581 31.58 32.20 -16.03
N GLU A 582 32.77 32.19 -15.41
CA GLU A 582 33.20 33.35 -14.65
C GLU A 582 33.44 34.53 -15.58
N GLU A 583 34.02 34.29 -16.75
CA GLU A 583 34.10 35.36 -17.74
C GLU A 583 32.69 35.81 -18.10
N SER A 584 32.59 37.04 -18.59
CA SER A 584 31.32 37.75 -18.70
C SER A 584 30.58 37.72 -17.37
N ASN A 585 31.22 38.35 -16.38
CA ASN A 585 30.81 38.28 -14.98
C ASN A 585 29.32 38.51 -14.80
N PHE A 586 28.67 37.58 -14.11
CA PHE A 586 27.23 37.50 -13.99
C PHE A 586 26.76 37.90 -12.60
N PRO A 587 25.46 38.14 -12.43
CA PRO A 587 24.92 38.14 -11.07
C PRO A 587 24.85 36.76 -10.47
N PHE A 588 24.40 35.77 -11.25
CA PHE A 588 23.96 34.49 -10.71
C PHE A 588 24.71 33.36 -11.41
N ILE A 589 25.27 32.45 -10.64
CA ILE A 589 25.91 31.24 -11.15
C ILE A 589 25.71 30.13 -10.14
N LYS A 590 25.42 28.95 -10.66
CA LYS A 590 25.24 27.74 -9.85
C LYS A 590 25.49 26.59 -10.79
N ILE A 591 26.28 25.62 -10.34
CA ILE A 591 26.60 24.45 -11.13
C ILE A 591 26.21 23.24 -10.31
N CYS A 592 25.19 22.54 -10.77
CA CYS A 592 24.71 21.33 -10.13
C CYS A 592 25.44 20.13 -10.71
N SER A 593 25.95 19.29 -9.83
CA SER A 593 26.79 18.16 -10.21
C SER A 593 26.46 16.99 -9.32
N PRO A 594 26.87 15.78 -9.71
CA PRO A 594 26.58 14.62 -8.87
C PRO A 594 27.24 14.69 -7.50
N ASP A 595 28.39 15.36 -7.38
CA ASP A 595 29.11 15.35 -6.11
C ASP A 595 28.26 15.90 -4.98
N LYS A 596 27.37 16.83 -5.28
CA LYS A 596 26.32 17.22 -4.34
C LYS A 596 25.34 16.06 -4.13
N MET A 597 24.80 15.53 -5.21
CA MET A 597 23.66 14.62 -5.17
C MET A 597 24.14 13.18 -5.33
N ILE A 598 24.17 12.47 -4.21
CA ILE A 598 24.69 11.10 -4.15
C ILE A 598 23.69 10.26 -3.37
N GLY A 599 23.31 9.13 -3.96
CA GLY A 599 22.29 8.29 -3.36
C GLY A 599 20.89 8.86 -3.39
N PHE A 600 20.69 10.04 -3.96
CA PHE A 600 19.36 10.52 -4.26
C PHE A 600 18.72 9.67 -5.33
N SER A 601 17.62 9.03 -5.00
CA SER A 601 16.82 8.39 -6.02
C SER A 601 16.25 9.46 -6.94
N GLU A 602 15.68 9.00 -8.06
CA GLU A 602 15.39 9.90 -9.16
C GLU A 602 14.39 10.97 -8.76
N THR A 603 13.42 10.61 -7.93
CA THR A 603 12.39 11.54 -7.51
C THR A 603 12.95 12.74 -6.77
N ALA A 604 14.04 12.54 -6.03
CA ALA A 604 14.67 13.64 -5.31
C ALA A 604 15.78 14.29 -6.11
N LYS A 605 16.47 13.53 -6.95
CA LYS A 605 17.52 14.10 -7.79
C LYS A 605 16.93 15.14 -8.73
N CYS A 606 15.81 14.80 -9.36
CA CYS A 606 15.16 15.75 -10.26
C CYS A 606 14.72 17.00 -9.52
N GLN A 607 14.15 16.86 -8.32
CA GLN A 607 13.73 18.04 -7.57
C GLN A 607 14.93 18.90 -7.18
N ALA A 608 16.03 18.27 -6.80
CA ALA A 608 17.22 19.01 -6.41
C ALA A 608 17.82 19.76 -7.58
N MET A 609 17.68 19.21 -8.80
CA MET A 609 18.06 19.94 -10.00
C MET A 609 17.00 20.96 -10.42
N LYS A 610 15.76 20.75 -10.01
CA LYS A 610 14.66 21.64 -10.34
C LYS A 610 14.80 22.96 -9.61
N LYS A 611 15.22 22.89 -8.36
CA LYS A 611 15.36 24.07 -7.52
C LYS A 611 16.48 24.98 -7.99
N ILE A 612 17.46 24.44 -8.70
CA ILE A 612 18.51 25.25 -9.31
C ILE A 612 17.90 26.24 -10.30
N PHE A 613 17.19 25.72 -11.30
CA PHE A 613 16.61 26.60 -12.30
C PHE A 613 15.54 27.50 -11.68
N ASP A 614 14.77 27.01 -10.72
CA ASP A 614 13.77 27.90 -10.14
C ASP A 614 14.40 28.97 -9.27
N ASP A 615 15.66 28.81 -8.88
CA ASP A 615 16.41 29.94 -8.33
C ASP A 615 16.99 30.82 -9.44
N ALA A 616 17.33 30.21 -10.58
CA ALA A 616 17.91 30.94 -11.69
C ALA A 616 16.92 31.89 -12.34
N TYR A 617 15.66 31.53 -12.38
CA TYR A 617 14.67 32.40 -13.02
C TYR A 617 14.37 33.65 -12.18
N LYS A 618 15.07 33.88 -11.08
CA LYS A 618 14.86 35.03 -10.21
C LYS A 618 16.03 36.01 -10.29
N SER A 619 16.84 35.91 -11.34
CA SER A 619 17.80 36.94 -11.71
C SER A 619 17.84 37.08 -13.22
N GLN A 620 17.95 38.33 -13.68
CA GLN A 620 17.78 38.62 -15.10
C GLN A 620 18.83 37.95 -15.98
N LEU A 621 20.01 37.63 -15.43
CA LEU A 621 21.08 36.96 -16.14
C LEU A 621 21.53 35.77 -15.33
N SER A 622 21.20 34.56 -15.77
CA SER A 622 21.62 33.36 -15.04
C SER A 622 22.26 32.33 -15.98
N CYS A 623 23.43 31.81 -15.62
CA CYS A 623 24.04 30.75 -16.41
C CYS A 623 24.19 29.55 -15.49
N VAL A 624 23.66 28.41 -15.91
CA VAL A 624 23.73 27.17 -15.13
C VAL A 624 24.53 26.13 -15.90
N VAL A 625 25.45 25.48 -15.22
CA VAL A 625 26.29 24.45 -15.80
C VAL A 625 25.88 23.10 -15.22
N VAL A 626 25.59 22.15 -16.10
CA VAL A 626 25.31 20.76 -15.75
C VAL A 626 26.51 19.96 -16.23
N ASP A 627 27.06 19.14 -15.36
CA ASP A 627 28.30 18.45 -15.65
C ASP A 627 28.23 16.95 -15.43
N ASP A 628 28.88 16.22 -16.34
CA ASP A 628 29.06 14.79 -16.24
C ASP A 628 27.70 14.09 -16.25
N ILE A 629 26.96 14.38 -17.33
CA ILE A 629 25.57 13.97 -17.45
C ILE A 629 25.45 12.45 -17.37
N GLU A 630 26.44 11.74 -17.92
CA GLU A 630 26.37 10.28 -17.93
C GLU A 630 26.24 9.72 -16.53
N ARG A 631 26.88 10.35 -15.56
CA ARG A 631 26.71 10.01 -14.16
C ARG A 631 25.58 10.76 -13.48
N LEU A 632 25.14 11.88 -14.05
CA LEU A 632 23.98 12.55 -13.50
C LEU A 632 22.75 11.68 -13.64
N LEU A 633 22.49 11.19 -14.85
CA LEU A 633 21.37 10.31 -15.14
C LEU A 633 21.80 8.85 -15.32
N ASP A 634 23.01 8.51 -14.90
CA ASP A 634 23.41 7.13 -14.63
C ASP A 634 23.32 6.26 -15.87
N TYR A 635 23.98 6.68 -16.95
CA TYR A 635 24.09 5.82 -18.11
C TYR A 635 25.10 4.72 -17.83
N VAL A 636 24.84 3.54 -18.38
CA VAL A 636 25.88 2.51 -18.54
C VAL A 636 25.67 1.79 -19.86
N PRO A 637 26.75 1.33 -20.50
CA PRO A 637 26.55 0.52 -21.71
C PRO A 637 25.89 -0.82 -21.47
N ILE A 638 26.23 -1.51 -20.39
CA ILE A 638 25.80 -2.90 -20.24
C ILE A 638 24.40 -2.93 -19.67
N GLY A 639 23.48 -3.54 -20.41
CA GLY A 639 22.09 -3.57 -20.03
C GLY A 639 21.62 -2.15 -19.82
N PRO A 640 21.66 -1.30 -20.86
CA PRO A 640 21.52 0.15 -20.67
C PRO A 640 20.32 0.56 -19.85
N ARG A 641 20.62 1.29 -18.79
CA ARG A 641 19.65 1.78 -17.85
C ARG A 641 20.03 3.20 -17.50
N PHE A 642 19.02 4.04 -17.36
CA PHE A 642 19.24 5.44 -17.05
C PHE A 642 17.98 5.99 -16.41
N SER A 643 18.07 7.23 -15.97
CA SER A 643 17.06 7.84 -15.12
C SER A 643 16.09 8.56 -16.05
N ASN A 644 14.96 7.91 -16.30
CA ASN A 644 14.04 8.35 -17.32
C ASN A 644 13.49 9.73 -17.01
N LEU A 645 12.88 9.88 -15.83
CA LEU A 645 12.17 11.11 -15.53
C LEU A 645 13.13 12.28 -15.35
N VAL A 646 14.34 12.05 -14.85
CA VAL A 646 15.26 13.16 -14.72
C VAL A 646 15.75 13.60 -16.09
N LEU A 647 15.92 12.65 -17.01
CA LEU A 647 16.24 13.04 -18.39
C LEU A 647 15.14 13.84 -19.05
N GLN A 648 13.90 13.34 -19.04
CA GLN A 648 12.82 14.09 -19.69
C GLN A 648 12.61 15.42 -19.01
N ALA A 649 12.99 15.52 -17.73
CA ALA A 649 12.88 16.79 -17.04
C ALA A 649 13.97 17.71 -17.53
N LEU A 650 15.16 17.16 -17.74
CA LEU A 650 16.25 17.98 -18.23
C LEU A 650 15.91 18.53 -19.61
N LEU A 651 15.31 17.72 -20.47
CA LEU A 651 14.93 18.20 -21.80
C LEU A 651 13.87 19.29 -21.76
N VAL A 652 12.83 19.11 -20.97
CA VAL A 652 11.79 20.14 -20.92
C VAL A 652 12.39 21.41 -20.36
N LEU A 653 13.26 21.27 -19.35
CA LEU A 653 13.91 22.43 -18.77
C LEU A 653 14.78 23.15 -19.79
N LEU A 654 15.52 22.39 -20.62
CA LEU A 654 16.34 23.03 -21.64
C LEU A 654 15.48 23.80 -22.63
N LYS A 655 14.25 23.34 -22.86
CA LYS A 655 13.32 24.08 -23.71
C LYS A 655 12.54 25.14 -22.95
N LYS A 656 12.66 25.20 -21.63
CA LYS A 656 11.81 26.04 -20.80
C LYS A 656 11.96 27.50 -21.15
N ALA A 657 10.87 28.09 -21.62
CA ALA A 657 10.82 29.52 -21.78
C ALA A 657 10.81 30.20 -20.41
N PRO A 658 11.84 30.95 -20.02
CA PRO A 658 11.78 31.66 -18.75
C PRO A 658 10.75 32.76 -18.77
N PRO A 659 10.66 33.55 -17.71
CA PRO A 659 9.77 34.72 -17.76
C PRO A 659 10.31 35.75 -18.74
N GLN A 660 9.44 36.68 -19.10
CA GLN A 660 9.75 37.65 -20.14
C GLN A 660 11.01 38.46 -19.83
N GLY A 661 11.18 38.84 -18.58
CA GLY A 661 12.30 39.68 -18.19
C GLY A 661 13.59 39.01 -17.80
N ARG A 662 13.68 37.67 -17.78
CA ARG A 662 14.88 36.98 -17.33
C ARG A 662 15.55 36.22 -18.45
N LYS A 663 16.85 36.48 -18.61
CA LYS A 663 17.72 35.83 -19.57
C LYS A 663 18.53 34.73 -18.90
N LEU A 664 19.00 33.81 -19.73
CA LEU A 664 19.55 32.59 -19.18
C LEU A 664 20.46 31.91 -20.18
N LEU A 665 21.31 31.05 -19.65
CA LEU A 665 22.25 30.28 -20.42
C LEU A 665 22.46 28.93 -19.75
N ILE A 666 22.69 27.90 -20.56
CA ILE A 666 22.86 26.54 -20.05
C ILE A 666 24.08 25.94 -20.73
N ILE A 667 24.97 25.37 -19.92
CA ILE A 667 26.17 24.72 -20.42
C ILE A 667 26.15 23.29 -19.91
N GLY A 668 25.94 22.35 -20.80
CA GLY A 668 26.16 20.97 -20.51
C GLY A 668 27.58 20.58 -20.86
N THR A 669 28.10 19.62 -20.11
CA THR A 669 29.41 19.07 -20.42
C THR A 669 29.39 17.59 -20.12
N THR A 670 29.69 16.80 -21.15
CA THR A 670 29.50 15.36 -21.12
C THR A 670 30.62 14.69 -21.90
N SER A 671 31.10 13.57 -21.36
CA SER A 671 32.18 12.80 -21.95
C SER A 671 31.72 11.87 -23.05
N ARG A 672 30.46 11.99 -23.48
CA ARG A 672 29.91 11.02 -24.42
C ARG A 672 28.76 11.68 -25.16
N LYS A 673 28.81 11.64 -26.49
CA LYS A 673 27.82 12.27 -27.34
C LYS A 673 27.00 11.27 -28.14
N ASP A 674 27.52 10.07 -28.38
CA ASP A 674 26.79 9.13 -29.22
C ASP A 674 25.51 8.69 -28.52
N VAL A 675 25.57 8.52 -27.20
CA VAL A 675 24.39 8.17 -26.42
C VAL A 675 23.33 9.24 -26.60
N LEU A 676 23.73 10.50 -26.49
CA LEU A 676 22.76 11.58 -26.60
C LEU A 676 22.21 11.71 -28.02
N GLN A 677 23.02 11.43 -29.04
CA GLN A 677 22.47 11.45 -30.40
C GLN A 677 21.46 10.34 -30.58
N GLU A 678 21.72 9.18 -29.97
CA GLU A 678 20.77 8.07 -29.99
C GLU A 678 19.51 8.41 -29.22
N MET A 679 19.68 9.15 -28.14
CA MET A 679 18.65 9.51 -27.18
C MET A 679 17.95 10.83 -27.51
N GLU A 680 18.28 11.44 -28.65
CA GLU A 680 17.64 12.66 -29.14
C GLU A 680 17.67 13.79 -28.12
N MET A 681 18.72 13.84 -27.33
CA MET A 681 18.91 14.94 -26.38
C MET A 681 19.72 16.06 -27.00
N LEU A 682 20.23 15.85 -28.22
CA LEU A 682 21.05 16.84 -28.89
C LEU A 682 20.21 18.02 -29.37
N ASN A 683 19.14 17.71 -30.12
CA ASN A 683 18.37 18.73 -30.82
C ASN A 683 17.86 19.83 -29.90
N ALA A 684 17.67 19.53 -28.62
CA ALA A 684 17.37 20.57 -27.64
C ALA A 684 18.45 21.63 -27.64
N PHE A 685 19.69 21.20 -27.45
CA PHE A 685 20.83 22.11 -27.46
C PHE A 685 20.98 22.75 -28.83
N SER A 686 20.97 24.08 -28.85
CA SER A 686 21.19 24.80 -30.08
C SER A 686 22.55 24.48 -30.69
N THR A 687 23.55 24.21 -29.85
CA THR A 687 24.93 24.22 -30.28
C THR A 687 25.70 23.20 -29.47
N THR A 688 26.83 22.76 -30.03
CA THR A 688 27.75 21.89 -29.33
C THR A 688 29.16 22.29 -29.67
N ILE A 689 30.07 22.01 -28.75
CA ILE A 689 31.50 22.25 -28.95
C ILE A 689 32.21 20.92 -28.83
N HIS A 690 33.14 20.68 -29.73
CA HIS A 690 34.09 19.58 -29.61
C HIS A 690 35.40 20.20 -29.17
N VAL A 691 35.67 20.14 -27.87
CA VAL A 691 37.00 20.45 -27.37
C VAL A 691 37.94 19.45 -28.03
N PRO A 692 38.94 19.89 -28.79
CA PRO A 692 39.90 18.91 -29.32
C PRO A 692 40.91 18.53 -28.25
N ASN A 693 41.04 17.23 -28.02
CA ASN A 693 42.04 16.75 -27.09
C ASN A 693 43.42 16.92 -27.72
N ILE A 694 44.44 16.97 -26.86
CA ILE A 694 45.80 17.21 -27.34
C ILE A 694 46.19 16.15 -28.37
N ALA A 695 46.70 16.63 -29.50
CA ALA A 695 47.11 15.77 -30.61
C ALA A 695 48.55 16.02 -31.03
N THR A 696 48.88 17.26 -31.39
CA THR A 696 50.22 17.55 -31.85
C THR A 696 51.26 17.45 -30.73
N GLY A 697 52.43 16.93 -31.12
CA GLY A 697 53.51 16.78 -30.17
C GLY A 697 54.01 18.13 -29.69
N GLU A 698 54.11 19.10 -30.59
CA GLU A 698 54.59 20.42 -30.21
C GLU A 698 53.67 21.03 -29.18
N GLN A 699 52.36 20.83 -29.37
CA GLN A 699 51.40 21.36 -28.40
C GLN A 699 51.63 20.72 -27.05
N LEU A 700 51.90 19.41 -27.03
CA LEU A 700 52.17 18.76 -25.75
C LEU A 700 53.44 19.30 -25.11
N LEU A 701 54.46 19.54 -25.94
CA LEU A 701 55.74 20.05 -25.47
C LEU A 701 55.59 21.42 -24.84
N GLU A 702 54.91 22.33 -25.52
CA GLU A 702 54.79 23.69 -24.97
C GLU A 702 53.78 23.76 -23.84
N ALA A 703 52.82 22.83 -23.76
CA ALA A 703 52.02 22.75 -22.55
C ALA A 703 52.88 22.33 -21.37
N LEU A 704 53.74 21.35 -21.58
CA LEU A 704 54.70 20.98 -20.56
C LEU A 704 55.65 22.14 -20.22
N GLU A 705 55.97 22.96 -21.22
CA GLU A 705 56.75 24.18 -20.97
C GLU A 705 55.99 25.12 -20.04
N LEU A 706 54.69 25.26 -20.27
CA LEU A 706 53.88 26.06 -19.36
C LEU A 706 53.97 25.50 -17.96
N LEU A 707 53.90 24.18 -17.83
CA LEU A 707 54.14 23.56 -16.55
C LEU A 707 55.61 23.68 -16.16
N GLY A 708 55.87 23.47 -14.87
CA GLY A 708 57.20 23.66 -14.35
C GLY A 708 58.12 22.46 -14.47
N ASN A 709 57.57 21.26 -14.32
CA ASN A 709 58.39 20.07 -14.29
C ASN A 709 59.02 19.81 -15.66
N PHE A 710 60.01 18.92 -15.66
CA PHE A 710 60.62 18.40 -16.88
C PHE A 710 61.17 19.53 -17.75
N LYS A 711 62.17 20.20 -17.19
CA LYS A 711 62.74 21.43 -17.74
C LYS A 711 63.57 21.13 -18.99
N ASP A 712 64.30 22.17 -19.46
CA ASP A 712 64.90 22.24 -20.80
C ASP A 712 65.58 20.96 -21.27
N LYS A 713 66.44 20.37 -20.42
CA LYS A 713 67.09 19.11 -20.78
C LYS A 713 66.06 18.03 -21.05
N GLU A 714 65.08 17.93 -20.15
CA GLU A 714 64.08 16.87 -20.27
C GLU A 714 63.25 17.08 -21.53
N ARG A 715 62.74 18.28 -21.75
CA ARG A 715 61.91 18.52 -22.92
C ARG A 715 62.70 18.34 -24.21
N THR A 716 64.01 18.61 -24.19
CA THR A 716 64.84 18.25 -25.35
C THR A 716 64.83 16.75 -25.58
N THR A 717 64.93 15.98 -24.50
CA THR A 717 64.86 14.52 -24.63
C THR A 717 63.52 14.08 -25.23
N ILE A 718 62.43 14.55 -24.62
CA ILE A 718 61.08 14.16 -25.03
C ILE A 718 60.74 14.62 -26.46
N ALA A 719 61.25 15.79 -26.87
CA ALA A 719 60.84 16.39 -28.14
C ALA A 719 61.09 15.49 -29.35
N GLN A 720 62.21 14.79 -29.38
CA GLN A 720 62.54 13.97 -30.55
C GLN A 720 61.50 12.87 -30.75
N GLN A 721 61.16 12.18 -29.67
CA GLN A 721 60.17 11.11 -29.73
C GLN A 721 58.76 11.64 -29.99
N VAL A 722 58.38 12.70 -29.28
CA VAL A 722 57.04 13.26 -29.35
C VAL A 722 56.70 13.88 -30.70
N LYS A 723 57.65 14.55 -31.35
CA LYS A 723 57.31 15.30 -32.56
C LYS A 723 56.77 14.39 -33.66
N GLY A 724 57.34 13.20 -33.80
CA GLY A 724 56.97 12.28 -34.84
C GLY A 724 55.83 11.33 -34.53
N LYS A 725 55.28 11.37 -33.32
CA LYS A 725 54.23 10.45 -32.91
C LYS A 725 52.97 11.18 -32.48
N LYS A 726 51.83 10.78 -33.04
CA LYS A 726 50.54 11.33 -32.67
C LYS A 726 50.18 10.86 -31.26
N VAL A 727 49.53 11.71 -30.49
CA VAL A 727 49.22 11.40 -29.10
C VAL A 727 47.75 11.68 -28.82
N TRP A 728 47.15 10.80 -28.02
CA TRP A 728 45.75 10.90 -27.62
C TRP A 728 45.77 10.68 -26.12
N ILE A 729 45.68 11.77 -25.37
CA ILE A 729 45.81 11.75 -23.92
C ILE A 729 44.99 12.89 -23.35
N GLY A 730 44.19 12.61 -22.34
CA GLY A 730 43.52 13.67 -21.63
C GLY A 730 44.48 14.35 -20.67
N ILE A 731 44.21 15.61 -20.37
CA ILE A 731 45.21 16.42 -19.67
C ILE A 731 45.06 16.33 -18.15
N LYS A 732 43.88 16.01 -17.64
CA LYS A 732 43.81 15.54 -16.26
C LYS A 732 44.66 14.29 -16.10
N LYS A 733 44.52 13.37 -17.05
CA LYS A 733 45.34 12.16 -17.04
C LYS A 733 46.81 12.52 -17.13
N LEU A 734 47.14 13.57 -17.89
CA LEU A 734 48.52 14.02 -18.00
C LEU A 734 49.05 14.49 -16.66
N LEU A 735 48.28 15.33 -15.97
CA LEU A 735 48.75 15.89 -14.71
C LEU A 735 48.78 14.86 -13.60
N MET A 736 48.05 13.76 -13.75
CA MET A 736 48.20 12.64 -12.82
C MET A 736 49.39 11.77 -13.21
N LEU A 737 49.62 11.65 -14.52
CA LEU A 737 50.63 10.75 -15.04
C LEU A 737 52.02 11.27 -14.73
N ILE A 738 52.21 12.58 -14.96
CA ILE A 738 53.50 13.21 -14.68
C ILE A 738 53.88 12.97 -13.22
N GLU A 739 52.90 13.02 -12.30
CA GLU A 739 53.25 12.95 -10.89
C GLU A 739 53.53 11.53 -10.45
N MET A 740 52.74 10.56 -10.94
CA MET A 740 53.04 9.18 -10.60
C MET A 740 54.37 8.73 -11.19
N SER A 741 54.76 9.30 -12.33
CA SER A 741 56.10 9.05 -12.82
C SER A 741 57.14 9.80 -12.00
N LEU A 742 56.82 11.03 -11.60
CA LEU A 742 57.78 11.88 -10.91
C LEU A 742 58.23 11.31 -9.58
N GLN A 743 57.35 10.59 -8.88
CA GLN A 743 57.72 10.10 -7.55
C GLN A 743 58.68 8.91 -7.69
N MET A 744 59.91 9.22 -8.09
CA MET A 744 61.01 8.27 -8.24
C MET A 744 62.30 9.03 -8.57
N ASP A 745 63.43 8.33 -8.45
CA ASP A 745 64.76 8.90 -8.65
C ASP A 745 64.89 9.51 -10.04
N PRO A 746 65.78 10.49 -10.21
CA PRO A 746 65.70 11.33 -11.42
C PRO A 746 66.07 10.62 -12.70
N GLU A 747 67.12 9.81 -12.69
CA GLU A 747 67.58 9.20 -13.94
C GLU A 747 66.57 8.22 -14.50
N TYR A 748 65.64 7.73 -13.68
CA TYR A 748 64.55 6.88 -14.16
C TYR A 748 63.17 7.51 -13.95
N ARG A 749 63.09 8.82 -13.67
CA ARG A 749 61.79 9.49 -13.81
C ARG A 749 61.32 9.48 -15.26
N VAL A 750 62.25 9.72 -16.18
CA VAL A 750 61.87 9.96 -17.58
C VAL A 750 61.23 8.71 -18.16
N ARG A 751 61.99 7.60 -18.18
CA ARG A 751 61.52 6.35 -18.76
C ARG A 751 60.20 5.92 -18.16
N LYS A 752 60.05 6.12 -16.85
CA LYS A 752 58.76 5.87 -16.20
C LYS A 752 57.66 6.69 -16.84
N PHE A 753 57.89 8.00 -17.02
CA PHE A 753 56.85 8.85 -17.57
C PHE A 753 56.45 8.43 -18.96
N LEU A 754 57.41 8.42 -19.89
CA LEU A 754 56.99 8.15 -21.26
C LEU A 754 56.65 6.69 -21.48
N ALA A 755 56.97 5.77 -20.57
CA ALA A 755 56.50 4.40 -20.72
C ALA A 755 55.07 4.26 -20.23
N LEU A 756 54.74 4.89 -19.10
CA LEU A 756 53.35 4.95 -18.67
C LEU A 756 52.51 5.82 -19.60
N LEU A 757 53.15 6.62 -20.44
CA LEU A 757 52.49 7.22 -21.59
C LEU A 757 52.30 6.21 -22.72
N ARG A 758 53.39 5.57 -23.13
CA ARG A 758 53.38 4.71 -24.31
C ARG A 758 52.41 3.53 -24.14
N GLU A 759 52.15 3.12 -22.91
CA GLU A 759 51.17 2.06 -22.69
C GLU A 759 49.80 2.46 -23.22
N GLU A 760 49.50 3.76 -23.24
CA GLU A 760 48.28 4.31 -23.82
C GLU A 760 48.67 5.16 -25.03
N GLY A 761 48.39 4.64 -26.21
CA GLY A 761 48.87 5.27 -27.44
C GLY A 761 47.85 6.22 -28.02
N ALA A 762 47.66 6.17 -29.33
CA ALA A 762 46.73 7.08 -29.99
C ALA A 762 46.19 6.44 -31.27
N SER B 231 -51.88 28.15 17.69
CA SER B 231 -51.48 28.75 16.42
C SER B 231 -50.22 28.10 15.89
N ILE B 232 -49.89 28.40 14.64
CA ILE B 232 -48.71 27.89 13.97
C ILE B 232 -47.99 29.08 13.36
N ILE B 233 -46.66 28.99 13.27
CA ILE B 233 -45.83 30.09 12.79
C ILE B 233 -45.24 29.70 11.43
N ASN B 234 -45.38 30.58 10.44
CA ASN B 234 -44.78 30.32 9.14
C ASN B 234 -43.26 30.44 9.22
N PRO B 235 -42.49 29.52 8.62
CA PRO B 235 -41.02 29.58 8.74
C PRO B 235 -40.29 30.75 8.07
N ASP B 236 -40.50 30.96 6.76
CA ASP B 236 -39.75 32.00 6.03
C ASP B 236 -40.13 33.42 6.42
N TRP B 237 -41.42 33.72 6.47
CA TRP B 237 -42.01 35.02 6.83
C TRP B 237 -41.81 36.24 5.90
N ASN B 238 -40.57 36.70 5.60
CA ASN B 238 -40.37 37.92 4.79
C ASN B 238 -39.41 37.80 3.59
N PHE B 239 -39.07 36.60 3.13
CA PHE B 239 -38.13 36.48 2.02
C PHE B 239 -38.71 36.95 0.68
N GLU B 240 -37.92 37.73 -0.08
CA GLU B 240 -38.32 38.19 -1.41
C GLU B 240 -37.19 38.16 -2.46
N LYS B 241 -36.64 36.97 -2.72
CA LYS B 241 -35.61 36.77 -3.75
C LYS B 241 -34.47 37.79 -3.72
N MET B 242 -33.90 38.02 -2.54
CA MET B 242 -32.79 38.96 -2.40
C MET B 242 -31.60 38.24 -1.80
N GLY B 243 -30.42 38.77 -2.10
CA GLY B 243 -29.16 38.23 -1.69
C GLY B 243 -28.42 37.47 -2.78
N ILE B 244 -29.15 36.78 -3.65
CA ILE B 244 -28.56 36.02 -4.74
C ILE B 244 -29.14 36.47 -6.07
N GLY B 245 -28.61 35.92 -7.15
CA GLY B 245 -29.17 36.02 -8.48
C GLY B 245 -28.60 34.88 -9.27
N GLY B 246 -28.93 34.83 -10.55
CA GLY B 246 -28.32 33.86 -11.43
C GLY B 246 -28.92 32.48 -11.36
N LEU B 247 -29.56 32.11 -10.25
CA LEU B 247 -30.04 30.76 -10.00
C LEU B 247 -31.46 30.90 -9.48
N ASP B 248 -32.42 30.73 -10.38
CA ASP B 248 -33.83 30.73 -10.02
C ASP B 248 -34.46 29.36 -10.18
N LYS B 249 -34.16 28.69 -11.29
CA LYS B 249 -34.59 27.31 -11.48
C LYS B 249 -34.04 26.43 -10.37
N GLU B 250 -32.81 26.69 -9.94
CA GLU B 250 -32.19 25.85 -8.92
C GLU B 250 -32.83 26.07 -7.55
N PHE B 251 -33.06 27.33 -7.19
CA PHE B 251 -33.80 27.59 -5.96
C PHE B 251 -35.19 26.99 -6.01
N SER B 252 -35.82 27.02 -7.19
CA SER B 252 -37.16 26.44 -7.29
C SER B 252 -37.11 24.93 -7.11
N ASP B 253 -36.10 24.28 -7.68
CA ASP B 253 -35.98 22.83 -7.58
C ASP B 253 -35.54 22.40 -6.18
N ILE B 254 -34.97 23.31 -5.39
CA ILE B 254 -34.77 23.04 -3.97
C ILE B 254 -36.06 23.30 -3.21
N PHE B 255 -36.77 24.36 -3.60
CA PHE B 255 -37.91 24.83 -2.83
C PHE B 255 -39.04 23.82 -2.87
N ARG B 256 -39.39 23.34 -4.05
CA ARG B 256 -40.48 22.38 -4.15
C ARG B 256 -40.15 21.09 -3.45
N ARG B 257 -38.89 20.68 -3.46
CA ARG B 257 -38.52 19.42 -2.82
C ARG B 257 -38.56 19.54 -1.30
N ALA B 258 -38.06 20.66 -0.77
CA ALA B 258 -37.78 20.75 0.67
C ALA B 258 -38.80 21.58 1.44
N PHE B 259 -39.13 22.77 0.95
CA PHE B 259 -39.87 23.75 1.70
C PHE B 259 -41.36 23.76 1.37
N ALA B 260 -41.79 23.07 0.32
CA ALA B 260 -43.20 23.07 -0.03
C ALA B 260 -44.03 22.35 1.02
N SER B 261 -43.56 21.18 1.48
CA SER B 261 -44.26 20.46 2.53
C SER B 261 -44.34 21.25 3.82
N ARG B 262 -43.39 22.16 4.04
CA ARG B 262 -43.34 22.95 5.25
C ARG B 262 -44.10 24.26 5.14
N VAL B 263 -44.30 24.77 3.91
CA VAL B 263 -45.21 25.88 3.66
C VAL B 263 -46.42 25.29 2.93
N PHE B 264 -47.40 24.89 3.68
CA PHE B 264 -48.63 24.37 3.15
C PHE B 264 -49.60 24.20 4.30
N PRO B 265 -50.91 24.33 4.12
CA PRO B 265 -51.84 24.06 5.22
C PRO B 265 -51.71 22.64 5.71
N PRO B 266 -51.34 22.42 6.99
CA PRO B 266 -51.19 21.04 7.47
C PRO B 266 -52.51 20.29 7.65
N GLU B 267 -53.63 20.90 7.26
CA GLU B 267 -54.92 20.22 7.30
C GLU B 267 -54.86 18.87 6.60
N ILE B 268 -54.43 18.86 5.33
CA ILE B 268 -54.44 17.66 4.51
C ILE B 268 -53.09 16.99 4.41
N VAL B 269 -52.06 17.52 5.07
CA VAL B 269 -50.75 16.90 4.96
C VAL B 269 -50.75 15.51 5.57
N GLU B 270 -51.52 15.30 6.64
CA GLU B 270 -51.63 13.96 7.20
C GLU B 270 -52.55 13.09 6.36
N GLN B 271 -53.53 13.70 5.68
CA GLN B 271 -54.30 12.97 4.68
C GLN B 271 -53.38 12.47 3.59
N MET B 272 -52.30 13.20 3.33
CA MET B 272 -51.34 12.89 2.28
C MET B 272 -50.22 11.97 2.76
N GLY B 273 -49.97 11.91 4.07
CA GLY B 273 -49.01 10.97 4.61
C GLY B 273 -47.60 11.18 4.11
N CYS B 274 -47.07 12.37 4.31
CA CYS B 274 -45.77 12.78 3.79
C CYS B 274 -44.80 12.99 4.94
N LYS B 275 -43.59 12.44 4.80
CA LYS B 275 -42.48 12.75 5.68
C LYS B 275 -41.71 13.91 5.09
N HIS B 276 -41.55 14.97 5.88
CA HIS B 276 -40.77 16.12 5.42
C HIS B 276 -39.33 15.68 5.17
N VAL B 277 -38.80 16.05 4.01
CA VAL B 277 -37.46 15.62 3.64
C VAL B 277 -36.44 16.22 4.60
N LYS B 278 -35.33 15.50 4.77
CA LYS B 278 -34.36 15.79 5.82
C LYS B 278 -32.99 16.16 5.27
N GLY B 279 -32.91 16.58 4.01
CA GLY B 279 -31.60 16.78 3.43
C GLY B 279 -31.57 17.70 2.22
N ILE B 280 -30.45 18.40 2.07
CA ILE B 280 -30.09 19.14 0.87
C ILE B 280 -28.58 19.03 0.72
N LEU B 281 -28.14 18.86 -0.52
CA LEU B 281 -26.73 18.86 -0.85
C LEU B 281 -26.44 19.87 -1.95
N LEU B 282 -25.25 20.45 -1.88
CA LEU B 282 -24.75 21.37 -2.90
C LEU B 282 -23.36 20.91 -3.29
N TYR B 283 -23.15 20.66 -4.58
CA TYR B 283 -21.83 20.36 -5.10
C TYR B 283 -21.55 21.26 -6.30
N GLY B 284 -20.31 21.70 -6.40
CA GLY B 284 -19.90 22.53 -7.50
C GLY B 284 -18.47 23.01 -7.36
N PRO B 285 -18.01 23.79 -8.33
CA PRO B 285 -16.65 24.26 -8.31
C PRO B 285 -16.48 25.34 -7.27
N PRO B 286 -15.27 25.85 -7.08
CA PRO B 286 -15.10 27.05 -6.27
C PRO B 286 -15.85 28.22 -6.87
N GLY B 287 -16.55 28.95 -6.02
CA GLY B 287 -17.43 30.00 -6.46
C GLY B 287 -18.83 29.46 -6.68
N CYS B 288 -19.58 30.16 -7.51
CA CYS B 288 -20.93 29.79 -7.95
C CYS B 288 -22.00 29.94 -6.87
N GLY B 289 -21.70 30.63 -5.78
CA GLY B 289 -22.67 30.90 -4.73
C GLY B 289 -23.49 29.81 -4.05
N LYS B 290 -22.87 28.77 -3.53
CA LYS B 290 -23.61 27.76 -2.77
C LYS B 290 -23.75 28.14 -1.30
N THR B 291 -22.66 28.53 -0.65
CA THR B 291 -22.77 28.85 0.77
C THR B 291 -23.53 30.16 0.97
N LEU B 292 -23.54 31.05 -0.01
CA LEU B 292 -24.42 32.20 0.09
C LEU B 292 -25.87 31.75 0.11
N LEU B 293 -26.23 30.81 -0.78
CA LEU B 293 -27.56 30.25 -0.77
C LEU B 293 -27.90 29.71 0.61
N ALA B 294 -26.97 28.94 1.19
CA ALA B 294 -27.23 28.29 2.46
C ALA B 294 -27.32 29.29 3.61
N ARG B 295 -26.56 30.39 3.52
CA ARG B 295 -26.66 31.41 4.56
C ARG B 295 -27.96 32.18 4.42
N GLN B 296 -28.36 32.45 3.18
CA GLN B 296 -29.64 33.12 2.93
C GLN B 296 -30.77 32.32 3.55
N ILE B 297 -30.82 31.01 3.29
CA ILE B 297 -31.85 30.17 3.89
C ILE B 297 -31.36 29.81 5.30
N GLY B 298 -31.95 30.47 6.30
CA GLY B 298 -31.48 30.42 7.67
C GLY B 298 -31.15 31.79 8.23
N LYS B 299 -30.80 32.75 7.37
CA LYS B 299 -30.80 34.15 7.78
C LYS B 299 -32.17 34.79 7.56
N MET B 300 -32.75 34.57 6.38
CA MET B 300 -34.07 35.11 6.07
C MET B 300 -35.16 34.40 6.85
N LEU B 301 -35.06 33.08 7.01
CA LEU B 301 -36.11 32.31 7.65
C LEU B 301 -36.20 32.62 9.14
N ASN B 302 -37.40 32.40 9.68
CA ASN B 302 -37.71 32.68 11.07
C ASN B 302 -37.50 31.45 11.96
N ALA B 303 -36.94 30.37 11.41
CA ALA B 303 -36.62 29.21 12.23
C ALA B 303 -35.66 29.62 13.33
N ARG B 304 -34.70 30.48 12.99
CA ARG B 304 -33.73 31.10 13.89
C ARG B 304 -32.96 30.11 14.76
N GLU B 305 -32.69 28.92 14.23
CA GLU B 305 -31.90 27.92 14.94
C GLU B 305 -30.87 27.26 14.03
N PRO B 306 -29.83 28.02 13.59
CA PRO B 306 -28.81 27.40 12.75
C PRO B 306 -27.58 27.01 13.54
N LYS B 307 -27.11 25.78 13.40
CA LYS B 307 -25.94 25.28 14.12
C LYS B 307 -24.91 24.82 13.09
N VAL B 308 -24.33 25.80 12.39
CA VAL B 308 -23.29 25.53 11.41
C VAL B 308 -22.16 24.70 12.00
N VAL B 309 -21.70 23.73 11.23
CA VAL B 309 -20.44 23.05 11.46
C VAL B 309 -19.42 23.69 10.55
N ASN B 310 -18.25 24.01 11.09
CA ASN B 310 -17.11 24.44 10.28
C ASN B 310 -16.23 23.22 10.04
N GLY B 311 -16.57 22.45 9.02
CA GLY B 311 -15.68 21.46 8.46
C GLY B 311 -15.31 20.37 9.46
N PRO B 312 -14.02 20.06 9.59
CA PRO B 312 -13.61 19.00 10.52
C PRO B 312 -13.55 19.41 11.98
N GLU B 313 -14.14 20.57 12.35
CA GLU B 313 -14.24 21.00 13.74
C GLU B 313 -14.72 19.89 14.66
N ILE B 314 -15.53 18.97 14.13
CA ILE B 314 -15.93 17.76 14.86
C ILE B 314 -14.73 17.07 15.49
N LEU B 315 -13.70 16.84 14.68
CA LEU B 315 -12.58 15.98 15.07
C LEU B 315 -11.91 16.43 16.36
N ASN B 316 -11.62 15.46 17.21
CA ASN B 316 -10.95 15.67 18.47
C ASN B 316 -10.00 14.50 18.69
N LYS B 317 -8.95 14.76 19.46
CA LYS B 317 -7.95 13.73 19.73
C LYS B 317 -8.53 12.55 20.47
N TYR B 318 -9.32 12.79 21.49
CA TYR B 318 -9.87 11.72 22.29
C TYR B 318 -11.05 11.05 21.59
N VAL B 319 -11.16 9.74 21.82
CA VAL B 319 -12.22 8.94 21.23
C VAL B 319 -13.55 9.23 21.90
N GLY B 320 -14.63 9.09 21.12
CA GLY B 320 -15.98 9.34 21.60
C GLY B 320 -16.39 10.79 21.54
N GLU B 321 -15.43 11.71 21.66
CA GLU B 321 -15.74 13.12 21.52
C GLU B 321 -16.07 13.46 20.07
N SER B 322 -15.37 12.84 19.12
CA SER B 322 -15.62 13.10 17.71
C SER B 322 -17.08 12.85 17.34
N GLU B 323 -17.62 11.72 17.78
CA GLU B 323 -19.02 11.41 17.50
C GLU B 323 -19.96 12.25 18.35
N ALA B 324 -19.68 12.37 19.65
CA ALA B 324 -20.62 13.08 20.51
C ALA B 324 -20.74 14.54 20.11
N ASN B 325 -19.68 15.09 19.51
CA ASN B 325 -19.76 16.44 18.95
C ASN B 325 -20.77 16.50 17.81
N ILE B 326 -21.02 15.38 17.13
CA ILE B 326 -22.11 15.33 16.17
C ILE B 326 -23.42 15.34 16.91
N ARG B 327 -23.53 14.48 17.92
CA ARG B 327 -24.82 14.25 18.56
C ARG B 327 -25.33 15.48 19.30
N LYS B 328 -24.41 16.33 19.79
CA LYS B 328 -24.87 17.56 20.45
C LYS B 328 -25.41 18.59 19.48
N LEU B 329 -25.37 18.31 18.18
CA LEU B 329 -26.13 19.11 17.24
C LEU B 329 -27.59 18.69 17.26
N PHE B 330 -27.82 17.41 17.07
CA PHE B 330 -29.16 16.87 16.91
C PHE B 330 -29.93 16.83 18.24
N ALA B 331 -29.23 16.97 19.37
CA ALA B 331 -29.88 16.78 20.67
C ALA B 331 -31.02 17.77 20.89
N ASP B 332 -30.82 19.03 20.54
CA ASP B 332 -31.85 20.05 20.77
C ASP B 332 -33.11 19.70 19.99
N ALA B 333 -32.93 19.33 18.73
CA ALA B 333 -34.07 19.01 17.87
C ALA B 333 -34.77 17.78 18.39
N GLU B 334 -34.00 16.77 18.79
CA GLU B 334 -34.62 15.55 19.29
C GLU B 334 -35.36 15.81 20.58
N GLU B 335 -34.86 16.71 21.42
CA GLU B 335 -35.57 17.09 22.64
C GLU B 335 -36.91 17.74 22.31
N GLU B 336 -36.88 18.76 21.46
CA GLU B 336 -38.12 19.40 21.01
C GLU B 336 -39.11 18.39 20.46
N GLN B 337 -38.63 17.46 19.64
CA GLN B 337 -39.56 16.54 18.99
C GLN B 337 -40.19 15.60 20.01
N ARG B 338 -39.39 15.09 20.95
CA ARG B 338 -39.91 14.21 21.99
C ARG B 338 -41.00 14.92 22.79
N ARG B 339 -40.73 16.13 23.28
CA ARG B 339 -41.68 16.73 24.21
C ARG B 339 -42.84 17.44 23.54
N LEU B 340 -42.72 17.80 22.26
CA LEU B 340 -43.70 18.69 21.64
C LEU B 340 -44.41 18.09 20.43
N GLY B 341 -43.90 17.00 19.85
CA GLY B 341 -44.57 16.27 18.77
C GLY B 341 -44.46 16.76 17.33
N ALA B 342 -45.42 16.26 16.55
CA ALA B 342 -45.47 16.51 15.11
C ALA B 342 -45.59 17.98 14.76
N ASN B 343 -46.41 18.73 15.50
CA ASN B 343 -46.53 20.16 15.26
C ASN B 343 -45.34 20.75 15.98
N SER B 344 -44.35 21.23 15.25
CA SER B 344 -43.14 21.70 15.90
C SER B 344 -42.40 22.68 15.00
N GLY B 345 -41.39 23.32 15.57
CA GLY B 345 -40.57 24.27 14.86
C GLY B 345 -39.55 23.54 14.04
N LEU B 346 -38.62 24.29 13.48
CA LEU B 346 -37.56 23.76 12.62
C LEU B 346 -36.19 23.93 13.24
N HIS B 347 -35.27 23.06 12.85
CA HIS B 347 -33.87 23.10 13.23
C HIS B 347 -33.08 22.88 11.97
N ILE B 348 -32.02 23.67 11.77
CA ILE B 348 -31.19 23.59 10.58
C ILE B 348 -29.76 23.31 10.99
N ILE B 349 -29.08 22.48 10.20
CA ILE B 349 -27.67 22.16 10.39
C ILE B 349 -26.99 22.29 9.04
N ILE B 350 -25.87 23.01 9.01
CA ILE B 350 -25.24 23.41 7.76
C ILE B 350 -23.81 22.88 7.80
N PHE B 351 -23.58 21.74 7.17
CA PHE B 351 -22.25 21.18 7.07
C PHE B 351 -21.49 21.86 5.95
N ASP B 352 -20.50 22.65 6.31
CA ASP B 352 -19.60 23.26 5.35
C ASP B 352 -18.44 22.30 5.10
N GLU B 353 -18.20 21.98 3.83
CA GLU B 353 -17.13 21.07 3.42
C GLU B 353 -17.30 19.71 4.11
N ILE B 354 -18.45 19.10 3.85
CA ILE B 354 -18.79 17.79 4.39
C ILE B 354 -17.81 16.71 3.96
N ASP B 355 -17.12 16.91 2.83
CA ASP B 355 -16.28 15.88 2.24
C ASP B 355 -15.14 15.41 3.13
N ALA B 356 -14.77 16.20 4.13
CA ALA B 356 -13.62 15.83 4.96
C ALA B 356 -14.01 14.79 6.00
N ILE B 357 -15.11 15.03 6.72
CA ILE B 357 -15.51 14.12 7.78
C ILE B 357 -16.19 12.88 7.22
N CYS B 358 -16.93 13.03 6.13
CA CYS B 358 -17.70 11.95 5.54
C CYS B 358 -17.07 11.57 4.21
N LYS B 359 -16.31 10.48 4.21
CA LYS B 359 -15.81 9.84 3.01
C LYS B 359 -16.30 8.40 3.01
N GLN B 360 -16.08 7.71 1.90
CA GLN B 360 -16.72 6.41 1.75
C GLN B 360 -16.08 5.39 2.67
N ARG B 361 -16.90 4.84 3.54
CA ARG B 361 -16.50 3.74 4.41
C ARG B 361 -15.95 2.60 3.56
N GLY B 362 -14.97 1.89 4.12
CA GLY B 362 -14.51 0.63 3.55
C GLY B 362 -13.11 0.63 2.97
N SER B 363 -12.69 1.75 2.36
CA SER B 363 -11.31 1.87 1.87
C SER B 363 -10.94 3.35 1.97
N MET B 364 -10.17 3.69 3.00
CA MET B 364 -9.84 5.08 3.25
C MET B 364 -8.61 5.15 4.14
N ALA B 365 -7.51 5.73 3.61
CA ALA B 365 -6.24 5.87 4.33
C ALA B 365 -5.87 4.59 5.07
N GLY B 366 -5.88 3.47 4.35
CA GLY B 366 -5.93 2.16 4.96
C GLY B 366 -7.32 1.56 4.91
N SER B 367 -7.37 0.26 5.22
CA SER B 367 -8.63 -0.48 5.18
C SER B 367 -9.69 0.15 6.09
N THR B 368 -9.35 0.33 7.37
CA THR B 368 -10.36 0.77 8.33
C THR B 368 -10.59 2.27 8.27
N GLY B 369 -9.55 3.06 8.53
CA GLY B 369 -9.68 4.50 8.54
C GLY B 369 -10.35 5.02 9.81
N VAL B 370 -10.20 6.33 10.01
CA VAL B 370 -10.64 7.00 11.22
C VAL B 370 -12.11 7.43 11.18
N HIS B 371 -12.65 7.70 9.99
CA HIS B 371 -13.93 8.38 9.84
C HIS B 371 -15.10 7.41 9.81
N ASP B 372 -14.89 6.12 10.08
CA ASP B 372 -16.02 5.21 10.18
C ASP B 372 -16.94 5.59 11.32
N THR B 373 -16.37 6.04 12.43
CA THR B 373 -17.15 6.35 13.62
C THR B 373 -18.15 7.46 13.36
N VAL B 374 -17.68 8.61 12.86
CA VAL B 374 -18.54 9.76 12.71
C VAL B 374 -19.60 9.50 11.67
N VAL B 375 -19.24 8.81 10.58
CA VAL B 375 -20.17 8.55 9.51
C VAL B 375 -21.26 7.59 9.96
N ASN B 376 -20.86 6.49 10.61
CA ASN B 376 -21.86 5.54 11.09
C ASN B 376 -22.74 6.15 12.16
N GLN B 377 -22.25 7.14 12.89
CA GLN B 377 -23.09 7.82 13.86
C GLN B 377 -24.07 8.73 13.15
N LEU B 378 -23.57 9.54 12.21
CA LEU B 378 -24.38 10.52 11.52
C LEU B 378 -25.53 9.85 10.81
N LEU B 379 -25.23 8.85 9.98
CA LEU B 379 -26.28 8.23 9.19
C LEU B 379 -27.07 7.19 9.97
N SER B 380 -26.59 6.73 11.13
CA SER B 380 -27.48 6.04 12.04
C SER B 380 -28.49 7.00 12.65
N LYS B 381 -28.13 8.28 12.75
CA LYS B 381 -28.99 9.22 13.44
C LYS B 381 -30.03 9.90 12.55
N ILE B 382 -29.65 10.33 11.35
CA ILE B 382 -30.59 11.14 10.55
C ILE B 382 -31.83 10.33 10.21
N ASP B 383 -31.64 9.25 9.47
CA ASP B 383 -32.68 8.23 9.29
C ASP B 383 -32.36 7.12 10.28
N GLY B 384 -32.86 7.28 11.49
CA GLY B 384 -32.60 6.38 12.59
C GLY B 384 -33.84 5.65 13.06
N VAL B 385 -33.67 4.95 14.18
CA VAL B 385 -34.76 4.21 14.79
C VAL B 385 -35.82 5.14 15.35
N GLU B 386 -35.47 6.40 15.60
CA GLU B 386 -36.34 7.31 16.32
C GLU B 386 -37.49 7.83 15.47
N GLN B 387 -37.37 7.75 14.14
CA GLN B 387 -38.34 8.36 13.23
C GLN B 387 -38.47 9.84 13.54
N LEU B 388 -37.34 10.52 13.46
CA LEU B 388 -37.34 11.96 13.72
C LEU B 388 -37.57 12.73 12.43
N ASN B 389 -38.39 13.74 12.57
CA ASN B 389 -38.65 14.79 11.60
C ASN B 389 -38.20 16.05 12.32
N ASN B 390 -38.47 17.22 11.74
CA ASN B 390 -38.05 18.47 12.35
C ASN B 390 -36.53 18.60 12.31
N ILE B 391 -35.97 18.38 11.12
CA ILE B 391 -34.58 18.70 10.87
C ILE B 391 -34.39 18.97 9.38
N LEU B 392 -33.36 19.74 9.08
CA LEU B 392 -32.92 19.99 7.71
C LEU B 392 -31.41 20.02 7.73
N VAL B 393 -30.80 19.13 6.96
CA VAL B 393 -29.35 18.97 6.94
C VAL B 393 -28.87 19.45 5.59
N ILE B 394 -28.19 20.59 5.58
CA ILE B 394 -27.61 21.13 4.37
C ILE B 394 -26.13 20.77 4.36
N GLY B 395 -25.65 20.39 3.19
CA GLY B 395 -24.26 20.04 3.02
C GLY B 395 -23.70 20.73 1.80
N MET B 396 -22.42 21.06 1.88
CA MET B 396 -21.70 21.69 0.80
C MET B 396 -20.44 20.91 0.51
N THR B 397 -20.06 20.85 -0.75
CA THR B 397 -18.80 20.21 -1.09
C THR B 397 -18.35 20.65 -2.48
N ASN B 398 -17.12 20.28 -2.80
CA ASN B 398 -16.55 20.45 -4.12
C ASN B 398 -16.35 19.13 -4.86
N ARG B 399 -16.35 18.01 -4.14
CA ARG B 399 -16.11 16.68 -4.71
C ARG B 399 -17.28 15.79 -4.34
N PRO B 400 -18.33 15.76 -5.15
CA PRO B 400 -19.53 14.99 -4.77
C PRO B 400 -19.36 13.49 -4.82
N ASP B 401 -18.32 12.98 -5.48
CA ASP B 401 -18.18 11.55 -5.66
C ASP B 401 -17.65 10.85 -4.40
N LEU B 402 -16.86 11.56 -3.59
CA LEU B 402 -16.28 10.95 -2.40
C LEU B 402 -17.34 10.54 -1.39
N ILE B 403 -18.48 11.23 -1.38
CA ILE B 403 -19.54 10.93 -0.42
C ILE B 403 -20.15 9.57 -0.76
N ASP B 404 -20.57 8.85 0.29
CA ASP B 404 -21.04 7.48 0.15
C ASP B 404 -22.53 7.41 -0.16
N GLU B 405 -22.89 6.42 -0.98
CA GLU B 405 -24.27 6.23 -1.40
C GLU B 405 -25.19 5.99 -0.21
N ALA B 406 -24.69 5.37 0.86
CA ALA B 406 -25.50 5.17 2.05
C ALA B 406 -25.98 6.48 2.63
N LEU B 407 -25.19 7.53 2.46
CA LEU B 407 -25.55 8.86 2.93
C LEU B 407 -26.22 9.70 1.87
N LEU B 408 -26.05 9.37 0.59
CA LEU B 408 -26.62 10.18 -0.47
C LEU B 408 -27.95 9.65 -0.98
N ARG B 409 -28.38 8.47 -0.56
CA ARG B 409 -29.57 7.92 -1.16
C ARG B 409 -30.77 8.66 -0.61
N PRO B 410 -31.94 8.47 -1.21
CA PRO B 410 -33.13 9.17 -0.73
C PRO B 410 -33.46 8.86 0.72
N GLY B 411 -33.91 9.90 1.42
CA GLY B 411 -34.30 9.81 2.81
C GLY B 411 -33.37 10.58 3.72
N ARG B 412 -32.07 10.53 3.45
CA ARG B 412 -31.10 11.32 4.20
C ARG B 412 -30.68 12.60 3.46
N LEU B 413 -30.27 12.47 2.21
CA LEU B 413 -29.94 13.64 1.38
C LEU B 413 -30.48 13.37 -0.03
N GLU B 414 -31.62 14.00 -0.35
CA GLU B 414 -32.28 13.77 -1.62
C GLU B 414 -31.62 14.56 -2.73
N VAL B 415 -31.59 15.88 -2.58
CA VAL B 415 -31.34 16.79 -3.69
C VAL B 415 -29.86 17.12 -3.74
N LYS B 416 -29.24 16.73 -4.84
CA LYS B 416 -27.83 17.00 -5.10
C LYS B 416 -27.78 17.92 -6.32
N MET B 417 -27.63 19.21 -6.07
CA MET B 417 -27.67 20.21 -7.12
C MET B 417 -26.30 20.37 -7.76
N GLU B 418 -26.33 20.82 -9.01
CA GLU B 418 -25.17 20.86 -9.89
C GLU B 418 -24.89 22.30 -10.31
N ILE B 419 -25.03 23.24 -9.38
CA ILE B 419 -24.88 24.65 -9.74
C ILE B 419 -23.47 24.85 -10.26
N GLY B 420 -23.37 25.51 -11.40
CA GLY B 420 -22.12 25.67 -12.09
C GLY B 420 -22.06 27.05 -12.68
N LEU B 421 -21.09 27.29 -13.54
CA LEU B 421 -20.91 28.62 -14.08
C LEU B 421 -22.18 29.07 -14.81
N PRO B 422 -22.69 30.27 -14.55
CA PRO B 422 -23.94 30.69 -15.18
C PRO B 422 -23.78 31.18 -16.61
N ASP B 423 -24.93 31.23 -17.27
CA ASP B 423 -25.05 31.80 -18.60
C ASP B 423 -25.12 33.31 -18.46
N GLU B 424 -25.02 34.00 -19.60
CA GLU B 424 -25.02 35.47 -19.59
C GLU B 424 -26.27 36.04 -18.95
N LYS B 425 -27.44 35.44 -19.19
CA LYS B 425 -28.65 35.98 -18.59
C LYS B 425 -28.57 35.93 -17.06
N GLY B 426 -28.09 34.81 -16.51
CA GLY B 426 -27.94 34.73 -15.06
C GLY B 426 -26.88 35.70 -14.57
N ARG B 427 -25.80 35.81 -15.33
CA ARG B 427 -24.68 36.65 -14.93
C ARG B 427 -25.13 38.10 -14.84
N LEU B 428 -26.01 38.52 -15.75
CA LEU B 428 -26.48 39.89 -15.71
C LEU B 428 -27.22 40.14 -14.42
N GLN B 429 -28.02 39.16 -13.96
CA GLN B 429 -28.71 39.32 -12.68
C GLN B 429 -27.70 39.53 -11.57
N ILE B 430 -26.62 38.73 -11.59
CA ILE B 430 -25.59 38.86 -10.56
C ILE B 430 -25.00 40.26 -10.58
N LEU B 431 -24.59 40.70 -11.76
CA LEU B 431 -23.86 41.92 -11.91
C LEU B 431 -24.79 43.13 -11.84
N HIS B 432 -26.09 42.90 -11.78
CA HIS B 432 -27.06 43.94 -11.47
C HIS B 432 -27.29 44.06 -9.99
N ILE B 433 -27.31 42.94 -9.26
CA ILE B 433 -27.59 43.07 -7.83
C ILE B 433 -26.35 43.54 -7.09
N HIS B 434 -25.15 43.14 -7.53
CA HIS B 434 -23.95 43.69 -6.90
C HIS B 434 -23.71 45.15 -7.25
N THR B 435 -24.48 45.72 -8.20
CA THR B 435 -24.36 47.11 -8.61
C THR B 435 -25.53 47.96 -8.14
N ALA B 436 -26.66 47.34 -7.77
CA ALA B 436 -27.82 48.11 -7.33
C ALA B 436 -27.53 48.92 -6.09
N ARG B 437 -26.67 48.42 -5.21
CA ARG B 437 -26.33 49.17 -4.02
C ARG B 437 -25.50 50.39 -4.34
N MET B 438 -24.81 50.40 -5.49
CA MET B 438 -24.23 51.64 -6.00
C MET B 438 -25.28 52.51 -6.67
N ARG B 439 -26.26 51.90 -7.32
CA ARG B 439 -27.16 52.66 -8.18
C ARG B 439 -28.23 53.39 -7.40
N GLY B 440 -28.61 52.85 -6.23
CA GLY B 440 -29.64 53.50 -5.43
C GLY B 440 -29.29 54.94 -5.11
N HIS B 441 -28.02 55.19 -4.88
CA HIS B 441 -27.45 56.53 -4.82
C HIS B 441 -26.85 56.86 -6.19
N GLN B 442 -26.70 58.15 -6.48
CA GLN B 442 -26.24 58.55 -7.81
C GLN B 442 -24.74 58.35 -7.92
N LEU B 443 -24.36 57.16 -8.38
CA LEU B 443 -22.97 56.76 -8.57
C LEU B 443 -22.94 55.91 -9.83
N LEU B 444 -21.72 55.60 -10.30
CA LEU B 444 -21.60 54.80 -11.52
C LEU B 444 -22.23 55.48 -12.73
N SER B 445 -21.53 56.48 -13.27
CA SER B 445 -22.04 57.30 -14.35
C SER B 445 -22.61 56.42 -15.47
N ALA B 446 -23.69 56.92 -16.08
CA ALA B 446 -24.55 56.12 -16.94
C ALA B 446 -23.85 55.45 -18.13
N ASP B 447 -22.62 55.85 -18.47
CA ASP B 447 -21.95 55.28 -19.63
C ASP B 447 -21.81 53.77 -19.54
N VAL B 448 -21.52 53.23 -18.35
CA VAL B 448 -21.37 51.79 -18.23
C VAL B 448 -22.67 51.07 -18.53
N ASP B 449 -22.56 50.00 -19.32
CA ASP B 449 -23.68 49.14 -19.69
C ASP B 449 -23.32 47.73 -19.27
N ILE B 450 -24.12 47.15 -18.36
CA ILE B 450 -23.82 45.80 -17.87
C ILE B 450 -24.03 44.73 -18.94
N LYS B 451 -24.76 45.02 -20.01
CA LYS B 451 -24.96 44.03 -21.07
C LYS B 451 -23.64 43.71 -21.76
N GLU B 452 -22.87 44.74 -22.09
CA GLU B 452 -21.55 44.54 -22.68
C GLU B 452 -20.68 43.70 -21.75
N LEU B 453 -20.76 43.97 -20.46
CA LEU B 453 -19.96 43.22 -19.51
C LEU B 453 -20.35 41.76 -19.49
N ALA B 454 -21.65 41.48 -19.56
CA ALA B 454 -22.10 40.11 -19.62
C ALA B 454 -21.69 39.45 -20.92
N VAL B 455 -21.48 40.23 -21.98
CA VAL B 455 -21.03 39.65 -23.23
C VAL B 455 -19.56 39.27 -23.16
N GLU B 456 -18.73 40.12 -22.57
CA GLU B 456 -17.29 39.88 -22.51
C GLU B 456 -16.81 39.21 -21.22
N THR B 457 -17.71 38.71 -20.38
CA THR B 457 -17.35 37.93 -19.19
C THR B 457 -18.13 36.62 -19.18
N LYS B 458 -17.91 35.78 -20.18
CA LYS B 458 -18.71 34.57 -20.32
C LYS B 458 -18.56 33.57 -19.18
N ASN B 459 -17.33 33.27 -18.74
CA ASN B 459 -17.13 32.28 -17.68
C ASN B 459 -16.15 32.79 -16.62
N PHE B 460 -16.64 33.69 -15.79
CA PHE B 460 -15.90 34.26 -14.67
C PHE B 460 -16.08 33.48 -13.37
N SER B 461 -16.86 32.41 -13.37
CA SER B 461 -17.06 31.56 -12.20
C SER B 461 -17.61 32.33 -11.01
N GLY B 462 -18.61 33.18 -11.27
CA GLY B 462 -19.26 33.86 -10.18
C GLY B 462 -18.48 34.99 -9.58
N ALA B 463 -17.99 34.71 -8.39
CA ALA B 463 -17.45 35.68 -7.45
C ALA B 463 -16.40 36.60 -8.05
N GLU B 464 -15.75 36.20 -9.13
CA GLU B 464 -14.86 37.11 -9.82
C GLU B 464 -15.60 38.33 -10.33
N LEU B 465 -16.92 38.24 -10.51
CA LEU B 465 -17.69 39.41 -10.89
C LEU B 465 -17.69 40.45 -9.77
N GLU B 466 -17.99 40.04 -8.54
CA GLU B 466 -17.97 41.01 -7.47
C GLU B 466 -16.54 41.38 -7.08
N GLY B 467 -15.57 40.49 -7.32
CA GLY B 467 -14.17 40.89 -7.19
C GLY B 467 -13.82 42.00 -8.16
N LEU B 468 -14.28 41.86 -9.41
CA LEU B 468 -14.12 42.90 -10.41
C LEU B 468 -14.74 44.20 -9.94
N VAL B 469 -15.96 44.12 -9.41
CA VAL B 469 -16.64 45.33 -8.94
C VAL B 469 -15.89 45.95 -7.76
N ARG B 470 -15.37 45.13 -6.86
CA ARG B 470 -14.63 45.67 -5.73
C ARG B 470 -13.36 46.36 -6.16
N ALA B 471 -12.64 45.76 -7.11
CA ALA B 471 -11.45 46.39 -7.63
C ALA B 471 -11.82 47.67 -8.39
N ALA B 472 -12.98 47.69 -9.02
CA ALA B 472 -13.40 48.90 -9.73
C ALA B 472 -13.70 50.03 -8.76
N GLN B 473 -14.39 49.70 -7.67
CA GLN B 473 -14.56 50.64 -6.57
C GLN B 473 -13.20 51.18 -6.19
N SER B 474 -12.23 50.29 -6.05
CA SER B 474 -10.91 50.67 -5.59
C SER B 474 -10.23 51.60 -6.58
N THR B 475 -10.36 51.32 -7.88
CA THR B 475 -9.71 52.16 -8.88
C THR B 475 -10.34 53.55 -8.94
N ALA B 476 -11.68 53.62 -8.95
CA ALA B 476 -12.33 54.91 -8.86
C ALA B 476 -11.93 55.63 -7.58
N MET B 477 -11.72 54.87 -6.51
CA MET B 477 -11.44 55.42 -5.21
C MET B 477 -10.08 56.09 -5.19
N ASN B 478 -9.03 55.35 -5.57
CA ASN B 478 -7.72 55.98 -5.64
C ASN B 478 -7.57 56.89 -6.85
N ARG B 479 -8.57 56.93 -7.74
CA ARG B 479 -8.58 57.96 -8.79
C ARG B 479 -8.93 59.31 -8.18
N HIS B 480 -10.06 59.40 -7.49
CA HIS B 480 -10.50 60.73 -7.08
C HIS B 480 -9.69 61.30 -5.93
N ILE B 481 -8.72 60.57 -5.37
CA ILE B 481 -7.84 61.15 -4.37
C ILE B 481 -7.06 62.30 -4.99
N ILE B 482 -6.88 63.36 -4.22
CA ILE B 482 -6.09 64.50 -4.67
C ILE B 482 -4.62 64.09 -4.64
N VAL B 499 -17.33 62.02 -4.44
CA VAL B 499 -17.96 62.26 -5.72
C VAL B 499 -17.32 61.40 -6.80
N THR B 500 -16.88 60.21 -6.39
CA THR B 500 -16.22 59.30 -7.30
C THR B 500 -17.23 58.52 -8.13
N ARG B 501 -16.77 58.03 -9.28
CA ARG B 501 -17.60 57.25 -10.20
C ARG B 501 -16.77 56.14 -10.82
N GLY B 502 -17.46 55.07 -11.21
CA GLY B 502 -16.82 53.93 -11.86
C GLY B 502 -17.20 53.84 -13.33
N ASP B 503 -16.24 54.07 -14.21
CA ASP B 503 -16.44 54.04 -15.64
C ASP B 503 -15.44 53.10 -16.32
N PHE B 504 -15.96 52.24 -17.20
CA PHE B 504 -15.15 51.25 -17.91
C PHE B 504 -14.36 50.38 -16.94
N LEU B 505 -15.06 49.99 -15.87
CA LEU B 505 -14.46 49.14 -14.86
C LEU B 505 -14.05 47.81 -15.44
N ALA B 506 -14.89 47.24 -16.29
CA ALA B 506 -14.56 45.95 -16.88
C ALA B 506 -13.31 46.09 -17.72
N SER B 507 -13.21 47.17 -18.46
CA SER B 507 -12.09 47.38 -19.35
C SER B 507 -10.79 47.42 -18.56
N LEU B 508 -10.78 48.15 -17.46
CA LEU B 508 -9.58 48.21 -16.62
C LEU B 508 -9.30 46.89 -15.90
N GLU B 509 -10.32 46.32 -15.25
CA GLU B 509 -10.18 45.13 -14.41
C GLU B 509 -9.96 43.80 -15.14
N ASN B 510 -10.57 43.60 -16.30
CA ASN B 510 -10.60 42.28 -16.92
C ASN B 510 -9.20 41.72 -17.17
N ASP B 511 -8.29 42.55 -17.68
CA ASP B 511 -6.94 42.06 -17.92
C ASP B 511 -6.25 41.69 -16.61
N ILE B 512 -6.44 42.47 -15.56
CA ILE B 512 -5.76 42.23 -14.30
C ILE B 512 -6.28 40.99 -13.57
N LYS B 513 -7.58 40.71 -13.62
CA LYS B 513 -8.13 39.59 -12.82
C LYS B 513 -8.01 38.22 -13.48
N PRO B 514 -7.31 37.24 -12.86
CA PRO B 514 -7.28 35.90 -13.45
C PRO B 514 -8.65 35.27 -13.33
N ALA B 515 -8.94 34.34 -14.23
CA ALA B 515 -10.23 33.67 -14.24
C ALA B 515 -10.05 32.16 -14.27
N PHE B 516 -11.08 31.47 -13.77
CA PHE B 516 -11.09 30.01 -13.75
C PHE B 516 -11.06 29.50 -15.19
N GLY B 517 -11.72 30.21 -16.08
CA GLY B 517 -11.80 29.90 -17.49
C GLY B 517 -10.47 30.25 -18.12
N THR B 518 -10.50 30.87 -19.30
CA THR B 518 -9.26 31.29 -19.94
C THR B 518 -8.46 32.24 -19.08
N ASN B 519 -7.15 32.13 -19.23
CA ASN B 519 -6.26 33.21 -18.84
C ASN B 519 -6.40 34.32 -19.86
N GLN B 520 -6.30 35.57 -19.40
CA GLN B 520 -6.40 36.69 -20.30
C GLN B 520 -5.30 36.64 -21.36
N GLU B 521 -4.04 36.65 -20.92
CA GLU B 521 -2.92 36.32 -21.80
C GLU B 521 -1.84 35.66 -20.96
N ASP B 522 -1.70 34.33 -21.14
CA ASP B 522 -0.54 33.59 -20.68
C ASP B 522 0.25 33.02 -21.86
N TYR B 523 0.06 33.59 -23.05
CA TYR B 523 0.58 33.02 -24.28
C TYR B 523 2.04 33.34 -24.55
N ALA B 524 2.59 34.37 -23.93
CA ALA B 524 3.88 34.89 -24.34
C ALA B 524 4.98 33.85 -24.26
N SER B 525 4.86 32.91 -23.32
CA SER B 525 5.84 31.85 -23.20
C SER B 525 5.91 31.00 -24.47
N TYR B 526 4.76 30.76 -25.10
CA TYR B 526 4.69 29.94 -26.29
C TYR B 526 4.91 30.77 -27.55
N ILE B 527 4.18 31.87 -27.67
CA ILE B 527 4.42 32.85 -28.72
C ILE B 527 4.97 34.11 -28.08
N MET B 528 6.30 34.19 -28.00
CA MET B 528 6.99 35.39 -27.52
C MET B 528 7.29 36.37 -28.64
N ASN B 529 7.65 35.86 -29.81
CA ASN B 529 8.12 36.66 -30.94
C ASN B 529 7.07 36.86 -32.01
N GLY B 530 5.83 36.41 -31.79
CA GLY B 530 4.81 36.59 -32.79
C GLY B 530 4.87 35.56 -33.89
N ILE B 531 4.06 35.79 -34.92
CA ILE B 531 3.92 34.86 -36.04
C ILE B 531 4.20 35.62 -37.33
N ILE B 532 5.14 35.11 -38.12
CA ILE B 532 5.40 35.59 -39.47
C ILE B 532 5.00 34.49 -40.42
N LYS B 533 4.02 34.75 -41.28
CA LYS B 533 3.70 33.79 -42.31
C LYS B 533 4.73 33.92 -43.43
N TRP B 534 5.48 32.85 -43.68
CA TRP B 534 6.47 32.92 -44.75
C TRP B 534 5.83 32.67 -46.11
N GLY B 535 4.89 31.74 -46.16
CA GLY B 535 4.23 31.38 -47.40
C GLY B 535 2.80 30.93 -47.18
N ASP B 536 2.33 30.09 -48.10
CA ASP B 536 1.00 29.52 -48.15
C ASP B 536 0.69 28.48 -47.08
N PRO B 537 1.63 27.60 -46.68
CA PRO B 537 1.28 26.56 -45.71
C PRO B 537 0.77 27.10 -44.39
N VAL B 538 1.24 28.27 -43.99
CA VAL B 538 0.79 28.88 -42.74
C VAL B 538 -0.71 29.15 -42.81
N THR B 539 -1.12 29.92 -43.83
CA THR B 539 -2.53 30.21 -44.03
C THR B 539 -3.33 28.94 -44.21
N ARG B 540 -2.74 27.93 -44.85
CA ARG B 540 -3.45 26.68 -45.08
C ARG B 540 -3.78 26.00 -43.74
N VAL B 541 -2.77 25.79 -42.91
CA VAL B 541 -3.01 25.14 -41.63
C VAL B 541 -3.94 25.98 -40.79
N LEU B 542 -3.83 27.30 -40.88
CA LEU B 542 -4.56 28.14 -39.94
C LEU B 542 -6.04 28.25 -40.33
N ASP B 543 -6.34 28.37 -41.63
CA ASP B 543 -7.74 28.42 -42.01
C ASP B 543 -8.37 27.04 -41.89
N ASP B 544 -7.57 25.98 -42.07
CA ASP B 544 -8.04 24.66 -41.69
C ASP B 544 -8.42 24.63 -40.23
N GLY B 545 -7.63 25.31 -39.39
CA GLY B 545 -7.93 25.35 -37.98
C GLY B 545 -9.25 26.04 -37.69
N GLU B 546 -9.46 27.22 -38.27
CA GLU B 546 -10.71 27.93 -37.98
C GLU B 546 -11.91 27.19 -38.58
N LEU B 547 -11.71 26.55 -39.72
CA LEU B 547 -12.72 25.65 -40.29
C LEU B 547 -13.12 24.59 -39.28
N LEU B 548 -12.13 23.85 -38.79
CA LEU B 548 -12.38 22.80 -37.81
C LEU B 548 -12.94 23.37 -36.52
N VAL B 549 -12.65 24.64 -36.23
CA VAL B 549 -13.22 25.29 -35.06
C VAL B 549 -14.72 25.43 -35.22
N GLN B 550 -15.15 26.13 -36.26
CA GLN B 550 -16.58 26.36 -36.42
C GLN B 550 -17.32 25.05 -36.66
N GLN B 551 -16.60 24.01 -37.09
CA GLN B 551 -17.15 22.67 -37.12
C GLN B 551 -17.66 22.19 -35.76
N THR B 552 -17.17 22.74 -34.66
CA THR B 552 -17.69 22.34 -33.36
C THR B 552 -18.94 23.13 -33.00
N LYS B 553 -18.85 24.46 -33.04
CA LYS B 553 -19.98 25.29 -32.63
C LYS B 553 -21.20 25.05 -33.51
N ASN B 554 -21.01 24.94 -34.82
CA ASN B 554 -22.11 24.86 -35.75
C ASN B 554 -22.57 23.43 -36.01
N SER B 555 -22.26 22.50 -35.11
CA SER B 555 -22.53 21.09 -35.34
C SER B 555 -23.06 20.43 -34.08
N ASP B 556 -23.68 19.28 -34.31
CA ASP B 556 -24.11 18.34 -33.29
C ASP B 556 -23.42 17.01 -33.59
N ARG B 557 -23.67 16.00 -32.76
CA ARG B 557 -23.28 14.61 -33.00
C ARG B 557 -21.78 14.45 -33.29
N THR B 558 -20.97 15.39 -32.84
CA THR B 558 -19.52 15.24 -32.77
C THR B 558 -19.00 16.25 -31.76
N PRO B 559 -19.29 16.08 -30.47
CA PRO B 559 -19.00 17.15 -29.52
C PRO B 559 -17.53 17.47 -29.38
N LEU B 560 -16.66 16.55 -29.76
CA LEU B 560 -15.22 16.80 -29.77
C LEU B 560 -14.64 16.40 -31.11
N VAL B 561 -13.59 17.11 -31.49
CA VAL B 561 -12.74 16.74 -32.60
C VAL B 561 -11.31 16.95 -32.16
N SER B 562 -10.52 15.89 -32.20
CA SER B 562 -9.14 15.92 -31.77
C SER B 562 -8.22 15.90 -32.98
N VAL B 563 -7.20 16.76 -32.95
CA VAL B 563 -6.34 16.98 -34.09
C VAL B 563 -4.91 17.00 -33.59
N LEU B 564 -4.06 16.25 -34.27
CA LEU B 564 -2.62 16.31 -34.11
C LEU B 564 -2.07 17.18 -35.22
N LEU B 565 -1.17 18.09 -34.87
CA LEU B 565 -0.50 18.95 -35.85
C LEU B 565 0.97 18.80 -35.56
N GLU B 566 1.65 18.07 -36.44
CA GLU B 566 2.99 17.56 -36.21
C GLU B 566 3.86 17.90 -37.40
N GLY B 567 5.13 17.57 -37.26
CA GLY B 567 6.11 17.84 -38.27
C GLY B 567 7.49 17.58 -37.71
N PRO B 568 8.50 17.96 -38.46
CA PRO B 568 9.84 17.88 -37.92
C PRO B 568 10.01 18.81 -36.74
N PRO B 569 11.05 18.63 -35.95
CA PRO B 569 11.24 19.47 -34.77
C PRO B 569 11.58 20.90 -35.14
N HIS B 570 11.42 21.77 -34.14
CA HIS B 570 11.72 23.19 -34.28
C HIS B 570 10.89 23.89 -35.37
N SER B 571 9.59 23.57 -35.47
CA SER B 571 8.77 24.15 -36.54
C SER B 571 7.52 24.88 -36.07
N GLY B 572 7.47 25.37 -34.83
CA GLY B 572 6.32 26.11 -34.36
C GLY B 572 5.00 25.38 -34.16
N LYS B 573 5.06 24.08 -33.86
CA LYS B 573 3.85 23.31 -33.65
C LYS B 573 3.02 23.83 -32.47
N THR B 574 3.66 24.14 -31.35
CA THR B 574 2.92 24.67 -30.22
C THR B 574 2.34 26.04 -30.53
N ALA B 575 3.13 26.88 -31.21
CA ALA B 575 2.69 28.23 -31.51
C ALA B 575 1.46 28.23 -32.38
N LEU B 576 1.41 27.37 -33.41
CA LEU B 576 0.23 27.35 -34.24
C LEU B 576 -1.00 26.97 -33.44
N ALA B 577 -0.85 26.01 -32.52
CA ALA B 577 -1.96 25.63 -31.65
C ALA B 577 -2.43 26.84 -30.84
N ALA B 578 -1.49 27.57 -30.27
CA ALA B 578 -1.84 28.73 -29.47
C ALA B 578 -2.55 29.78 -30.30
N LYS B 579 -2.09 30.00 -31.53
CA LYS B 579 -2.70 31.03 -32.37
C LYS B 579 -4.10 30.62 -32.80
N ILE B 580 -4.27 29.35 -33.15
CA ILE B 580 -5.61 28.82 -33.39
C ILE B 580 -6.51 29.14 -32.22
N ALA B 581 -6.06 28.79 -31.01
CA ALA B 581 -6.86 29.03 -29.82
C ALA B 581 -7.17 30.51 -29.63
N GLU B 582 -6.17 31.37 -29.80
CA GLU B 582 -6.36 32.80 -29.60
C GLU B 582 -7.37 33.36 -30.59
N GLU B 583 -7.12 33.15 -31.88
CA GLU B 583 -7.98 33.72 -32.91
C GLU B 583 -9.37 33.10 -32.91
N SER B 584 -9.54 31.94 -32.26
CA SER B 584 -10.83 31.25 -32.26
C SER B 584 -11.83 31.76 -31.23
N ASN B 585 -11.42 32.59 -30.27
CA ASN B 585 -12.37 33.22 -29.33
C ASN B 585 -13.14 32.18 -28.50
N PHE B 586 -12.36 31.37 -27.78
CA PHE B 586 -12.87 30.32 -26.91
C PHE B 586 -12.74 30.70 -25.43
N PRO B 587 -13.80 30.54 -24.64
CA PRO B 587 -13.72 30.93 -23.23
C PRO B 587 -12.76 30.10 -22.39
N PHE B 588 -12.66 28.79 -22.63
CA PHE B 588 -11.89 27.88 -21.78
C PHE B 588 -10.50 27.51 -22.32
N ILE B 589 -9.87 28.33 -23.16
CA ILE B 589 -8.57 27.90 -23.70
C ILE B 589 -7.61 27.62 -22.55
N LYS B 590 -6.94 26.49 -22.63
CA LYS B 590 -5.98 26.10 -21.62
C LYS B 590 -4.91 25.23 -22.26
N ILE B 591 -3.75 25.19 -21.62
CA ILE B 591 -2.60 24.42 -22.09
C ILE B 591 -2.21 23.44 -21.01
N CYS B 592 -1.68 22.29 -21.43
CA CYS B 592 -1.35 21.16 -20.57
C CYS B 592 0.14 20.85 -20.66
N SER B 593 0.95 21.89 -20.73
CA SER B 593 2.34 21.72 -21.14
C SER B 593 3.12 20.88 -20.12
N PRO B 594 3.94 19.93 -20.58
CA PRO B 594 4.77 19.15 -19.63
C PRO B 594 5.67 20.03 -18.80
N ASP B 595 6.01 21.21 -19.31
CA ASP B 595 6.67 22.26 -18.54
C ASP B 595 6.13 22.36 -17.13
N LYS B 596 4.82 22.47 -17.00
CA LYS B 596 4.24 22.65 -15.67
C LYS B 596 4.44 21.41 -14.82
N MET B 597 4.38 20.23 -15.43
CA MET B 597 4.44 18.96 -14.72
C MET B 597 5.80 18.31 -15.00
N ILE B 598 6.75 18.52 -14.09
CA ILE B 598 8.07 17.91 -14.21
C ILE B 598 8.51 17.49 -12.82
N GLY B 599 9.26 16.40 -12.75
CA GLY B 599 9.59 15.82 -11.48
C GLY B 599 8.40 15.20 -10.80
N PHE B 600 7.41 14.80 -11.58
CA PHE B 600 6.20 14.16 -11.07
C PHE B 600 6.20 12.69 -11.45
N SER B 601 5.77 11.87 -10.50
CA SER B 601 5.46 10.49 -10.84
C SER B 601 4.30 10.47 -11.82
N GLU B 602 4.29 9.43 -12.66
CA GLU B 602 3.34 9.38 -13.76
C GLU B 602 1.90 9.44 -13.29
N THR B 603 1.62 8.95 -12.08
CA THR B 603 0.26 9.04 -11.57
C THR B 603 -0.15 10.49 -11.30
N ALA B 604 0.73 11.27 -10.67
CA ALA B 604 0.41 12.67 -10.43
C ALA B 604 0.33 13.43 -11.74
N LYS B 605 1.18 13.08 -12.69
CA LYS B 605 1.08 13.63 -14.04
C LYS B 605 -0.30 13.37 -14.62
N CYS B 606 -0.79 12.14 -14.45
CA CYS B 606 -2.13 11.78 -14.92
C CYS B 606 -3.16 12.67 -14.27
N GLN B 607 -3.00 12.94 -12.98
CA GLN B 607 -4.05 13.66 -12.26
C GLN B 607 -4.07 15.13 -12.65
N ALA B 608 -2.89 15.73 -12.80
CA ALA B 608 -2.81 17.10 -13.28
C ALA B 608 -3.21 17.23 -14.74
N MET B 609 -3.27 16.13 -15.49
CA MET B 609 -3.86 16.18 -16.82
C MET B 609 -5.36 15.94 -16.84
N LYS B 610 -5.91 15.10 -15.95
CA LYS B 610 -7.35 14.91 -15.97
C LYS B 610 -8.08 16.12 -15.40
N LYS B 611 -7.43 16.84 -14.48
CA LYS B 611 -8.08 17.98 -13.84
C LYS B 611 -8.60 18.98 -14.86
N ILE B 612 -7.75 19.32 -15.83
CA ILE B 612 -8.10 20.35 -16.79
C ILE B 612 -9.21 19.88 -17.71
N PHE B 613 -9.26 18.59 -18.04
CA PHE B 613 -10.35 18.10 -18.85
C PHE B 613 -11.66 18.11 -18.07
N ASP B 614 -11.60 17.84 -16.77
CA ASP B 614 -12.81 17.95 -15.96
C ASP B 614 -13.29 19.40 -15.94
N ASP B 615 -12.37 20.33 -15.73
CA ASP B 615 -12.69 21.74 -15.79
C ASP B 615 -13.28 22.13 -17.14
N ALA B 616 -12.84 21.48 -18.22
CA ALA B 616 -13.42 21.74 -19.53
C ALA B 616 -14.83 21.20 -19.62
N TYR B 617 -15.06 20.01 -19.05
CA TYR B 617 -16.38 19.43 -19.01
C TYR B 617 -17.35 20.32 -18.25
N LYS B 618 -16.85 21.15 -17.35
CA LYS B 618 -17.70 22.15 -16.71
C LYS B 618 -18.31 23.08 -17.75
N SER B 619 -17.47 23.77 -18.51
CA SER B 619 -17.93 24.83 -19.41
C SER B 619 -18.56 24.25 -20.67
N GLN B 620 -19.09 25.15 -21.51
CA GLN B 620 -19.77 24.74 -22.73
C GLN B 620 -18.78 24.43 -23.84
N LEU B 621 -17.85 25.34 -24.09
CA LEU B 621 -16.87 25.22 -25.16
C LEU B 621 -15.46 25.21 -24.57
N SER B 622 -14.52 24.72 -25.37
CA SER B 622 -13.12 24.70 -24.98
C SER B 622 -12.26 24.27 -26.15
N CYS B 623 -11.00 24.71 -26.12
CA CYS B 623 -9.95 24.12 -26.95
C CYS B 623 -8.74 23.94 -26.05
N VAL B 624 -8.58 22.75 -25.62
CA VAL B 624 -7.42 22.34 -24.83
C VAL B 624 -6.32 21.94 -25.81
N VAL B 625 -5.07 22.14 -25.42
CA VAL B 625 -3.93 21.80 -26.25
C VAL B 625 -2.94 21.05 -25.39
N VAL B 626 -2.48 19.90 -25.88
CA VAL B 626 -1.38 19.18 -25.29
C VAL B 626 -0.12 19.47 -26.10
N ASP B 627 0.95 19.83 -25.42
CA ASP B 627 2.19 20.22 -26.05
C ASP B 627 3.22 19.13 -25.85
N ASP B 628 3.98 18.86 -26.91
CA ASP B 628 5.14 17.99 -26.87
C ASP B 628 4.80 16.64 -26.22
N ILE B 629 3.86 15.95 -26.84
CA ILE B 629 3.34 14.69 -26.30
C ILE B 629 4.46 13.70 -26.06
N GLU B 630 5.48 13.68 -26.93
CA GLU B 630 6.58 12.76 -26.72
C GLU B 630 7.32 13.03 -25.41
N ARG B 631 7.16 14.23 -24.83
CA ARG B 631 7.69 14.55 -23.52
C ARG B 631 6.65 14.35 -22.44
N LEU B 632 5.39 14.66 -22.74
CA LEU B 632 4.32 14.51 -21.77
C LEU B 632 4.20 13.06 -21.35
N LEU B 633 4.25 12.17 -22.33
CA LEU B 633 4.35 10.74 -22.10
C LEU B 633 5.78 10.57 -22.53
N ASP B 634 6.66 10.24 -21.60
CA ASP B 634 8.06 10.25 -21.93
C ASP B 634 8.38 9.11 -22.89
N TYR B 635 9.02 9.45 -24.00
CA TYR B 635 9.47 8.45 -24.95
C TYR B 635 10.94 8.73 -25.19
N VAL B 636 11.75 7.67 -25.11
CA VAL B 636 13.17 7.76 -25.35
C VAL B 636 13.49 6.78 -26.48
N PRO B 637 14.18 7.20 -27.54
CA PRO B 637 14.52 6.23 -28.59
C PRO B 637 15.42 5.11 -28.11
N ILE B 638 16.36 5.38 -27.21
CA ILE B 638 17.32 4.36 -26.79
C ILE B 638 16.60 3.55 -25.72
N GLY B 639 16.11 2.41 -26.17
CA GLY B 639 15.35 1.47 -25.40
C GLY B 639 13.92 1.92 -25.58
N PRO B 640 12.94 1.01 -25.53
CA PRO B 640 11.55 1.47 -25.59
C PRO B 640 11.00 1.53 -24.18
N ARG B 641 10.95 2.74 -23.64
CA ARG B 641 10.43 2.99 -22.30
C ARG B 641 9.46 4.16 -22.37
N PHE B 642 8.27 4.00 -21.82
CA PHE B 642 7.29 5.07 -21.85
C PHE B 642 6.37 4.96 -20.64
N SER B 643 5.50 5.95 -20.50
CA SER B 643 4.57 6.05 -19.39
C SER B 643 3.20 5.52 -19.83
N ASN B 644 2.98 4.24 -19.53
CA ASN B 644 1.77 3.54 -19.96
C ASN B 644 0.54 4.23 -19.41
N LEU B 645 0.58 4.57 -18.13
CA LEU B 645 -0.60 5.08 -17.45
C LEU B 645 -1.04 6.40 -18.07
N VAL B 646 -0.11 7.32 -18.25
CA VAL B 646 -0.47 8.62 -18.81
C VAL B 646 -0.97 8.44 -20.23
N LEU B 647 -0.35 7.53 -20.98
CA LEU B 647 -0.79 7.29 -22.34
C LEU B 647 -2.23 6.83 -22.36
N GLN B 648 -2.56 5.83 -21.54
CA GLN B 648 -3.90 5.27 -21.54
C GLN B 648 -4.92 6.30 -21.12
N ALA B 649 -4.58 7.08 -20.09
CA ALA B 649 -5.46 8.15 -19.66
C ALA B 649 -5.73 9.13 -20.78
N LEU B 650 -4.66 9.64 -21.40
CA LEU B 650 -4.79 10.57 -22.50
C LEU B 650 -5.66 10.02 -23.62
N LEU B 651 -5.47 8.74 -23.95
CA LEU B 651 -6.18 8.16 -25.08
C LEU B 651 -7.67 8.01 -24.78
N VAL B 652 -8.01 7.48 -23.60
CA VAL B 652 -9.41 7.37 -23.28
C VAL B 652 -10.04 8.74 -23.13
N LEU B 653 -9.27 9.74 -22.70
CA LEU B 653 -9.78 11.09 -22.61
C LEU B 653 -10.09 11.65 -23.99
N LEU B 654 -9.30 11.28 -25.00
CA LEU B 654 -9.69 11.57 -26.37
C LEU B 654 -10.99 10.86 -26.73
N LYS B 655 -11.15 9.64 -26.24
CA LYS B 655 -12.34 8.83 -26.53
C LYS B 655 -13.49 9.11 -25.57
N LYS B 656 -13.43 10.20 -24.82
CA LYS B 656 -14.40 10.51 -23.78
C LYS B 656 -15.48 11.42 -24.34
N ALA B 657 -16.70 10.94 -24.39
CA ALA B 657 -17.83 11.79 -24.74
C ALA B 657 -18.16 12.70 -23.57
N PRO B 658 -18.04 14.02 -23.69
CA PRO B 658 -18.39 14.88 -22.56
C PRO B 658 -19.88 14.94 -22.36
N PRO B 659 -20.33 15.62 -21.30
CA PRO B 659 -21.77 15.70 -21.02
C PRO B 659 -22.55 16.37 -22.16
N GLN B 660 -23.84 16.05 -22.18
CA GLN B 660 -24.78 16.60 -23.15
C GLN B 660 -24.69 18.11 -23.20
N GLY B 661 -24.43 18.65 -24.39
CA GLY B 661 -24.36 20.07 -24.63
C GLY B 661 -22.95 20.62 -24.73
N ARG B 662 -22.00 19.97 -24.07
CA ARG B 662 -20.65 20.49 -23.97
C ARG B 662 -19.79 19.99 -25.12
N LYS B 663 -18.70 20.70 -25.38
CA LYS B 663 -17.93 20.52 -26.60
C LYS B 663 -16.45 20.75 -26.32
N LEU B 664 -15.60 20.12 -27.13
CA LEU B 664 -14.15 20.28 -27.02
C LEU B 664 -13.51 20.37 -28.39
N LEU B 665 -12.33 20.96 -28.41
CA LEU B 665 -11.49 21.10 -29.59
C LEU B 665 -10.07 20.64 -29.30
N ILE B 666 -9.93 19.49 -28.64
CA ILE B 666 -8.61 19.02 -28.20
C ILE B 666 -7.59 19.09 -29.33
N ILE B 667 -6.39 19.53 -28.97
CA ILE B 667 -5.25 19.70 -29.85
C ILE B 667 -4.11 18.90 -29.24
N GLY B 668 -3.21 18.43 -30.08
CA GLY B 668 -2.02 17.78 -29.62
C GLY B 668 -0.88 18.04 -30.57
N THR B 669 0.32 18.20 -30.05
CA THR B 669 1.52 18.38 -30.86
C THR B 669 2.48 17.22 -30.65
N THR B 670 3.17 16.83 -31.73
CA THR B 670 4.29 15.92 -31.65
C THR B 670 5.37 16.41 -32.60
N SER B 671 6.60 16.03 -32.28
CA SER B 671 7.70 16.13 -33.23
C SER B 671 7.92 14.85 -34.01
N ARG B 672 7.37 13.73 -33.52
CA ARG B 672 7.54 12.44 -34.16
C ARG B 672 6.20 11.73 -34.18
N LYS B 673 5.84 11.23 -35.36
CA LYS B 673 4.56 10.59 -35.60
C LYS B 673 4.66 9.08 -35.77
N ASP B 674 5.84 8.56 -36.12
CA ASP B 674 5.99 7.14 -36.40
C ASP B 674 5.79 6.30 -35.15
N VAL B 675 6.26 6.80 -34.00
CA VAL B 675 6.08 6.06 -32.77
C VAL B 675 4.60 5.99 -32.43
N LEU B 676 3.84 7.04 -32.74
CA LEU B 676 2.40 6.99 -32.52
C LEU B 676 1.74 5.99 -33.44
N GLN B 677 2.15 5.93 -34.72
CA GLN B 677 1.63 4.89 -35.61
C GLN B 677 1.91 3.50 -35.05
N GLU B 678 3.08 3.32 -34.43
CA GLU B 678 3.31 2.07 -33.72
C GLU B 678 2.35 1.92 -32.56
N MET B 679 2.13 2.99 -31.81
CA MET B 679 1.61 2.93 -30.46
C MET B 679 0.10 3.17 -30.35
N GLU B 680 -0.61 3.27 -31.49
CA GLU B 680 -2.07 3.38 -31.63
C GLU B 680 -2.68 4.74 -31.29
N MET B 681 -1.89 5.77 -30.98
CA MET B 681 -2.47 7.06 -30.61
C MET B 681 -3.18 7.73 -31.80
N LEU B 682 -2.59 7.64 -32.98
CA LEU B 682 -3.12 8.32 -34.16
C LEU B 682 -4.52 7.88 -34.51
N ASN B 683 -4.83 6.62 -34.28
CA ASN B 683 -6.15 6.11 -34.63
C ASN B 683 -7.21 6.92 -33.91
N ALA B 684 -6.93 7.29 -32.65
CA ALA B 684 -7.87 8.08 -31.86
C ALA B 684 -8.10 9.45 -32.48
N PHE B 685 -7.04 10.09 -32.97
CA PHE B 685 -7.16 11.43 -33.53
C PHE B 685 -7.93 11.44 -34.84
N SER B 686 -8.69 12.52 -35.02
CA SER B 686 -9.50 12.70 -36.22
C SER B 686 -8.65 12.84 -37.47
N THR B 687 -7.50 13.49 -37.36
CA THR B 687 -6.78 13.95 -38.55
C THR B 687 -5.39 14.40 -38.14
N THR B 688 -4.65 14.88 -39.13
CA THR B 688 -3.26 15.27 -38.96
C THR B 688 -3.00 16.51 -39.80
N ILE B 689 -2.18 17.42 -39.28
CA ILE B 689 -1.86 18.68 -39.94
C ILE B 689 -0.35 18.82 -39.97
N HIS B 690 0.26 18.54 -41.12
CA HIS B 690 1.69 18.66 -41.27
C HIS B 690 2.09 20.13 -41.39
N VAL B 691 3.18 20.49 -40.71
CA VAL B 691 3.69 21.86 -40.71
C VAL B 691 5.13 21.83 -41.26
N PRO B 692 5.32 21.88 -42.57
CA PRO B 692 6.65 21.68 -43.13
C PRO B 692 7.69 22.67 -42.62
N ASN B 693 8.93 22.20 -42.60
CA ASN B 693 10.07 23.09 -42.48
C ASN B 693 10.11 24.04 -43.67
N ILE B 694 10.96 25.05 -43.55
CA ILE B 694 11.17 25.94 -44.69
C ILE B 694 11.83 25.12 -45.79
N ALA B 695 11.11 24.89 -46.88
CA ALA B 695 11.61 24.02 -47.94
C ALA B 695 12.51 24.77 -48.91
N THR B 696 12.16 26.02 -49.23
CA THR B 696 12.82 26.77 -50.30
C THR B 696 13.38 28.09 -49.80
N GLY B 697 14.56 28.42 -50.30
CA GLY B 697 15.12 29.73 -50.06
C GLY B 697 14.22 30.85 -50.53
N GLU B 698 13.37 30.58 -51.53
CA GLU B 698 12.42 31.59 -51.97
C GLU B 698 11.44 31.93 -50.86
N GLN B 699 11.07 30.94 -50.04
CA GLN B 699 10.30 31.23 -48.83
C GLN B 699 11.17 31.91 -47.78
N LEU B 700 12.40 31.42 -47.64
CA LEU B 700 13.28 31.91 -46.59
C LEU B 700 13.52 33.41 -46.71
N LEU B 701 13.74 33.88 -47.92
CA LEU B 701 14.11 35.28 -48.11
C LEU B 701 12.96 36.20 -47.72
N GLU B 702 11.74 35.83 -48.07
CA GLU B 702 10.61 36.67 -47.65
C GLU B 702 10.37 36.53 -46.16
N ALA B 703 10.69 35.38 -45.57
CA ALA B 703 10.66 35.29 -44.12
C ALA B 703 11.62 36.30 -43.50
N LEU B 704 12.81 36.42 -44.06
CA LEU B 704 13.79 37.34 -43.51
C LEU B 704 13.34 38.79 -43.67
N GLU B 705 12.77 39.14 -44.82
CA GLU B 705 12.35 40.53 -44.97
C GLU B 705 11.14 40.82 -44.08
N LEU B 706 10.29 39.83 -43.87
CA LEU B 706 9.19 39.99 -42.91
C LEU B 706 9.73 40.26 -41.52
N LEU B 707 10.77 39.53 -41.13
CA LEU B 707 11.35 39.75 -39.80
C LEU B 707 12.00 41.12 -39.73
N GLY B 708 12.70 41.52 -40.78
CA GLY B 708 13.21 42.87 -40.90
C GLY B 708 14.59 43.12 -40.35
N ASN B 709 15.44 42.09 -40.25
CA ASN B 709 16.78 42.28 -39.71
C ASN B 709 17.80 42.65 -40.79
N PHE B 710 17.86 41.88 -41.87
CA PHE B 710 18.80 42.15 -42.95
C PHE B 710 18.16 43.13 -43.94
N LYS B 711 18.99 43.64 -44.85
CA LYS B 711 18.56 44.59 -45.85
C LYS B 711 19.09 44.18 -47.21
N ASP B 712 18.64 44.94 -48.23
CA ASP B 712 18.71 44.50 -49.62
C ASP B 712 20.10 44.09 -50.04
N LYS B 713 21.14 44.80 -49.55
CA LYS B 713 22.48 44.60 -50.06
C LYS B 713 22.99 43.21 -49.74
N GLU B 714 23.03 42.85 -48.45
CA GLU B 714 23.48 41.53 -48.05
C GLU B 714 22.45 40.47 -48.43
N ARG B 715 21.17 40.82 -48.35
CA ARG B 715 20.12 39.88 -48.70
C ARG B 715 20.25 39.41 -50.14
N THR B 716 20.75 40.27 -51.03
CA THR B 716 21.07 39.87 -52.39
C THR B 716 22.10 38.73 -52.38
N THR B 717 23.14 38.87 -51.57
CA THR B 717 24.18 37.85 -51.50
C THR B 717 23.60 36.52 -51.03
N ILE B 718 22.83 36.56 -49.94
CA ILE B 718 22.26 35.32 -49.42
C ILE B 718 21.30 34.69 -50.43
N ALA B 719 20.49 35.51 -51.10
CA ALA B 719 19.57 34.98 -52.10
C ALA B 719 20.35 34.32 -53.23
N GLN B 720 21.46 34.94 -53.63
CA GLN B 720 22.27 34.40 -54.71
C GLN B 720 22.88 33.08 -54.31
N GLN B 721 23.30 32.96 -53.05
CA GLN B 721 23.91 31.71 -52.62
C GLN B 721 22.87 30.60 -52.55
N VAL B 722 21.65 30.93 -52.11
CA VAL B 722 20.62 29.90 -51.98
C VAL B 722 19.94 29.57 -53.30
N LYS B 723 20.31 30.22 -54.41
CA LYS B 723 19.62 29.96 -55.68
C LYS B 723 19.73 28.49 -56.08
N GLY B 724 18.58 27.86 -56.29
CA GLY B 724 18.51 26.53 -56.84
C GLY B 724 18.57 25.42 -55.82
N LYS B 725 19.21 25.66 -54.67
CA LYS B 725 19.36 24.63 -53.67
C LYS B 725 18.10 24.56 -52.80
N LYS B 726 17.91 23.39 -52.20
CA LYS B 726 16.78 23.14 -51.32
C LYS B 726 17.25 23.12 -49.88
N VAL B 727 16.38 23.56 -48.99
CA VAL B 727 16.71 23.78 -47.59
C VAL B 727 15.73 23.01 -46.73
N TRP B 728 16.24 22.49 -45.61
CA TRP B 728 15.45 21.70 -44.67
C TRP B 728 15.82 22.26 -43.30
N ILE B 729 14.97 23.15 -42.79
CA ILE B 729 15.30 23.94 -41.62
C ILE B 729 14.02 24.30 -40.89
N GLY B 730 14.04 24.11 -39.57
CA GLY B 730 13.00 24.62 -38.72
C GLY B 730 13.35 26.02 -38.24
N ILE B 731 12.33 26.86 -38.14
CA ILE B 731 12.57 28.26 -37.91
C ILE B 731 12.92 28.58 -36.45
N LYS B 732 12.48 27.76 -35.51
CA LYS B 732 12.96 27.93 -34.14
C LYS B 732 14.46 27.68 -34.03
N LYS B 733 15.05 26.99 -35.01
CA LYS B 733 16.50 26.88 -35.16
C LYS B 733 17.04 28.04 -35.98
N LEU B 734 16.24 28.50 -36.95
CA LEU B 734 16.65 29.63 -37.79
C LEU B 734 16.95 30.85 -36.93
N LEU B 735 15.96 31.28 -36.13
CA LEU B 735 16.11 32.43 -35.24
C LEU B 735 17.39 32.36 -34.43
N MET B 736 17.70 31.18 -33.90
CA MET B 736 18.92 30.98 -33.16
C MET B 736 20.13 31.28 -34.03
N LEU B 737 20.10 30.76 -35.27
CA LEU B 737 21.21 31.03 -36.19
C LEU B 737 21.29 32.51 -36.52
N ILE B 738 20.15 33.19 -36.58
CA ILE B 738 20.10 34.62 -36.88
C ILE B 738 20.88 35.38 -35.82
N GLU B 739 20.56 35.15 -34.55
CA GLU B 739 21.23 35.92 -33.51
C GLU B 739 22.68 35.50 -33.34
N MET B 740 22.95 34.21 -33.53
CA MET B 740 24.32 33.71 -33.51
C MET B 740 25.14 34.30 -34.66
N SER B 741 24.49 34.75 -35.73
CA SER B 741 25.15 35.52 -36.76
C SER B 741 25.34 36.96 -36.30
N LEU B 742 24.24 37.63 -35.92
CA LEU B 742 24.27 39.05 -35.60
C LEU B 742 25.28 39.41 -34.52
N GLN B 743 25.72 38.44 -33.71
CA GLN B 743 26.74 38.71 -32.72
C GLN B 743 28.16 38.53 -33.25
N MET B 744 28.34 38.57 -34.57
CA MET B 744 29.63 38.68 -35.18
C MET B 744 29.66 39.96 -36.01
N ASP B 745 30.86 40.49 -36.22
CA ASP B 745 30.98 41.75 -36.92
C ASP B 745 30.59 41.60 -38.39
N PRO B 746 30.28 42.71 -39.07
CA PRO B 746 29.75 42.60 -40.44
C PRO B 746 30.69 41.94 -41.43
N GLU B 747 31.98 41.83 -41.11
CA GLU B 747 32.93 41.21 -42.02
C GLU B 747 32.59 39.75 -42.26
N TYR B 748 32.53 38.96 -41.17
CA TYR B 748 32.25 37.53 -41.25
C TYR B 748 30.83 37.21 -40.78
N ARG B 749 29.96 38.22 -40.66
CA ARG B 749 28.56 38.02 -40.31
C ARG B 749 27.88 36.99 -41.20
N VAL B 750 27.81 37.29 -42.49
CA VAL B 750 27.04 36.46 -43.41
C VAL B 750 27.72 35.12 -43.60
N ARG B 751 29.05 35.09 -43.55
CA ARG B 751 29.72 33.82 -43.77
C ARG B 751 29.57 32.89 -42.58
N LYS B 752 29.52 33.44 -41.36
CA LYS B 752 29.19 32.61 -40.21
C LYS B 752 27.77 32.09 -40.32
N PHE B 753 26.84 32.97 -40.69
CA PHE B 753 25.45 32.57 -40.90
C PHE B 753 25.36 31.39 -41.87
N LEU B 754 25.98 31.54 -43.04
CA LEU B 754 25.82 30.54 -44.08
C LEU B 754 26.60 29.26 -43.76
N ALA B 755 27.75 29.39 -43.11
CA ALA B 755 28.51 28.21 -42.71
C ALA B 755 27.75 27.40 -41.68
N LEU B 756 27.02 28.07 -40.79
CA LEU B 756 26.16 27.34 -39.87
C LEU B 756 24.96 26.76 -40.61
N LEU B 757 24.45 27.49 -41.59
CA LEU B 757 23.28 27.04 -42.34
C LEU B 757 23.55 25.74 -43.05
N ARG B 758 24.70 25.65 -43.73
CA ARG B 758 25.02 24.46 -44.51
C ARG B 758 25.21 23.21 -43.66
N GLU B 759 25.25 23.34 -42.33
CA GLU B 759 25.31 22.17 -41.46
C GLU B 759 24.15 21.22 -41.74
N GLU B 760 22.93 21.73 -41.65
CA GLU B 760 21.74 20.88 -41.76
C GLU B 760 21.66 20.25 -43.14
N GLY B 761 21.49 21.08 -44.18
CA GLY B 761 21.75 20.65 -45.55
C GLY B 761 20.71 19.78 -46.19
N ALA B 762 19.86 19.11 -45.41
CA ALA B 762 18.96 18.11 -45.97
C ALA B 762 17.89 18.75 -46.86
N ILE C 232 -51.99 -14.64 32.04
CA ILE C 232 -51.05 -14.70 30.92
C ILE C 232 -51.01 -13.37 30.19
N ILE C 233 -49.81 -12.97 29.80
CA ILE C 233 -49.60 -11.88 28.85
C ILE C 233 -48.56 -12.35 27.85
N ASN C 234 -48.94 -12.41 26.62
CA ASN C 234 -48.01 -12.62 25.53
C ASN C 234 -47.43 -11.28 25.07
N PRO C 235 -46.22 -11.27 24.49
CA PRO C 235 -45.64 -9.97 24.11
C PRO C 235 -46.40 -9.27 23.01
N ASP C 236 -46.93 -10.01 22.04
CA ASP C 236 -47.55 -9.42 20.87
C ASP C 236 -49.01 -9.08 21.13
N TRP C 237 -49.44 -7.94 20.59
CA TRP C 237 -50.82 -7.50 20.73
C TRP C 237 -51.24 -6.74 19.48
N ASN C 238 -52.35 -7.21 18.89
CA ASN C 238 -53.09 -6.59 17.78
C ASN C 238 -52.20 -5.93 16.72
N PHE C 239 -51.18 -6.67 16.27
CA PHE C 239 -50.36 -6.21 15.15
C PHE C 239 -50.86 -6.89 13.88
N GLU C 240 -50.98 -6.11 12.82
CA GLU C 240 -51.33 -6.67 11.52
C GLU C 240 -50.88 -5.72 10.43
N LYS C 241 -49.98 -6.20 9.56
CA LYS C 241 -49.68 -5.63 8.25
C LYS C 241 -49.56 -4.10 8.27
N MET C 242 -48.66 -3.61 9.12
CA MET C 242 -48.30 -2.21 9.14
C MET C 242 -46.91 -2.06 8.54
N GLY C 243 -46.68 -0.94 7.87
CA GLY C 243 -45.33 -0.71 7.36
C GLY C 243 -44.97 -1.66 6.24
N ILE C 244 -44.12 -2.63 6.62
CA ILE C 244 -43.36 -3.45 5.69
C ILE C 244 -44.24 -4.04 4.59
N GLY C 245 -43.65 -4.15 3.40
CA GLY C 245 -44.23 -4.94 2.33
C GLY C 245 -43.11 -5.46 1.48
N GLY C 246 -43.42 -6.47 0.66
CA GLY C 246 -42.44 -7.04 -0.22
C GLY C 246 -41.46 -8.00 0.43
N LEU C 247 -41.41 -8.06 1.76
CA LEU C 247 -40.45 -8.87 2.51
C LEU C 247 -41.16 -9.86 3.41
N ASP C 248 -42.33 -10.34 2.99
CA ASP C 248 -43.16 -11.16 3.86
C ASP C 248 -42.46 -12.45 4.25
N LYS C 249 -41.73 -13.06 3.31
CA LYS C 249 -41.08 -14.32 3.63
C LYS C 249 -39.91 -14.11 4.59
N GLU C 250 -39.08 -13.11 4.32
CA GLU C 250 -37.98 -12.78 5.20
C GLU C 250 -38.43 -12.25 6.55
N PHE C 251 -39.70 -11.87 6.68
CA PHE C 251 -40.28 -11.51 7.95
C PHE C 251 -40.80 -12.75 8.67
N SER C 252 -41.47 -13.63 7.94
CA SER C 252 -41.97 -14.88 8.50
C SER C 252 -40.85 -15.71 9.09
N ASP C 253 -39.70 -15.72 8.43
CA ASP C 253 -38.57 -16.49 8.94
C ASP C 253 -38.14 -15.99 10.32
N ILE C 254 -37.90 -14.69 10.46
CA ILE C 254 -37.48 -14.16 11.76
C ILE C 254 -38.58 -14.34 12.79
N PHE C 255 -39.83 -14.19 12.38
CA PHE C 255 -40.95 -14.37 13.28
C PHE C 255 -40.97 -15.77 13.86
N ARG C 256 -41.06 -16.78 12.99
CA ARG C 256 -41.19 -18.14 13.47
C ARG C 256 -39.92 -18.63 14.14
N ARG C 257 -38.77 -18.06 13.80
CA ARG C 257 -37.52 -18.57 14.34
C ARG C 257 -37.17 -17.94 15.68
N ALA C 258 -37.57 -16.68 15.90
CA ALA C 258 -37.28 -15.98 17.14
C ALA C 258 -38.44 -15.93 18.13
N PHE C 259 -39.62 -15.49 17.69
CA PHE C 259 -40.70 -15.17 18.61
C PHE C 259 -41.67 -16.30 18.90
N ALA C 260 -41.65 -17.39 18.12
CA ALA C 260 -42.60 -18.48 18.33
C ALA C 260 -42.50 -19.04 19.74
N SER C 261 -41.26 -19.37 20.14
CA SER C 261 -40.95 -19.91 21.47
C SER C 261 -41.66 -19.14 22.55
N ARG C 262 -41.64 -17.82 22.42
CA ARG C 262 -42.37 -16.95 23.32
C ARG C 262 -43.87 -17.12 23.12
N VAL C 263 -44.33 -16.99 21.87
CA VAL C 263 -45.76 -17.12 21.61
C VAL C 263 -46.06 -18.60 21.43
N PHE C 264 -46.01 -19.33 22.53
CA PHE C 264 -46.34 -20.75 22.54
C PHE C 264 -47.01 -21.05 23.87
N PRO C 265 -47.70 -22.17 23.99
CA PRO C 265 -48.18 -22.57 25.30
C PRO C 265 -46.96 -22.81 26.19
N PRO C 266 -46.91 -22.26 27.41
CA PRO C 266 -45.68 -22.45 28.19
C PRO C 266 -45.34 -23.90 28.47
N GLU C 267 -46.36 -24.73 28.70
CA GLU C 267 -46.12 -26.12 29.07
C GLU C 267 -45.26 -26.82 28.04
N ILE C 268 -45.52 -26.56 26.75
CA ILE C 268 -44.78 -27.23 25.69
C ILE C 268 -43.32 -26.83 25.71
N VAL C 269 -43.04 -25.54 25.89
CA VAL C 269 -41.65 -25.10 25.79
C VAL C 269 -40.86 -25.58 27.01
N GLU C 270 -41.42 -25.47 28.22
CA GLU C 270 -40.66 -26.01 29.34
C GLU C 270 -40.61 -27.52 29.31
N GLN C 271 -41.49 -28.16 28.53
CA GLN C 271 -41.36 -29.59 28.27
C GLN C 271 -40.18 -29.86 27.38
N MET C 272 -40.05 -29.08 26.31
CA MET C 272 -38.88 -29.12 25.44
C MET C 272 -37.67 -28.54 26.16
N GLY C 273 -36.52 -28.65 25.50
CA GLY C 273 -35.27 -28.09 26.00
C GLY C 273 -34.90 -26.78 25.35
N CYS C 274 -35.87 -26.10 24.75
CA CYS C 274 -35.57 -24.88 23.98
C CYS C 274 -34.94 -23.81 24.86
N LYS C 275 -34.02 -23.06 24.25
CA LYS C 275 -33.45 -21.84 24.79
C LYS C 275 -33.75 -20.72 23.81
N HIS C 276 -34.32 -19.64 24.31
CA HIS C 276 -34.84 -18.61 23.43
C HIS C 276 -33.69 -17.91 22.70
N VAL C 277 -34.00 -17.37 21.52
CA VAL C 277 -32.97 -16.78 20.67
C VAL C 277 -32.53 -15.43 21.22
N LYS C 278 -31.22 -15.27 21.38
CA LYS C 278 -30.63 -14.03 21.86
C LYS C 278 -30.72 -12.91 20.85
N GLY C 279 -30.50 -13.17 19.56
CA GLY C 279 -30.47 -12.02 18.67
C GLY C 279 -30.69 -12.27 17.19
N ILE C 280 -30.88 -11.15 16.50
CA ILE C 280 -31.13 -11.06 15.07
C ILE C 280 -30.11 -10.12 14.45
N LEU C 281 -29.50 -10.56 13.34
CA LEU C 281 -28.57 -9.75 12.57
C LEU C 281 -29.13 -9.63 11.17
N LEU C 282 -28.86 -8.51 10.52
CA LEU C 282 -29.38 -8.34 9.16
C LEU C 282 -28.58 -7.32 8.36
N TYR C 283 -28.41 -7.62 7.07
CA TYR C 283 -27.57 -6.81 6.21
C TYR C 283 -28.14 -6.71 4.81
N GLY C 284 -27.52 -5.85 4.02
CA GLY C 284 -27.95 -5.57 2.68
C GLY C 284 -27.54 -4.15 2.30
N PRO C 285 -27.88 -3.72 1.09
CA PRO C 285 -27.55 -2.37 0.69
C PRO C 285 -28.35 -1.35 1.48
N PRO C 286 -27.94 -0.09 1.46
CA PRO C 286 -28.71 0.95 2.13
C PRO C 286 -29.98 1.26 1.36
N GLY C 287 -30.97 1.76 2.08
CA GLY C 287 -32.24 2.08 1.46
C GLY C 287 -33.10 0.87 1.16
N CYS C 288 -32.85 -0.25 1.83
CA CYS C 288 -33.62 -1.47 1.68
C CYS C 288 -34.66 -1.66 2.78
N GLY C 289 -34.88 -0.64 3.61
CA GLY C 289 -35.85 -0.72 4.71
C GLY C 289 -35.57 -1.67 5.84
N LYS C 290 -34.32 -1.79 6.28
CA LYS C 290 -33.99 -2.67 7.39
C LYS C 290 -34.33 -2.04 8.74
N THR C 291 -33.93 -0.78 8.95
CA THR C 291 -34.20 -0.17 10.23
C THR C 291 -35.68 0.05 10.44
N LEU C 292 -36.45 0.15 9.36
CA LEU C 292 -37.90 0.16 9.48
C LEU C 292 -38.39 -1.13 10.12
N LEU C 293 -37.85 -2.27 9.69
CA LEU C 293 -38.20 -3.54 10.30
C LEU C 293 -37.86 -3.51 11.78
N ALA C 294 -36.65 -3.05 12.11
CA ALA C 294 -36.23 -3.04 13.50
C ALA C 294 -37.09 -2.11 14.35
N ARG C 295 -37.57 -1.03 13.75
CA ARG C 295 -38.48 -0.12 14.44
C ARG C 295 -39.85 -0.76 14.63
N GLN C 296 -40.33 -1.45 13.61
CA GLN C 296 -41.65 -2.06 13.67
C GLN C 296 -41.72 -3.11 14.76
N ILE C 297 -40.69 -3.94 14.90
CA ILE C 297 -40.69 -4.89 16.02
C ILE C 297 -40.06 -4.12 17.17
N GLY C 298 -40.84 -3.91 18.22
CA GLY C 298 -40.39 -3.08 19.31
C GLY C 298 -41.59 -2.45 19.99
N LYS C 299 -41.50 -1.14 20.26
CA LYS C 299 -42.62 -0.41 20.85
C LYS C 299 -43.92 -0.62 20.09
N MET C 300 -43.86 -0.85 18.78
CA MET C 300 -45.06 -1.13 18.00
C MET C 300 -45.56 -2.55 18.25
N LEU C 301 -44.69 -3.55 18.12
CA LEU C 301 -45.15 -4.93 18.18
C LEU C 301 -45.38 -5.40 19.62
N ASN C 302 -44.34 -5.37 20.44
CA ASN C 302 -44.34 -6.11 21.70
C ASN C 302 -44.54 -5.19 22.89
N ALA C 303 -44.90 -5.79 24.02
CA ALA C 303 -45.29 -5.06 25.21
C ALA C 303 -44.06 -4.75 26.07
N ARG C 304 -43.26 -3.81 25.58
CA ARG C 304 -42.09 -3.30 26.28
C ARG C 304 -41.57 -2.13 25.45
N GLU C 305 -40.59 -1.40 26.00
CA GLU C 305 -39.88 -0.33 25.31
C GLU C 305 -38.42 -0.72 25.11
N PRO C 306 -37.83 -0.55 23.93
CA PRO C 306 -36.44 -0.94 23.73
C PRO C 306 -35.45 0.15 24.15
N LYS C 307 -34.19 -0.24 24.22
CA LYS C 307 -33.08 0.68 24.43
C LYS C 307 -32.29 0.75 23.13
N VAL C 308 -32.61 1.76 22.32
CA VAL C 308 -31.88 1.98 21.09
C VAL C 308 -30.49 2.50 21.43
N VAL C 309 -29.53 2.21 20.56
CA VAL C 309 -28.26 2.91 20.55
C VAL C 309 -27.94 3.22 19.10
N ASN C 310 -27.13 4.26 18.91
CA ASN C 310 -26.78 4.73 17.58
C ASN C 310 -25.39 4.29 17.16
N GLY C 311 -24.95 3.14 17.68
CA GLY C 311 -23.62 2.62 17.47
C GLY C 311 -22.53 3.27 18.32
N PRO C 312 -21.67 4.08 17.71
CA PRO C 312 -20.51 4.61 18.45
C PRO C 312 -20.82 5.48 19.65
N GLU C 313 -22.08 5.88 19.90
CA GLU C 313 -22.39 6.75 21.04
C GLU C 313 -21.86 6.14 22.33
N ILE C 314 -21.81 4.81 22.40
CA ILE C 314 -21.34 4.10 23.57
C ILE C 314 -19.92 4.53 23.93
N LEU C 315 -19.07 4.69 22.94
CA LEU C 315 -17.67 5.03 23.19
C LEU C 315 -17.52 6.41 23.80
N ASN C 316 -16.59 6.51 24.76
CA ASN C 316 -16.26 7.76 25.43
C ASN C 316 -14.77 7.76 25.73
N LYS C 317 -14.22 8.95 25.95
CA LYS C 317 -12.79 9.08 26.20
C LYS C 317 -12.35 8.36 27.46
N TYR C 318 -13.10 8.43 28.55
CA TYR C 318 -12.66 7.79 29.77
C TYR C 318 -12.61 6.27 29.59
N VAL C 319 -11.63 5.65 30.23
CA VAL C 319 -11.42 4.21 30.13
C VAL C 319 -12.25 3.47 31.16
N GLY C 320 -12.92 2.42 30.70
CA GLY C 320 -13.74 1.55 31.53
C GLY C 320 -15.20 1.93 31.51
N GLU C 321 -15.48 3.20 31.25
CA GLU C 321 -16.84 3.65 31.10
C GLU C 321 -17.36 3.40 29.69
N SER C 322 -16.45 3.29 28.72
CA SER C 322 -16.85 2.96 27.35
C SER C 322 -17.63 1.67 27.32
N GLU C 323 -17.10 0.63 27.97
CA GLU C 323 -17.80 -0.64 28.07
C GLU C 323 -18.78 -0.66 29.24
N ALA C 324 -18.62 0.23 30.22
CA ALA C 324 -19.65 0.30 31.25
C ALA C 324 -20.97 0.77 30.66
N ASN C 325 -20.92 1.62 29.64
CA ASN C 325 -22.14 2.07 28.99
C ASN C 325 -22.83 0.95 28.23
N ILE C 326 -22.12 -0.16 27.97
CA ILE C 326 -22.75 -1.37 27.48
C ILE C 326 -23.34 -2.14 28.63
N ARG C 327 -22.55 -2.31 29.68
CA ARG C 327 -22.99 -3.04 30.86
C ARG C 327 -24.28 -2.47 31.42
N LYS C 328 -24.47 -1.16 31.27
CA LYS C 328 -25.70 -0.50 31.69
C LYS C 328 -26.92 -1.00 30.94
N LEU C 329 -26.71 -1.57 29.75
CA LEU C 329 -27.83 -2.09 28.97
C LEU C 329 -28.41 -3.33 29.62
N PHE C 330 -27.58 -4.36 29.78
CA PHE C 330 -28.00 -5.65 30.28
C PHE C 330 -28.16 -5.68 31.79
N ALA C 331 -27.61 -4.68 32.50
CA ALA C 331 -27.84 -4.60 33.94
C ALA C 331 -29.23 -4.08 34.28
N ASP C 332 -30.07 -3.82 33.28
CA ASP C 332 -31.48 -3.54 33.48
C ASP C 332 -32.36 -4.77 33.30
N ALA C 333 -31.85 -5.81 32.65
CA ALA C 333 -32.60 -7.04 32.39
C ALA C 333 -32.14 -8.22 33.23
N GLU C 334 -30.87 -8.25 33.62
CA GLU C 334 -30.39 -9.39 34.39
C GLU C 334 -31.06 -9.45 35.75
N GLU C 335 -31.49 -8.30 36.28
CA GLU C 335 -32.22 -8.29 37.54
C GLU C 335 -33.54 -9.02 37.40
N GLU C 336 -34.27 -8.72 36.34
CA GLU C 336 -35.53 -9.42 36.07
C GLU C 336 -35.29 -10.90 35.87
N GLN C 337 -34.27 -11.25 35.08
CA GLN C 337 -33.93 -12.67 34.92
C GLN C 337 -33.62 -13.32 36.25
N ARG C 338 -33.04 -12.56 37.18
CA ARG C 338 -32.63 -13.14 38.45
C ARG C 338 -33.85 -13.42 39.32
N ARG C 339 -34.72 -12.41 39.48
CA ARG C 339 -35.79 -12.54 40.46
C ARG C 339 -37.05 -13.17 39.89
N LEU C 340 -37.37 -12.93 38.63
CA LEU C 340 -38.41 -13.67 37.89
C LEU C 340 -37.67 -14.44 36.81
N GLY C 341 -37.46 -15.73 37.04
CA GLY C 341 -36.63 -16.52 36.16
C GLY C 341 -37.18 -16.65 34.75
N ALA C 342 -38.38 -17.21 34.63
CA ALA C 342 -38.99 -17.46 33.33
C ALA C 342 -39.94 -16.35 32.91
N ASN C 343 -40.75 -15.85 33.85
CA ASN C 343 -41.85 -14.94 33.54
C ASN C 343 -41.30 -13.52 33.59
N SER C 344 -40.86 -13.02 32.44
CA SER C 344 -40.40 -11.64 32.36
C SER C 344 -40.71 -11.09 30.98
N GLY C 345 -40.64 -9.77 30.89
CA GLY C 345 -41.23 -9.06 29.78
C GLY C 345 -40.28 -8.61 28.70
N LEU C 346 -39.23 -9.38 28.47
CA LEU C 346 -38.47 -9.32 27.22
C LEU C 346 -37.85 -7.94 26.97
N HIS C 347 -36.97 -7.53 27.89
CA HIS C 347 -36.04 -6.46 27.57
C HIS C 347 -35.35 -6.75 26.24
N ILE C 348 -35.21 -5.72 25.39
CA ILE C 348 -34.59 -5.91 24.08
C ILE C 348 -33.71 -4.70 23.76
N ILE C 349 -32.96 -4.86 22.67
CA ILE C 349 -31.93 -3.92 22.27
C ILE C 349 -32.04 -3.73 20.77
N ILE C 350 -31.71 -2.53 20.31
CA ILE C 350 -31.67 -2.22 18.89
C ILE C 350 -30.40 -1.44 18.63
N PHE C 351 -29.40 -2.11 18.05
CA PHE C 351 -28.22 -1.45 17.52
C PHE C 351 -28.54 -0.84 16.17
N ASP C 352 -27.56 -0.12 15.62
CA ASP C 352 -27.67 0.43 14.28
C ASP C 352 -26.26 0.78 13.83
N GLU C 353 -25.91 0.38 12.62
CA GLU C 353 -24.57 0.61 12.07
C GLU C 353 -23.55 0.07 13.05
N ILE C 354 -23.74 -1.20 13.38
CA ILE C 354 -22.91 -1.91 14.35
C ILE C 354 -21.50 -2.15 13.88
N ASP C 355 -21.19 -1.97 12.59
CA ASP C 355 -19.85 -2.26 12.08
C ASP C 355 -18.73 -1.48 12.77
N ALA C 356 -19.00 -0.25 13.22
CA ALA C 356 -17.95 0.57 13.82
C ALA C 356 -17.35 -0.10 15.05
N ILE C 357 -18.20 -0.54 15.97
CA ILE C 357 -17.82 -1.39 17.09
C ILE C 357 -17.97 -2.80 16.57
N CYS C 358 -17.44 -3.79 17.28
CA CYS C 358 -17.80 -5.18 17.00
C CYS C 358 -17.33 -5.61 15.62
N LYS C 359 -16.06 -5.33 15.32
CA LYS C 359 -15.35 -5.94 14.21
C LYS C 359 -14.27 -6.84 14.77
N GLN C 360 -13.57 -7.51 13.86
CA GLN C 360 -12.63 -8.55 14.24
C GLN C 360 -11.54 -7.95 15.13
N ARG C 361 -11.11 -8.73 16.11
CA ARG C 361 -10.23 -8.21 17.15
C ARG C 361 -8.83 -7.88 16.62
N GLY C 362 -8.45 -8.42 15.47
CA GLY C 362 -7.17 -8.10 14.87
C GLY C 362 -7.22 -6.94 13.90
N SER C 363 -8.07 -5.95 14.18
CA SER C 363 -8.27 -4.81 13.30
C SER C 363 -7.27 -3.69 13.52
N MET C 364 -6.15 -3.96 14.17
CA MET C 364 -5.23 -2.90 14.54
C MET C 364 -4.48 -2.30 13.34
N ALA C 365 -4.70 -2.81 12.13
CA ALA C 365 -4.18 -2.17 10.92
C ALA C 365 -5.05 -0.96 10.63
N GLY C 366 -4.55 0.23 10.99
CA GLY C 366 -5.26 1.46 10.77
C GLY C 366 -6.16 1.89 11.91
N SER C 367 -6.73 0.94 12.65
CA SER C 367 -7.61 1.29 13.76
C SER C 367 -6.82 1.63 15.02
N THR C 368 -6.01 0.69 15.50
CA THR C 368 -5.22 0.86 16.72
C THR C 368 -6.12 1.31 17.88
N GLY C 369 -7.25 0.61 18.04
CA GLY C 369 -8.31 1.02 18.93
C GLY C 369 -8.57 -0.06 19.98
N VAL C 370 -9.08 0.40 21.13
CA VAL C 370 -9.41 -0.47 22.25
C VAL C 370 -10.70 -1.26 22.02
N HIS C 371 -11.37 -1.05 20.88
CA HIS C 371 -12.66 -1.70 20.62
C HIS C 371 -12.63 -3.22 20.75
N ASP C 372 -11.45 -3.83 20.73
CA ASP C 372 -11.30 -5.20 21.18
C ASP C 372 -12.03 -5.42 22.51
N THR C 373 -11.76 -4.55 23.48
CA THR C 373 -12.43 -4.65 24.79
C THR C 373 -13.93 -4.67 24.65
N VAL C 374 -14.47 -3.84 23.76
CA VAL C 374 -15.92 -3.71 23.62
C VAL C 374 -16.51 -5.02 23.12
N VAL C 375 -15.95 -5.54 22.03
CA VAL C 375 -16.50 -6.75 21.45
C VAL C 375 -16.28 -7.93 22.37
N ASN C 376 -15.15 -7.97 23.09
CA ASN C 376 -14.96 -9.05 24.06
C ASN C 376 -16.03 -9.01 25.14
N GLN C 377 -16.35 -7.82 25.64
CA GLN C 377 -17.36 -7.75 26.69
C GLN C 377 -18.72 -8.18 26.18
N LEU C 378 -19.15 -7.68 25.03
CA LEU C 378 -20.49 -8.00 24.54
C LEU C 378 -20.58 -9.49 24.20
N LEU C 379 -19.58 -9.98 23.48
CA LEU C 379 -19.44 -11.39 23.17
C LEU C 379 -19.48 -12.24 24.42
N SER C 380 -19.01 -11.71 25.55
CA SER C 380 -19.08 -12.42 26.81
C SER C 380 -20.46 -12.31 27.44
N LYS C 381 -21.07 -11.14 27.40
CA LYS C 381 -22.27 -10.94 28.20
C LYS C 381 -23.46 -11.67 27.63
N ILE C 382 -23.52 -11.87 26.31
CA ILE C 382 -24.73 -12.45 25.76
C ILE C 382 -24.84 -13.92 26.17
N ASP C 383 -23.85 -14.74 25.80
CA ASP C 383 -23.88 -16.15 26.19
C ASP C 383 -23.43 -16.32 27.63
N GLY C 384 -22.21 -15.89 27.93
CA GLY C 384 -21.72 -15.73 29.29
C GLY C 384 -21.76 -16.93 30.20
N VAL C 385 -21.32 -16.71 31.44
CA VAL C 385 -21.46 -17.72 32.47
C VAL C 385 -22.88 -17.73 33.00
N GLU C 386 -23.42 -16.56 33.28
CA GLU C 386 -24.84 -16.44 33.60
C GLU C 386 -25.64 -16.61 32.33
N GLN C 387 -26.78 -17.30 32.45
CA GLN C 387 -27.70 -17.47 31.34
C GLN C 387 -28.85 -16.49 31.55
N LEU C 388 -29.10 -15.65 30.55
CA LEU C 388 -30.27 -14.78 30.57
C LEU C 388 -30.99 -14.89 29.23
N ASN C 389 -32.19 -15.45 29.28
CA ASN C 389 -32.93 -15.80 28.09
C ASN C 389 -33.70 -14.63 27.51
N ASN C 390 -34.16 -13.72 28.36
CA ASN C 390 -35.02 -12.61 27.92
C ASN C 390 -34.20 -11.41 27.44
N ILE C 391 -33.40 -11.63 26.42
CA ILE C 391 -32.62 -10.58 25.78
C ILE C 391 -32.68 -10.75 24.27
N LEU C 392 -33.06 -9.68 23.56
CA LEU C 392 -33.03 -9.65 22.10
C LEU C 392 -32.17 -8.51 21.63
N VAL C 393 -31.12 -8.86 20.90
CA VAL C 393 -30.17 -7.92 20.36
C VAL C 393 -30.40 -7.91 18.87
N ILE C 394 -30.75 -6.75 18.33
CA ILE C 394 -31.01 -6.58 16.92
C ILE C 394 -29.89 -5.73 16.37
N GLY C 395 -29.29 -6.20 15.29
CA GLY C 395 -28.10 -5.60 14.74
C GLY C 395 -28.23 -5.53 13.25
N MET C 396 -27.73 -4.45 12.68
CA MET C 396 -27.96 -4.18 11.27
C MET C 396 -26.74 -3.48 10.70
N THR C 397 -26.29 -3.96 9.55
CA THR C 397 -25.17 -3.26 8.91
C THR C 397 -25.15 -3.52 7.41
N ASN C 398 -24.56 -2.55 6.71
CA ASN C 398 -24.37 -2.65 5.28
C ASN C 398 -23.11 -3.42 4.92
N ARG C 399 -22.11 -3.40 5.81
CA ARG C 399 -20.84 -4.11 5.63
C ARG C 399 -20.78 -5.23 6.66
N PRO C 400 -21.30 -6.43 6.36
CA PRO C 400 -21.35 -7.47 7.39
C PRO C 400 -20.04 -8.19 7.61
N ASP C 401 -19.14 -8.23 6.63
CA ASP C 401 -17.98 -9.11 6.72
C ASP C 401 -16.95 -8.63 7.74
N LEU C 402 -16.99 -7.36 8.13
CA LEU C 402 -16.03 -6.86 9.11
C LEU C 402 -16.27 -7.40 10.50
N ILE C 403 -17.46 -7.94 10.78
CA ILE C 403 -17.80 -8.37 12.12
C ILE C 403 -16.85 -9.45 12.59
N ASP C 404 -16.70 -9.55 13.91
CA ASP C 404 -16.14 -10.74 14.51
C ASP C 404 -17.15 -11.87 14.41
N GLU C 405 -16.72 -13.00 13.82
CA GLU C 405 -17.64 -14.12 13.64
C GLU C 405 -18.10 -14.71 14.95
N ALA C 406 -17.36 -14.48 16.04
CA ALA C 406 -17.69 -15.11 17.30
C ALA C 406 -18.99 -14.61 17.87
N LEU C 407 -19.32 -13.33 17.70
CA LEU C 407 -20.63 -12.88 18.13
C LEU C 407 -21.72 -13.32 17.18
N LEU C 408 -21.36 -13.64 15.95
CA LEU C 408 -22.32 -13.96 14.92
C LEU C 408 -22.66 -15.44 14.86
N ARG C 409 -21.90 -16.30 15.52
CA ARG C 409 -22.27 -17.71 15.53
C ARG C 409 -23.57 -17.88 16.29
N PRO C 410 -24.29 -18.98 16.05
CA PRO C 410 -25.61 -19.17 16.67
C PRO C 410 -25.55 -19.19 18.18
N GLY C 411 -26.62 -18.70 18.79
CA GLY C 411 -26.69 -18.57 20.22
C GLY C 411 -26.56 -17.13 20.66
N ARG C 412 -25.72 -16.35 19.99
CA ARG C 412 -25.67 -14.90 20.13
C ARG C 412 -26.46 -14.18 19.05
N LEU C 413 -26.14 -14.48 17.80
CA LEU C 413 -26.93 -14.01 16.65
C LEU C 413 -27.05 -15.20 15.71
N GLU C 414 -28.18 -15.88 15.75
CA GLU C 414 -28.36 -17.07 14.92
C GLU C 414 -28.94 -16.73 13.55
N VAL C 415 -29.96 -15.89 13.51
CA VAL C 415 -30.60 -15.51 12.26
C VAL C 415 -29.83 -14.32 11.70
N LYS C 416 -29.17 -14.52 10.57
CA LYS C 416 -28.41 -13.49 9.88
C LYS C 416 -29.09 -13.10 8.57
N MET C 417 -30.42 -13.10 8.59
CA MET C 417 -31.23 -12.89 7.39
C MET C 417 -30.87 -11.56 6.75
N GLU C 418 -30.65 -11.58 5.43
CA GLU C 418 -30.26 -10.37 4.70
C GLU C 418 -31.36 -10.02 3.71
N ILE C 419 -31.73 -8.75 3.73
CA ILE C 419 -32.76 -8.25 2.84
C ILE C 419 -32.20 -8.11 1.44
N GLY C 420 -33.09 -8.24 0.45
CA GLY C 420 -32.74 -8.13 -0.95
C GLY C 420 -33.54 -7.05 -1.63
N LEU C 421 -33.03 -6.53 -2.74
CA LEU C 421 -33.68 -5.46 -3.46
C LEU C 421 -35.11 -5.88 -3.82
N PRO C 422 -36.09 -4.98 -3.72
CA PRO C 422 -37.47 -5.38 -3.98
C PRO C 422 -37.66 -5.78 -5.43
N ASP C 423 -38.32 -6.91 -5.63
CA ASP C 423 -38.60 -7.38 -6.97
C ASP C 423 -39.72 -6.57 -7.61
N GLU C 424 -39.94 -6.80 -8.90
CA GLU C 424 -40.92 -6.02 -9.65
C GLU C 424 -42.33 -6.26 -9.14
N LYS C 425 -42.58 -7.39 -8.50
CA LYS C 425 -43.86 -7.59 -7.82
C LYS C 425 -43.89 -6.83 -6.50
N GLY C 426 -42.91 -7.08 -5.64
CA GLY C 426 -42.98 -6.55 -4.29
C GLY C 426 -42.96 -5.03 -4.23
N ARG C 427 -42.29 -4.39 -5.19
CA ARG C 427 -42.33 -2.94 -5.23
C ARG C 427 -43.74 -2.43 -5.49
N LEU C 428 -44.61 -3.25 -6.09
CA LEU C 428 -46.02 -2.91 -6.14
C LEU C 428 -46.56 -2.68 -4.72
N GLN C 429 -46.26 -3.59 -3.80
CA GLN C 429 -46.71 -3.42 -2.42
C GLN C 429 -46.04 -2.20 -1.79
N ILE C 430 -44.75 -2.01 -2.05
CA ILE C 430 -44.02 -0.89 -1.47
C ILE C 430 -44.69 0.42 -1.85
N LEU C 431 -45.05 0.54 -3.12
CA LEU C 431 -45.71 1.73 -3.63
C LEU C 431 -47.16 1.81 -3.15
N HIS C 432 -47.81 0.64 -3.03
CA HIS C 432 -49.21 0.56 -2.67
C HIS C 432 -49.43 1.09 -1.26
N ILE C 433 -48.50 0.81 -0.35
CA ILE C 433 -48.62 1.33 1.00
C ILE C 433 -48.66 2.85 0.98
N HIS C 434 -47.63 3.45 0.39
CA HIS C 434 -47.50 4.90 0.40
C HIS C 434 -48.58 5.59 -0.41
N THR C 435 -49.27 4.87 -1.29
CA THR C 435 -50.45 5.40 -1.97
C THR C 435 -51.78 5.06 -1.31
N ALA C 436 -51.79 4.19 -0.30
CA ALA C 436 -53.05 3.72 0.26
C ALA C 436 -53.82 4.86 0.91
N ARG C 437 -53.16 5.66 1.75
CA ARG C 437 -53.86 6.74 2.43
C ARG C 437 -54.35 7.77 1.42
N MET C 438 -53.54 8.08 0.42
CA MET C 438 -53.95 8.96 -0.67
C MET C 438 -55.25 8.48 -1.29
N ARG C 439 -55.23 7.27 -1.84
CA ARG C 439 -56.38 6.80 -2.60
C ARG C 439 -57.56 6.45 -1.69
N GLY C 440 -57.34 6.40 -0.38
CA GLY C 440 -58.45 6.34 0.55
C GLY C 440 -59.07 7.69 0.82
N HIS C 441 -58.24 8.74 0.83
CA HIS C 441 -58.72 10.11 1.03
C HIS C 441 -58.95 10.83 -0.29
N GLN C 442 -59.14 10.09 -1.38
CA GLN C 442 -59.65 10.61 -2.64
C GLN C 442 -58.75 11.70 -3.22
N LEU C 443 -57.44 11.60 -3.01
CA LEU C 443 -56.51 12.52 -3.67
C LEU C 443 -56.20 12.05 -5.09
N LEU C 444 -55.67 10.85 -5.21
CA LEU C 444 -55.01 10.45 -6.45
C LEU C 444 -56.01 10.22 -7.57
N SER C 445 -55.65 10.67 -8.77
CA SER C 445 -56.46 10.43 -9.95
C SER C 445 -56.47 8.94 -10.29
N ALA C 446 -57.51 8.54 -11.02
CA ALA C 446 -57.72 7.13 -11.30
C ALA C 446 -56.91 6.63 -12.50
N ASP C 447 -56.47 7.53 -13.38
CA ASP C 447 -55.84 7.11 -14.63
C ASP C 447 -54.50 6.42 -14.42
N VAL C 448 -53.86 6.61 -13.28
CA VAL C 448 -52.52 6.08 -13.02
C VAL C 448 -52.64 5.01 -11.94
N ASP C 449 -52.64 3.75 -12.38
CA ASP C 449 -52.49 2.63 -11.48
C ASP C 449 -51.02 2.26 -11.34
N ILE C 450 -50.72 1.57 -10.25
CA ILE C 450 -49.34 1.46 -9.77
C ILE C 450 -48.53 0.45 -10.56
N LYS C 451 -49.18 -0.42 -11.34
CA LYS C 451 -48.46 -1.37 -12.19
C LYS C 451 -47.64 -0.63 -13.23
N GLU C 452 -48.23 0.40 -13.84
CA GLU C 452 -47.53 1.21 -14.83
C GLU C 452 -46.26 1.82 -14.26
N LEU C 453 -46.24 2.08 -12.96
CA LEU C 453 -45.02 2.54 -12.29
C LEU C 453 -44.07 1.40 -12.04
N ALA C 454 -44.61 0.28 -11.55
CA ALA C 454 -43.77 -0.82 -11.10
C ALA C 454 -42.96 -1.40 -12.26
N VAL C 455 -43.61 -1.67 -13.38
CA VAL C 455 -42.90 -2.22 -14.53
C VAL C 455 -41.87 -1.25 -15.08
N GLU C 456 -42.04 0.05 -14.86
CA GLU C 456 -41.06 1.02 -15.32
C GLU C 456 -39.90 1.15 -14.34
N THR C 457 -40.14 0.86 -13.06
CA THR C 457 -39.11 0.90 -12.04
C THR C 457 -38.26 -0.37 -12.11
N LYS C 458 -37.04 -0.25 -12.63
CA LYS C 458 -36.19 -1.43 -12.83
C LYS C 458 -35.47 -1.82 -11.55
N ASN C 459 -34.69 -0.91 -10.97
CA ASN C 459 -33.84 -1.21 -9.82
C ASN C 459 -34.09 -0.27 -8.64
N PHE C 460 -35.22 0.41 -8.61
CA PHE C 460 -35.53 1.27 -7.47
C PHE C 460 -35.64 0.43 -6.20
N SER C 461 -34.96 0.89 -5.15
CA SER C 461 -34.87 0.20 -3.88
C SER C 461 -35.41 1.09 -2.78
N GLY C 462 -36.57 0.73 -2.21
CA GLY C 462 -36.99 1.26 -0.93
C GLY C 462 -37.18 2.76 -0.90
N ALA C 463 -36.23 3.44 -0.24
CA ALA C 463 -36.28 4.90 -0.21
C ALA C 463 -36.23 5.48 -1.61
N GLU C 464 -35.49 4.85 -2.51
CA GLU C 464 -35.51 5.29 -3.90
C GLU C 464 -36.87 5.08 -4.53
N LEU C 465 -37.66 4.15 -4.02
CA LEU C 465 -38.98 3.91 -4.55
C LEU C 465 -39.94 4.99 -4.06
N GLU C 466 -39.91 5.29 -2.77
CA GLU C 466 -40.81 6.30 -2.21
C GLU C 466 -40.37 7.73 -2.51
N GLY C 467 -39.13 7.93 -2.97
CA GLY C 467 -38.67 9.27 -3.26
C GLY C 467 -39.46 9.92 -4.36
N LEU C 468 -39.74 9.17 -5.44
CA LEU C 468 -40.53 9.73 -6.52
C LEU C 468 -41.94 10.04 -6.07
N VAL C 469 -42.47 9.25 -5.13
CA VAL C 469 -43.80 9.50 -4.61
C VAL C 469 -43.82 10.84 -3.90
N ARG C 470 -42.94 11.00 -2.91
CA ARG C 470 -42.88 12.25 -2.15
C ARG C 470 -42.61 13.43 -3.06
N ALA C 471 -41.72 13.26 -4.03
CA ALA C 471 -41.38 14.39 -4.89
C ALA C 471 -42.52 14.76 -5.81
N ALA C 472 -43.28 13.77 -6.28
CA ALA C 472 -44.39 14.06 -7.19
C ALA C 472 -45.51 14.78 -6.46
N GLN C 473 -45.86 14.32 -5.26
CA GLN C 473 -46.84 15.06 -4.48
C GLN C 473 -46.30 16.45 -4.14
N SER C 474 -44.99 16.58 -3.98
CA SER C 474 -44.41 17.89 -3.71
C SER C 474 -44.52 18.81 -4.92
N THR C 475 -44.36 18.26 -6.11
CA THR C 475 -44.53 19.06 -7.34
C THR C 475 -45.96 19.54 -7.50
N ALA C 476 -46.91 18.63 -7.28
CA ALA C 476 -48.32 19.01 -7.34
C ALA C 476 -48.62 20.05 -6.28
N MET C 477 -47.92 20.01 -5.15
CA MET C 477 -48.09 21.03 -4.13
C MET C 477 -47.49 22.34 -4.59
N ASN C 478 -46.33 22.29 -5.25
CA ASN C 478 -45.63 23.49 -5.68
C ASN C 478 -46.43 24.31 -6.67
N ARG C 479 -47.17 23.64 -7.56
CA ARG C 479 -47.87 24.40 -8.62
C ARG C 479 -48.80 25.44 -8.03
N HIS C 480 -49.49 25.10 -6.95
CA HIS C 480 -50.42 26.02 -6.31
C HIS C 480 -49.70 27.23 -5.68
N ILE C 481 -48.49 27.04 -5.15
CA ILE C 481 -47.86 28.06 -4.31
C ILE C 481 -47.66 29.38 -5.06
N ILE C 482 -47.05 29.34 -6.24
CA ILE C 482 -46.83 30.57 -6.98
C ILE C 482 -48.18 31.08 -7.46
N VAL C 487 -42.48 34.50 -7.42
CA VAL C 487 -41.03 34.59 -7.34
C VAL C 487 -40.63 35.73 -6.42
N GLU C 488 -40.69 36.96 -6.93
CA GLU C 488 -40.32 38.15 -6.18
C GLU C 488 -41.47 38.67 -5.32
N VAL C 489 -42.49 37.84 -5.08
CA VAL C 489 -43.63 38.27 -4.26
C VAL C 489 -43.19 38.29 -2.81
N ASP C 490 -43.64 39.29 -2.07
CA ASP C 490 -43.27 39.44 -0.66
C ASP C 490 -43.63 38.19 0.13
N MET C 491 -44.71 37.52 -0.23
CA MET C 491 -45.16 36.29 0.38
C MET C 491 -45.37 35.25 -0.69
N GLU C 492 -44.97 34.01 -0.41
CA GLU C 492 -45.40 32.89 -1.25
C GLU C 492 -46.82 32.52 -0.85
N LYS C 493 -47.75 32.68 -1.78
CA LYS C 493 -49.17 32.72 -1.49
C LYS C 493 -49.80 31.40 -1.91
N ALA C 494 -49.92 30.49 -0.96
CA ALA C 494 -50.55 29.20 -1.20
C ALA C 494 -52.04 29.44 -1.32
N GLU C 495 -52.55 29.49 -2.54
CA GLU C 495 -54.00 29.55 -2.72
C GLU C 495 -54.62 28.30 -2.14
N SER C 496 -55.44 28.47 -1.12
CA SER C 496 -55.90 27.33 -0.35
C SER C 496 -56.97 26.62 -1.17
N LEU C 497 -56.51 25.65 -1.96
CA LEU C 497 -57.36 24.87 -2.85
C LEU C 497 -57.11 23.40 -2.53
N GLN C 498 -58.18 22.69 -2.16
CA GLN C 498 -58.05 21.32 -1.71
C GLN C 498 -57.62 20.38 -2.83
N VAL C 499 -57.81 20.77 -4.08
CA VAL C 499 -57.71 19.85 -5.22
C VAL C 499 -56.22 19.57 -5.48
N THR C 500 -55.77 18.38 -5.10
CA THR C 500 -54.39 17.94 -5.29
C THR C 500 -54.41 16.46 -5.62
N ARG C 501 -54.02 16.11 -6.84
CA ARG C 501 -54.12 14.73 -7.32
C ARG C 501 -52.79 14.05 -7.58
N GLY C 502 -51.79 14.72 -8.13
CA GLY C 502 -50.55 14.04 -8.43
C GLY C 502 -50.67 13.08 -9.60
N ASP C 503 -50.99 13.59 -10.79
CA ASP C 503 -51.51 12.72 -11.85
C ASP C 503 -50.39 11.96 -12.58
N PHE C 504 -49.45 12.68 -13.19
CA PHE C 504 -48.39 12.07 -13.98
C PHE C 504 -47.00 12.52 -13.54
N LEU C 505 -46.90 13.27 -12.45
CA LEU C 505 -45.60 13.77 -12.05
C LEU C 505 -44.73 12.67 -11.49
N ALA C 506 -45.34 11.57 -11.03
CA ALA C 506 -44.56 10.36 -10.74
C ALA C 506 -43.85 9.88 -12.00
N SER C 507 -44.58 9.80 -13.11
CA SER C 507 -43.98 9.39 -14.37
C SER C 507 -42.96 10.40 -14.87
N LEU C 508 -43.11 11.67 -14.47
CA LEU C 508 -42.06 12.64 -14.77
C LEU C 508 -40.81 12.35 -13.95
N GLU C 509 -40.95 12.36 -12.63
CA GLU C 509 -39.84 12.29 -11.70
C GLU C 509 -39.14 10.94 -11.70
N ASN C 510 -39.67 9.94 -12.39
CA ASN C 510 -38.83 8.81 -12.77
C ASN C 510 -37.61 9.28 -13.54
N ASP C 511 -37.74 10.38 -14.30
CA ASP C 511 -36.59 11.04 -14.88
C ASP C 511 -35.64 11.53 -13.79
N ILE C 512 -36.19 12.14 -12.75
CA ILE C 512 -35.38 12.87 -11.78
C ILE C 512 -34.64 11.93 -10.84
N LYS C 513 -35.20 10.76 -10.50
CA LYS C 513 -34.56 9.85 -9.56
C LYS C 513 -33.74 8.81 -10.29
N PRO C 514 -32.40 8.90 -10.28
CA PRO C 514 -31.60 7.72 -10.63
C PRO C 514 -31.40 6.82 -9.45
N ALA C 515 -31.49 5.52 -9.71
CA ALA C 515 -31.10 4.50 -8.76
C ALA C 515 -29.64 4.12 -9.01
N PHE C 516 -29.12 3.22 -8.18
CA PHE C 516 -27.74 2.78 -8.35
C PHE C 516 -27.60 1.81 -9.51
N GLY C 517 -28.57 0.91 -9.68
CA GLY C 517 -28.43 -0.19 -10.62
C GLY C 517 -28.26 0.25 -12.06
N THR C 518 -29.29 0.87 -12.63
CA THR C 518 -29.25 1.37 -13.99
C THR C 518 -29.81 2.78 -14.05
N ASN C 519 -29.21 3.60 -14.91
CA ASN C 519 -29.71 4.93 -15.22
C ASN C 519 -30.07 4.95 -16.70
N GLN C 520 -31.37 5.01 -16.99
CA GLN C 520 -31.85 4.82 -18.35
C GLN C 520 -31.32 5.89 -19.31
N GLU C 521 -30.86 7.03 -18.78
CA GLU C 521 -30.39 8.13 -19.58
C GLU C 521 -28.86 8.21 -19.61
N ASP C 522 -28.16 7.30 -18.94
CA ASP C 522 -26.71 7.30 -18.98
C ASP C 522 -26.18 6.62 -20.24
N TYR C 523 -27.06 6.22 -21.17
CA TYR C 523 -26.67 5.67 -22.44
C TYR C 523 -26.43 6.72 -23.51
N ALA C 524 -26.67 7.99 -23.21
CA ALA C 524 -26.58 9.02 -24.25
C ALA C 524 -25.13 9.18 -24.71
N SER C 525 -24.19 9.09 -23.79
CA SER C 525 -22.78 9.26 -24.13
C SER C 525 -22.34 8.17 -25.08
N TYR C 526 -22.69 6.92 -24.79
CA TYR C 526 -22.30 5.82 -25.65
C TYR C 526 -23.09 5.85 -26.96
N ILE C 527 -24.41 5.77 -26.87
CA ILE C 527 -25.28 5.99 -28.02
C ILE C 527 -25.66 7.46 -28.01
N MET C 528 -24.86 8.29 -28.67
CA MET C 528 -25.25 9.68 -28.91
C MET C 528 -26.27 9.83 -30.03
N ASN C 529 -26.02 9.22 -31.18
CA ASN C 529 -26.84 9.40 -32.38
C ASN C 529 -27.82 8.25 -32.65
N GLY C 530 -27.96 7.30 -31.75
CA GLY C 530 -28.86 6.20 -31.96
C GLY C 530 -28.25 5.17 -32.88
N ILE C 531 -29.10 4.28 -33.40
CA ILE C 531 -28.68 3.21 -34.29
C ILE C 531 -29.24 3.45 -35.68
N ILE C 532 -28.38 3.33 -36.69
CA ILE C 532 -28.75 3.49 -38.10
C ILE C 532 -28.65 2.13 -38.77
N LYS C 533 -29.72 1.74 -39.46
CA LYS C 533 -29.75 0.45 -40.15
C LYS C 533 -29.15 0.61 -41.55
N TRP C 534 -27.82 0.72 -41.59
CA TRP C 534 -27.14 0.86 -42.87
C TRP C 534 -27.33 -0.38 -43.74
N GLY C 535 -27.34 -1.56 -43.12
CA GLY C 535 -27.45 -2.78 -43.89
C GLY C 535 -28.06 -3.95 -43.13
N ASP C 536 -28.05 -5.10 -43.77
CA ASP C 536 -28.45 -6.37 -43.17
C ASP C 536 -27.50 -6.90 -42.10
N PRO C 537 -26.17 -6.69 -42.18
CA PRO C 537 -25.30 -7.22 -41.12
C PRO C 537 -25.64 -6.76 -39.72
N VAL C 538 -26.01 -5.50 -39.52
CA VAL C 538 -26.32 -5.04 -38.16
C VAL C 538 -27.60 -5.72 -37.66
N THR C 539 -28.56 -5.93 -38.56
CA THR C 539 -29.76 -6.66 -38.19
C THR C 539 -29.39 -8.08 -37.78
N ARG C 540 -28.47 -8.69 -38.52
CA ARG C 540 -27.99 -10.02 -38.16
C ARG C 540 -27.35 -10.02 -36.78
N VAL C 541 -26.54 -9.00 -36.50
CA VAL C 541 -25.85 -8.90 -35.23
C VAL C 541 -26.86 -8.82 -34.09
N LEU C 542 -27.78 -7.86 -34.17
CA LEU C 542 -28.78 -7.71 -33.13
C LEU C 542 -29.66 -8.93 -33.00
N ASP C 543 -29.94 -9.62 -34.10
CA ASP C 543 -30.71 -10.85 -34.03
C ASP C 543 -29.96 -11.91 -33.25
N ASP C 544 -28.67 -12.08 -33.55
CA ASP C 544 -27.85 -13.01 -32.81
C ASP C 544 -27.81 -12.64 -31.33
N GLY C 545 -27.72 -11.35 -31.04
CA GLY C 545 -27.69 -10.91 -29.67
C GLY C 545 -28.96 -11.27 -28.92
N GLU C 546 -30.11 -11.00 -29.54
CA GLU C 546 -31.37 -11.24 -28.86
C GLU C 546 -31.64 -12.73 -28.68
N LEU C 547 -31.36 -13.55 -29.70
CA LEU C 547 -31.56 -14.98 -29.55
C LEU C 547 -30.51 -15.60 -28.66
N LEU C 548 -29.38 -14.94 -28.46
CA LEU C 548 -28.41 -15.36 -27.47
C LEU C 548 -28.82 -14.94 -26.07
N VAL C 549 -29.62 -13.88 -25.95
CA VAL C 549 -29.97 -13.36 -24.64
C VAL C 549 -31.23 -14.02 -24.11
N GLN C 550 -32.12 -14.49 -24.98
CA GLN C 550 -33.22 -15.31 -24.49
C GLN C 550 -32.71 -16.59 -23.86
N GLN C 551 -31.49 -17.01 -24.22
CA GLN C 551 -30.84 -18.17 -23.61
C GLN C 551 -30.87 -18.09 -22.09
N THR C 552 -30.27 -17.03 -21.53
CA THR C 552 -30.12 -16.94 -20.08
C THR C 552 -31.49 -16.88 -19.40
N LYS C 553 -32.37 -16.04 -19.95
CA LYS C 553 -33.70 -15.88 -19.38
C LYS C 553 -34.47 -17.20 -19.35
N ASN C 554 -34.38 -17.99 -20.43
CA ASN C 554 -35.19 -19.18 -20.60
C ASN C 554 -34.40 -20.47 -20.52
N SER C 555 -33.27 -20.47 -19.81
CA SER C 555 -32.44 -21.66 -19.68
C SER C 555 -32.02 -21.86 -18.24
N ASP C 556 -31.37 -22.99 -18.03
CA ASP C 556 -30.62 -23.30 -16.83
C ASP C 556 -29.25 -23.81 -17.26
N ARG C 557 -28.39 -24.03 -16.27
CA ARG C 557 -27.06 -24.63 -16.46
C ARG C 557 -26.22 -23.93 -17.52
N THR C 558 -26.51 -22.65 -17.77
CA THR C 558 -25.61 -21.77 -18.50
C THR C 558 -25.76 -20.39 -17.86
N PRO C 559 -25.57 -20.29 -16.55
CA PRO C 559 -25.98 -19.08 -15.83
C PRO C 559 -25.14 -17.89 -16.20
N LEU C 560 -23.88 -18.11 -16.56
CA LEU C 560 -23.08 -17.08 -17.20
C LEU C 560 -23.08 -17.36 -18.69
N VAL C 561 -23.10 -16.30 -19.48
CA VAL C 561 -22.80 -16.41 -20.90
C VAL C 561 -21.90 -15.26 -21.30
N SER C 562 -21.04 -15.51 -22.28
CA SER C 562 -19.91 -14.64 -22.55
C SER C 562 -19.76 -14.45 -24.05
N VAL C 563 -19.76 -13.19 -24.49
CA VAL C 563 -19.66 -12.88 -25.89
C VAL C 563 -18.70 -11.72 -26.08
N LEU C 564 -18.32 -11.52 -27.33
CA LEU C 564 -17.42 -10.47 -27.75
C LEU C 564 -17.97 -9.89 -29.04
N LEU C 565 -17.82 -8.59 -29.21
CA LEU C 565 -18.43 -7.85 -30.32
C LEU C 565 -17.39 -7.29 -31.26
N GLU C 566 -16.32 -8.06 -31.49
CA GLU C 566 -15.12 -7.49 -32.05
C GLU C 566 -15.32 -7.04 -33.48
N GLY C 567 -14.32 -6.36 -33.99
CA GLY C 567 -14.33 -5.85 -35.34
C GLY C 567 -13.24 -4.83 -35.52
N PRO C 568 -13.15 -4.24 -36.72
CA PRO C 568 -12.20 -3.17 -36.94
C PRO C 568 -12.60 -1.94 -36.17
N PRO C 569 -11.67 -1.01 -35.96
CA PRO C 569 -11.97 0.15 -35.11
C PRO C 569 -12.91 1.12 -35.80
N HIS C 570 -13.39 2.08 -35.01
CA HIS C 570 -14.30 3.12 -35.49
C HIS C 570 -15.56 2.52 -36.13
N SER C 571 -15.98 1.36 -35.65
CA SER C 571 -17.14 0.66 -36.19
C SER C 571 -18.33 0.66 -35.25
N GLY C 572 -18.17 1.09 -34.02
CA GLY C 572 -19.32 1.30 -33.16
C GLY C 572 -19.81 0.07 -32.45
N LYS C 573 -18.90 -0.72 -31.92
CA LYS C 573 -19.25 -1.96 -31.24
C LYS C 573 -20.01 -1.68 -29.96
N THR C 574 -19.50 -0.75 -29.15
CA THR C 574 -20.10 -0.43 -27.86
C THR C 574 -21.55 -0.02 -28.00
N ALA C 575 -21.87 0.76 -29.04
CA ALA C 575 -23.21 1.28 -29.21
C ALA C 575 -24.22 0.16 -29.32
N LEU C 576 -24.04 -0.72 -30.29
CA LEU C 576 -24.99 -1.80 -30.45
C LEU C 576 -24.90 -2.81 -29.31
N ALA C 577 -23.77 -2.86 -28.60
CA ALA C 577 -23.74 -3.62 -27.36
C ALA C 577 -24.77 -3.09 -26.38
N ALA C 578 -24.79 -1.78 -26.18
CA ALA C 578 -25.73 -1.19 -25.25
C ALA C 578 -27.16 -1.29 -25.78
N LYS C 579 -27.34 -1.29 -27.11
CA LYS C 579 -28.66 -1.51 -27.66
C LYS C 579 -29.15 -2.92 -27.34
N ILE C 580 -28.26 -3.90 -27.41
CA ILE C 580 -28.60 -5.26 -26.98
C ILE C 580 -29.00 -5.25 -25.51
N ALA C 581 -28.23 -4.54 -24.69
CA ALA C 581 -28.55 -4.47 -23.27
C ALA C 581 -29.93 -3.86 -23.04
N GLU C 582 -30.29 -2.84 -23.81
CA GLU C 582 -31.64 -2.28 -23.70
C GLU C 582 -32.69 -3.31 -24.10
N GLU C 583 -32.62 -3.76 -25.36
CA GLU C 583 -33.67 -4.61 -25.92
C GLU C 583 -33.81 -5.94 -25.19
N SER C 584 -32.80 -6.33 -24.40
CA SER C 584 -32.92 -7.50 -23.57
C SER C 584 -33.91 -7.32 -22.43
N ASN C 585 -34.17 -6.08 -22.02
CA ASN C 585 -35.13 -5.77 -20.96
C ASN C 585 -34.69 -6.38 -19.63
N PHE C 586 -33.39 -6.49 -19.40
CA PHE C 586 -32.94 -6.97 -18.12
C PHE C 586 -33.20 -5.93 -17.03
N PRO C 587 -33.34 -6.37 -15.78
CA PRO C 587 -33.34 -5.39 -14.68
C PRO C 587 -32.03 -4.64 -14.54
N PHE C 588 -30.92 -5.36 -14.48
CA PHE C 588 -29.63 -4.80 -14.06
C PHE C 588 -28.67 -4.80 -15.23
N ILE C 589 -28.13 -3.62 -15.52
CA ILE C 589 -27.16 -3.42 -16.58
C ILE C 589 -26.00 -2.62 -16.02
N LYS C 590 -24.81 -2.83 -16.58
CA LYS C 590 -23.71 -1.92 -16.31
C LYS C 590 -22.82 -1.83 -17.54
N ILE C 591 -22.11 -0.72 -17.63
CA ILE C 591 -21.08 -0.49 -18.63
C ILE C 591 -19.78 -0.26 -17.87
N CYS C 592 -19.00 -1.33 -17.71
CA CYS C 592 -17.70 -1.24 -17.04
C CYS C 592 -16.69 -0.78 -18.07
N SER C 593 -16.35 0.50 -18.03
CA SER C 593 -15.59 1.16 -19.06
C SER C 593 -14.44 1.93 -18.44
N PRO C 594 -13.36 2.19 -19.20
CA PRO C 594 -12.26 2.98 -18.66
C PRO C 594 -12.58 4.45 -18.56
N ASP C 595 -13.59 4.93 -19.28
CA ASP C 595 -13.85 6.37 -19.34
C ASP C 595 -14.12 6.96 -17.96
N LYS C 596 -14.63 6.15 -17.02
CA LYS C 596 -14.75 6.55 -15.64
C LYS C 596 -13.47 6.28 -14.86
N MET C 597 -12.90 5.10 -15.04
CA MET C 597 -11.69 4.70 -14.33
C MET C 597 -10.48 5.04 -15.20
N ILE C 598 -9.82 6.15 -14.87
CA ILE C 598 -8.65 6.62 -15.59
C ILE C 598 -7.63 7.00 -14.54
N GLY C 599 -6.36 6.72 -14.83
CA GLY C 599 -5.34 6.94 -13.84
C GLY C 599 -5.42 6.06 -12.61
N PHE C 600 -6.31 5.07 -12.61
CA PHE C 600 -6.42 4.14 -11.49
C PHE C 600 -5.30 3.12 -11.57
N SER C 601 -4.59 2.96 -10.47
CA SER C 601 -3.65 1.86 -10.36
C SER C 601 -4.40 0.55 -10.55
N GLU C 602 -3.66 -0.48 -10.96
CA GLU C 602 -4.25 -1.74 -11.37
C GLU C 602 -5.12 -2.34 -10.28
N THR C 603 -4.70 -2.22 -9.02
CA THR C 603 -5.48 -2.80 -7.93
C THR C 603 -6.82 -2.11 -7.78
N ALA C 604 -6.83 -0.78 -7.88
CA ALA C 604 -8.10 -0.06 -7.76
C ALA C 604 -9.01 -0.37 -8.93
N LYS C 605 -8.43 -0.49 -10.13
CA LYS C 605 -9.22 -0.84 -11.30
C LYS C 605 -9.87 -2.20 -11.14
N CYS C 606 -9.10 -3.19 -10.67
CA CYS C 606 -9.62 -4.53 -10.49
C CYS C 606 -10.69 -4.56 -9.40
N GLN C 607 -10.50 -3.80 -8.34
CA GLN C 607 -11.49 -3.78 -7.27
C GLN C 607 -12.75 -3.05 -7.68
N ALA C 608 -12.64 -2.07 -8.57
CA ALA C 608 -13.84 -1.49 -9.17
C ALA C 608 -14.60 -2.54 -9.97
N MET C 609 -13.89 -3.28 -10.83
CA MET C 609 -14.53 -4.35 -11.60
C MET C 609 -15.21 -5.37 -10.69
N LYS C 610 -14.62 -5.60 -9.52
CA LYS C 610 -15.21 -6.57 -8.60
C LYS C 610 -16.39 -5.96 -7.87
N LYS C 611 -16.39 -4.64 -7.68
CA LYS C 611 -17.57 -3.99 -7.14
C LYS C 611 -18.73 -4.09 -8.13
N ILE C 612 -18.43 -3.92 -9.43
CA ILE C 612 -19.46 -4.08 -10.46
C ILE C 612 -20.11 -5.45 -10.35
N PHE C 613 -19.28 -6.48 -10.22
CA PHE C 613 -19.86 -7.82 -10.27
C PHE C 613 -20.48 -8.22 -8.94
N ASP C 614 -19.97 -7.71 -7.82
CA ASP C 614 -20.63 -7.97 -6.55
C ASP C 614 -21.91 -7.18 -6.41
N ASP C 615 -22.08 -6.11 -7.21
CA ASP C 615 -23.38 -5.48 -7.34
C ASP C 615 -24.31 -6.31 -8.21
N ALA C 616 -23.77 -6.91 -9.27
CA ALA C 616 -24.60 -7.69 -10.19
C ALA C 616 -25.12 -8.96 -9.55
N TYR C 617 -24.28 -9.65 -8.78
CA TYR C 617 -24.68 -10.92 -8.20
C TYR C 617 -25.87 -10.75 -7.27
N LYS C 618 -26.01 -9.57 -6.66
CA LYS C 618 -27.20 -9.28 -5.87
C LYS C 618 -28.46 -9.53 -6.68
N SER C 619 -28.47 -9.08 -7.93
CA SER C 619 -29.64 -9.17 -8.77
C SER C 619 -29.92 -10.61 -9.19
N GLN C 620 -31.19 -10.86 -9.51
CA GLN C 620 -31.57 -12.13 -10.14
C GLN C 620 -30.98 -12.25 -11.54
N LEU C 621 -30.88 -11.13 -12.25
CA LEU C 621 -30.39 -11.06 -13.62
C LEU C 621 -29.38 -9.93 -13.76
N SER C 622 -28.49 -10.06 -14.74
CA SER C 622 -27.55 -8.98 -14.97
C SER C 622 -26.89 -9.07 -16.33
N CYS C 623 -26.56 -7.90 -16.86
CA CYS C 623 -25.67 -7.80 -18.00
C CYS C 623 -24.59 -6.77 -17.70
N VAL C 624 -23.39 -7.04 -18.19
CA VAL C 624 -22.29 -6.10 -18.09
C VAL C 624 -21.68 -5.96 -19.46
N VAL C 625 -21.16 -4.76 -19.73
CA VAL C 625 -20.57 -4.41 -21.00
C VAL C 625 -19.15 -3.98 -20.70
N VAL C 626 -18.19 -4.82 -21.04
CA VAL C 626 -16.79 -4.48 -20.91
C VAL C 626 -16.39 -3.75 -22.18
N ASP C 627 -15.88 -2.53 -22.03
CA ASP C 627 -15.69 -1.60 -23.13
C ASP C 627 -14.20 -1.38 -23.35
N ASP C 628 -13.75 -1.59 -24.58
CA ASP C 628 -12.36 -1.40 -24.97
C ASP C 628 -11.42 -2.12 -24.01
N ILE C 629 -11.59 -3.44 -23.98
CA ILE C 629 -10.77 -4.33 -23.14
C ILE C 629 -9.30 -3.98 -23.25
N GLU C 630 -8.81 -3.80 -24.48
CA GLU C 630 -7.41 -3.49 -24.68
C GLU C 630 -6.95 -2.29 -23.85
N ARG C 631 -7.82 -1.29 -23.71
CA ARG C 631 -7.49 -0.16 -22.85
C ARG C 631 -7.75 -0.49 -21.39
N LEU C 632 -8.71 -1.38 -21.13
CA LEU C 632 -9.00 -1.76 -19.76
C LEU C 632 -7.79 -2.40 -19.12
N LEU C 633 -7.07 -3.23 -19.88
CA LEU C 633 -5.86 -3.88 -19.41
C LEU C 633 -4.59 -3.18 -19.93
N ASP C 634 -4.76 -1.99 -20.52
CA ASP C 634 -3.67 -1.13 -20.97
C ASP C 634 -2.72 -1.81 -21.95
N TYR C 635 -3.26 -2.56 -22.91
CA TYR C 635 -2.40 -3.19 -23.91
C TYR C 635 -1.74 -2.14 -24.80
N VAL C 636 -0.47 -2.38 -25.11
CA VAL C 636 0.29 -1.54 -26.03
C VAL C 636 0.98 -2.47 -27.03
N PRO C 637 0.91 -2.22 -28.33
CA PRO C 637 1.53 -3.14 -29.29
C PRO C 637 3.05 -3.26 -29.20
N ILE C 638 3.78 -2.17 -28.96
CA ILE C 638 5.25 -2.20 -28.95
C ILE C 638 5.73 -2.30 -27.53
N GLY C 639 6.74 -3.15 -27.31
CA GLY C 639 7.26 -3.42 -26.00
C GLY C 639 6.08 -3.85 -25.17
N PRO C 640 5.44 -4.96 -25.57
CA PRO C 640 4.13 -5.30 -24.99
C PRO C 640 4.14 -5.31 -23.48
N ARG C 641 3.21 -4.52 -22.94
CA ARG C 641 3.02 -4.31 -21.53
C ARG C 641 1.53 -4.26 -21.31
N PHE C 642 1.10 -4.88 -20.23
CA PHE C 642 -0.26 -5.31 -20.04
C PHE C 642 -0.52 -5.52 -18.57
N SER C 643 -1.65 -5.01 -18.09
CA SER C 643 -1.95 -5.14 -16.67
C SER C 643 -2.17 -6.61 -16.37
N ASN C 644 -1.21 -7.23 -15.69
CA ASN C 644 -1.30 -8.66 -15.43
C ASN C 644 -2.47 -8.96 -14.51
N LEU C 645 -2.57 -8.20 -13.41
CA LEU C 645 -3.64 -8.43 -12.45
C LEU C 645 -5.00 -8.22 -13.08
N VAL C 646 -5.14 -7.17 -13.89
CA VAL C 646 -6.42 -6.89 -14.51
C VAL C 646 -6.78 -7.99 -15.49
N LEU C 647 -5.81 -8.45 -16.28
CA LEU C 647 -6.06 -9.55 -17.20
C LEU C 647 -6.55 -10.77 -16.45
N GLN C 648 -5.84 -11.14 -15.39
CA GLN C 648 -6.15 -12.37 -14.67
C GLN C 648 -7.52 -12.28 -14.03
N ALA C 649 -7.84 -11.14 -13.44
CA ALA C 649 -9.13 -10.99 -12.79
C ALA C 649 -10.26 -10.99 -13.81
N LEU C 650 -10.09 -10.22 -14.88
CA LEU C 650 -11.08 -10.20 -15.94
C LEU C 650 -11.30 -11.58 -16.52
N LEU C 651 -10.27 -12.40 -16.55
CA LEU C 651 -10.41 -13.73 -17.12
C LEU C 651 -11.12 -14.67 -16.16
N VAL C 652 -10.75 -14.62 -14.88
CA VAL C 652 -11.41 -15.44 -13.87
C VAL C 652 -12.90 -15.13 -13.82
N LEU C 653 -13.25 -13.85 -13.89
CA LEU C 653 -14.63 -13.45 -13.68
C LEU C 653 -15.54 -13.88 -14.82
N LEU C 654 -14.98 -14.17 -16.00
CA LEU C 654 -15.81 -14.72 -17.07
C LEU C 654 -16.36 -16.07 -16.68
N LYS C 655 -15.52 -16.92 -16.09
CA LYS C 655 -15.90 -18.28 -15.74
C LYS C 655 -16.18 -18.44 -14.25
N LYS C 656 -16.42 -17.34 -13.54
CA LYS C 656 -17.00 -17.45 -12.21
C LYS C 656 -18.50 -17.76 -12.32
N ALA C 657 -18.91 -18.79 -11.60
CA ALA C 657 -20.30 -19.25 -11.58
C ALA C 657 -21.05 -18.59 -10.43
N PRO C 658 -22.11 -17.81 -10.69
CA PRO C 658 -22.83 -17.19 -9.57
C PRO C 658 -23.49 -18.22 -8.69
N PRO C 659 -23.66 -17.93 -7.38
CA PRO C 659 -23.97 -18.99 -6.41
C PRO C 659 -25.28 -19.76 -6.55
N GLN C 660 -26.44 -19.11 -6.79
CA GLN C 660 -27.74 -19.81 -6.74
C GLN C 660 -28.65 -19.54 -7.94
N GLY C 661 -28.24 -19.96 -9.13
CA GLY C 661 -29.10 -19.78 -10.27
C GLY C 661 -29.21 -18.37 -10.79
N ARG C 662 -28.35 -17.48 -10.33
CA ARG C 662 -28.34 -16.11 -10.84
C ARG C 662 -27.81 -16.16 -12.27
N LYS C 663 -28.39 -15.32 -13.13
CA LYS C 663 -28.03 -15.30 -14.55
C LYS C 663 -27.33 -14.00 -14.91
N LEU C 664 -26.15 -14.13 -15.52
CA LEU C 664 -25.31 -13.03 -15.92
C LEU C 664 -24.79 -13.18 -17.34
N LEU C 665 -24.72 -12.08 -18.08
CA LEU C 665 -24.09 -12.13 -19.39
C LEU C 665 -23.08 -11.00 -19.49
N ILE C 666 -22.00 -11.29 -20.21
CA ILE C 666 -20.89 -10.37 -20.39
C ILE C 666 -20.79 -10.08 -21.88
N ILE C 667 -20.69 -8.79 -22.21
CA ILE C 667 -20.58 -8.29 -23.56
C ILE C 667 -19.23 -7.60 -23.65
N GLY C 668 -18.20 -8.30 -24.12
CA GLY C 668 -16.91 -7.69 -24.28
C GLY C 668 -16.80 -6.99 -25.62
N THR C 669 -15.95 -5.95 -25.66
CA THR C 669 -15.66 -5.29 -26.91
C THR C 669 -14.19 -5.01 -27.03
N THR C 670 -13.70 -5.08 -28.27
CA THR C 670 -12.35 -4.66 -28.60
C THR C 670 -12.24 -4.50 -30.10
N SER C 671 -11.14 -3.90 -30.51
CA SER C 671 -10.82 -3.69 -31.92
C SER C 671 -10.01 -4.83 -32.51
N ARG C 672 -9.46 -5.71 -31.70
CA ARG C 672 -8.49 -6.71 -32.13
C ARG C 672 -8.70 -8.02 -31.40
N LYS C 673 -8.76 -9.11 -32.16
CA LYS C 673 -8.86 -10.44 -31.59
C LYS C 673 -7.51 -11.09 -31.35
N ASP C 674 -6.48 -10.66 -32.06
CA ASP C 674 -5.22 -11.39 -32.06
C ASP C 674 -4.57 -11.38 -30.69
N VAL C 675 -4.54 -10.23 -30.03
CA VAL C 675 -3.94 -10.15 -28.70
C VAL C 675 -4.69 -11.02 -27.71
N LEU C 676 -6.02 -11.07 -27.80
CA LEU C 676 -6.77 -11.92 -26.90
C LEU C 676 -6.53 -13.39 -27.19
N GLN C 677 -6.39 -13.74 -28.47
CA GLN C 677 -6.07 -15.12 -28.81
C GLN C 677 -4.71 -15.52 -28.29
N GLU C 678 -3.77 -14.57 -28.27
CA GLU C 678 -2.46 -14.83 -27.72
C GLU C 678 -2.47 -14.83 -26.20
N MET C 679 -3.36 -14.04 -25.58
CA MET C 679 -3.52 -14.01 -24.13
C MET C 679 -4.43 -15.12 -23.60
N GLU C 680 -4.96 -15.98 -24.48
CA GLU C 680 -5.78 -17.11 -24.05
C GLU C 680 -7.07 -16.65 -23.37
N MET C 681 -7.78 -15.74 -24.04
CA MET C 681 -9.04 -15.19 -23.57
C MET C 681 -10.19 -15.49 -24.50
N LEU C 682 -9.91 -15.85 -25.75
CA LEU C 682 -10.97 -15.98 -26.74
C LEU C 682 -11.81 -17.19 -26.43
N ASN C 683 -11.18 -18.30 -26.08
CA ASN C 683 -11.92 -19.49 -25.66
C ASN C 683 -12.56 -19.30 -24.30
N ALA C 684 -12.06 -18.37 -23.48
CA ALA C 684 -12.77 -18.02 -22.26
C ALA C 684 -14.11 -17.39 -22.59
N PHE C 685 -14.11 -16.44 -23.51
CA PHE C 685 -15.35 -16.00 -24.15
C PHE C 685 -16.04 -17.17 -24.84
N SER C 686 -17.33 -17.32 -24.57
CA SER C 686 -18.05 -18.51 -25.01
C SER C 686 -18.30 -18.48 -26.51
N THR C 687 -18.94 -17.41 -27.01
CA THR C 687 -19.16 -17.30 -28.44
C THR C 687 -19.06 -15.85 -28.88
N THR C 688 -18.35 -15.62 -29.97
CA THR C 688 -17.94 -14.29 -30.39
C THR C 688 -18.69 -13.86 -31.64
N ILE C 689 -18.61 -12.56 -31.91
CA ILE C 689 -19.33 -11.92 -32.99
C ILE C 689 -18.37 -10.96 -33.68
N HIS C 690 -18.48 -10.91 -35.01
CA HIS C 690 -17.77 -9.93 -35.82
C HIS C 690 -18.72 -8.80 -36.17
N VAL C 691 -18.16 -7.62 -36.36
CA VAL C 691 -18.92 -6.45 -36.76
C VAL C 691 -18.35 -5.95 -38.08
N PRO C 692 -18.84 -6.40 -39.22
CA PRO C 692 -18.27 -5.94 -40.50
C PRO C 692 -18.65 -4.48 -40.74
N ASN C 693 -17.64 -3.63 -40.79
CA ASN C 693 -17.89 -2.24 -41.11
C ASN C 693 -18.28 -2.11 -42.57
N ILE C 694 -18.62 -0.90 -42.98
CA ILE C 694 -19.13 -0.69 -44.33
C ILE C 694 -18.02 -0.98 -45.34
N ALA C 695 -18.26 -1.97 -46.19
CA ALA C 695 -17.33 -2.40 -47.23
C ALA C 695 -17.76 -1.98 -48.62
N THR C 696 -18.77 -1.13 -48.75
CA THR C 696 -19.47 -0.94 -50.02
C THR C 696 -20.18 0.40 -50.06
N GLY C 697 -20.11 1.05 -51.22
CA GLY C 697 -20.80 2.31 -51.41
C GLY C 697 -22.31 2.17 -51.40
N GLU C 698 -22.82 1.02 -51.86
CA GLU C 698 -24.25 0.82 -51.93
C GLU C 698 -24.87 0.71 -50.54
N GLN C 699 -24.07 0.35 -49.53
CA GLN C 699 -24.46 0.40 -48.14
C GLN C 699 -24.19 1.77 -47.54
N LEU C 700 -23.07 2.36 -47.94
CA LEU C 700 -22.67 3.68 -47.47
C LEU C 700 -23.78 4.70 -47.71
N LEU C 701 -24.19 4.84 -48.96
CA LEU C 701 -25.17 5.87 -49.29
C LEU C 701 -26.55 5.54 -48.74
N GLU C 702 -26.85 4.26 -48.49
CA GLU C 702 -28.10 3.94 -47.80
C GLU C 702 -28.07 4.47 -46.37
N ALA C 703 -26.97 4.25 -45.67
CA ALA C 703 -26.81 4.85 -44.35
C ALA C 703 -26.87 6.36 -44.43
N LEU C 704 -26.31 6.91 -45.50
CA LEU C 704 -26.32 8.35 -45.69
C LEU C 704 -27.74 8.87 -45.87
N GLU C 705 -28.62 8.07 -46.47
CA GLU C 705 -30.03 8.43 -46.55
C GLU C 705 -30.67 8.37 -45.18
N LEU C 706 -30.44 7.28 -44.45
CA LEU C 706 -31.00 7.16 -43.11
C LEU C 706 -30.54 8.27 -42.18
N LEU C 707 -29.39 8.88 -42.47
CA LEU C 707 -29.00 10.11 -41.80
C LEU C 707 -29.75 11.31 -42.35
N GLY C 708 -29.73 11.49 -43.67
CA GLY C 708 -30.42 12.55 -44.35
C GLY C 708 -29.52 13.61 -44.96
N ASN C 709 -28.30 13.75 -44.49
CA ASN C 709 -27.39 14.74 -45.04
C ASN C 709 -26.85 14.27 -46.39
N PHE C 710 -26.17 15.18 -47.09
CA PHE C 710 -25.72 14.95 -48.46
C PHE C 710 -26.91 14.56 -49.35
N LYS C 711 -27.83 15.51 -49.51
CA LYS C 711 -29.11 15.29 -50.15
C LYS C 711 -28.94 14.84 -51.62
N ASP C 712 -30.07 14.46 -52.22
CA ASP C 712 -30.16 13.66 -53.45
C ASP C 712 -29.14 13.99 -54.55
N LYS C 713 -28.93 15.26 -54.86
CA LYS C 713 -27.95 15.59 -55.89
C LYS C 713 -26.55 15.19 -55.47
N GLU C 714 -26.21 15.42 -54.21
CA GLU C 714 -24.91 14.99 -53.72
C GLU C 714 -24.82 13.47 -53.68
N ARG C 715 -25.93 12.81 -53.34
CA ARG C 715 -25.98 11.35 -53.37
C ARG C 715 -25.64 10.84 -54.77
N THR C 716 -26.34 11.35 -55.77
CA THR C 716 -26.08 10.97 -57.14
C THR C 716 -24.67 11.32 -57.56
N THR C 717 -24.13 12.44 -57.06
CA THR C 717 -22.81 12.88 -57.47
C THR C 717 -21.74 11.92 -57.01
N ILE C 718 -21.87 11.37 -55.79
CA ILE C 718 -20.89 10.40 -55.30
C ILE C 718 -21.21 8.98 -55.74
N ALA C 719 -22.46 8.74 -56.16
CA ALA C 719 -22.89 7.41 -56.55
C ALA C 719 -22.03 6.81 -57.66
N GLN C 720 -21.66 7.59 -58.68
CA GLN C 720 -20.89 7.00 -59.77
C GLN C 720 -19.55 6.49 -59.27
N GLN C 721 -18.91 7.28 -58.43
CA GLN C 721 -17.59 6.96 -57.90
C GLN C 721 -17.61 5.76 -56.97
N VAL C 722 -18.61 5.62 -56.10
CA VAL C 722 -18.57 4.51 -55.12
C VAL C 722 -19.51 3.35 -55.44
N LYS C 723 -20.35 3.42 -56.47
CA LYS C 723 -21.27 2.33 -56.75
C LYS C 723 -20.55 1.03 -57.15
N GLY C 724 -19.52 1.14 -57.99
CA GLY C 724 -18.79 -0.01 -58.47
C GLY C 724 -17.41 -0.22 -57.88
N LYS C 725 -17.07 0.48 -56.81
CA LYS C 725 -15.75 0.39 -56.21
C LYS C 725 -15.89 0.10 -54.72
N LYS C 726 -14.77 -0.30 -54.12
CA LYS C 726 -14.72 -0.61 -52.71
C LYS C 726 -14.71 0.65 -51.87
N VAL C 727 -15.34 0.58 -50.71
CA VAL C 727 -15.11 1.54 -49.64
C VAL C 727 -15.19 0.78 -48.32
N TRP C 728 -14.08 0.75 -47.61
CA TRP C 728 -13.92 0.01 -46.35
C TRP C 728 -13.69 1.04 -45.25
N ILE C 729 -14.77 1.44 -44.58
CA ILE C 729 -14.67 2.34 -43.44
C ILE C 729 -15.73 2.00 -42.41
N GLY C 730 -15.57 2.58 -41.23
CA GLY C 730 -16.57 2.53 -40.19
C GLY C 730 -17.33 3.84 -40.07
N ILE C 731 -18.50 3.75 -39.45
CA ILE C 731 -19.40 4.89 -39.45
C ILE C 731 -19.02 5.91 -38.38
N LYS C 732 -18.31 5.50 -37.33
CA LYS C 732 -17.74 6.48 -36.42
C LYS C 732 -16.89 7.47 -37.19
N LYS C 733 -16.06 6.97 -38.11
CA LYS C 733 -15.30 7.86 -38.96
C LYS C 733 -16.21 8.58 -39.95
N LEU C 734 -17.26 7.91 -40.43
CA LEU C 734 -18.13 8.51 -41.44
C LEU C 734 -18.78 9.80 -40.92
N LEU C 735 -19.29 9.76 -39.69
CA LEU C 735 -19.93 10.93 -39.10
C LEU C 735 -18.99 12.12 -39.11
N MET C 736 -17.77 11.89 -38.65
CA MET C 736 -16.78 12.95 -38.57
C MET C 736 -16.41 13.46 -39.96
N LEU C 737 -16.33 12.55 -40.93
CA LEU C 737 -16.05 12.94 -42.30
C LEU C 737 -17.11 13.91 -42.81
N ILE C 738 -18.37 13.54 -42.66
CA ILE C 738 -19.43 14.35 -43.25
C ILE C 738 -19.52 15.68 -42.53
N GLU C 739 -19.34 15.68 -41.20
CA GLU C 739 -19.41 16.92 -40.45
C GLU C 739 -18.31 17.87 -40.89
N MET C 740 -17.10 17.35 -41.11
CA MET C 740 -16.01 18.22 -41.55
C MET C 740 -16.26 18.76 -42.96
N SER C 741 -16.74 17.91 -43.87
CA SER C 741 -16.96 18.35 -45.24
C SER C 741 -18.05 19.40 -45.32
N LEU C 742 -19.07 19.27 -44.48
CA LEU C 742 -20.24 20.13 -44.53
C LEU C 742 -19.96 21.61 -44.30
N GLN C 743 -18.88 21.95 -43.61
CA GLN C 743 -18.66 23.34 -43.19
C GLN C 743 -18.50 24.37 -44.31
N MET C 744 -17.56 24.17 -45.24
CA MET C 744 -17.18 25.28 -46.12
C MET C 744 -18.27 25.72 -47.09
N ASP C 745 -18.82 24.83 -47.91
CA ASP C 745 -19.84 25.29 -48.82
C ASP C 745 -20.52 24.09 -49.46
N PRO C 746 -21.72 24.29 -50.01
CA PRO C 746 -22.41 23.17 -50.68
C PRO C 746 -21.69 22.69 -51.91
N GLU C 747 -21.18 23.62 -52.71
CA GLU C 747 -20.52 23.28 -53.96
C GLU C 747 -19.24 22.49 -53.73
N TYR C 748 -18.45 22.87 -52.73
CA TYR C 748 -17.18 22.22 -52.42
C TYR C 748 -17.31 20.99 -51.52
N ARG C 749 -18.50 20.78 -50.94
CA ARG C 749 -18.71 19.73 -49.94
C ARG C 749 -18.45 18.33 -50.47
N VAL C 750 -18.89 18.02 -51.69
CA VAL C 750 -18.82 16.62 -52.10
C VAL C 750 -17.41 16.24 -52.52
N ARG C 751 -16.68 17.15 -53.18
CA ARG C 751 -15.33 16.80 -53.55
C ARG C 751 -14.42 16.80 -52.32
N LYS C 752 -14.69 17.67 -51.34
CA LYS C 752 -13.98 17.53 -50.08
C LYS C 752 -14.20 16.15 -49.47
N PHE C 753 -15.47 15.76 -49.32
CA PHE C 753 -15.79 14.47 -48.72
C PHE C 753 -15.08 13.34 -49.42
N LEU C 754 -15.08 13.37 -50.74
CA LEU C 754 -14.54 12.24 -51.48
C LEU C 754 -13.02 12.21 -51.48
N ALA C 755 -12.37 13.36 -51.66
CA ALA C 755 -10.91 13.38 -51.56
C ALA C 755 -10.46 12.99 -50.17
N LEU C 756 -11.25 13.35 -49.15
CA LEU C 756 -10.95 12.94 -47.78
C LEU C 756 -11.08 11.43 -47.64
N LEU C 757 -12.16 10.89 -48.18
CA LEU C 757 -12.43 9.46 -48.11
C LEU C 757 -11.39 8.64 -48.84
N ARG C 758 -10.77 9.21 -49.87
CA ARG C 758 -9.65 8.56 -50.53
C ARG C 758 -8.33 8.83 -49.85
N GLU C 759 -8.26 9.89 -49.03
CA GLU C 759 -7.06 10.12 -48.24
C GLU C 759 -6.94 9.11 -47.11
N GLU C 760 -8.05 8.81 -46.43
CA GLU C 760 -7.98 7.91 -45.29
C GLU C 760 -7.63 6.49 -45.72
N GLY C 761 -8.18 6.04 -46.84
CA GLY C 761 -7.95 4.69 -47.30
C GLY C 761 -6.51 4.47 -47.74
N ALA C 762 -5.79 3.65 -46.99
CA ALA C 762 -4.39 3.36 -47.28
C ALA C 762 -4.27 2.07 -48.10
N ILE D 233 -15.95 -30.68 51.54
CA ILE D 233 -14.72 -31.41 51.22
C ILE D 233 -14.76 -31.89 49.75
N ASN D 234 -15.74 -32.71 49.40
CA ASN D 234 -15.90 -33.27 48.07
C ASN D 234 -16.97 -32.52 47.31
N PRO D 235 -17.10 -32.73 45.99
CA PRO D 235 -18.12 -31.99 45.24
C PRO D 235 -19.52 -32.41 45.63
N ASP D 236 -20.53 -31.82 44.99
CA ASP D 236 -21.92 -31.88 45.46
C ASP D 236 -22.54 -33.28 45.38
N TRP D 237 -21.81 -34.29 44.91
CA TRP D 237 -22.24 -35.69 44.92
C TRP D 237 -23.41 -35.95 43.98
N ASN D 238 -23.62 -35.08 42.99
CA ASN D 238 -24.72 -35.25 42.04
C ASN D 238 -24.30 -35.03 40.60
N PHE D 239 -23.00 -34.96 40.32
CA PHE D 239 -22.55 -34.64 38.96
C PHE D 239 -22.94 -35.73 37.98
N GLU D 240 -22.40 -36.94 38.17
CA GLU D 240 -22.77 -38.13 37.39
C GLU D 240 -22.64 -37.89 35.89
N LYS D 241 -21.71 -37.02 35.51
CA LYS D 241 -21.43 -36.67 34.11
C LYS D 241 -22.69 -36.16 33.41
N MET D 242 -23.19 -35.03 33.91
CA MET D 242 -24.26 -34.27 33.28
C MET D 242 -23.72 -33.03 32.58
N GLY D 243 -24.31 -32.72 31.42
CA GLY D 243 -24.16 -31.45 30.75
C GLY D 243 -23.49 -31.54 29.39
N ILE D 244 -22.56 -32.48 29.23
CA ILE D 244 -21.64 -32.47 28.09
C ILE D 244 -21.61 -33.85 27.44
N GLY D 245 -21.47 -33.85 26.13
CA GLY D 245 -21.05 -35.02 25.40
C GLY D 245 -20.16 -34.60 24.26
N GLY D 246 -19.24 -35.49 23.89
CA GLY D 246 -18.28 -35.23 22.85
C GLY D 246 -16.89 -34.92 23.35
N LEU D 247 -16.78 -34.33 24.54
CA LEU D 247 -15.50 -34.09 25.19
C LEU D 247 -15.46 -34.92 26.46
N ASP D 248 -14.89 -36.11 26.35
CA ASP D 248 -14.77 -37.05 27.46
C ASP D 248 -13.34 -37.15 27.97
N LYS D 249 -12.38 -37.29 27.07
CA LYS D 249 -11.00 -37.49 27.50
C LYS D 249 -10.39 -36.19 28.02
N GLU D 250 -10.81 -35.05 27.48
CA GLU D 250 -10.34 -33.79 28.02
C GLU D 250 -10.90 -33.53 29.40
N PHE D 251 -12.17 -33.86 29.63
CA PHE D 251 -12.70 -33.75 30.99
C PHE D 251 -12.04 -34.75 31.92
N SER D 252 -11.60 -35.89 31.39
CA SER D 252 -10.78 -36.80 32.19
C SER D 252 -9.45 -36.16 32.57
N ASP D 253 -8.83 -35.46 31.61
CA ASP D 253 -7.64 -34.68 31.93
C ASP D 253 -7.94 -33.66 33.01
N ILE D 254 -9.14 -33.07 32.97
CA ILE D 254 -9.51 -32.10 34.01
C ILE D 254 -9.57 -32.80 35.36
N PHE D 255 -10.18 -33.99 35.42
CA PHE D 255 -10.16 -34.75 36.66
C PHE D 255 -8.73 -34.93 37.15
N ARG D 256 -7.90 -35.57 36.35
CA ARG D 256 -6.62 -36.03 36.84
C ARG D 256 -5.60 -34.91 37.00
N ARG D 257 -5.88 -33.71 36.48
CA ARG D 257 -5.05 -32.55 36.80
C ARG D 257 -5.58 -31.80 38.01
N ALA D 258 -6.89 -31.48 38.03
CA ALA D 258 -7.47 -30.57 39.02
C ALA D 258 -7.97 -31.27 40.28
N PHE D 259 -8.81 -32.28 40.11
CA PHE D 259 -9.58 -32.81 41.22
C PHE D 259 -8.85 -33.91 41.95
N ALA D 260 -7.82 -34.50 41.34
CA ALA D 260 -7.10 -35.60 41.96
C ALA D 260 -6.48 -35.17 43.27
N SER D 261 -5.60 -34.17 43.22
CA SER D 261 -4.91 -33.68 44.41
C SER D 261 -5.87 -33.24 45.51
N ARG D 262 -7.12 -32.98 45.17
CA ARG D 262 -8.13 -32.66 46.18
C ARG D 262 -8.72 -33.93 46.78
N VAL D 263 -9.13 -34.87 45.93
CA VAL D 263 -9.97 -36.00 46.34
C VAL D 263 -9.04 -37.19 46.58
N PHE D 264 -8.61 -37.33 47.83
CA PHE D 264 -7.65 -38.36 48.23
C PHE D 264 -7.53 -38.30 49.75
N PRO D 265 -7.06 -39.37 50.41
CA PRO D 265 -6.77 -39.26 51.85
C PRO D 265 -5.73 -38.18 52.12
N PRO D 266 -6.09 -37.10 52.83
CA PRO D 266 -5.16 -35.97 52.92
C PRO D 266 -3.91 -36.27 53.74
N GLU D 267 -3.94 -37.24 54.65
CA GLU D 267 -2.73 -37.65 55.33
C GLU D 267 -1.69 -38.10 54.32
N ILE D 268 -2.11 -38.95 53.38
CA ILE D 268 -1.19 -39.39 52.35
C ILE D 268 -0.87 -38.24 51.41
N VAL D 269 -1.68 -37.19 51.36
CA VAL D 269 -1.30 -36.03 50.56
C VAL D 269 -0.16 -35.28 51.23
N GLU D 270 -0.19 -35.18 52.55
CA GLU D 270 1.00 -34.68 53.27
C GLU D 270 2.19 -35.59 53.00
N GLN D 271 1.97 -36.90 52.93
CA GLN D 271 3.05 -37.82 52.57
C GLN D 271 3.57 -37.49 51.17
N MET D 272 2.69 -37.01 50.27
CA MET D 272 3.12 -36.61 48.93
C MET D 272 3.98 -35.35 48.97
N GLY D 273 3.45 -34.28 49.53
CA GLY D 273 4.13 -32.99 49.45
C GLY D 273 4.00 -32.35 48.08
N CYS D 274 2.80 -32.38 47.50
CA CYS D 274 2.49 -31.72 46.23
C CYS D 274 1.42 -30.67 46.43
N LYS D 275 1.68 -29.44 45.96
CA LYS D 275 0.69 -28.39 46.04
C LYS D 275 -0.33 -28.54 44.93
N HIS D 276 -1.55 -28.10 45.22
CA HIS D 276 -2.65 -28.29 44.29
C HIS D 276 -2.46 -27.40 43.08
N VAL D 277 -3.17 -27.72 42.03
CA VAL D 277 -3.15 -26.95 40.79
C VAL D 277 -4.18 -25.83 40.83
N LYS D 278 -3.79 -24.70 40.24
CA LYS D 278 -4.65 -23.59 39.89
C LYS D 278 -4.49 -23.32 38.40
N GLY D 279 -5.42 -22.54 37.86
CA GLY D 279 -5.23 -21.98 36.54
C GLY D 279 -5.50 -22.85 35.32
N ILE D 280 -6.71 -23.37 35.24
CA ILE D 280 -7.14 -23.98 33.98
C ILE D 280 -7.32 -22.89 32.94
N LEU D 281 -7.20 -23.25 31.67
CA LEU D 281 -7.68 -22.34 30.64
C LEU D 281 -8.15 -23.15 29.44
N LEU D 282 -8.98 -22.50 28.63
CA LEU D 282 -9.66 -23.15 27.51
C LEU D 282 -9.54 -22.21 26.32
N TYR D 283 -8.80 -22.61 25.29
CA TYR D 283 -8.52 -21.75 24.14
C TYR D 283 -9.19 -22.26 22.87
N GLY D 284 -10.36 -22.87 23.00
CA GLY D 284 -11.04 -23.42 21.87
C GLY D 284 -11.52 -22.32 20.93
N PRO D 285 -11.75 -22.64 19.66
CA PRO D 285 -12.32 -21.65 18.75
C PRO D 285 -13.77 -21.39 19.12
N PRO D 286 -14.43 -20.41 18.47
CA PRO D 286 -15.81 -20.09 18.87
C PRO D 286 -16.72 -21.31 18.78
N GLY D 287 -17.58 -21.46 19.78
CA GLY D 287 -18.41 -22.63 19.83
C GLY D 287 -17.66 -23.70 20.59
N CYS D 288 -18.17 -24.92 20.49
CA CYS D 288 -17.56 -26.10 21.09
C CYS D 288 -17.69 -26.16 22.62
N GLY D 289 -18.58 -25.37 23.21
CA GLY D 289 -18.90 -25.44 24.63
C GLY D 289 -17.83 -25.29 25.69
N LYS D 290 -16.88 -24.38 25.52
CA LYS D 290 -15.89 -24.15 26.57
C LYS D 290 -16.57 -23.55 27.80
N THR D 291 -17.48 -22.60 27.57
CA THR D 291 -18.23 -21.97 28.65
C THR D 291 -18.99 -22.98 29.47
N LEU D 292 -19.44 -24.06 28.87
CA LEU D 292 -20.29 -24.98 29.60
C LEU D 292 -19.45 -25.81 30.56
N LEU D 293 -18.23 -26.18 30.17
CA LEU D 293 -17.28 -26.70 31.14
C LEU D 293 -17.05 -25.71 32.27
N ALA D 294 -16.81 -24.45 31.90
CA ALA D 294 -16.52 -23.43 32.92
C ALA D 294 -17.69 -23.23 33.88
N ARG D 295 -18.90 -23.60 33.48
CA ARG D 295 -20.06 -23.53 34.35
C ARG D 295 -20.26 -24.82 35.15
N GLN D 296 -20.09 -25.97 34.50
CA GLN D 296 -20.42 -27.23 35.15
C GLN D 296 -19.39 -27.63 36.21
N ILE D 297 -18.11 -27.27 36.04
CA ILE D 297 -17.16 -27.56 37.10
C ILE D 297 -17.54 -26.80 38.37
N GLY D 298 -18.01 -25.57 38.21
CA GLY D 298 -18.48 -24.80 39.35
C GLY D 298 -19.74 -25.39 39.94
N LYS D 299 -20.62 -25.92 39.10
CA LYS D 299 -21.77 -26.66 39.61
C LYS D 299 -21.32 -27.86 40.44
N MET D 300 -20.23 -28.49 40.04
CA MET D 300 -19.77 -29.69 40.75
C MET D 300 -19.24 -29.34 42.12
N LEU D 301 -18.16 -28.56 42.14
CA LEU D 301 -17.45 -28.26 43.37
C LEU D 301 -18.34 -27.54 44.39
N ASN D 302 -18.23 -27.98 45.64
CA ASN D 302 -19.00 -27.44 46.76
C ASN D 302 -18.18 -26.36 47.46
N ALA D 303 -18.50 -25.10 47.17
CA ALA D 303 -17.81 -23.95 47.72
C ALA D 303 -18.70 -22.74 47.51
N ARG D 304 -18.23 -21.58 47.96
CA ARG D 304 -18.98 -20.35 47.70
C ARG D 304 -19.06 -20.18 46.19
N GLU D 305 -20.21 -19.71 45.72
CA GLU D 305 -20.43 -19.62 44.28
C GLU D 305 -19.32 -18.80 43.62
N PRO D 306 -18.78 -19.24 42.48
CA PRO D 306 -17.65 -18.54 41.88
C PRO D 306 -17.99 -17.12 41.46
N LYS D 307 -17.05 -16.21 41.70
CA LYS D 307 -17.22 -14.81 41.35
C LYS D 307 -16.92 -14.65 39.88
N VAL D 308 -17.99 -14.59 39.09
CA VAL D 308 -17.90 -14.42 37.65
C VAL D 308 -17.21 -13.10 37.34
N VAL D 309 -16.51 -13.07 36.21
CA VAL D 309 -15.98 -11.85 35.62
C VAL D 309 -16.47 -11.82 34.18
N ASN D 310 -17.56 -11.09 33.93
CA ASN D 310 -18.19 -11.06 32.61
C ASN D 310 -17.36 -10.15 31.72
N GLY D 311 -16.25 -10.69 31.26
CA GLY D 311 -15.29 -9.90 30.54
C GLY D 311 -14.73 -8.82 31.44
N PRO D 312 -14.09 -7.81 30.86
CA PRO D 312 -13.60 -6.71 31.69
C PRO D 312 -14.71 -5.89 32.32
N GLU D 313 -14.77 -5.96 33.64
CA GLU D 313 -15.46 -4.99 34.47
C GLU D 313 -14.56 -4.43 35.55
N ILE D 314 -13.32 -4.92 35.64
CA ILE D 314 -12.38 -4.40 36.61
C ILE D 314 -11.85 -3.04 36.20
N LEU D 315 -11.73 -2.81 34.89
CA LEU D 315 -11.19 -1.56 34.41
C LEU D 315 -12.05 -0.38 34.83
N ASN D 316 -11.40 0.70 35.25
CA ASN D 316 -12.09 1.93 35.59
C ASN D 316 -11.13 3.08 35.38
N LYS D 317 -11.68 4.29 35.29
CA LYS D 317 -10.86 5.44 34.93
C LYS D 317 -9.82 5.74 36.00
N TYR D 318 -10.22 5.74 37.27
CA TYR D 318 -9.33 6.16 38.33
C TYR D 318 -8.25 5.11 38.51
N VAL D 319 -7.00 5.49 38.22
CA VAL D 319 -5.93 4.51 38.20
C VAL D 319 -5.66 4.05 39.62
N GLY D 320 -5.26 2.79 39.75
CA GLY D 320 -5.21 2.10 41.00
C GLY D 320 -6.45 1.28 41.28
N GLU D 321 -7.61 1.71 40.80
CA GLU D 321 -8.83 0.94 41.00
C GLU D 321 -8.87 -0.26 40.08
N SER D 322 -8.46 -0.09 38.82
CA SER D 322 -8.36 -1.22 37.91
C SER D 322 -7.37 -2.25 38.45
N GLU D 323 -6.23 -1.79 38.93
CA GLU D 323 -5.24 -2.69 39.51
C GLU D 323 -5.74 -3.34 40.79
N ALA D 324 -6.45 -2.56 41.62
CA ALA D 324 -6.91 -2.99 42.92
C ALA D 324 -8.24 -3.74 42.96
N ASN D 325 -8.97 -3.87 41.87
CA ASN D 325 -10.21 -4.65 41.97
C ASN D 325 -9.89 -6.10 42.30
N ILE D 326 -8.78 -6.62 41.76
CA ILE D 326 -8.43 -8.02 41.95
C ILE D 326 -8.20 -8.36 43.42
N ARG D 327 -7.66 -7.44 44.24
CA ARG D 327 -7.47 -7.81 45.64
C ARG D 327 -8.82 -8.15 46.26
N LYS D 328 -9.84 -7.35 45.91
CA LYS D 328 -11.22 -7.65 46.32
C LYS D 328 -11.67 -8.99 45.76
N LEU D 329 -11.16 -9.34 44.58
CA LEU D 329 -11.53 -10.61 43.98
C LEU D 329 -10.95 -11.79 44.76
N PHE D 330 -9.74 -11.62 45.31
CA PHE D 330 -9.01 -12.66 46.03
C PHE D 330 -9.09 -12.57 47.55
N ALA D 331 -9.74 -11.53 48.09
CA ALA D 331 -9.60 -11.24 49.52
C ALA D 331 -10.21 -12.34 50.38
N ASP D 332 -11.44 -12.73 50.08
CA ASP D 332 -12.09 -13.77 50.88
C ASP D 332 -11.30 -15.06 50.80
N ALA D 333 -10.73 -15.34 49.64
CA ALA D 333 -9.94 -16.55 49.46
C ALA D 333 -8.71 -16.55 50.33
N GLU D 334 -7.95 -15.45 50.34
CA GLU D 334 -6.75 -15.44 51.17
C GLU D 334 -7.12 -15.35 52.64
N GLU D 335 -8.28 -14.78 52.95
CA GLU D 335 -8.79 -14.81 54.32
C GLU D 335 -8.99 -16.25 54.77
N GLU D 336 -9.64 -17.06 53.93
CA GLU D 336 -9.83 -18.46 54.28
C GLU D 336 -8.53 -19.23 54.27
N GLN D 337 -7.55 -18.78 53.49
CA GLN D 337 -6.22 -19.37 53.54
C GLN D 337 -5.59 -19.15 54.90
N ARG D 338 -5.58 -17.91 55.37
CA ARG D 338 -4.90 -17.58 56.61
C ARG D 338 -5.67 -18.09 57.82
N ARG D 339 -6.92 -17.65 57.96
CA ARG D 339 -7.80 -18.15 58.99
C ARG D 339 -8.49 -19.41 58.49
N LEU D 340 -8.45 -20.47 59.30
CA LEU D 340 -9.06 -21.75 58.95
C LEU D 340 -8.41 -22.33 57.70
N GLY D 341 -7.07 -22.40 57.73
CA GLY D 341 -6.32 -22.67 56.51
C GLY D 341 -6.22 -24.11 56.07
N ALA D 342 -6.29 -25.08 56.99
CA ALA D 342 -5.96 -26.45 56.62
C ALA D 342 -7.00 -27.04 55.68
N ASN D 343 -8.25 -27.11 56.13
CA ASN D 343 -9.36 -27.52 55.27
C ASN D 343 -9.96 -26.19 54.82
N SER D 344 -10.11 -26.01 53.52
CA SER D 344 -10.48 -24.72 52.97
C SER D 344 -11.66 -24.76 52.01
N GLY D 345 -12.15 -23.54 51.76
CA GLY D 345 -13.28 -23.30 50.87
C GLY D 345 -13.08 -23.74 49.43
N LEU D 346 -11.84 -23.70 48.94
CA LEU D 346 -11.49 -24.04 47.56
C LEU D 346 -12.22 -23.16 46.53
N HIS D 347 -12.16 -21.85 46.75
CA HIS D 347 -12.83 -20.88 45.88
C HIS D 347 -12.29 -20.87 44.46
N ILE D 348 -13.20 -20.62 43.53
CA ILE D 348 -12.92 -20.59 42.10
C ILE D 348 -13.37 -19.28 41.46
N ILE D 349 -12.68 -18.92 40.38
CA ILE D 349 -13.06 -17.77 39.58
C ILE D 349 -12.91 -18.12 38.11
N ILE D 350 -13.73 -17.50 37.27
CA ILE D 350 -13.90 -17.91 35.88
C ILE D 350 -13.08 -17.05 34.94
N PHE D 351 -13.08 -15.74 35.16
CA PHE D 351 -12.12 -14.82 34.53
C PHE D 351 -12.15 -14.93 33.01
N ASP D 352 -13.36 -14.91 32.46
CA ASP D 352 -13.59 -15.12 31.04
C ASP D 352 -12.89 -14.06 30.19
N GLU D 353 -12.58 -14.44 28.95
CA GLU D 353 -12.05 -13.54 27.92
C GLU D 353 -10.79 -12.81 28.38
N ILE D 354 -9.76 -13.60 28.67
CA ILE D 354 -8.45 -13.03 28.99
C ILE D 354 -7.89 -12.19 27.84
N ASP D 355 -8.33 -12.46 26.60
CA ASP D 355 -7.84 -11.71 25.45
C ASP D 355 -8.01 -10.20 25.60
N ALA D 356 -8.96 -9.76 26.42
CA ALA D 356 -9.15 -8.35 26.69
C ALA D 356 -8.18 -7.85 27.76
N ILE D 357 -8.08 -8.58 28.87
CA ILE D 357 -7.43 -8.03 30.05
C ILE D 357 -5.93 -8.18 29.94
N CYS D 358 -5.45 -9.31 29.43
CA CYS D 358 -4.03 -9.58 29.32
C CYS D 358 -3.54 -9.34 27.89
N LYS D 359 -2.29 -8.92 27.79
CA LYS D 359 -1.63 -8.56 26.54
C LYS D 359 -0.15 -8.84 26.75
N GLN D 360 0.69 -8.45 25.79
CA GLN D 360 2.13 -8.72 25.88
C GLN D 360 2.83 -7.65 26.73
N ARG D 361 2.38 -7.54 27.99
CA ARG D 361 2.98 -6.66 28.97
C ARG D 361 2.97 -5.18 28.57
N GLY D 362 2.06 -4.79 27.67
CA GLY D 362 1.97 -3.42 27.23
C GLY D 362 2.85 -3.06 26.06
N SER D 363 3.80 -3.91 25.67
CA SER D 363 4.63 -3.59 24.52
C SER D 363 3.82 -3.61 23.23
N MET D 364 2.98 -4.61 23.06
CA MET D 364 2.18 -4.79 21.86
C MET D 364 0.82 -4.09 22.02
N ALA D 365 -0.03 -4.27 21.02
CA ALA D 365 -1.38 -3.71 20.97
C ALA D 365 -1.35 -2.18 20.94
N GLY D 366 -0.47 -1.64 20.09
CA GLY D 366 -0.28 -0.21 20.05
C GLY D 366 0.33 0.29 21.35
N SER D 367 0.05 1.55 21.67
CA SER D 367 0.47 2.14 22.94
C SER D 367 -0.67 1.94 23.93
N THR D 368 -0.66 0.81 24.62
CA THR D 368 -1.65 0.53 25.66
C THR D 368 -1.18 1.20 26.94
N GLY D 369 -1.93 2.20 27.40
CA GLY D 369 -1.61 2.89 28.63
C GLY D 369 -1.45 1.94 29.79
N VAL D 370 -0.66 2.33 30.79
CA VAL D 370 -0.30 1.45 31.90
C VAL D 370 -1.50 0.98 32.71
N HIS D 371 -2.67 1.61 32.54
CA HIS D 371 -3.92 1.05 33.02
C HIS D 371 -4.10 -0.38 32.52
N ASP D 372 -3.65 -0.64 31.29
CA ASP D 372 -3.80 -1.97 30.70
C ASP D 372 -3.04 -3.02 31.50
N THR D 373 -1.89 -2.64 32.06
CA THR D 373 -1.04 -3.61 32.73
C THR D 373 -1.51 -3.92 34.15
N VAL D 374 -2.64 -4.64 34.22
CA VAL D 374 -3.14 -5.19 35.48
C VAL D 374 -2.65 -6.63 35.60
N VAL D 375 -1.99 -7.13 34.55
CA VAL D 375 -1.44 -8.47 34.54
C VAL D 375 -0.41 -8.59 35.64
N ASN D 376 0.34 -7.52 35.86
CA ASN D 376 1.37 -7.52 36.89
C ASN D 376 0.79 -7.79 38.27
N GLN D 377 -0.33 -7.13 38.59
CA GLN D 377 -0.97 -7.36 39.87
C GLN D 377 -1.50 -8.78 39.93
N LEU D 378 -2.06 -9.27 38.82
CA LEU D 378 -2.61 -10.63 38.81
C LEU D 378 -1.52 -11.66 39.05
N LEU D 379 -0.42 -11.55 38.29
CA LEU D 379 0.75 -12.41 38.49
C LEU D 379 1.18 -12.42 39.94
N SER D 380 1.36 -11.24 40.53
CA SER D 380 1.90 -11.17 41.88
C SER D 380 0.94 -11.78 42.88
N LYS D 381 -0.36 -11.74 42.61
CA LYS D 381 -1.29 -12.35 43.55
C LYS D 381 -1.35 -13.87 43.38
N ILE D 382 -1.23 -14.38 42.15
CA ILE D 382 -1.43 -15.82 41.96
C ILE D 382 -0.16 -16.61 42.32
N ASP D 383 1.03 -16.12 41.92
CA ASP D 383 2.28 -16.84 42.21
C ASP D 383 3.37 -15.94 42.77
N GLY D 384 3.04 -14.75 43.28
CA GLY D 384 4.07 -13.89 43.82
C GLY D 384 4.60 -14.40 45.14
N VAL D 385 5.11 -13.49 45.98
CA VAL D 385 5.73 -13.90 47.23
C VAL D 385 4.72 -14.60 48.12
N GLU D 386 3.60 -13.95 48.39
CA GLU D 386 2.50 -14.62 49.07
C GLU D 386 1.86 -15.58 48.08
N GLN D 387 1.68 -16.83 48.52
CA GLN D 387 1.21 -17.90 47.65
C GLN D 387 -0.14 -18.41 48.13
N LEU D 388 -0.89 -18.96 47.19
CA LEU D 388 -2.20 -19.53 47.46
C LEU D 388 -2.28 -20.95 46.91
N ASN D 389 -2.75 -21.85 47.77
CA ASN D 389 -3.02 -23.23 47.42
C ASN D 389 -4.50 -23.55 47.55
N ASN D 390 -5.34 -22.54 47.82
CA ASN D 390 -6.76 -22.72 48.05
C ASN D 390 -7.65 -22.23 46.92
N ILE D 391 -7.15 -21.60 45.88
CA ILE D 391 -8.05 -21.13 44.82
C ILE D 391 -7.53 -21.44 43.45
N LEU D 392 -8.48 -21.61 42.53
CA LEU D 392 -8.13 -21.86 41.14
C LEU D 392 -8.91 -20.92 40.23
N VAL D 393 -8.21 -20.46 39.21
CA VAL D 393 -8.75 -19.57 38.21
C VAL D 393 -8.95 -20.40 36.96
N ILE D 394 -9.85 -19.93 36.12
CA ILE D 394 -10.13 -20.56 34.85
C ILE D 394 -9.98 -19.46 33.81
N GLY D 395 -9.68 -19.87 32.59
CA GLY D 395 -9.58 -18.95 31.49
C GLY D 395 -10.31 -19.45 30.27
N MET D 396 -10.68 -18.51 29.43
CA MET D 396 -11.56 -18.77 28.29
C MET D 396 -11.18 -17.78 27.22
N THR D 397 -10.74 -18.27 26.06
CA THR D 397 -10.30 -17.40 24.99
C THR D 397 -10.70 -17.96 23.64
N ASN D 398 -10.65 -17.08 22.66
CA ASN D 398 -10.71 -17.44 21.25
C ASN D 398 -9.40 -17.21 20.53
N ARG D 399 -8.40 -16.64 21.21
CA ARG D 399 -7.14 -16.26 20.58
C ARG D 399 -6.04 -16.35 21.62
N PRO D 400 -5.56 -17.57 21.93
CA PRO D 400 -4.63 -17.70 23.06
C PRO D 400 -3.28 -17.06 22.82
N ASP D 401 -2.74 -17.20 21.61
CA ASP D 401 -1.40 -16.73 21.30
C ASP D 401 -1.22 -15.24 21.57
N LEU D 402 -2.30 -14.46 21.58
CA LEU D 402 -2.22 -13.06 21.96
C LEU D 402 -1.85 -12.87 23.42
N ILE D 403 -1.99 -13.90 24.25
CA ILE D 403 -1.59 -13.78 25.65
C ILE D 403 -0.07 -13.73 25.75
N ASP D 404 0.42 -13.01 26.76
CA ASP D 404 1.85 -12.98 27.03
C ASP D 404 2.39 -14.38 27.33
N GLU D 405 3.70 -14.52 27.15
CA GLU D 405 4.38 -15.77 27.46
C GLU D 405 4.25 -16.17 28.92
N ALA D 406 4.00 -15.21 29.82
CA ALA D 406 4.23 -15.45 31.24
C ALA D 406 3.17 -16.38 31.84
N LEU D 407 1.89 -16.06 31.65
CA LEU D 407 0.87 -16.72 32.47
C LEU D 407 0.71 -18.20 32.13
N LEU D 408 0.90 -18.58 30.87
CA LEU D 408 0.48 -19.90 30.40
C LEU D 408 1.21 -21.06 31.07
N ARG D 409 2.36 -20.81 31.68
CA ARG D 409 3.17 -21.84 32.27
C ARG D 409 2.67 -22.33 33.64
N PRO D 410 3.19 -23.47 34.12
CA PRO D 410 2.75 -24.03 35.39
C PRO D 410 2.97 -23.11 36.58
N GLY D 411 2.04 -23.21 37.52
CA GLY D 411 2.02 -22.43 38.72
C GLY D 411 1.04 -21.29 38.59
N ARG D 412 1.00 -20.68 37.41
CA ARG D 412 -0.01 -19.69 37.08
C ARG D 412 -1.17 -20.27 36.29
N LEU D 413 -0.92 -20.89 35.13
CA LEU D 413 -1.97 -21.53 34.33
C LEU D 413 -1.44 -22.93 33.95
N GLU D 414 -1.70 -23.89 34.84
CA GLU D 414 -1.13 -25.24 34.71
C GLU D 414 -1.57 -26.02 33.48
N VAL D 415 -2.85 -25.99 33.12
CA VAL D 415 -3.37 -26.85 32.06
C VAL D 415 -3.96 -26.02 30.93
N LYS D 416 -3.54 -26.34 29.71
CA LYS D 416 -3.99 -25.70 28.48
C LYS D 416 -4.39 -26.78 27.50
N MET D 417 -5.58 -26.65 26.90
CA MET D 417 -5.99 -27.62 25.89
C MET D 417 -7.15 -27.05 25.09
N GLU D 418 -7.10 -27.24 23.78
CA GLU D 418 -8.18 -26.78 22.93
C GLU D 418 -9.45 -27.56 23.19
N ILE D 419 -10.55 -27.00 22.73
CA ILE D 419 -11.81 -27.70 22.62
C ILE D 419 -12.11 -27.79 21.12
N GLY D 420 -11.89 -28.95 20.55
CA GLY D 420 -11.89 -29.09 19.11
C GLY D 420 -13.24 -29.39 18.53
N LEU D 421 -13.35 -29.14 17.23
CA LEU D 421 -14.53 -29.44 16.46
C LEU D 421 -14.74 -30.95 16.53
N PRO D 422 -15.78 -31.44 17.21
CA PRO D 422 -15.82 -32.86 17.57
C PRO D 422 -16.00 -33.75 16.35
N ASP D 423 -15.58 -35.01 16.53
CA ASP D 423 -15.78 -36.03 15.52
C ASP D 423 -17.24 -36.43 15.42
N GLU D 424 -17.53 -37.34 14.48
CA GLU D 424 -18.88 -37.82 14.29
C GLU D 424 -19.44 -38.48 15.54
N LYS D 425 -18.59 -39.18 16.29
CA LYS D 425 -19.04 -39.86 17.49
C LYS D 425 -19.52 -38.83 18.52
N GLY D 426 -18.66 -37.88 18.86
CA GLY D 426 -19.06 -36.83 19.78
C GLY D 426 -20.23 -36.01 19.27
N ARG D 427 -20.34 -35.84 17.95
CA ARG D 427 -21.45 -35.08 17.43
C ARG D 427 -22.75 -35.83 17.61
N LEU D 428 -22.70 -37.15 17.46
CA LEU D 428 -23.85 -37.98 17.77
C LEU D 428 -24.21 -37.85 19.23
N GLN D 429 -23.20 -37.91 20.11
CA GLN D 429 -23.51 -37.88 21.53
C GLN D 429 -24.14 -36.56 21.94
N ILE D 430 -23.59 -35.43 21.47
CA ILE D 430 -24.15 -34.12 21.80
C ILE D 430 -25.55 -33.95 21.22
N LEU D 431 -25.77 -34.39 19.97
CA LEU D 431 -27.10 -34.28 19.40
C LEU D 431 -28.07 -35.14 20.20
N HIS D 432 -27.58 -36.28 20.68
CA HIS D 432 -28.41 -37.16 21.48
C HIS D 432 -28.81 -36.45 22.75
N ILE D 433 -27.90 -35.69 23.37
CA ILE D 433 -28.24 -35.00 24.61
C ILE D 433 -29.35 -33.99 24.37
N HIS D 434 -29.22 -33.20 23.31
CA HIS D 434 -30.28 -32.21 23.09
C HIS D 434 -31.62 -32.87 22.76
N THR D 435 -31.63 -33.88 21.89
CA THR D 435 -32.86 -34.56 21.53
C THR D 435 -33.43 -35.48 22.61
N ALA D 436 -32.63 -35.89 23.60
CA ALA D 436 -33.03 -36.90 24.56
C ALA D 436 -34.30 -36.58 25.32
N ARG D 437 -34.48 -35.34 25.74
CA ARG D 437 -35.68 -35.00 26.49
C ARG D 437 -36.92 -35.19 25.62
N MET D 438 -36.86 -34.74 24.38
CA MET D 438 -37.99 -34.92 23.47
C MET D 438 -38.20 -36.40 23.16
N ARG D 439 -37.12 -37.16 22.93
CA ARG D 439 -37.28 -38.57 22.62
C ARG D 439 -37.94 -39.26 23.80
N GLY D 440 -37.57 -38.83 25.01
CA GLY D 440 -38.18 -39.40 26.20
C GLY D 440 -39.67 -39.17 26.16
N HIS D 441 -40.07 -37.98 25.74
CA HIS D 441 -41.49 -37.73 25.59
C HIS D 441 -42.02 -38.59 24.44
N GLN D 442 -43.23 -39.11 24.61
CA GLN D 442 -43.79 -40.08 23.67
C GLN D 442 -44.03 -39.52 22.26
N LEU D 443 -44.45 -38.27 22.15
CA LEU D 443 -44.90 -37.75 20.86
C LEU D 443 -43.84 -37.02 20.03
N LEU D 444 -42.56 -37.08 20.37
CA LEU D 444 -41.56 -36.29 19.65
C LEU D 444 -40.46 -37.11 18.98
N SER D 445 -39.83 -36.43 18.00
CA SER D 445 -38.68 -36.95 17.25
C SER D 445 -38.94 -38.28 16.54
N ALA D 446 -40.08 -38.36 15.85
CA ALA D 446 -40.38 -39.58 15.10
C ALA D 446 -39.53 -39.67 13.84
N ASP D 447 -38.88 -40.82 13.66
CA ASP D 447 -38.10 -41.12 12.45
C ASP D 447 -36.92 -40.18 12.26
N VAL D 448 -36.32 -39.72 13.36
CA VAL D 448 -35.31 -38.67 13.24
C VAL D 448 -33.95 -39.23 12.87
N ASP D 449 -33.61 -40.42 13.38
CA ASP D 449 -32.40 -41.15 12.97
C ASP D 449 -31.16 -40.29 13.16
N ILE D 450 -30.92 -39.92 14.42
CA ILE D 450 -29.82 -39.04 14.80
C ILE D 450 -28.48 -39.52 14.25
N LYS D 451 -28.29 -40.83 14.08
CA LYS D 451 -27.04 -41.31 13.49
C LYS D 451 -26.95 -40.93 12.02
N GLU D 452 -28.07 -40.99 11.30
CA GLU D 452 -28.09 -40.49 9.93
C GLU D 452 -27.84 -39.00 9.91
N LEU D 453 -28.45 -38.29 10.86
CA LEU D 453 -28.29 -36.84 10.90
C LEU D 453 -26.83 -36.49 11.14
N ALA D 454 -26.18 -37.24 12.04
CA ALA D 454 -24.77 -37.05 12.34
C ALA D 454 -23.91 -37.24 11.10
N VAL D 455 -24.07 -38.36 10.41
CA VAL D 455 -23.22 -38.59 9.25
C VAL D 455 -23.52 -37.56 8.15
N GLU D 456 -24.74 -37.05 8.10
CA GLU D 456 -25.05 -35.99 7.15
C GLU D 456 -24.32 -34.71 7.51
N THR D 457 -24.45 -34.28 8.76
CA THR D 457 -23.93 -33.00 9.23
C THR D 457 -22.44 -33.10 9.54
N LYS D 458 -21.64 -32.54 8.64
CA LYS D 458 -20.21 -32.85 8.59
C LYS D 458 -19.41 -32.03 9.60
N ASN D 459 -19.38 -30.71 9.41
CA ASN D 459 -18.61 -29.82 10.29
C ASN D 459 -19.46 -29.05 11.31
N PHE D 460 -20.78 -29.26 11.38
CA PHE D 460 -21.56 -28.52 12.39
C PHE D 460 -21.08 -28.93 13.77
N SER D 461 -20.92 -27.95 14.66
CA SER D 461 -20.47 -28.27 16.00
C SER D 461 -20.96 -27.29 17.04
N GLY D 462 -21.11 -27.80 18.27
CA GLY D 462 -21.44 -26.97 19.40
C GLY D 462 -22.70 -26.16 19.22
N ALA D 463 -22.53 -24.85 19.39
CA ALA D 463 -23.64 -23.91 19.30
C ALA D 463 -24.37 -24.04 17.98
N GLU D 464 -23.65 -24.18 16.87
CA GLU D 464 -24.32 -24.43 15.60
C GLU D 464 -25.14 -25.72 15.66
N LEU D 465 -24.58 -26.74 16.29
CA LEU D 465 -25.22 -28.05 16.29
C LEU D 465 -26.53 -28.02 17.05
N GLU D 466 -26.55 -27.35 18.20
CA GLU D 466 -27.79 -27.25 18.97
C GLU D 466 -28.70 -26.14 18.46
N GLY D 467 -28.15 -25.13 17.78
CA GLY D 467 -29.00 -24.15 17.13
C GLY D 467 -29.79 -24.75 16.00
N LEU D 468 -29.26 -25.81 15.39
CA LEU D 468 -30.02 -26.57 14.42
C LEU D 468 -31.37 -26.98 14.98
N VAL D 469 -31.38 -27.67 16.12
CA VAL D 469 -32.65 -28.09 16.68
C VAL D 469 -33.40 -26.89 17.27
N ARG D 470 -32.68 -25.86 17.73
CA ARG D 470 -33.36 -24.67 18.20
C ARG D 470 -34.14 -23.98 17.10
N ALA D 471 -33.78 -24.22 15.86
CA ALA D 471 -34.55 -23.79 14.71
C ALA D 471 -35.54 -24.85 14.24
N ALA D 472 -35.23 -26.13 14.45
CA ALA D 472 -36.08 -27.20 13.97
C ALA D 472 -37.37 -27.28 14.74
N GLN D 473 -37.32 -27.17 16.07
CA GLN D 473 -38.56 -27.10 16.83
C GLN D 473 -39.45 -25.95 16.36
N SER D 474 -38.82 -24.86 15.96
CA SER D 474 -39.56 -23.70 15.50
C SER D 474 -40.18 -23.95 14.14
N THR D 475 -39.42 -24.55 13.23
CA THR D 475 -39.99 -24.93 11.94
C THR D 475 -41.12 -25.93 12.12
N ALA D 476 -40.98 -26.84 13.10
CA ALA D 476 -42.02 -27.84 13.32
C ALA D 476 -43.32 -27.19 13.74
N MET D 477 -43.23 -26.09 14.49
CA MET D 477 -44.42 -25.52 15.11
C MET D 477 -44.93 -24.26 14.44
N ASN D 478 -44.17 -23.68 13.50
CA ASN D 478 -44.73 -22.63 12.66
C ASN D 478 -45.95 -23.13 11.90
N ARG D 479 -45.98 -24.43 11.58
CA ARG D 479 -47.17 -25.04 11.00
C ARG D 479 -48.39 -24.74 11.84
N HIS D 480 -48.24 -24.78 13.16
CA HIS D 480 -49.37 -24.68 14.07
C HIS D 480 -49.66 -23.25 14.49
N ILE D 481 -48.64 -22.40 14.60
CA ILE D 481 -48.84 -21.15 15.31
C ILE D 481 -49.64 -20.15 14.48
N ILE D 482 -49.53 -20.20 13.16
CA ILE D 482 -50.21 -19.26 12.27
C ILE D 482 -51.35 -19.99 11.61
N ALA D 483 -52.48 -19.31 11.46
CA ALA D 483 -53.70 -19.92 10.95
C ALA D 483 -54.47 -18.94 10.07
N GLU D 488 -52.70 -14.32 8.54
CA GLU D 488 -51.96 -13.39 9.38
C GLU D 488 -52.90 -12.32 9.94
N VAL D 489 -53.33 -12.53 11.18
CA VAL D 489 -54.37 -11.75 11.81
C VAL D 489 -53.89 -11.34 13.20
N ASP D 490 -54.71 -10.56 13.91
CA ASP D 490 -54.39 -10.11 15.25
C ASP D 490 -54.02 -11.27 16.17
N MET D 491 -54.93 -12.21 16.33
CA MET D 491 -54.74 -13.32 17.26
C MET D 491 -54.09 -14.49 16.55
N GLU D 492 -53.25 -15.22 17.28
CA GLU D 492 -52.41 -16.27 16.73
C GLU D 492 -52.89 -17.60 17.30
N LYS D 493 -53.32 -18.50 16.42
CA LYS D 493 -54.09 -19.69 16.78
C LYS D 493 -53.26 -20.95 16.63
N ALA D 494 -52.89 -21.56 17.77
CA ALA D 494 -52.33 -22.91 17.78
C ALA D 494 -52.92 -23.77 18.90
N GLU D 495 -54.03 -23.35 19.49
CA GLU D 495 -54.43 -23.91 20.79
C GLU D 495 -54.91 -25.35 20.66
N SER D 496 -55.63 -25.67 19.59
CA SER D 496 -56.21 -27.00 19.46
C SER D 496 -55.13 -28.06 19.29
N LEU D 497 -54.01 -27.71 18.68
CA LEU D 497 -52.98 -28.66 18.29
C LEU D 497 -51.79 -28.53 19.24
N GLN D 498 -51.64 -29.53 20.11
CA GLN D 498 -50.46 -29.71 20.93
C GLN D 498 -49.84 -31.09 20.71
N VAL D 499 -50.19 -31.74 19.60
CA VAL D 499 -49.70 -33.08 19.27
C VAL D 499 -48.35 -33.02 18.54
N THR D 500 -47.73 -31.84 18.47
CA THR D 500 -46.53 -31.60 17.68
C THR D 500 -45.50 -32.69 17.85
N ARG D 501 -44.88 -33.09 16.74
CA ARG D 501 -43.93 -34.19 16.70
C ARG D 501 -42.49 -33.78 16.43
N GLY D 502 -42.26 -32.68 15.72
CA GLY D 502 -40.90 -32.34 15.36
C GLY D 502 -40.32 -33.35 14.39
N ASP D 503 -40.92 -33.46 13.21
CA ASP D 503 -40.59 -34.55 12.30
C ASP D 503 -39.16 -34.41 11.77
N PHE D 504 -38.68 -35.49 11.16
CA PHE D 504 -37.34 -35.53 10.60
C PHE D 504 -37.16 -34.52 9.49
N LEU D 505 -38.07 -34.53 8.52
CA LEU D 505 -37.86 -33.75 7.31
C LEU D 505 -37.84 -32.26 7.61
N ALA D 506 -38.37 -31.84 8.76
CA ALA D 506 -38.17 -30.46 9.17
C ALA D 506 -36.72 -30.20 9.51
N SER D 507 -36.09 -31.09 10.28
CA SER D 507 -34.67 -30.92 10.58
C SER D 507 -33.81 -30.99 9.32
N LEU D 508 -34.15 -31.89 8.39
CA LEU D 508 -33.39 -31.98 7.15
C LEU D 508 -33.54 -30.70 6.35
N GLU D 509 -34.74 -30.17 6.26
CA GLU D 509 -34.96 -28.91 5.55
C GLU D 509 -34.24 -27.79 6.28
N ASN D 510 -34.26 -27.84 7.60
CA ASN D 510 -33.63 -26.82 8.44
C ASN D 510 -32.14 -26.75 8.20
N ASP D 511 -31.51 -27.87 7.85
CA ASP D 511 -30.05 -27.89 7.67
C ASP D 511 -29.61 -26.83 6.66
N ILE D 512 -30.48 -26.51 5.71
CA ILE D 512 -30.20 -25.51 4.70
C ILE D 512 -29.98 -24.12 5.31
N LYS D 513 -30.81 -23.74 6.30
CA LYS D 513 -30.69 -22.39 6.85
C LYS D 513 -29.39 -22.07 7.58
N PRO D 514 -28.88 -22.88 8.50
CA PRO D 514 -27.58 -22.54 9.09
C PRO D 514 -26.42 -22.76 8.14
N ALA D 515 -25.42 -21.90 8.26
CA ALA D 515 -24.19 -21.99 7.49
C ALA D 515 -23.06 -22.17 8.48
N PHE D 516 -22.22 -23.18 8.25
CA PHE D 516 -21.11 -23.47 9.14
C PHE D 516 -19.91 -22.56 8.86
N GLY D 517 -18.95 -22.63 9.78
CA GLY D 517 -17.76 -21.77 9.73
C GLY D 517 -16.96 -21.94 8.45
N THR D 518 -16.91 -23.16 7.93
CA THR D 518 -16.16 -23.47 6.72
C THR D 518 -17.11 -23.42 5.52
N ASN D 519 -16.76 -22.61 4.52
CA ASN D 519 -17.63 -22.45 3.35
C ASN D 519 -17.39 -23.56 2.33
N GLN D 520 -17.74 -24.79 2.74
CA GLN D 520 -17.63 -25.96 1.87
C GLN D 520 -18.96 -26.43 1.29
N GLU D 521 -20.08 -25.80 1.66
CA GLU D 521 -21.39 -26.28 1.19
C GLU D 521 -21.57 -26.11 -0.31
N ASP D 522 -21.06 -25.03 -0.89
CA ASP D 522 -21.35 -24.69 -2.29
C ASP D 522 -20.45 -25.47 -3.26
N TYR D 523 -20.69 -26.78 -3.30
CA TYR D 523 -20.00 -27.62 -4.29
C TYR D 523 -20.53 -27.34 -5.68
N ALA D 524 -21.85 -27.08 -5.77
CA ALA D 524 -22.57 -26.96 -7.04
C ALA D 524 -21.90 -25.98 -8.00
N SER D 525 -21.45 -24.84 -7.49
CA SER D 525 -20.82 -23.82 -8.33
C SER D 525 -19.66 -24.39 -9.13
N TYR D 526 -18.92 -25.32 -8.55
CA TYR D 526 -17.90 -26.04 -9.29
C TYR D 526 -18.50 -27.10 -10.18
N ILE D 527 -19.44 -27.90 -9.66
CA ILE D 527 -20.07 -28.98 -10.40
C ILE D 527 -21.56 -28.68 -10.54
N MET D 528 -21.92 -28.11 -11.68
CA MET D 528 -23.28 -27.60 -11.90
C MET D 528 -24.19 -28.63 -12.56
N ASN D 529 -23.63 -29.60 -13.28
CA ASN D 529 -24.38 -30.69 -13.89
C ASN D 529 -23.75 -32.05 -13.64
N GLY D 530 -22.70 -32.11 -12.82
CA GLY D 530 -22.07 -33.35 -12.44
C GLY D 530 -21.27 -33.98 -13.58
N ILE D 531 -20.97 -35.25 -13.38
CA ILE D 531 -20.21 -36.07 -14.32
C ILE D 531 -21.12 -37.12 -14.95
N ILE D 532 -21.16 -37.15 -16.27
CA ILE D 532 -21.90 -38.16 -17.01
C ILE D 532 -20.84 -39.15 -17.47
N LYS D 533 -21.07 -40.43 -17.23
CA LYS D 533 -20.06 -41.43 -17.58
C LYS D 533 -20.17 -41.74 -19.06
N TRP D 534 -19.13 -41.36 -19.81
CA TRP D 534 -19.01 -41.66 -21.24
C TRP D 534 -17.73 -42.45 -21.42
N GLY D 535 -17.84 -43.65 -21.99
CA GLY D 535 -16.68 -44.48 -22.21
C GLY D 535 -15.92 -44.86 -20.96
N ASP D 536 -14.88 -45.66 -21.15
CA ASP D 536 -13.95 -46.09 -20.11
C ASP D 536 -13.09 -45.01 -19.46
N PRO D 537 -12.75 -43.87 -20.12
CA PRO D 537 -11.72 -42.99 -19.52
C PRO D 537 -12.09 -42.43 -18.15
N VAL D 538 -13.34 -42.00 -17.97
CA VAL D 538 -13.74 -41.43 -16.69
C VAL D 538 -13.68 -42.48 -15.60
N THR D 539 -14.13 -43.70 -15.93
CA THR D 539 -14.02 -44.81 -15.00
C THR D 539 -12.58 -45.03 -14.57
N ARG D 540 -11.68 -45.11 -15.55
CA ARG D 540 -10.26 -45.32 -15.25
C ARG D 540 -9.71 -44.20 -14.38
N VAL D 541 -10.07 -42.96 -14.69
CA VAL D 541 -9.51 -41.84 -13.98
C VAL D 541 -10.00 -41.81 -12.54
N LEU D 542 -11.28 -42.05 -12.33
CA LEU D 542 -11.79 -42.09 -10.97
C LEU D 542 -11.26 -43.29 -10.22
N ASP D 543 -10.99 -44.40 -10.91
CA ASP D 543 -10.37 -45.54 -10.27
C ASP D 543 -8.98 -45.17 -9.78
N ASP D 544 -8.22 -44.44 -10.60
CA ASP D 544 -6.94 -43.90 -10.15
C ASP D 544 -7.13 -42.98 -8.95
N GLY D 545 -8.23 -42.23 -8.94
CA GLY D 545 -8.51 -41.36 -7.81
C GLY D 545 -8.69 -42.13 -6.51
N GLU D 546 -9.54 -43.15 -6.51
CA GLU D 546 -9.75 -43.93 -5.29
C GLU D 546 -8.50 -44.69 -4.91
N LEU D 547 -7.79 -45.23 -5.91
CA LEU D 547 -6.47 -45.83 -5.68
C LEU D 547 -5.57 -44.90 -4.89
N LEU D 548 -5.47 -43.66 -5.35
CA LEU D 548 -4.58 -42.69 -4.73
C LEU D 548 -5.05 -42.31 -3.33
N VAL D 549 -6.37 -42.18 -3.17
CA VAL D 549 -6.97 -41.89 -1.87
C VAL D 549 -6.58 -42.97 -0.87
N GLN D 550 -6.91 -44.22 -1.18
CA GLN D 550 -6.61 -45.30 -0.26
C GLN D 550 -5.10 -45.47 -0.09
N GLN D 551 -4.31 -45.07 -1.09
CA GLN D 551 -2.86 -45.08 -0.95
C GLN D 551 -2.43 -44.22 0.23
N THR D 552 -2.77 -42.93 0.17
CA THR D 552 -2.37 -42.05 1.26
C THR D 552 -3.04 -42.44 2.57
N LYS D 553 -4.28 -42.94 2.51
CA LYS D 553 -4.97 -43.31 3.73
C LYS D 553 -4.27 -44.46 4.44
N ASN D 554 -3.69 -45.38 3.67
CA ASN D 554 -3.12 -46.60 4.23
C ASN D 554 -1.64 -46.46 4.59
N SER D 555 -0.85 -45.79 3.76
CA SER D 555 0.59 -45.84 3.92
C SER D 555 1.09 -44.74 4.86
N ASP D 556 2.29 -45.00 5.42
CA ASP D 556 3.03 -44.04 6.22
C ASP D 556 4.34 -43.60 5.60
N ARG D 557 4.82 -44.30 4.57
CA ARG D 557 6.02 -43.89 3.86
C ARG D 557 5.74 -42.80 2.84
N THR D 558 4.47 -42.51 2.57
CA THR D 558 4.05 -41.32 1.83
C THR D 558 2.94 -40.64 2.62
N PRO D 559 3.28 -39.86 3.65
CA PRO D 559 2.27 -39.01 4.28
C PRO D 559 1.73 -37.93 3.36
N LEU D 560 2.41 -37.66 2.25
CA LEU D 560 2.00 -36.68 1.26
C LEU D 560 2.02 -37.33 -0.11
N VAL D 561 1.07 -36.94 -0.95
CA VAL D 561 1.02 -37.40 -2.33
C VAL D 561 0.46 -36.27 -3.19
N SER D 562 1.02 -36.09 -4.37
CA SER D 562 0.84 -34.89 -5.16
C SER D 562 0.69 -35.26 -6.63
N VAL D 563 -0.39 -34.82 -7.26
CA VAL D 563 -0.67 -35.14 -8.64
C VAL D 563 -1.53 -34.04 -9.25
N LEU D 564 -1.18 -33.59 -10.45
CA LEU D 564 -2.14 -32.87 -11.27
C LEU D 564 -2.83 -33.85 -12.19
N LEU D 565 -3.98 -33.42 -12.69
CA LEU D 565 -4.65 -34.07 -13.80
C LEU D 565 -4.66 -33.09 -14.96
N GLU D 566 -3.87 -33.41 -15.97
CA GLU D 566 -3.75 -32.58 -17.16
C GLU D 566 -4.89 -32.85 -18.10
N GLY D 567 -5.35 -31.79 -18.75
CA GLY D 567 -6.24 -31.93 -19.88
C GLY D 567 -6.16 -30.73 -20.78
N PRO D 568 -6.71 -30.84 -21.99
CA PRO D 568 -6.90 -29.66 -22.81
C PRO D 568 -8.00 -28.80 -22.21
N PRO D 569 -8.23 -27.60 -22.74
CA PRO D 569 -9.22 -26.71 -22.14
C PRO D 569 -10.61 -27.34 -22.16
N HIS D 570 -11.43 -26.97 -21.19
CA HIS D 570 -12.85 -27.26 -21.20
C HIS D 570 -13.12 -28.77 -21.15
N SER D 571 -12.41 -29.48 -20.27
CA SER D 571 -12.57 -30.93 -20.10
C SER D 571 -12.93 -31.35 -18.68
N GLY D 572 -13.47 -30.44 -17.87
CA GLY D 572 -14.01 -30.83 -16.58
C GLY D 572 -12.98 -31.22 -15.55
N LYS D 573 -11.80 -30.61 -15.59
CA LYS D 573 -10.73 -30.97 -14.67
C LYS D 573 -11.07 -30.64 -13.23
N THR D 574 -11.58 -29.43 -12.98
CA THR D 574 -11.97 -29.03 -11.63
C THR D 574 -13.03 -29.95 -11.06
N ALA D 575 -14.07 -30.23 -11.83
CA ALA D 575 -15.15 -31.08 -11.36
C ALA D 575 -14.66 -32.48 -11.06
N LEU D 576 -13.86 -33.02 -11.97
CA LEU D 576 -13.39 -34.39 -11.81
C LEU D 576 -12.31 -34.48 -10.74
N ALA D 577 -11.78 -33.35 -10.27
CA ALA D 577 -10.96 -33.30 -9.09
C ALA D 577 -11.79 -33.12 -7.81
N ALA D 578 -13.01 -32.61 -7.94
CA ALA D 578 -13.89 -32.55 -6.78
C ALA D 578 -14.52 -33.91 -6.49
N LYS D 579 -14.92 -34.61 -7.54
CA LYS D 579 -15.61 -35.89 -7.34
C LYS D 579 -14.72 -36.89 -6.60
N ILE D 580 -13.41 -36.86 -6.83
CA ILE D 580 -12.54 -37.78 -6.12
C ILE D 580 -12.59 -37.48 -4.63
N ALA D 581 -12.74 -36.20 -4.27
CA ALA D 581 -12.90 -35.87 -2.85
C ALA D 581 -14.21 -36.42 -2.32
N GLU D 582 -15.28 -36.26 -3.10
CA GLU D 582 -16.57 -36.79 -2.66
C GLU D 582 -16.53 -38.29 -2.48
N GLU D 583 -15.71 -38.98 -3.26
CA GLU D 583 -15.50 -40.40 -3.07
C GLU D 583 -14.59 -40.68 -1.88
N SER D 584 -13.63 -39.80 -1.63
CA SER D 584 -12.64 -40.02 -0.58
C SER D 584 -13.26 -39.92 0.80
N ASN D 585 -14.16 -38.96 0.99
CA ASN D 585 -14.91 -38.83 2.25
C ASN D 585 -13.99 -38.41 3.39
N PHE D 586 -12.92 -37.68 3.09
CA PHE D 586 -12.02 -37.19 4.12
C PHE D 586 -12.70 -36.12 4.98
N PRO D 587 -12.21 -35.91 6.22
CA PRO D 587 -12.82 -34.89 7.09
C PRO D 587 -12.61 -33.47 6.61
N PHE D 588 -11.37 -33.12 6.29
CA PHE D 588 -10.99 -31.75 5.96
C PHE D 588 -10.59 -31.70 4.49
N ILE D 589 -11.42 -31.05 3.69
CA ILE D 589 -11.13 -30.86 2.28
C ILE D 589 -11.38 -29.41 1.93
N LYS D 590 -10.46 -28.84 1.15
CA LYS D 590 -10.65 -27.46 0.73
C LYS D 590 -10.10 -27.25 -0.66
N ILE D 591 -10.80 -26.40 -1.41
CA ILE D 591 -10.45 -26.03 -2.76
C ILE D 591 -9.94 -24.61 -2.76
N CYS D 592 -8.64 -24.44 -3.02
CA CYS D 592 -8.03 -23.15 -3.20
C CYS D 592 -8.10 -22.82 -4.68
N SER D 593 -8.62 -21.65 -5.01
CA SER D 593 -8.83 -21.30 -6.40
C SER D 593 -8.84 -19.79 -6.55
N PRO D 594 -8.51 -19.26 -7.72
CA PRO D 594 -8.71 -17.82 -7.95
C PRO D 594 -10.15 -17.42 -7.84
N ASP D 595 -11.09 -18.35 -8.03
CA ASP D 595 -12.49 -18.02 -7.82
C ASP D 595 -12.69 -17.44 -6.42
N LYS D 596 -11.95 -17.94 -5.43
CA LYS D 596 -12.05 -17.39 -4.09
C LYS D 596 -11.46 -15.99 -4.00
N MET D 597 -10.31 -15.77 -4.62
CA MET D 597 -9.62 -14.47 -4.62
C MET D 597 -9.51 -14.00 -6.06
N ILE D 598 -10.07 -12.83 -6.36
CA ILE D 598 -10.08 -12.31 -7.72
C ILE D 598 -9.01 -11.26 -7.95
N GLY D 599 -8.85 -10.32 -7.03
CA GLY D 599 -7.88 -9.25 -7.17
C GLY D 599 -7.00 -9.06 -5.96
N PHE D 600 -6.17 -10.06 -5.70
CA PHE D 600 -5.24 -10.07 -4.59
C PHE D 600 -3.83 -10.12 -5.15
N SER D 601 -2.95 -9.31 -4.58
CA SER D 601 -1.57 -9.30 -5.01
C SER D 601 -0.93 -10.63 -4.64
N GLU D 602 0.15 -10.95 -5.37
CA GLU D 602 0.85 -12.22 -5.22
C GLU D 602 1.16 -12.56 -3.76
N THR D 603 1.49 -11.56 -2.95
CA THR D 603 1.82 -11.82 -1.55
C THR D 603 0.60 -12.33 -0.77
N ALA D 604 -0.52 -11.61 -0.84
CA ALA D 604 -1.72 -12.10 -0.18
C ALA D 604 -2.23 -13.40 -0.79
N LYS D 605 -2.04 -13.57 -2.09
CA LYS D 605 -2.39 -14.81 -2.75
C LYS D 605 -1.55 -15.97 -2.27
N CYS D 606 -0.35 -15.66 -1.75
CA CYS D 606 0.48 -16.67 -1.11
C CYS D 606 0.06 -16.93 0.34
N GLN D 607 -0.23 -15.87 1.10
CA GLN D 607 -0.52 -16.08 2.51
C GLN D 607 -1.85 -16.79 2.70
N ALA D 608 -2.82 -16.55 1.81
CA ALA D 608 -4.06 -17.30 1.86
C ALA D 608 -3.80 -18.79 1.70
N MET D 609 -3.01 -19.14 0.70
CA MET D 609 -2.60 -20.52 0.48
C MET D 609 -1.87 -21.07 1.71
N LYS D 610 -1.07 -20.23 2.36
CA LYS D 610 -0.35 -20.65 3.55
C LYS D 610 -1.33 -20.96 4.68
N LYS D 611 -2.36 -20.13 4.84
CA LYS D 611 -3.41 -20.38 5.82
C LYS D 611 -4.07 -21.72 5.55
N ILE D 612 -4.44 -21.95 4.30
CA ILE D 612 -5.14 -23.18 3.93
C ILE D 612 -4.31 -24.39 4.29
N PHE D 613 -3.07 -24.42 3.83
CA PHE D 613 -2.26 -25.61 4.07
C PHE D 613 -1.86 -25.73 5.55
N ASP D 614 -1.78 -24.63 6.28
CA ASP D 614 -1.56 -24.74 7.71
C ASP D 614 -2.76 -25.39 8.38
N ASP D 615 -3.97 -25.03 7.98
CA ASP D 615 -5.15 -25.68 8.54
C ASP D 615 -5.17 -27.17 8.18
N ALA D 616 -4.75 -27.50 6.96
CA ALA D 616 -4.70 -28.90 6.56
C ALA D 616 -3.69 -29.68 7.40
N TYR D 617 -2.53 -29.07 7.68
CA TYR D 617 -1.58 -29.69 8.59
C TYR D 617 -2.18 -29.84 9.97
N LYS D 618 -2.93 -28.82 10.41
CA LYS D 618 -3.52 -28.85 11.74
C LYS D 618 -4.52 -29.99 11.87
N SER D 619 -5.17 -30.36 10.78
CA SER D 619 -6.00 -31.54 10.80
C SER D 619 -5.13 -32.80 10.75
N GLN D 620 -5.72 -33.92 11.13
CA GLN D 620 -5.02 -35.20 11.05
C GLN D 620 -4.76 -35.57 9.60
N LEU D 621 -5.77 -35.39 8.74
CA LEU D 621 -5.75 -35.88 7.37
C LEU D 621 -6.60 -34.94 6.54
N SER D 622 -6.29 -34.81 5.26
CA SER D 622 -6.99 -33.82 4.47
C SER D 622 -6.73 -33.99 2.98
N CYS D 623 -7.54 -33.27 2.19
CA CYS D 623 -7.41 -33.20 0.74
C CYS D 623 -7.53 -31.76 0.28
N VAL D 624 -6.47 -31.25 -0.33
CA VAL D 624 -6.45 -29.89 -0.84
C VAL D 624 -6.46 -29.95 -2.35
N VAL D 625 -7.19 -29.03 -2.95
CA VAL D 625 -7.28 -28.89 -4.39
C VAL D 625 -6.73 -27.52 -4.73
N VAL D 626 -5.93 -27.46 -5.78
CA VAL D 626 -5.44 -26.20 -6.32
C VAL D 626 -5.95 -26.12 -7.75
N ASP D 627 -6.98 -25.31 -7.95
CA ASP D 627 -7.67 -25.22 -9.21
C ASP D 627 -7.07 -24.09 -10.04
N ASP D 628 -6.77 -24.38 -11.30
CA ASP D 628 -6.20 -23.39 -12.20
C ASP D 628 -4.88 -22.85 -11.65
N ILE D 629 -3.90 -23.76 -11.54
CA ILE D 629 -2.51 -23.39 -11.30
C ILE D 629 -2.14 -22.24 -12.23
N GLU D 630 -2.49 -22.41 -13.51
CA GLU D 630 -2.27 -21.41 -14.54
C GLU D 630 -2.74 -20.02 -14.13
N ARG D 631 -3.76 -19.93 -13.29
CA ARG D 631 -4.29 -18.67 -12.82
C ARG D 631 -3.74 -18.25 -11.46
N LEU D 632 -3.53 -19.22 -10.56
CA LEU D 632 -2.98 -18.89 -9.24
C LEU D 632 -1.61 -18.28 -9.38
N LEU D 633 -0.68 -19.03 -9.97
CA LEU D 633 0.51 -18.39 -10.51
C LEU D 633 0.06 -17.85 -11.84
N ASP D 634 0.04 -16.53 -11.96
CA ASP D 634 -0.50 -15.91 -13.15
C ASP D 634 0.34 -16.35 -14.34
N TYR D 635 -0.30 -16.54 -15.48
CA TYR D 635 0.46 -16.97 -16.65
C TYR D 635 -0.14 -16.38 -17.91
N VAL D 636 0.71 -15.75 -18.71
CA VAL D 636 0.33 -15.18 -19.98
C VAL D 636 1.30 -15.65 -21.07
N PRO D 637 0.84 -16.03 -22.26
CA PRO D 637 1.79 -16.42 -23.32
C PRO D 637 2.69 -15.28 -23.80
N ILE D 638 2.26 -14.03 -23.77
CA ILE D 638 3.08 -12.94 -24.31
C ILE D 638 4.21 -12.68 -23.33
N GLY D 639 5.40 -13.15 -23.70
CA GLY D 639 6.58 -13.02 -22.92
C GLY D 639 6.52 -14.11 -21.88
N PRO D 640 7.54 -14.25 -21.07
CA PRO D 640 7.45 -15.19 -19.97
C PRO D 640 7.06 -14.35 -18.78
N ARG D 641 5.80 -14.45 -18.36
CA ARG D 641 5.32 -13.65 -17.24
C ARG D 641 4.53 -14.51 -16.28
N PHE D 642 4.85 -14.35 -15.01
CA PHE D 642 4.14 -15.00 -13.93
C PHE D 642 4.61 -14.39 -12.63
N SER D 643 3.91 -14.75 -11.56
CA SER D 643 4.32 -14.41 -10.20
C SER D 643 5.11 -15.58 -9.64
N ASN D 644 6.37 -15.34 -9.32
CA ASN D 644 7.25 -16.41 -8.89
C ASN D 644 7.11 -16.74 -7.41
N LEU D 645 6.62 -15.81 -6.60
CA LEU D 645 6.51 -16.10 -5.18
C LEU D 645 5.39 -17.10 -4.94
N VAL D 646 4.32 -16.99 -5.70
CA VAL D 646 3.25 -17.98 -5.67
C VAL D 646 3.82 -19.35 -5.98
N LEU D 647 4.59 -19.44 -7.07
CA LEU D 647 5.15 -20.72 -7.48
C LEU D 647 6.11 -21.28 -6.44
N GLN D 648 6.98 -20.44 -5.89
CA GLN D 648 7.92 -20.94 -4.90
C GLN D 648 7.19 -21.44 -3.68
N ALA D 649 6.19 -20.70 -3.21
CA ALA D 649 5.45 -21.14 -2.03
C ALA D 649 4.74 -22.45 -2.31
N LEU D 650 4.17 -22.57 -3.50
CA LEU D 650 3.42 -23.76 -3.85
C LEU D 650 4.34 -24.97 -3.96
N LEU D 651 5.47 -24.81 -4.63
CA LEU D 651 6.42 -25.90 -4.83
C LEU D 651 7.01 -26.38 -3.50
N VAL D 652 7.39 -25.42 -2.65
CA VAL D 652 7.87 -25.75 -1.32
C VAL D 652 6.80 -26.52 -0.56
N LEU D 653 5.58 -26.00 -0.55
CA LEU D 653 4.50 -26.68 0.16
C LEU D 653 4.19 -28.05 -0.44
N LEU D 654 4.56 -28.31 -1.68
CA LEU D 654 4.45 -29.67 -2.21
C LEU D 654 5.47 -30.57 -1.54
N LYS D 655 6.73 -30.15 -1.52
CA LYS D 655 7.73 -31.05 -0.98
C LYS D 655 7.65 -31.17 0.55
N LYS D 656 7.07 -30.19 1.22
CA LYS D 656 7.02 -30.17 2.67
C LYS D 656 5.90 -31.09 3.15
N ALA D 657 6.28 -32.19 3.77
CA ALA D 657 5.31 -33.09 4.35
C ALA D 657 4.70 -32.46 5.60
N PRO D 658 3.54 -32.92 6.04
CA PRO D 658 3.02 -32.51 7.33
C PRO D 658 3.82 -33.16 8.45
N PRO D 659 3.51 -32.84 9.71
CA PRO D 659 4.26 -33.45 10.81
C PRO D 659 4.07 -34.95 10.94
N GLN D 660 4.81 -35.54 11.88
CA GLN D 660 4.66 -36.95 12.23
C GLN D 660 3.21 -37.32 12.46
N GLY D 661 2.80 -38.45 11.88
CA GLY D 661 1.47 -38.99 12.12
C GLY D 661 0.40 -38.41 11.23
N ARG D 662 0.54 -37.15 10.84
CA ARG D 662 -0.42 -36.55 9.93
C ARG D 662 -0.21 -37.08 8.52
N LYS D 663 -1.23 -36.91 7.70
CA LYS D 663 -1.21 -37.33 6.31
C LYS D 663 -1.90 -36.27 5.48
N LEU D 664 -1.78 -36.39 4.17
CA LEU D 664 -2.24 -35.32 3.30
C LEU D 664 -2.39 -35.85 1.89
N LEU D 665 -3.30 -35.22 1.15
CA LEU D 665 -3.38 -35.35 -0.29
C LEU D 665 -3.50 -33.96 -0.87
N ILE D 666 -2.78 -33.71 -1.95
CA ILE D 666 -2.84 -32.46 -2.67
C ILE D 666 -3.02 -32.81 -4.13
N ILE D 667 -3.91 -32.09 -4.81
CA ILE D 667 -4.24 -32.38 -6.18
C ILE D 667 -4.44 -31.05 -6.89
N GLY D 668 -4.10 -31.01 -8.17
CA GLY D 668 -4.13 -29.77 -8.91
C GLY D 668 -4.72 -29.94 -10.29
N THR D 669 -5.16 -28.80 -10.84
CA THR D 669 -5.66 -28.75 -12.20
C THR D 669 -4.87 -27.74 -13.02
N THR D 670 -4.85 -27.98 -14.32
CA THR D 670 -4.28 -27.03 -15.27
C THR D 670 -4.67 -27.45 -16.67
N SER D 671 -4.89 -26.46 -17.51
CA SER D 671 -5.09 -26.67 -18.93
C SER D 671 -3.78 -26.72 -19.70
N ARG D 672 -2.64 -26.63 -19.00
CA ARG D 672 -1.34 -26.47 -19.64
C ARG D 672 -0.30 -27.18 -18.80
N LYS D 673 0.48 -28.03 -19.44
CA LYS D 673 1.49 -28.86 -18.79
C LYS D 673 2.88 -28.64 -19.34
N ASP D 674 3.00 -28.24 -20.60
CA ASP D 674 4.32 -27.90 -21.12
C ASP D 674 4.92 -26.72 -20.38
N VAL D 675 4.08 -25.78 -19.95
CA VAL D 675 4.54 -24.68 -19.11
C VAL D 675 5.12 -25.21 -17.81
N LEU D 676 4.37 -26.09 -17.14
CA LEU D 676 4.80 -26.63 -15.87
C LEU D 676 6.08 -27.44 -16.04
N GLN D 677 6.25 -28.09 -17.19
CA GLN D 677 7.50 -28.75 -17.51
C GLN D 677 8.63 -27.73 -17.60
N GLU D 678 8.38 -26.63 -18.30
CA GLU D 678 9.39 -25.60 -18.45
C GLU D 678 9.85 -25.05 -17.11
N MET D 679 8.92 -24.80 -16.19
CA MET D 679 9.27 -24.23 -14.90
C MET D 679 9.46 -25.27 -13.80
N GLU D 680 9.54 -26.57 -14.17
CA GLU D 680 10.06 -27.61 -13.28
C GLU D 680 9.21 -27.76 -12.02
N MET D 681 7.90 -27.85 -12.21
CA MET D 681 6.95 -28.26 -11.18
C MET D 681 6.40 -29.66 -11.41
N LEU D 682 6.37 -30.08 -12.66
CA LEU D 682 5.89 -31.40 -13.01
C LEU D 682 6.80 -32.48 -12.44
N ASN D 683 8.05 -32.14 -12.16
CA ASN D 683 8.90 -33.00 -11.35
C ASN D 683 8.32 -33.17 -9.95
N ALA D 684 8.03 -32.05 -9.28
CA ALA D 684 7.59 -32.10 -7.89
C ALA D 684 6.28 -32.86 -7.76
N PHE D 685 5.35 -32.64 -8.68
CA PHE D 685 4.14 -33.46 -8.69
C PHE D 685 4.51 -34.92 -8.91
N SER D 686 4.06 -35.77 -7.99
CA SER D 686 4.55 -37.14 -7.93
C SER D 686 4.18 -37.93 -9.17
N THR D 687 3.00 -37.69 -9.71
CA THR D 687 2.53 -38.37 -10.91
C THR D 687 1.55 -37.45 -11.62
N THR D 688 0.90 -37.97 -12.67
CA THR D 688 0.04 -37.17 -13.53
C THR D 688 -1.13 -38.00 -14.02
N ILE D 689 -2.15 -37.29 -14.51
CA ILE D 689 -3.21 -37.88 -15.32
C ILE D 689 -3.46 -36.96 -16.51
N HIS D 690 -3.63 -37.57 -17.68
CA HIS D 690 -4.03 -36.88 -18.89
C HIS D 690 -5.51 -37.17 -19.10
N VAL D 691 -6.37 -36.25 -18.69
CA VAL D 691 -7.81 -36.47 -18.87
C VAL D 691 -8.15 -36.15 -20.33
N PRO D 692 -8.86 -37.01 -21.04
CA PRO D 692 -9.14 -36.75 -22.44
C PRO D 692 -10.28 -35.76 -22.58
N ASN D 693 -10.62 -35.48 -23.83
CA ASN D 693 -11.87 -34.86 -24.18
C ASN D 693 -12.56 -35.73 -25.23
N ILE D 694 -13.79 -35.37 -25.59
CA ILE D 694 -14.61 -36.22 -26.45
C ILE D 694 -13.92 -36.35 -27.79
N ALA D 695 -13.62 -37.59 -28.19
CA ALA D 695 -12.83 -37.88 -29.37
C ALA D 695 -13.64 -38.37 -30.55
N THR D 696 -14.66 -39.20 -30.34
CA THR D 696 -15.37 -39.82 -31.44
C THR D 696 -16.86 -39.93 -31.12
N GLY D 697 -17.64 -40.22 -32.16
CA GLY D 697 -19.08 -40.24 -32.04
C GLY D 697 -19.59 -41.36 -31.16
N GLU D 698 -18.87 -42.47 -31.10
CA GLU D 698 -19.31 -43.55 -30.22
C GLU D 698 -19.22 -43.18 -28.75
N GLN D 699 -18.45 -42.14 -28.41
CA GLN D 699 -18.53 -41.50 -27.11
C GLN D 699 -19.60 -40.41 -27.08
N LEU D 700 -19.61 -39.57 -28.13
CA LEU D 700 -20.47 -38.39 -28.11
C LEU D 700 -21.94 -38.76 -28.04
N LEU D 701 -22.35 -39.78 -28.79
CA LEU D 701 -23.76 -40.15 -28.86
C LEU D 701 -24.27 -40.67 -27.53
N GLU D 702 -23.44 -41.42 -26.81
CA GLU D 702 -23.85 -41.86 -25.48
C GLU D 702 -23.87 -40.68 -24.52
N ALA D 703 -22.89 -39.77 -24.65
CA ALA D 703 -22.92 -38.57 -23.84
C ALA D 703 -24.15 -37.73 -24.11
N LEU D 704 -24.68 -37.81 -25.33
CA LEU D 704 -25.83 -37.03 -25.74
C LEU D 704 -27.14 -37.71 -25.41
N GLU D 705 -27.15 -39.04 -25.33
CA GLU D 705 -28.26 -39.75 -24.70
C GLU D 705 -28.34 -39.39 -23.23
N LEU D 706 -27.20 -39.36 -22.55
CA LEU D 706 -27.12 -38.64 -21.30
C LEU D 706 -27.33 -37.16 -21.57
N LEU D 707 -27.58 -36.40 -20.51
CA LEU D 707 -27.75 -34.95 -20.54
C LEU D 707 -29.05 -34.52 -21.22
N GLY D 708 -29.91 -35.46 -21.61
CA GLY D 708 -31.22 -35.22 -22.17
C GLY D 708 -31.20 -34.23 -23.32
N ASN D 709 -32.30 -33.48 -23.44
CA ASN D 709 -32.46 -32.36 -24.35
C ASN D 709 -32.49 -32.78 -25.82
N PHE D 710 -32.57 -34.07 -26.12
CA PHE D 710 -32.54 -34.56 -27.49
C PHE D 710 -33.35 -35.85 -27.59
N LYS D 711 -33.62 -36.24 -28.83
CA LYS D 711 -34.37 -37.46 -29.12
C LYS D 711 -33.83 -38.11 -30.38
N ASP D 712 -34.44 -39.24 -30.74
CA ASP D 712 -33.86 -40.15 -31.70
C ASP D 712 -33.84 -39.58 -33.11
N LYS D 713 -34.74 -38.66 -33.44
CA LYS D 713 -34.76 -38.13 -34.79
C LYS D 713 -33.57 -37.22 -35.04
N GLU D 714 -33.37 -36.25 -34.15
CA GLU D 714 -32.16 -35.44 -34.19
C GLU D 714 -30.93 -36.32 -34.09
N ARG D 715 -31.01 -37.39 -33.28
CA ARG D 715 -29.88 -38.29 -33.13
C ARG D 715 -29.52 -38.97 -34.44
N THR D 716 -30.52 -39.46 -35.16
CA THR D 716 -30.27 -40.10 -36.45
C THR D 716 -29.74 -39.11 -37.47
N THR D 717 -30.28 -37.88 -37.49
CA THR D 717 -29.74 -36.85 -38.37
C THR D 717 -28.26 -36.62 -38.07
N ILE D 718 -27.91 -36.59 -36.79
CA ILE D 718 -26.53 -36.37 -36.38
C ILE D 718 -25.63 -37.53 -36.78
N ALA D 719 -26.03 -38.77 -36.46
CA ALA D 719 -25.07 -39.87 -36.34
C ALA D 719 -24.27 -40.12 -37.62
N GLN D 720 -24.88 -39.94 -38.79
CA GLN D 720 -24.13 -40.14 -40.03
C GLN D 720 -23.07 -39.08 -40.23
N GLN D 721 -23.42 -37.81 -40.02
CA GLN D 721 -22.46 -36.74 -40.22
C GLN D 721 -21.37 -36.77 -39.14
N VAL D 722 -21.75 -36.99 -37.88
CA VAL D 722 -20.75 -36.96 -36.81
C VAL D 722 -19.77 -38.12 -36.96
N LYS D 723 -20.25 -39.30 -37.40
CA LYS D 723 -19.35 -40.46 -37.46
C LYS D 723 -18.16 -40.19 -38.35
N GLY D 724 -18.39 -39.58 -39.51
CA GLY D 724 -17.27 -39.24 -40.38
C GLY D 724 -16.39 -38.19 -39.75
N LYS D 725 -17.00 -37.21 -39.09
CA LYS D 725 -16.27 -36.07 -38.54
C LYS D 725 -15.27 -36.48 -37.46
N LYS D 726 -15.64 -37.40 -36.55
CA LYS D 726 -14.71 -37.85 -35.50
C LYS D 726 -14.18 -36.64 -34.71
N VAL D 727 -15.14 -35.84 -34.22
CA VAL D 727 -14.83 -34.58 -33.59
C VAL D 727 -14.00 -34.69 -32.32
N TRP D 728 -13.13 -33.70 -32.14
CA TRP D 728 -12.33 -33.56 -30.92
C TRP D 728 -12.78 -32.24 -30.31
N ILE D 729 -13.41 -32.28 -29.13
CA ILE D 729 -13.90 -31.07 -28.47
C ILE D 729 -14.06 -31.39 -26.99
N GLY D 730 -14.17 -30.34 -26.18
CA GLY D 730 -14.36 -30.52 -24.75
C GLY D 730 -15.79 -30.34 -24.28
N ILE D 731 -16.07 -31.01 -23.17
CA ILE D 731 -17.43 -31.15 -22.64
C ILE D 731 -18.03 -29.80 -22.25
N LYS D 732 -17.27 -28.95 -21.57
CA LYS D 732 -17.83 -27.65 -21.19
C LYS D 732 -18.25 -26.85 -22.41
N LYS D 733 -17.41 -26.85 -23.45
CA LYS D 733 -17.76 -26.19 -24.69
C LYS D 733 -18.99 -26.83 -25.32
N LEU D 734 -19.06 -28.15 -25.27
CA LEU D 734 -20.25 -28.87 -25.72
C LEU D 734 -21.49 -28.37 -24.99
N LEU D 735 -21.49 -28.51 -23.69
CA LEU D 735 -22.65 -28.14 -22.87
C LEU D 735 -23.06 -26.68 -23.06
N MET D 736 -22.13 -25.81 -23.45
CA MET D 736 -22.51 -24.44 -23.81
C MET D 736 -23.12 -24.35 -25.21
N LEU D 737 -22.44 -24.95 -26.19
CA LEU D 737 -22.87 -24.84 -27.58
C LEU D 737 -24.25 -25.45 -27.75
N ILE D 738 -24.52 -26.55 -27.04
CA ILE D 738 -25.80 -27.23 -27.17
C ILE D 738 -26.92 -26.28 -26.77
N GLU D 739 -26.77 -25.63 -25.62
CA GLU D 739 -27.82 -24.74 -25.16
C GLU D 739 -28.03 -23.57 -26.12
N MET D 740 -26.95 -22.93 -26.58
CA MET D 740 -27.18 -21.80 -27.48
C MET D 740 -27.75 -22.24 -28.82
N SER D 741 -27.28 -23.37 -29.35
CA SER D 741 -27.81 -23.84 -30.63
C SER D 741 -29.27 -24.20 -30.52
N LEU D 742 -29.65 -24.87 -29.43
CA LEU D 742 -31.03 -25.29 -29.28
C LEU D 742 -31.98 -24.11 -29.07
N GLN D 743 -31.49 -22.99 -28.50
CA GLN D 743 -32.43 -21.90 -28.20
C GLN D 743 -33.18 -21.35 -29.42
N MET D 744 -32.67 -21.54 -30.63
CA MET D 744 -33.12 -20.67 -31.72
C MET D 744 -34.48 -21.09 -32.28
N ASP D 745 -34.68 -22.39 -32.53
CA ASP D 745 -35.78 -22.84 -33.37
C ASP D 745 -36.12 -24.27 -33.00
N PRO D 746 -37.41 -24.66 -32.90
CA PRO D 746 -37.69 -26.10 -32.76
C PRO D 746 -37.19 -26.95 -33.92
N GLU D 747 -37.33 -26.48 -35.15
CA GLU D 747 -36.85 -27.27 -36.29
C GLU D 747 -35.35 -27.12 -36.47
N TYR D 748 -34.89 -25.88 -36.64
CA TYR D 748 -33.48 -25.61 -36.94
C TYR D 748 -32.71 -25.57 -35.63
N ARG D 749 -32.38 -26.76 -35.13
CA ARG D 749 -31.40 -26.94 -34.07
C ARG D 749 -30.13 -27.58 -34.58
N VAL D 750 -30.26 -28.61 -35.42
CA VAL D 750 -29.10 -29.32 -35.93
C VAL D 750 -28.37 -28.49 -36.95
N ARG D 751 -29.13 -27.75 -37.78
CA ARG D 751 -28.55 -26.89 -38.79
C ARG D 751 -27.65 -25.80 -38.19
N LYS D 752 -27.81 -25.51 -36.91
CA LYS D 752 -26.94 -24.59 -36.19
C LYS D 752 -25.87 -25.33 -35.41
N PHE D 753 -26.25 -26.44 -34.78
CA PHE D 753 -25.32 -27.29 -34.04
C PHE D 753 -24.13 -27.68 -34.90
N LEU D 754 -24.40 -28.38 -35.99
CA LEU D 754 -23.31 -28.82 -36.86
C LEU D 754 -22.64 -27.64 -37.54
N ALA D 755 -23.43 -26.61 -37.89
CA ALA D 755 -22.88 -25.46 -38.60
C ALA D 755 -21.81 -24.76 -37.78
N LEU D 756 -21.99 -24.67 -36.46
CA LEU D 756 -20.95 -24.08 -35.63
C LEU D 756 -19.90 -25.09 -35.25
N LEU D 757 -20.27 -26.37 -35.20
CA LEU D 757 -19.28 -27.40 -34.95
C LEU D 757 -18.25 -27.51 -36.07
N ARG D 758 -18.59 -27.09 -37.29
CA ARG D 758 -17.59 -27.06 -38.34
C ARG D 758 -16.36 -26.24 -37.95
N GLU D 759 -16.54 -25.23 -37.10
CA GLU D 759 -15.45 -24.33 -36.76
C GLU D 759 -14.41 -25.04 -35.92
N GLU D 760 -14.84 -25.59 -34.78
CA GLU D 760 -13.93 -26.29 -33.88
C GLU D 760 -13.76 -27.73 -34.34
N GLY D 761 -12.51 -28.14 -34.47
CA GLY D 761 -12.16 -29.39 -35.12
C GLY D 761 -11.90 -29.19 -36.60
N ALA D 762 -10.78 -29.71 -37.08
CA ALA D 762 -10.35 -29.51 -38.46
C ALA D 762 -10.19 -28.03 -38.78
N GLU E 240 25.09 -23.42 51.86
CA GLU E 240 23.89 -24.25 51.84
C GLU E 240 22.91 -23.75 50.79
N LYS E 241 22.36 -24.70 50.03
CA LYS E 241 21.42 -24.41 48.96
C LYS E 241 20.34 -25.48 48.96
N MET E 242 19.13 -25.10 49.40
CA MET E 242 18.04 -26.03 49.61
C MET E 242 16.76 -25.37 49.12
N GLY E 243 15.99 -26.13 48.34
CA GLY E 243 14.80 -25.63 47.70
C GLY E 243 15.06 -25.02 46.34
N ILE E 244 16.22 -24.39 46.16
CA ILE E 244 16.61 -23.87 44.86
C ILE E 244 17.16 -24.99 43.98
N GLY E 245 18.24 -25.61 44.41
CA GLY E 245 18.80 -26.75 43.69
C GLY E 245 19.24 -26.51 42.25
N GLY E 246 19.16 -25.28 41.77
CA GLY E 246 19.42 -24.99 40.37
C GLY E 246 20.89 -24.82 40.06
N LEU E 247 21.57 -23.98 40.83
CA LEU E 247 22.90 -23.55 40.46
C LEU E 247 23.60 -22.98 41.68
N ASP E 248 24.88 -23.37 41.83
CA ASP E 248 25.76 -22.71 42.77
C ASP E 248 26.28 -21.39 42.22
N LYS E 249 26.31 -21.26 40.88
CA LYS E 249 26.97 -20.16 40.22
C LYS E 249 26.39 -18.82 40.68
N GLU E 250 25.11 -18.60 40.44
CA GLU E 250 24.52 -17.30 40.76
C GLU E 250 24.31 -17.15 42.26
N PHE E 251 23.95 -18.23 42.97
CA PHE E 251 23.80 -18.15 44.41
C PHE E 251 25.07 -17.65 45.08
N SER E 252 26.24 -17.95 44.52
CA SER E 252 27.49 -17.39 45.04
C SER E 252 27.86 -16.07 44.38
N ASP E 253 27.53 -15.87 43.11
CA ASP E 253 28.00 -14.68 42.38
C ASP E 253 27.20 -13.43 42.73
N ILE E 254 25.93 -13.58 43.10
CA ILE E 254 25.14 -12.42 43.48
C ILE E 254 25.63 -11.91 44.81
N PHE E 255 25.86 -12.83 45.75
CA PHE E 255 26.39 -12.47 47.06
C PHE E 255 27.80 -11.90 46.96
N ARG E 256 28.65 -12.53 46.14
CA ARG E 256 30.02 -12.07 45.94
C ARG E 256 30.03 -10.75 45.18
N ARG E 257 30.95 -9.88 45.57
CA ARG E 257 31.13 -8.55 44.98
C ARG E 257 29.81 -7.78 45.12
N ALA E 258 29.10 -8.04 46.20
CA ALA E 258 27.86 -7.34 46.51
C ALA E 258 27.94 -7.00 47.99
N PHE E 259 27.96 -8.04 48.82
CA PHE E 259 28.05 -7.81 50.26
C PHE E 259 29.47 -7.34 50.61
N HIS E 276 27.84 -1.71 52.65
CA HIS E 276 26.56 -2.38 52.42
C HIS E 276 25.97 -1.92 51.08
N VAL E 277 25.67 -2.88 50.22
CA VAL E 277 25.18 -2.58 48.88
C VAL E 277 23.70 -2.21 48.94
N LYS E 278 23.25 -1.47 47.93
CA LYS E 278 21.87 -1.07 47.76
C LYS E 278 21.54 -1.10 46.27
N GLY E 279 20.40 -1.67 45.93
CA GLY E 279 19.91 -1.69 44.57
C GLY E 279 19.92 -3.04 43.86
N ILE E 280 20.02 -4.15 44.59
CA ILE E 280 20.07 -5.47 43.96
C ILE E 280 18.85 -5.71 43.09
N LEU E 281 19.10 -6.08 41.85
CA LEU E 281 18.10 -6.25 40.81
C LEU E 281 18.32 -7.59 40.14
N LEU E 282 17.24 -8.26 39.78
CA LEU E 282 17.29 -9.64 39.29
C LEU E 282 16.40 -9.74 38.06
N TYR E 283 16.98 -10.21 36.95
CA TYR E 283 16.24 -10.32 35.71
C TYR E 283 16.62 -11.59 34.98
N GLY E 284 15.99 -11.77 33.83
CA GLY E 284 16.21 -12.90 32.95
C GLY E 284 14.85 -13.38 32.48
N PRO E 285 14.76 -14.58 31.92
CA PRO E 285 13.47 -15.06 31.48
C PRO E 285 12.67 -15.45 32.71
N PRO E 286 11.35 -15.55 32.59
CA PRO E 286 10.54 -15.91 33.76
C PRO E 286 10.90 -17.29 34.29
N GLY E 287 10.78 -17.42 35.62
CA GLY E 287 11.15 -18.63 36.32
C GLY E 287 12.53 -18.62 36.96
N CYS E 288 13.10 -19.80 37.11
CA CYS E 288 14.41 -20.02 37.71
C CYS E 288 14.40 -19.61 39.19
N GLY E 289 13.24 -19.74 39.83
CA GLY E 289 13.08 -19.49 41.26
C GLY E 289 13.48 -18.12 41.76
N LYS E 290 13.15 -17.06 41.01
CA LYS E 290 13.45 -15.72 41.49
C LYS E 290 12.69 -15.38 42.75
N THR E 291 11.55 -16.04 43.00
CA THR E 291 10.83 -15.85 44.25
C THR E 291 11.41 -16.72 45.35
N LEU E 292 11.87 -17.92 45.01
CA LEU E 292 12.47 -18.75 46.04
C LEU E 292 13.76 -18.13 46.53
N LEU E 293 14.43 -17.33 45.70
CA LEU E 293 15.57 -16.56 46.19
C LEU E 293 15.19 -15.77 47.44
N ALA E 294 14.11 -15.00 47.36
CA ALA E 294 13.64 -14.25 48.52
C ALA E 294 13.23 -15.19 49.64
N ARG E 295 12.38 -16.17 49.31
CA ARG E 295 11.79 -17.04 50.32
C ARG E 295 12.86 -17.81 51.11
N GLN E 296 14.03 -18.04 50.51
CA GLN E 296 15.14 -18.66 51.21
C GLN E 296 16.00 -17.64 51.94
N ILE E 297 16.45 -16.58 51.25
CA ILE E 297 17.51 -15.75 51.81
C ILE E 297 16.95 -14.86 52.92
N GLY E 298 15.71 -14.40 52.80
CA GLY E 298 15.13 -13.61 53.88
C GLY E 298 15.11 -14.37 55.20
N LYS E 299 14.91 -15.69 55.14
CA LYS E 299 14.94 -16.51 56.34
C LYS E 299 16.37 -16.82 56.75
N MET E 300 17.24 -17.13 55.79
CA MET E 300 18.61 -17.47 56.13
C MET E 300 19.34 -16.30 56.76
N LEU E 301 18.96 -15.07 56.40
CA LEU E 301 19.47 -13.87 57.06
C LEU E 301 18.76 -13.71 58.40
N ASN E 302 19.15 -12.68 59.15
CA ASN E 302 18.83 -12.58 60.58
C ASN E 302 17.36 -12.20 60.74
N ALA E 303 16.50 -13.22 60.56
CA ALA E 303 15.10 -13.25 61.03
C ALA E 303 14.34 -11.96 60.72
N ARG E 304 14.45 -11.51 59.47
CA ARG E 304 13.94 -10.21 59.07
C ARG E 304 12.61 -10.38 58.33
N GLU E 305 11.73 -9.38 58.50
CA GLU E 305 10.48 -9.21 57.78
C GLU E 305 10.65 -9.49 56.29
N PRO E 306 9.84 -10.36 55.67
CA PRO E 306 9.94 -10.51 54.21
C PRO E 306 9.43 -9.30 53.44
N LYS E 307 8.49 -8.57 54.01
CA LYS E 307 7.91 -7.38 53.39
C LYS E 307 7.28 -7.71 52.03
N VAL E 308 6.27 -8.58 52.09
CA VAL E 308 5.44 -8.85 50.92
C VAL E 308 4.86 -7.56 50.38
N VAL E 309 5.16 -7.25 49.12
CA VAL E 309 4.64 -6.09 48.42
C VAL E 309 4.21 -6.55 47.03
N ASN E 310 3.08 -6.04 46.56
CA ASN E 310 2.43 -6.55 45.36
C ASN E 310 2.60 -5.64 44.15
N GLY E 311 3.73 -4.92 44.07
CA GLY E 311 4.10 -4.21 42.87
C GLY E 311 3.24 -2.98 42.63
N PRO E 312 2.39 -2.96 41.60
CA PRO E 312 1.60 -1.75 41.32
C PRO E 312 0.56 -1.39 42.37
N GLU E 313 0.45 -2.14 43.47
CA GLU E 313 -0.47 -1.80 44.55
C GLU E 313 -0.25 -0.38 45.09
N ILE E 314 0.95 0.18 44.94
CA ILE E 314 1.21 1.52 45.46
C ILE E 314 0.30 2.55 44.81
N LEU E 315 -0.12 2.29 43.56
CA LEU E 315 -0.95 3.25 42.84
C LEU E 315 -2.27 3.47 43.55
N ASN E 316 -2.59 4.73 43.80
CA ASN E 316 -3.85 5.14 44.40
C ASN E 316 -4.45 6.24 43.55
N LYS E 317 -5.77 6.35 43.61
CA LYS E 317 -6.46 7.37 42.83
C LYS E 317 -6.22 8.76 43.39
N TYR E 318 -6.09 8.88 44.72
CA TYR E 318 -5.86 10.16 45.36
C TYR E 318 -4.44 10.63 45.07
N VAL E 319 -4.23 11.94 45.16
CA VAL E 319 -2.89 12.51 45.02
C VAL E 319 -2.12 12.31 46.31
N GLY E 320 -0.82 12.05 46.18
CA GLY E 320 0.07 12.03 47.32
C GLY E 320 0.11 10.72 48.08
N GLU E 321 -0.99 9.97 48.08
CA GLU E 321 -1.00 8.70 48.83
C GLU E 321 -0.09 7.67 48.21
N SER E 322 0.12 7.74 46.89
CA SER E 322 1.08 6.88 46.23
C SER E 322 2.47 7.04 46.84
N GLU E 323 2.96 8.28 46.91
CA GLU E 323 4.25 8.53 47.51
C GLU E 323 4.22 8.28 49.02
N ALA E 324 3.07 8.54 49.65
CA ALA E 324 2.93 8.32 51.09
C ALA E 324 3.19 6.87 51.44
N ASN E 325 2.68 5.96 50.60
CA ASN E 325 2.85 4.53 50.87
C ASN E 325 4.33 4.16 50.90
N ILE E 326 5.08 4.56 49.86
CA ILE E 326 6.47 4.14 49.78
C ILE E 326 7.36 4.87 50.77
N ARG E 327 6.98 6.07 51.22
CA ARG E 327 7.79 6.69 52.28
C ARG E 327 7.48 6.07 53.64
N LYS E 328 6.23 5.66 53.87
CA LYS E 328 5.86 4.93 55.08
C LYS E 328 6.51 3.56 55.14
N LEU E 329 6.66 2.94 53.96
CA LEU E 329 7.07 1.55 53.83
C LEU E 329 8.43 1.28 54.44
N PHE E 330 9.38 2.18 54.24
CA PHE E 330 10.77 1.93 54.62
C PHE E 330 10.94 1.75 56.13
N ALA E 331 10.46 2.71 56.93
CA ALA E 331 10.50 2.62 58.39
C ALA E 331 11.89 2.30 58.96
N ASP E 332 12.97 2.59 58.23
CA ASP E 332 14.33 2.32 58.68
C ASP E 332 15.16 3.59 58.76
N ALA E 333 15.16 4.41 57.71
CA ALA E 333 15.86 5.69 57.74
C ALA E 333 15.32 6.57 58.86
N GLU E 334 14.04 6.41 59.22
CA GLU E 334 13.44 7.21 60.26
C GLU E 334 14.09 6.94 61.61
N GLU E 335 14.00 5.70 62.10
CA GLU E 335 14.46 5.35 63.43
C GLU E 335 15.80 4.62 63.45
N GLU E 336 15.96 3.55 62.66
CA GLU E 336 17.09 2.65 62.93
C GLU E 336 18.41 3.21 62.43
N GLN E 337 18.37 4.26 61.61
CA GLN E 337 19.59 4.99 61.25
C GLN E 337 20.37 5.40 62.48
N ARG E 338 19.67 5.79 63.55
CA ARG E 338 20.26 6.19 64.82
C ARG E 338 20.02 5.20 65.93
N ARG E 339 18.84 4.57 65.98
CA ARG E 339 18.38 3.85 67.15
C ARG E 339 19.23 2.61 67.41
N LEU E 340 19.28 2.19 68.67
CA LEU E 340 20.02 1.03 69.17
C LEU E 340 21.54 1.23 69.12
N GLY E 341 22.01 2.41 68.72
CA GLY E 341 23.42 2.56 68.43
C GLY E 341 23.88 1.64 67.32
N ALA E 342 22.97 1.26 66.43
CA ALA E 342 23.26 0.25 65.41
C ALA E 342 24.00 0.84 64.22
N ASN E 343 23.41 1.86 63.60
CA ASN E 343 23.89 2.39 62.33
C ASN E 343 23.97 1.30 61.26
N SER E 344 23.15 0.25 61.42
CA SER E 344 23.14 -0.87 60.49
C SER E 344 21.75 -1.50 60.54
N GLY E 345 21.04 -1.45 59.42
CA GLY E 345 19.70 -1.99 59.33
C GLY E 345 19.70 -3.35 58.67
N LEU E 346 18.60 -4.07 58.85
CA LEU E 346 18.34 -5.31 58.15
C LEU E 346 17.10 -5.29 57.28
N HIS E 347 16.22 -4.29 57.44
CA HIS E 347 14.96 -4.23 56.70
C HIS E 347 15.20 -4.34 55.20
N ILE E 348 14.31 -5.08 54.54
CA ILE E 348 14.40 -5.26 53.09
C ILE E 348 13.02 -5.06 52.48
N ILE E 349 13.02 -4.51 51.28
CA ILE E 349 11.82 -4.25 50.50
C ILE E 349 11.95 -5.00 49.20
N ILE E 350 10.92 -5.76 48.84
CA ILE E 350 10.91 -6.57 47.63
C ILE E 350 9.71 -6.12 46.81
N PHE E 351 9.93 -5.87 45.52
CA PHE E 351 8.88 -5.44 44.61
C PHE E 351 8.87 -6.39 43.42
N ASP E 352 7.69 -6.61 42.83
CA ASP E 352 7.59 -7.50 41.67
C ASP E 352 6.91 -6.75 40.53
N GLU E 353 7.23 -7.13 39.27
CA GLU E 353 6.58 -6.56 38.08
C GLU E 353 6.66 -5.03 38.07
N ILE E 354 7.87 -4.55 38.32
CA ILE E 354 8.20 -3.14 38.48
C ILE E 354 7.91 -2.35 37.19
N ASP E 355 7.76 -3.03 36.04
CA ASP E 355 7.54 -2.32 34.79
C ASP E 355 6.31 -1.42 34.85
N ALA E 356 5.22 -1.86 35.48
CA ALA E 356 4.06 -0.98 35.56
C ALA E 356 4.33 0.21 36.45
N ILE E 357 5.27 0.08 37.38
CA ILE E 357 5.55 1.13 38.34
C ILE E 357 6.50 2.15 37.73
N CYS E 358 7.36 1.71 36.81
CA CYS E 358 8.44 2.52 36.29
C CYS E 358 8.40 2.65 34.78
N LYS E 359 8.83 3.81 34.28
CA LYS E 359 8.97 4.06 32.85
C LYS E 359 10.11 5.05 32.66
N GLN E 360 10.39 5.39 31.40
CA GLN E 360 11.69 5.98 31.06
C GLN E 360 11.90 7.33 31.76
N ARG E 361 11.01 8.29 31.51
CA ARG E 361 11.04 9.56 32.24
C ARG E 361 9.63 10.00 32.63
N GLY E 362 8.67 9.09 32.63
CA GLY E 362 7.29 9.38 32.90
C GLY E 362 6.42 9.51 31.67
N SER E 363 6.98 10.04 30.58
CA SER E 363 6.26 10.16 29.30
C SER E 363 6.63 8.96 28.43
N MET E 364 5.80 7.91 28.50
CA MET E 364 6.02 6.71 27.73
C MET E 364 4.76 5.88 27.76
N ALA E 365 4.46 5.20 26.65
CA ALA E 365 3.23 4.42 26.51
C ALA E 365 1.99 5.29 26.70
N GLY E 366 2.03 6.50 26.16
CA GLY E 366 0.89 7.40 26.15
C GLY E 366 1.11 8.77 26.75
N SER E 367 2.36 9.12 27.06
CA SER E 367 2.68 10.40 27.71
C SER E 367 1.85 10.58 28.98
N THR E 368 1.79 9.52 29.78
CA THR E 368 0.84 9.46 30.87
C THR E 368 1.24 10.41 31.99
N GLY E 369 0.24 10.82 32.77
CA GLY E 369 0.36 12.00 33.61
C GLY E 369 1.39 11.90 34.72
N VAL E 370 1.56 13.04 35.39
CA VAL E 370 2.67 13.22 36.34
C VAL E 370 2.46 12.39 37.59
N HIS E 371 1.23 12.27 38.08
CA HIS E 371 0.95 11.48 39.27
C HIS E 371 0.71 10.02 38.96
N ASP E 372 0.45 9.68 37.69
CA ASP E 372 0.44 8.29 37.29
C ASP E 372 1.86 7.75 37.17
N THR E 373 2.78 8.60 36.72
CA THR E 373 4.18 8.23 36.53
C THR E 373 5.03 9.18 37.35
N VAL E 374 5.39 8.75 38.55
CA VAL E 374 6.44 9.39 39.34
C VAL E 374 7.42 8.28 39.75
N VAL E 375 8.47 8.12 38.95
CA VAL E 375 9.64 7.37 39.39
C VAL E 375 10.59 8.25 40.19
N ASN E 376 10.41 9.58 40.11
CA ASN E 376 11.37 10.53 40.67
C ASN E 376 11.60 10.31 42.15
N GLN E 377 10.56 9.94 42.89
CA GLN E 377 10.68 9.74 44.33
C GLN E 377 11.79 8.73 44.64
N LEU E 378 11.74 7.57 43.98
CA LEU E 378 12.71 6.52 44.28
C LEU E 378 14.02 6.73 43.53
N LEU E 379 13.97 7.36 42.36
CA LEU E 379 15.21 7.78 41.72
C LEU E 379 15.99 8.74 42.61
N SER E 380 15.29 9.58 43.38
CA SER E 380 15.92 10.64 44.15
C SER E 380 16.24 10.27 45.58
N LYS E 381 15.52 9.33 46.19
CA LYS E 381 15.78 9.00 47.60
C LYS E 381 17.24 8.62 47.82
N ILE E 382 17.76 7.70 47.01
CA ILE E 382 19.10 7.17 47.26
C ILE E 382 20.17 8.15 46.81
N ASP E 383 19.95 8.87 45.70
CA ASP E 383 20.96 9.77 45.15
C ASP E 383 20.69 11.22 45.50
N GLY E 384 19.89 11.47 46.55
CA GLY E 384 19.60 12.81 47.02
C GLY E 384 20.28 13.18 48.32
N VAL E 385 19.44 13.41 49.33
CA VAL E 385 19.89 13.86 50.65
C VAL E 385 21.01 12.97 51.19
N GLU E 386 20.87 11.65 51.05
CA GLU E 386 21.95 10.74 51.41
C GLU E 386 21.68 9.38 50.80
N GLN E 387 22.72 8.56 50.77
CA GLN E 387 22.63 7.16 50.36
C GLN E 387 22.20 6.36 51.59
N LEU E 388 20.92 6.01 51.67
CA LEU E 388 20.45 5.21 52.80
C LEU E 388 20.95 3.78 52.60
N ASN E 389 22.02 3.45 53.31
CA ASN E 389 22.76 2.20 53.08
C ASN E 389 22.50 1.18 54.19
N ASN E 390 21.44 1.34 54.97
CA ASN E 390 21.10 0.42 56.04
C ASN E 390 20.09 -0.63 55.62
N ILE E 391 19.58 -0.58 54.40
CA ILE E 391 18.57 -1.52 53.92
C ILE E 391 18.97 -1.98 52.53
N LEU E 392 18.17 -2.86 51.96
CA LEU E 392 18.46 -3.40 50.65
C LEU E 392 17.16 -3.67 49.92
N VAL E 393 17.17 -3.38 48.62
CA VAL E 393 16.00 -3.52 47.77
C VAL E 393 16.24 -4.69 46.82
N ILE E 394 15.16 -5.39 46.50
CA ILE E 394 15.20 -6.48 45.54
C ILE E 394 14.16 -6.16 44.49
N GLY E 395 14.59 -6.09 43.24
CA GLY E 395 13.68 -5.85 42.16
C GLY E 395 13.73 -7.02 41.21
N MET E 396 12.59 -7.67 41.00
CA MET E 396 12.47 -8.78 40.08
C MET E 396 11.67 -8.33 38.88
N THR E 397 12.34 -8.27 37.74
CA THR E 397 11.74 -7.90 36.47
C THR E 397 11.99 -9.03 35.48
N ASN E 398 10.92 -9.58 34.94
CA ASN E 398 10.99 -10.66 33.97
C ASN E 398 11.02 -10.12 32.55
N ARG E 399 11.04 -8.81 32.39
CA ARG E 399 10.98 -8.14 31.10
C ARG E 399 11.92 -6.93 31.12
N PRO E 400 13.22 -7.17 31.31
CA PRO E 400 14.20 -6.09 31.51
C PRO E 400 14.28 -5.06 30.39
N ASP E 401 13.94 -5.43 29.16
CA ASP E 401 14.10 -4.50 28.03
C ASP E 401 13.33 -3.19 28.25
N LEU E 402 12.14 -3.26 28.84
CA LEU E 402 11.34 -2.06 29.05
C LEU E 402 11.99 -1.05 30.00
N ILE E 403 12.55 -1.51 31.12
CA ILE E 403 13.03 -0.59 32.16
C ILE E 403 14.55 -0.43 32.23
N ASP E 404 15.32 -1.36 31.66
CA ASP E 404 16.77 -1.30 31.78
C ASP E 404 17.37 -0.08 31.10
N GLU E 405 16.83 0.27 29.93
CA GLU E 405 17.45 1.32 29.12
C GLU E 405 17.45 2.67 29.82
N ALA E 406 16.31 3.06 30.41
CA ALA E 406 16.18 4.39 31.00
C ALA E 406 16.09 4.48 32.53
N LEU E 407 16.13 3.37 33.30
CA LEU E 407 16.00 3.49 34.75
C LEU E 407 17.30 3.22 35.50
N LEU E 408 18.44 3.16 34.83
CA LEU E 408 19.67 2.75 35.51
C LEU E 408 20.69 3.88 35.58
N ARG E 409 21.22 4.06 36.79
CA ARG E 409 22.31 4.97 37.10
C ARG E 409 23.34 4.11 37.82
N PRO E 410 24.63 4.14 37.44
CA PRO E 410 25.58 3.27 38.13
C PRO E 410 25.94 3.79 39.52
N GLY E 411 26.00 2.85 40.46
CA GLY E 411 26.16 3.16 41.87
C GLY E 411 24.91 2.94 42.68
N ARG E 412 23.76 3.26 42.10
CA ARG E 412 22.47 2.85 42.65
C ARG E 412 22.00 1.55 42.01
N LEU E 413 22.10 1.45 40.68
CA LEU E 413 21.57 0.33 39.92
C LEU E 413 22.58 -0.21 38.91
N GLU E 414 23.88 -0.12 39.23
CA GLU E 414 24.88 -0.78 38.39
C GLU E 414 24.71 -2.30 38.42
N VAL E 415 24.06 -2.83 39.45
CA VAL E 415 23.94 -4.27 39.61
C VAL E 415 22.85 -4.76 38.65
N LYS E 416 23.21 -5.71 37.79
CA LYS E 416 22.26 -6.36 36.91
C LYS E 416 22.88 -7.68 36.51
N MET E 417 22.14 -8.76 36.72
CA MET E 417 22.67 -10.11 36.53
C MET E 417 21.62 -10.95 35.82
N GLU E 418 21.96 -11.42 34.62
CA GLU E 418 21.07 -12.32 33.90
C GLU E 418 21.08 -13.69 34.57
N ILE E 419 19.91 -14.32 34.60
CA ILE E 419 19.65 -15.54 35.33
C ILE E 419 18.81 -16.41 34.41
N GLY E 420 18.85 -17.73 34.63
CA GLY E 420 17.89 -18.62 33.97
C GLY E 420 18.38 -19.75 33.09
N LEU E 421 19.64 -20.18 33.21
CA LEU E 421 20.08 -21.30 32.41
C LEU E 421 19.34 -22.58 32.83
N PRO E 422 19.20 -23.58 31.93
CA PRO E 422 18.53 -24.83 32.35
C PRO E 422 19.31 -25.67 33.33
N ASP E 423 20.64 -25.52 33.41
CA ASP E 423 21.47 -26.31 34.32
C ASP E 423 21.32 -27.81 34.03
N GLU E 424 21.81 -28.21 32.85
CA GLU E 424 21.52 -29.53 32.30
C GLU E 424 21.93 -30.69 33.22
N LYS E 425 22.70 -30.44 34.29
CA LYS E 425 22.84 -31.39 35.38
C LYS E 425 22.23 -30.90 36.68
N GLY E 426 22.04 -29.58 36.85
CA GLY E 426 21.51 -29.06 38.08
C GLY E 426 20.01 -29.20 38.21
N ARG E 427 19.32 -29.45 37.11
CA ARG E 427 17.90 -29.73 37.19
C ARG E 427 17.64 -31.05 37.91
N LEU E 428 18.59 -31.98 37.82
CA LEU E 428 18.56 -33.15 38.70
C LEU E 428 18.48 -32.72 40.15
N GLN E 429 19.40 -31.83 40.56
CA GLN E 429 19.40 -31.33 41.92
C GLN E 429 18.11 -30.58 42.24
N ILE E 430 17.55 -29.87 41.26
CA ILE E 430 16.29 -29.15 41.47
C ILE E 430 15.19 -30.12 41.84
N LEU E 431 14.91 -31.04 40.93
CA LEU E 431 13.79 -31.96 41.11
C LEU E 431 14.05 -32.90 42.27
N HIS E 432 15.30 -33.05 42.70
CA HIS E 432 15.60 -33.82 43.89
C HIS E 432 14.80 -33.32 45.07
N ILE E 433 14.60 -32.00 45.19
CA ILE E 433 13.84 -31.47 46.32
C ILE E 433 12.40 -31.98 46.26
N HIS E 434 11.71 -31.66 45.17
CA HIS E 434 10.30 -31.99 45.04
C HIS E 434 10.04 -33.48 44.92
N THR E 435 11.08 -34.29 44.69
CA THR E 435 10.99 -35.73 44.78
C THR E 435 11.53 -36.30 46.08
N ALA E 436 12.12 -35.45 46.93
CA ALA E 436 12.68 -35.92 48.20
C ALA E 436 11.65 -36.67 49.02
N ARG E 437 10.44 -36.14 49.11
CA ARG E 437 9.46 -36.76 49.97
C ARG E 437 8.94 -38.05 49.33
N MET E 438 8.70 -38.04 48.02
CA MET E 438 8.33 -39.27 47.32
C MET E 438 9.43 -40.32 47.34
N ARG E 439 10.69 -39.94 47.52
CA ARG E 439 11.76 -40.92 47.63
C ARG E 439 11.88 -41.44 49.06
N GLY E 440 11.85 -40.54 50.05
CA GLY E 440 11.91 -40.98 51.42
C GLY E 440 10.72 -41.84 51.78
N HIS E 441 9.53 -41.41 51.38
CA HIS E 441 8.33 -42.20 51.53
C HIS E 441 8.42 -43.23 50.41
N GLN E 442 7.94 -44.44 50.64
CA GLN E 442 8.12 -45.49 49.64
C GLN E 442 7.07 -45.38 48.52
N LEU E 443 7.27 -44.36 47.69
CA LEU E 443 6.43 -44.10 46.52
C LEU E 443 7.13 -44.29 45.19
N LEU E 444 8.36 -43.82 45.05
CA LEU E 444 8.97 -43.75 43.73
C LEU E 444 9.39 -45.14 43.24
N SER E 445 9.53 -45.25 41.93
CA SER E 445 9.77 -46.54 41.28
C SER E 445 11.24 -46.93 41.35
N ALA E 446 11.49 -48.18 41.02
CA ALA E 446 12.85 -48.69 40.89
C ALA E 446 13.40 -48.46 39.49
N ASP E 447 12.54 -48.53 38.46
CA ASP E 447 12.98 -48.32 37.09
C ASP E 447 13.25 -46.86 36.76
N VAL E 448 13.01 -45.94 37.70
CA VAL E 448 13.27 -44.53 37.43
C VAL E 448 14.77 -44.35 37.25
N ASP E 449 15.16 -43.87 36.08
CA ASP E 449 16.46 -43.24 35.87
C ASP E 449 16.20 -41.74 35.78
N ILE E 450 16.68 -41.02 36.78
CA ILE E 450 16.30 -39.63 36.93
C ILE E 450 16.99 -38.81 35.85
N LYS E 451 18.25 -39.13 35.57
CA LYS E 451 18.91 -38.53 34.43
C LYS E 451 18.23 -38.93 33.13
N GLU E 452 17.73 -40.16 33.04
CA GLU E 452 17.06 -40.58 31.81
C GLU E 452 15.81 -39.75 31.55
N LEU E 453 15.08 -39.40 32.60
CA LEU E 453 13.87 -38.62 32.40
C LEU E 453 14.17 -37.14 32.24
N ALA E 454 15.29 -36.67 32.79
CA ALA E 454 15.60 -35.25 32.73
C ALA E 454 16.40 -34.85 31.49
N VAL E 455 17.08 -35.79 30.82
CA VAL E 455 17.89 -35.42 29.67
C VAL E 455 17.06 -35.08 28.44
N GLU E 456 15.75 -35.32 28.47
CA GLU E 456 14.86 -34.77 27.46
C GLU E 456 14.50 -33.32 27.72
N THR E 457 15.04 -32.72 28.79
CA THR E 457 14.62 -31.41 29.29
C THR E 457 15.61 -30.32 28.95
N LYS E 458 16.22 -30.42 27.76
CA LYS E 458 17.32 -29.52 27.37
C LYS E 458 16.92 -28.05 27.52
N ASN E 459 15.78 -27.68 26.94
CA ASN E 459 15.21 -26.35 27.05
C ASN E 459 14.00 -26.31 27.98
N PHE E 460 13.59 -27.46 28.50
CA PHE E 460 12.45 -27.56 29.41
C PHE E 460 12.92 -27.11 30.78
N SER E 461 12.54 -25.90 31.17
CA SER E 461 13.17 -25.21 32.28
C SER E 461 12.71 -25.76 33.61
N GLY E 462 13.59 -25.66 34.62
CA GLY E 462 13.27 -26.16 35.95
C GLY E 462 12.00 -25.58 36.52
N ALA E 463 11.65 -24.36 36.12
CA ALA E 463 10.41 -23.73 36.56
C ALA E 463 9.22 -24.47 35.99
N GLU E 464 9.29 -24.82 34.71
CA GLU E 464 8.28 -25.63 34.07
C GLU E 464 8.37 -27.10 34.49
N LEU E 465 9.43 -27.48 35.21
CA LEU E 465 9.71 -28.88 35.50
C LEU E 465 9.09 -29.36 36.80
N GLU E 466 8.00 -28.75 37.27
CA GLU E 466 7.22 -29.32 38.38
C GLU E 466 5.80 -29.68 37.98
N GLY E 467 5.31 -29.18 36.85
CA GLY E 467 4.01 -29.59 36.39
C GLY E 467 3.97 -31.06 36.04
N LEU E 468 5.01 -31.55 35.37
CA LEU E 468 5.09 -32.98 35.08
C LEU E 468 5.15 -33.81 36.34
N VAL E 469 5.77 -33.29 37.40
CA VAL E 469 5.87 -34.07 38.63
C VAL E 469 4.52 -34.14 39.33
N ARG E 470 3.78 -33.03 39.29
CA ARG E 470 2.40 -33.05 39.78
C ARG E 470 1.56 -33.99 38.93
N ALA E 471 1.86 -34.06 37.64
CA ALA E 471 1.06 -34.89 36.77
C ALA E 471 1.40 -36.35 36.94
N ALA E 472 2.65 -36.66 37.29
CA ALA E 472 3.04 -38.04 37.46
C ALA E 472 2.50 -38.57 38.78
N GLN E 473 2.47 -37.73 39.81
CA GLN E 473 1.71 -38.06 41.00
C GLN E 473 0.24 -38.30 40.65
N SER E 474 -0.34 -37.47 39.80
CA SER E 474 -1.78 -37.44 39.67
C SER E 474 -2.30 -38.54 38.75
N THR E 475 -1.58 -38.87 37.68
CA THR E 475 -2.01 -39.98 36.83
C THR E 475 -2.07 -41.27 37.62
N ALA E 476 -1.12 -41.46 38.55
CA ALA E 476 -1.20 -42.58 39.46
C ALA E 476 -2.42 -42.45 40.35
N MET E 477 -2.67 -41.25 40.86
CA MET E 477 -3.87 -41.05 41.67
C MET E 477 -5.15 -41.36 40.89
N ASN E 478 -5.11 -41.22 39.58
CA ASN E 478 -6.32 -41.16 38.76
C ASN E 478 -7.21 -42.39 38.96
N ARG E 479 -8.43 -42.14 39.43
CA ARG E 479 -9.51 -43.12 39.47
C ARG E 479 -10.66 -42.60 38.62
N HIS E 480 -11.14 -43.45 37.73
CA HIS E 480 -12.24 -43.10 36.83
C HIS E 480 -13.58 -43.23 37.56
N ILE E 481 -14.67 -43.10 36.80
CA ILE E 481 -16.03 -43.10 37.34
C ILE E 481 -16.29 -44.34 38.19
N LEU E 497 -8.90 -50.75 48.12
CA LEU E 497 -8.20 -49.97 47.10
C LEU E 497 -6.70 -50.16 47.18
N GLN E 498 -6.02 -49.60 46.18
CA GLN E 498 -4.57 -49.65 46.04
C GLN E 498 -4.05 -48.24 46.24
N VAL E 499 -3.01 -48.12 47.07
CA VAL E 499 -2.44 -46.84 47.44
C VAL E 499 -0.93 -46.89 47.30
N THR E 500 -0.33 -45.71 47.19
CA THR E 500 1.11 -45.54 47.08
C THR E 500 1.69 -46.06 45.76
N ARG E 501 0.90 -46.14 44.69
CA ARG E 501 1.44 -46.63 43.41
C ARG E 501 2.01 -45.46 42.61
N GLY E 502 3.14 -44.91 43.08
CA GLY E 502 3.75 -43.87 42.28
C GLY E 502 4.73 -44.51 41.34
N ASP E 503 4.26 -44.77 40.13
CA ASP E 503 5.04 -45.43 39.10
C ASP E 503 5.92 -44.43 38.34
N PHE E 504 6.67 -44.95 37.37
CA PHE E 504 7.51 -44.16 36.49
C PHE E 504 6.86 -43.94 35.13
N LEU E 505 5.88 -44.79 34.79
CA LEU E 505 5.18 -44.74 33.51
C LEU E 505 4.68 -43.35 33.16
N ALA E 506 4.30 -42.58 34.18
CA ALA E 506 3.65 -41.30 33.93
C ALA E 506 4.59 -40.26 33.38
N SER E 507 5.89 -40.38 33.65
CA SER E 507 6.80 -39.27 33.38
C SER E 507 6.96 -39.03 31.88
N LEU E 508 7.17 -40.10 31.11
CA LEU E 508 7.38 -39.90 29.69
C LEU E 508 6.11 -39.42 28.99
N GLU E 509 4.94 -39.87 29.45
CA GLU E 509 3.72 -39.40 28.79
C GLU E 509 3.46 -37.95 29.17
N ASN E 510 3.78 -37.59 30.42
CA ASN E 510 3.62 -36.21 30.85
C ASN E 510 4.51 -35.30 30.04
N ASP E 511 5.77 -35.68 29.87
CA ASP E 511 6.69 -34.84 29.13
C ASP E 511 6.27 -34.70 27.67
N ILE E 512 5.87 -35.79 27.02
CA ILE E 512 5.51 -35.68 25.61
C ILE E 512 4.22 -34.86 25.42
N LYS E 513 3.15 -35.06 26.27
CA LYS E 513 1.89 -34.35 25.97
C LYS E 513 1.46 -33.13 26.80
N PRO E 514 1.31 -33.19 28.14
CA PRO E 514 0.80 -31.99 28.83
C PRO E 514 1.69 -30.77 28.80
N ALA E 515 3.00 -30.91 28.97
CA ALA E 515 3.87 -29.75 29.09
C ALA E 515 5.01 -29.73 28.09
N PHE E 516 5.12 -28.59 27.39
CA PHE E 516 6.21 -28.25 26.50
C PHE E 516 6.27 -26.73 26.61
N GLY E 517 7.46 -26.18 26.80
CA GLY E 517 7.52 -24.73 26.95
C GLY E 517 8.87 -24.14 26.71
N THR E 518 8.92 -23.05 25.94
CA THR E 518 10.16 -22.41 25.52
C THR E 518 11.07 -23.45 24.85
N ASN E 519 10.45 -24.42 24.17
CA ASN E 519 11.19 -25.54 23.64
C ASN E 519 12.04 -25.13 22.45
N GLN E 520 11.46 -24.35 21.53
CA GLN E 520 12.17 -23.67 20.43
C GLN E 520 13.14 -24.58 19.69
N GLU E 521 12.82 -25.88 19.64
CA GLU E 521 13.68 -26.89 19.04
C GLU E 521 12.85 -27.73 18.08
N ASP E 522 13.15 -27.61 16.78
CA ASP E 522 12.49 -28.37 15.73
C ASP E 522 13.53 -28.84 14.73
N TYR E 523 13.64 -30.15 14.56
CA TYR E 523 14.59 -30.72 13.62
C TYR E 523 14.27 -32.20 13.45
N ALA E 524 15.07 -32.86 12.60
CA ALA E 524 15.01 -34.31 12.37
C ALA E 524 13.65 -34.77 11.88
N SER E 525 12.95 -33.94 11.11
CA SER E 525 11.87 -34.39 10.26
C SER E 525 12.22 -34.38 8.78
N TYR E 526 13.32 -33.73 8.40
CA TYR E 526 13.87 -33.92 7.07
C TYR E 526 14.51 -35.29 6.93
N ILE E 527 14.96 -35.86 8.05
CA ILE E 527 15.52 -37.20 8.08
C ILE E 527 14.37 -38.16 8.37
N MET E 528 14.10 -39.05 7.42
CA MET E 528 12.88 -39.84 7.43
C MET E 528 13.17 -41.17 6.77
N ASN E 529 12.78 -42.25 7.45
CA ASN E 529 12.94 -43.62 7.01
C ASN E 529 14.39 -44.07 7.23
N GLY E 530 15.24 -43.23 7.82
CA GLY E 530 16.62 -43.56 8.10
C GLY E 530 17.56 -43.42 6.91
N ILE E 531 18.79 -43.82 7.17
CA ILE E 531 19.87 -43.81 6.18
C ILE E 531 20.19 -45.28 5.90
N ILE E 532 20.12 -45.68 4.64
CA ILE E 532 20.38 -47.05 4.24
C ILE E 532 21.60 -47.06 3.34
N LYS E 533 22.56 -47.91 3.65
CA LYS E 533 23.76 -48.04 2.83
C LYS E 533 23.45 -49.01 1.69
N TRP E 534 22.89 -48.46 0.62
CA TRP E 534 22.60 -49.23 -0.58
C TRP E 534 23.80 -49.36 -1.49
N GLY E 535 24.99 -48.96 -1.04
CA GLY E 535 26.18 -49.14 -1.83
C GLY E 535 27.35 -48.39 -1.23
N ASP E 536 28.50 -48.59 -1.86
CA ASP E 536 29.69 -47.84 -1.49
C ASP E 536 29.56 -46.32 -1.61
N PRO E 537 28.76 -45.74 -2.54
CA PRO E 537 28.73 -44.26 -2.61
C PRO E 537 28.22 -43.59 -1.35
N VAL E 538 27.22 -44.17 -0.68
CA VAL E 538 26.70 -43.58 0.54
C VAL E 538 27.77 -43.58 1.62
N THR E 539 28.41 -44.73 1.80
CA THR E 539 29.52 -44.82 2.75
C THR E 539 30.61 -43.81 2.40
N ARG E 540 30.88 -43.66 1.11
CA ARG E 540 31.91 -42.74 0.66
C ARG E 540 31.60 -41.31 1.07
N VAL E 541 30.39 -40.85 0.73
CA VAL E 541 30.03 -39.46 1.02
C VAL E 541 29.96 -39.23 2.53
N LEU E 542 29.49 -40.22 3.29
CA LEU E 542 29.40 -40.02 4.73
C LEU E 542 30.79 -39.98 5.35
N ASP E 543 31.70 -40.82 4.88
CA ASP E 543 33.07 -40.76 5.38
C ASP E 543 33.73 -39.45 4.96
N ASP E 544 33.38 -38.92 3.80
CA ASP E 544 33.93 -37.64 3.37
C ASP E 544 33.44 -36.51 4.27
N GLY E 545 32.15 -36.53 4.62
CA GLY E 545 31.63 -35.55 5.55
C GLY E 545 32.25 -35.69 6.93
N GLU E 546 32.52 -36.93 7.34
CA GLU E 546 33.20 -37.15 8.62
C GLU E 546 34.59 -36.56 8.61
N LEU E 547 35.35 -36.85 7.55
CA LEU E 547 36.66 -36.25 7.34
C LEU E 547 36.59 -34.73 7.37
N LEU E 548 35.54 -34.16 6.79
CA LEU E 548 35.44 -32.72 6.69
C LEU E 548 35.11 -32.08 8.05
N VAL E 549 34.21 -32.70 8.81
CA VAL E 549 33.93 -32.17 10.14
C VAL E 549 35.18 -32.29 11.03
N GLN E 550 35.95 -33.35 10.87
CA GLN E 550 37.23 -33.41 11.59
C GLN E 550 38.16 -32.30 11.12
N GLN E 551 38.13 -31.97 9.83
CA GLN E 551 38.94 -30.87 9.33
C GLN E 551 38.58 -29.56 10.01
N THR E 552 37.30 -29.31 10.14
CA THR E 552 36.84 -28.17 10.92
C THR E 552 37.39 -28.23 12.34
N LYS E 553 37.22 -29.37 13.00
CA LYS E 553 37.42 -29.41 14.44
C LYS E 553 38.89 -29.31 14.84
N ASN E 554 39.78 -29.98 14.10
CA ASN E 554 41.16 -30.16 14.56
C ASN E 554 42.16 -29.28 13.84
N SER E 555 41.73 -28.13 13.31
CA SER E 555 42.63 -27.32 12.47
C SER E 555 42.36 -25.84 12.64
N ASP E 556 43.44 -25.08 12.85
CA ASP E 556 43.43 -23.65 12.68
C ASP E 556 43.58 -23.31 11.20
N ARG E 557 43.58 -22.01 10.89
CA ARG E 557 43.67 -21.46 9.53
C ARG E 557 42.67 -22.12 8.57
N THR E 558 41.55 -22.60 9.12
CA THR E 558 40.42 -23.13 8.39
C THR E 558 39.19 -22.75 9.22
N PRO E 559 38.96 -21.46 9.43
CA PRO E 559 37.96 -21.07 10.44
C PRO E 559 36.56 -21.43 10.03
N LEU E 560 36.26 -21.38 8.74
CA LEU E 560 34.96 -21.76 8.21
C LEU E 560 35.19 -22.71 7.06
N VAL E 561 34.35 -23.72 6.95
CA VAL E 561 34.37 -24.65 5.84
C VAL E 561 33.01 -24.60 5.17
N SER E 562 33.01 -24.72 3.85
CA SER E 562 31.82 -24.50 3.04
C SER E 562 31.83 -25.54 1.94
N VAL E 563 30.82 -26.39 1.92
CA VAL E 563 30.73 -27.47 0.94
C VAL E 563 29.31 -27.52 0.37
N LEU E 564 29.22 -27.93 -0.88
CA LEU E 564 27.96 -28.18 -1.54
C LEU E 564 28.00 -29.59 -2.08
N LEU E 565 26.92 -30.33 -1.88
CA LEU E 565 26.76 -31.66 -2.43
C LEU E 565 25.64 -31.62 -3.46
N GLU E 566 26.01 -31.84 -4.72
CA GLU E 566 25.06 -31.86 -5.81
C GLU E 566 24.59 -33.28 -6.04
N GLY E 567 23.29 -33.41 -6.30
CA GLY E 567 22.74 -34.63 -6.80
C GLY E 567 21.63 -34.30 -7.77
N PRO E 568 21.19 -35.27 -8.55
CA PRO E 568 19.95 -35.08 -9.28
C PRO E 568 18.78 -35.23 -8.33
N PRO E 569 17.61 -34.72 -8.69
CA PRO E 569 16.50 -34.66 -7.73
C PRO E 569 16.03 -36.05 -7.36
N HIS E 570 15.44 -36.14 -6.17
CA HIS E 570 14.81 -37.33 -5.64
C HIS E 570 15.81 -38.45 -5.33
N SER E 571 17.11 -38.15 -5.32
CA SER E 571 18.10 -39.05 -4.73
C SER E 571 18.17 -38.88 -3.22
N GLY E 572 18.03 -37.65 -2.77
CA GLY E 572 17.96 -37.31 -1.37
C GLY E 572 19.25 -36.73 -0.84
N LYS E 573 19.21 -35.45 -0.46
CA LYS E 573 20.37 -34.71 -0.02
C LYS E 573 20.18 -33.99 1.31
N THR E 574 18.93 -33.62 1.62
CA THR E 574 18.70 -32.99 2.92
C THR E 574 18.83 -34.02 4.03
N ALA E 575 18.39 -35.25 3.77
CA ALA E 575 18.61 -36.32 4.71
C ALA E 575 20.09 -36.53 4.97
N LEU E 576 20.91 -36.45 3.92
CA LEU E 576 22.34 -36.65 4.07
C LEU E 576 22.96 -35.52 4.89
N ALA E 577 22.55 -34.30 4.61
CA ALA E 577 23.08 -33.16 5.35
C ALA E 577 22.68 -33.25 6.82
N ALA E 578 21.44 -33.63 7.11
CA ALA E 578 21.02 -33.74 8.50
C ALA E 578 21.68 -34.93 9.17
N LYS E 579 22.01 -35.98 8.42
CA LYS E 579 22.77 -37.09 8.98
C LYS E 579 24.16 -36.63 9.38
N ILE E 580 24.82 -35.88 8.50
CA ILE E 580 26.14 -35.37 8.82
C ILE E 580 26.08 -34.47 10.04
N ALA E 581 25.00 -33.70 10.17
CA ALA E 581 24.84 -32.88 11.38
C ALA E 581 24.70 -33.75 12.62
N GLU E 582 23.68 -34.62 12.64
CA GLU E 582 23.36 -35.39 13.82
C GLU E 582 24.45 -36.39 14.19
N GLU E 583 25.29 -36.80 13.24
CA GLU E 583 26.36 -37.74 13.55
C GLU E 583 27.36 -37.13 14.51
N SER E 584 27.52 -35.81 14.46
CA SER E 584 28.60 -35.11 15.16
C SER E 584 28.00 -34.22 16.24
N ASN E 585 28.45 -34.42 17.47
CA ASN E 585 27.98 -33.63 18.60
C ASN E 585 28.44 -32.19 18.43
N PHE E 586 27.49 -31.26 18.43
CA PHE E 586 27.76 -29.83 18.34
C PHE E 586 26.87 -29.10 19.33
N PRO E 587 27.27 -27.90 19.75
CA PRO E 587 26.35 -27.04 20.50
C PRO E 587 25.31 -26.35 19.62
N PHE E 588 25.68 -26.04 18.37
CA PHE E 588 24.84 -25.21 17.51
C PHE E 588 24.75 -25.82 16.12
N ILE E 589 23.52 -26.19 15.75
CA ILE E 589 23.18 -26.63 14.41
C ILE E 589 21.85 -25.99 14.07
N LYS E 590 21.71 -25.54 12.83
CA LYS E 590 20.45 -25.03 12.36
C LYS E 590 20.34 -25.18 10.85
N ILE E 591 19.10 -25.36 10.41
CA ILE E 591 18.79 -25.79 9.06
C ILE E 591 17.94 -24.70 8.43
N CYS E 592 18.38 -24.17 7.31
CA CYS E 592 17.71 -23.08 6.62
C CYS E 592 16.96 -23.67 5.44
N SER E 593 15.64 -23.52 5.44
CA SER E 593 14.82 -23.95 4.31
C SER E 593 13.79 -22.88 4.03
N PRO E 594 13.22 -22.86 2.81
CA PRO E 594 12.02 -22.05 2.58
C PRO E 594 10.76 -22.65 3.18
N ASP E 595 10.82 -23.89 3.66
CA ASP E 595 9.67 -24.52 4.31
C ASP E 595 9.07 -23.66 5.40
N LYS E 596 9.90 -22.88 6.08
CA LYS E 596 9.44 -22.03 7.18
C LYS E 596 9.10 -20.63 6.74
N MET E 597 9.72 -20.15 5.65
CA MET E 597 9.67 -18.75 5.24
C MET E 597 9.15 -18.58 3.82
N ILE E 598 8.27 -19.48 3.38
CA ILE E 598 7.53 -19.23 2.15
C ILE E 598 6.82 -17.90 2.26
N GLY E 599 6.83 -17.14 1.17
CA GLY E 599 6.18 -15.84 1.15
C GLY E 599 7.00 -14.71 1.71
N PHE E 600 7.88 -15.01 2.66
CA PHE E 600 8.76 -13.98 3.20
C PHE E 600 9.66 -13.47 2.07
N SER E 601 9.53 -12.19 1.79
CA SER E 601 10.08 -11.63 0.57
C SER E 601 11.61 -11.56 0.67
N GLU E 602 12.18 -11.14 -0.46
CA GLU E 602 13.62 -11.10 -0.71
C GLU E 602 14.41 -10.54 0.47
N THR E 603 13.87 -9.57 1.19
CA THR E 603 14.59 -8.95 2.30
C THR E 603 14.41 -9.71 3.61
N ALA E 604 13.19 -10.18 3.91
CA ALA E 604 12.99 -10.93 5.14
C ALA E 604 13.74 -12.24 5.12
N LYS E 605 13.93 -12.80 3.94
CA LYS E 605 14.66 -14.07 3.82
C LYS E 605 16.12 -13.88 4.24
N CYS E 606 16.78 -12.84 3.71
CA CYS E 606 18.16 -12.58 4.13
C CYS E 606 18.22 -12.16 5.59
N GLN E 607 17.18 -11.50 6.11
CA GLN E 607 17.15 -11.19 7.53
C GLN E 607 17.23 -12.46 8.37
N ALA E 608 16.34 -13.41 8.11
CA ALA E 608 16.36 -14.69 8.81
C ALA E 608 17.72 -15.37 8.67
N MET E 609 18.30 -15.30 7.47
CA MET E 609 19.55 -15.99 7.22
C MET E 609 20.69 -15.38 8.04
N LYS E 610 20.78 -14.04 8.05
CA LYS E 610 21.83 -13.42 8.85
C LYS E 610 21.56 -13.57 10.34
N LYS E 611 20.29 -13.71 10.73
CA LYS E 611 19.99 -13.99 12.13
C LYS E 611 20.62 -15.31 12.57
N ILE E 612 20.36 -16.37 11.82
CA ILE E 612 20.88 -17.66 12.27
C ILE E 612 22.40 -17.71 12.13
N PHE E 613 22.96 -17.01 11.14
CA PHE E 613 24.42 -16.97 11.06
C PHE E 613 25.04 -16.13 12.17
N ASP E 614 24.34 -15.14 12.70
CA ASP E 614 24.86 -14.44 13.87
C ASP E 614 24.76 -15.32 15.11
N ASP E 615 23.70 -16.12 15.21
CA ASP E 615 23.64 -17.12 16.27
C ASP E 615 24.84 -18.06 16.21
N ALA E 616 25.21 -18.47 15.00
CA ALA E 616 26.39 -19.31 14.83
C ALA E 616 27.65 -18.57 15.25
N TYR E 617 27.81 -17.33 14.78
CA TYR E 617 28.97 -16.52 15.14
C TYR E 617 29.05 -16.26 16.64
N LYS E 618 27.93 -16.39 17.36
CA LYS E 618 27.99 -16.34 18.81
C LYS E 618 28.45 -17.68 19.38
N SER E 619 27.91 -18.79 18.87
CA SER E 619 28.37 -20.10 19.32
C SER E 619 29.84 -20.30 18.99
N GLN E 620 30.48 -21.18 19.76
CA GLN E 620 31.92 -21.39 19.67
C GLN E 620 32.29 -22.39 18.58
N LEU E 621 31.38 -23.25 18.19
CA LEU E 621 31.65 -24.27 17.18
C LEU E 621 30.31 -24.73 16.64
N SER E 622 30.12 -24.68 15.32
CA SER E 622 28.78 -24.86 14.80
C SER E 622 28.78 -25.41 13.39
N CYS E 623 27.65 -26.02 13.01
CA CYS E 623 27.46 -26.47 11.63
C CYS E 623 26.06 -26.11 11.18
N VAL E 624 25.97 -25.28 10.15
CA VAL E 624 24.72 -24.86 9.56
C VAL E 624 24.53 -25.57 8.24
N VAL E 625 23.27 -25.83 7.90
CA VAL E 625 22.91 -26.43 6.61
C VAL E 625 21.94 -25.52 5.90
N VAL E 626 22.10 -25.45 4.58
CA VAL E 626 21.14 -24.85 3.67
C VAL E 626 20.67 -25.94 2.73
N ASP E 627 19.35 -26.06 2.57
CA ASP E 627 18.77 -27.03 1.66
C ASP E 627 18.06 -26.32 0.51
N ASP E 628 18.29 -26.84 -0.70
CA ASP E 628 17.57 -26.45 -1.90
C ASP E 628 17.64 -24.94 -2.12
N ILE E 629 18.89 -24.46 -2.29
CA ILE E 629 19.08 -23.07 -2.68
C ILE E 629 18.37 -22.76 -3.99
N GLU E 630 18.26 -23.73 -4.89
CA GLU E 630 17.61 -23.53 -6.17
C GLU E 630 16.17 -23.02 -6.03
N ARG E 631 15.49 -23.35 -4.94
CA ARG E 631 14.17 -22.81 -4.64
C ARG E 631 14.17 -21.92 -3.41
N LEU E 632 15.32 -21.72 -2.78
CA LEU E 632 15.45 -20.67 -1.77
C LEU E 632 15.58 -19.32 -2.45
N LEU E 633 16.55 -19.19 -3.34
CA LEU E 633 16.79 -17.93 -4.03
C LEU E 633 15.90 -17.76 -5.26
N ASP E 634 14.82 -18.53 -5.39
CA ASP E 634 13.71 -18.23 -6.30
C ASP E 634 14.13 -18.36 -7.76
N TYR E 635 14.89 -19.40 -8.10
CA TYR E 635 15.29 -19.62 -9.47
C TYR E 635 14.21 -20.30 -10.29
N VAL E 636 13.97 -19.76 -11.49
CA VAL E 636 13.06 -20.30 -12.50
C VAL E 636 13.81 -20.32 -13.83
N PRO E 637 13.78 -21.41 -14.60
CA PRO E 637 14.56 -21.43 -15.84
C PRO E 637 14.08 -20.46 -16.91
N ILE E 638 12.77 -20.34 -17.14
CA ILE E 638 12.25 -19.48 -18.20
C ILE E 638 12.15 -18.07 -17.68
N GLY E 639 12.58 -17.11 -18.52
CA GLY E 639 12.62 -15.73 -18.13
C GLY E 639 13.41 -15.71 -16.86
N PRO E 640 14.65 -16.19 -16.94
CA PRO E 640 15.42 -16.44 -15.71
C PRO E 640 15.48 -15.24 -14.79
N ARG E 641 15.12 -15.49 -13.55
CA ARG E 641 15.04 -14.48 -12.53
C ARG E 641 15.23 -15.18 -11.20
N PHE E 642 15.66 -14.41 -10.23
CA PHE E 642 15.92 -14.95 -8.91
C PHE E 642 15.97 -13.76 -7.95
N SER E 643 16.32 -14.05 -6.71
CA SER E 643 16.38 -13.04 -5.68
C SER E 643 17.85 -12.61 -5.57
N ASN E 644 18.17 -11.54 -6.30
CA ASN E 644 19.53 -11.02 -6.37
C ASN E 644 20.07 -10.76 -4.98
N LEU E 645 19.25 -10.19 -4.12
CA LEU E 645 19.74 -9.72 -2.83
C LEU E 645 20.06 -10.88 -1.91
N VAL E 646 19.17 -11.87 -1.83
CA VAL E 646 19.45 -13.00 -0.97
C VAL E 646 20.61 -13.80 -1.53
N LEU E 647 20.72 -13.89 -2.85
CA LEU E 647 21.91 -14.50 -3.44
C LEU E 647 23.18 -13.81 -2.98
N GLN E 648 23.23 -12.49 -3.12
CA GLN E 648 24.46 -11.79 -2.87
C GLN E 648 24.76 -11.71 -1.38
N ALA E 649 23.75 -11.91 -0.54
CA ALA E 649 23.98 -12.01 0.89
C ALA E 649 24.50 -13.39 1.25
N LEU E 650 23.85 -14.44 0.74
CA LEU E 650 24.29 -15.80 0.99
C LEU E 650 25.72 -16.00 0.54
N LEU E 651 26.10 -15.39 -0.57
CA LEU E 651 27.41 -15.65 -1.13
C LEU E 651 28.50 -15.06 -0.25
N VAL E 652 28.23 -13.90 0.34
CA VAL E 652 29.18 -13.29 1.25
C VAL E 652 29.14 -13.98 2.60
N LEU E 653 28.01 -14.57 2.97
CA LEU E 653 27.96 -15.32 4.22
C LEU E 653 28.80 -16.58 4.15
N LEU E 654 28.80 -17.24 2.98
CA LEU E 654 29.71 -18.37 2.77
C LEU E 654 31.16 -18.02 3.07
N LYS E 655 31.54 -16.77 2.88
CA LYS E 655 32.92 -16.31 2.97
C LYS E 655 33.22 -15.55 4.25
N LYS E 656 32.20 -15.08 4.95
CA LYS E 656 32.40 -14.25 6.14
C LYS E 656 32.84 -15.14 7.29
N ALA E 657 34.07 -14.98 7.72
CA ALA E 657 34.55 -15.77 8.83
C ALA E 657 33.99 -15.21 10.14
N PRO E 658 33.85 -16.04 11.18
CA PRO E 658 33.45 -15.51 12.47
C PRO E 658 34.56 -14.69 13.08
N PRO E 659 34.33 -14.05 14.24
CA PRO E 659 35.33 -13.12 14.78
C PRO E 659 36.71 -13.71 15.04
N GLN E 660 36.83 -14.73 15.88
CA GLN E 660 38.12 -15.38 16.08
C GLN E 660 37.91 -16.65 16.88
N GLY E 661 38.62 -17.70 16.48
CA GLY E 661 38.83 -18.87 17.32
C GLY E 661 37.69 -19.87 17.32
N ARG E 662 36.46 -19.38 17.18
CA ARG E 662 35.33 -20.24 16.92
C ARG E 662 35.33 -20.66 15.45
N LYS E 663 34.52 -21.67 15.13
CA LYS E 663 34.59 -22.29 13.81
C LYS E 663 33.21 -22.71 13.34
N LEU E 664 33.08 -22.76 12.01
CA LEU E 664 31.80 -22.88 11.35
C LEU E 664 31.89 -23.88 10.22
N LEU E 665 30.79 -24.58 10.01
CA LEU E 665 30.58 -25.40 8.83
C LEU E 665 29.31 -24.93 8.14
N ILE E 666 29.34 -24.96 6.82
CA ILE E 666 28.17 -24.62 6.00
C ILE E 666 28.08 -25.68 4.92
N ILE E 667 27.09 -26.56 5.03
CA ILE E 667 26.86 -27.59 4.04
C ILE E 667 25.59 -27.28 3.28
N GLY E 668 25.61 -27.51 1.97
CA GLY E 668 24.54 -27.10 1.10
C GLY E 668 24.06 -28.25 0.24
N THR E 669 22.75 -28.24 -0.02
CA THR E 669 22.17 -29.14 -1.01
C THR E 669 21.68 -28.30 -2.18
N THR E 670 21.55 -28.98 -3.32
CA THR E 670 20.84 -28.46 -4.47
C THR E 670 20.69 -29.58 -5.47
N SER E 671 19.76 -29.40 -6.40
CA SER E 671 19.55 -30.35 -7.49
C SER E 671 20.17 -29.89 -8.79
N ARG E 672 20.74 -28.69 -8.84
CA ARG E 672 21.25 -28.11 -10.07
C ARG E 672 22.46 -27.25 -9.70
N LYS E 673 23.63 -27.61 -10.24
CA LYS E 673 24.85 -26.86 -10.04
C LYS E 673 25.35 -26.16 -11.29
N ASP E 674 24.75 -26.43 -12.45
CA ASP E 674 25.12 -25.68 -13.65
C ASP E 674 24.86 -24.19 -13.46
N VAL E 675 23.71 -23.84 -12.89
CA VAL E 675 23.40 -22.43 -12.64
C VAL E 675 24.41 -21.85 -11.66
N LEU E 676 24.85 -22.64 -10.69
CA LEU E 676 25.74 -22.10 -9.68
C LEU E 676 27.11 -21.87 -10.27
N GLN E 677 27.54 -22.77 -11.14
CA GLN E 677 28.82 -22.57 -11.83
C GLN E 677 28.73 -21.33 -12.69
N GLU E 678 27.58 -21.14 -13.34
CA GLU E 678 27.38 -19.98 -14.20
C GLU E 678 27.44 -18.68 -13.39
N MET E 679 26.90 -18.69 -12.16
CA MET E 679 26.89 -17.50 -11.33
C MET E 679 28.07 -17.39 -10.38
N GLU E 680 29.05 -18.29 -10.51
CA GLU E 680 30.30 -18.26 -9.75
C GLU E 680 30.15 -18.64 -8.29
N MET E 681 29.01 -19.20 -7.89
CA MET E 681 28.85 -19.68 -6.52
C MET E 681 29.77 -20.87 -6.26
N LEU E 682 29.94 -21.69 -7.30
CA LEU E 682 30.71 -22.92 -7.21
C LEU E 682 32.14 -22.69 -6.74
N ASN E 683 32.83 -21.69 -7.29
CA ASN E 683 34.19 -21.36 -6.82
C ASN E 683 34.18 -21.08 -5.32
N ALA E 684 33.22 -20.27 -4.86
CA ALA E 684 33.17 -19.89 -3.46
C ALA E 684 32.95 -21.11 -2.59
N PHE E 685 32.18 -22.08 -3.07
CA PHE E 685 32.06 -23.32 -2.33
C PHE E 685 33.39 -24.05 -2.34
N SER E 686 33.61 -24.88 -1.33
CA SER E 686 34.88 -25.58 -1.13
C SER E 686 34.66 -27.08 -1.06
N THR E 687 35.40 -27.81 -1.90
CA THR E 687 35.41 -29.27 -1.90
C THR E 687 33.99 -29.82 -2.11
N THR E 688 33.39 -29.39 -3.23
CA THR E 688 32.06 -29.87 -3.58
C THR E 688 32.10 -31.39 -3.82
N ILE E 689 30.92 -31.99 -3.77
CA ILE E 689 30.80 -33.44 -3.98
C ILE E 689 29.54 -33.74 -4.78
N HIS E 690 29.44 -35.01 -5.21
CA HIS E 690 28.38 -35.47 -6.09
C HIS E 690 27.68 -36.66 -5.45
N VAL E 691 26.36 -36.56 -5.34
CA VAL E 691 25.52 -37.66 -4.89
C VAL E 691 24.95 -38.36 -6.12
N PRO E 692 25.00 -39.70 -6.21
CA PRO E 692 24.46 -40.38 -7.38
C PRO E 692 23.00 -40.78 -7.22
N ASN E 693 22.37 -41.04 -8.36
CA ASN E 693 21.15 -41.82 -8.39
C ASN E 693 21.46 -43.28 -8.05
N ILE E 694 20.41 -44.10 -7.98
CA ILE E 694 20.58 -45.54 -7.91
C ILE E 694 21.39 -45.99 -9.13
N ALA E 695 22.55 -46.58 -8.85
CA ALA E 695 23.48 -46.93 -9.92
C ALA E 695 22.88 -47.95 -10.88
N THR E 696 22.51 -49.12 -10.37
CA THR E 696 22.02 -50.20 -11.22
C THR E 696 20.99 -51.03 -10.48
N GLY E 697 20.40 -51.98 -11.20
CA GLY E 697 19.36 -52.82 -10.63
C GLY E 697 19.84 -53.72 -9.52
N GLU E 698 21.13 -54.05 -9.49
CA GLU E 698 21.68 -54.80 -8.36
C GLU E 698 21.49 -54.01 -7.08
N GLN E 699 21.94 -52.76 -7.09
CA GLN E 699 21.73 -51.86 -5.98
C GLN E 699 20.25 -51.71 -5.68
N LEU E 700 19.44 -51.59 -6.73
CA LEU E 700 18.01 -51.42 -6.57
C LEU E 700 17.40 -52.56 -5.77
N LEU E 701 17.66 -53.79 -6.18
CA LEU E 701 16.98 -54.93 -5.57
C LEU E 701 17.57 -55.28 -4.21
N GLU E 702 18.87 -55.12 -4.01
CA GLU E 702 19.39 -55.30 -2.66
C GLU E 702 18.87 -54.22 -1.72
N ALA E 703 18.62 -53.00 -2.22
CA ALA E 703 18.01 -51.98 -1.39
C ALA E 703 16.57 -52.31 -1.06
N LEU E 704 15.85 -52.86 -2.03
CA LEU E 704 14.49 -53.33 -1.77
C LEU E 704 14.49 -54.36 -0.64
N GLU E 705 15.40 -55.33 -0.71
CA GLU E 705 15.46 -56.35 0.33
C GLU E 705 15.96 -55.79 1.65
N LEU E 706 16.77 -54.73 1.60
CA LEU E 706 17.19 -54.04 2.82
C LEU E 706 16.01 -53.34 3.47
N LEU E 707 15.18 -52.67 2.67
CA LEU E 707 13.98 -52.03 3.18
C LEU E 707 13.03 -53.05 3.80
N GLY E 708 12.77 -54.13 3.07
CA GLY E 708 11.85 -55.14 3.51
C GLY E 708 10.41 -54.92 3.08
N ASN E 709 10.17 -54.05 2.10
CA ASN E 709 8.83 -53.89 1.55
C ASN E 709 8.50 -54.97 0.52
N PHE E 710 9.51 -55.62 -0.05
CA PHE E 710 9.33 -56.76 -0.92
C PHE E 710 10.02 -57.98 -0.33
N LYS E 711 9.69 -59.14 -0.88
CA LYS E 711 10.19 -60.42 -0.42
C LYS E 711 10.79 -61.20 -1.59
N ASP E 712 11.45 -62.30 -1.24
CA ASP E 712 12.38 -62.97 -2.15
C ASP E 712 11.73 -63.44 -3.44
N LYS E 713 10.45 -63.81 -3.41
CA LYS E 713 9.84 -64.36 -4.62
C LYS E 713 9.66 -63.28 -5.67
N GLU E 714 8.98 -62.19 -5.32
CA GLU E 714 8.85 -61.08 -6.25
C GLU E 714 10.20 -60.43 -6.54
N ARG E 715 11.16 -60.54 -5.62
CA ARG E 715 12.52 -60.11 -5.91
C ARG E 715 13.11 -60.90 -7.07
N THR E 716 13.05 -62.22 -6.98
CA THR E 716 13.51 -63.08 -8.06
C THR E 716 12.76 -62.77 -9.35
N THR E 717 11.47 -62.49 -9.24
CA THR E 717 10.68 -62.17 -10.43
C THR E 717 11.21 -60.89 -11.09
N ILE E 718 11.51 -59.86 -10.29
CA ILE E 718 12.11 -58.64 -10.80
C ILE E 718 13.47 -58.93 -11.40
N ALA E 719 14.20 -59.89 -10.83
CA ALA E 719 15.58 -60.15 -11.21
C ALA E 719 15.73 -60.51 -12.69
N GLN E 720 14.66 -60.93 -13.35
CA GLN E 720 14.77 -61.37 -14.73
C GLN E 720 15.22 -60.23 -15.65
N GLN E 721 14.63 -59.05 -15.48
CA GLN E 721 14.78 -57.95 -16.42
C GLN E 721 15.75 -56.88 -15.93
N VAL E 722 16.70 -57.26 -15.09
CA VAL E 722 17.60 -56.29 -14.47
C VAL E 722 18.75 -55.94 -15.41
N LYS E 723 19.53 -56.94 -15.80
CA LYS E 723 20.79 -56.68 -16.49
C LYS E 723 20.57 -56.16 -17.91
N GLY E 724 19.43 -56.47 -18.53
CA GLY E 724 19.21 -56.06 -19.91
C GLY E 724 19.14 -54.57 -20.11
N LYS E 725 18.74 -53.84 -19.07
CA LYS E 725 18.54 -52.39 -19.14
C LYS E 725 19.17 -51.74 -17.93
N LYS E 726 19.98 -50.71 -18.17
CA LYS E 726 20.57 -49.94 -17.09
C LYS E 726 19.58 -48.90 -16.60
N VAL E 727 19.78 -48.45 -15.36
CA VAL E 727 18.75 -47.74 -14.61
C VAL E 727 19.38 -46.59 -13.85
N TRP E 728 18.77 -45.42 -13.98
CA TRP E 728 19.24 -44.17 -13.38
C TRP E 728 18.02 -43.55 -12.71
N ILE E 729 17.85 -43.80 -11.41
CA ILE E 729 16.64 -43.43 -10.68
C ILE E 729 17.02 -42.98 -9.29
N GLY E 730 16.24 -42.04 -8.78
CA GLY E 730 16.40 -41.60 -7.41
C GLY E 730 15.54 -42.40 -6.46
N ILE E 731 16.08 -42.56 -5.26
CA ILE E 731 15.46 -43.42 -4.27
C ILE E 731 14.19 -42.81 -3.72
N LYS E 732 14.12 -41.49 -3.59
CA LYS E 732 12.90 -40.88 -3.11
C LYS E 732 11.76 -41.20 -4.06
N LYS E 733 12.03 -41.14 -5.36
CA LYS E 733 11.03 -41.50 -6.34
C LYS E 733 10.71 -42.98 -6.27
N LEU E 734 11.74 -43.82 -6.13
CA LEU E 734 11.52 -45.26 -5.96
C LEU E 734 10.63 -45.56 -4.76
N LEU E 735 10.88 -44.87 -3.67
CA LEU E 735 10.18 -45.14 -2.42
C LEU E 735 8.74 -44.67 -2.49
N MET E 736 8.48 -43.57 -3.20
CA MET E 736 7.10 -43.23 -3.49
C MET E 736 6.48 -44.24 -4.44
N LEU E 737 7.26 -44.70 -5.42
CA LEU E 737 6.71 -45.45 -6.54
C LEU E 737 6.27 -46.83 -6.11
N ILE E 738 7.00 -47.43 -5.18
CA ILE E 738 6.67 -48.79 -4.74
C ILE E 738 5.28 -48.83 -4.14
N GLU E 739 4.83 -47.73 -3.53
CA GLU E 739 3.68 -47.77 -2.64
C GLU E 739 2.38 -48.06 -3.39
N MET E 740 2.18 -47.41 -4.52
CA MET E 740 0.95 -47.63 -5.28
C MET E 740 0.87 -49.08 -5.76
N SER E 741 2.01 -49.64 -6.15
CA SER E 741 2.04 -51.04 -6.55
C SER E 741 1.76 -51.95 -5.36
N LEU E 742 2.35 -51.65 -4.20
CA LEU E 742 2.06 -52.43 -3.00
C LEU E 742 0.57 -52.44 -2.69
N GLN E 743 -0.05 -51.26 -2.79
CA GLN E 743 -1.49 -51.16 -2.65
C GLN E 743 -2.21 -52.05 -3.64
N MET E 744 -1.81 -51.99 -4.91
CA MET E 744 -2.35 -52.86 -5.94
C MET E 744 -2.21 -54.33 -5.52
N ASP E 745 -3.10 -55.18 -6.05
CA ASP E 745 -3.15 -56.58 -5.66
C ASP E 745 -1.80 -57.25 -5.93
N PRO E 746 -1.48 -58.34 -5.22
CA PRO E 746 -0.17 -58.97 -5.40
C PRO E 746 0.10 -59.47 -6.81
N GLU E 747 -0.95 -59.69 -7.61
CA GLU E 747 -0.76 -60.19 -8.96
C GLU E 747 -0.36 -59.08 -9.92
N TYR E 748 -1.08 -57.97 -9.89
CA TYR E 748 -0.78 -56.81 -10.72
C TYR E 748 0.18 -55.83 -10.06
N ARG E 749 0.82 -56.24 -8.96
CA ARG E 749 1.77 -55.37 -8.28
C ARG E 749 3.04 -55.21 -9.11
N VAL E 750 3.70 -56.31 -9.42
CA VAL E 750 5.04 -56.25 -9.97
C VAL E 750 5.01 -55.75 -11.40
N ARG E 751 3.96 -56.11 -12.16
CA ARG E 751 3.86 -55.62 -13.52
C ARG E 751 3.71 -54.10 -13.55
N LYS E 752 2.87 -53.54 -12.68
CA LYS E 752 2.72 -52.10 -12.62
C LYS E 752 4.01 -51.43 -12.18
N PHE E 753 4.70 -52.03 -11.20
CA PHE E 753 5.97 -51.48 -10.74
C PHE E 753 6.96 -51.40 -11.90
N LEU E 754 7.14 -52.51 -12.62
CA LEU E 754 8.10 -52.51 -13.72
C LEU E 754 7.63 -51.61 -14.84
N ALA E 755 6.32 -51.46 -15.04
CA ALA E 755 5.82 -50.57 -16.07
C ALA E 755 6.21 -49.14 -15.78
N LEU E 756 6.06 -48.71 -14.52
CA LEU E 756 6.45 -47.36 -14.17
C LEU E 756 7.97 -47.20 -14.24
N LEU E 757 8.72 -48.25 -13.88
CA LEU E 757 10.17 -48.14 -13.91
C LEU E 757 10.69 -48.02 -15.33
N ARG E 758 10.05 -48.70 -16.28
CA ARG E 758 10.41 -48.52 -17.69
C ARG E 758 9.83 -47.23 -18.25
N GLU E 759 8.78 -46.70 -17.63
CA GLU E 759 8.27 -45.40 -18.03
C GLU E 759 9.28 -44.31 -17.73
N GLU E 760 9.85 -44.31 -16.53
CA GLU E 760 10.77 -43.27 -16.10
C GLU E 760 12.16 -43.85 -15.91
N GLY E 761 13.16 -43.21 -16.52
CA GLY E 761 14.53 -43.67 -16.43
C GLY E 761 14.93 -44.68 -17.48
N ALA E 762 14.63 -44.39 -18.75
CA ALA E 762 15.03 -45.23 -19.87
C ALA E 762 16.04 -44.48 -20.74
N GLN F 520 40.53 2.96 13.40
CA GLN F 520 41.85 2.36 13.39
C GLN F 520 41.84 1.00 14.09
N GLU F 521 41.06 0.07 13.53
CA GLU F 521 41.00 -1.28 14.06
C GLU F 521 42.34 -1.99 13.81
N ASP F 522 42.51 -3.14 14.46
CA ASP F 522 43.74 -3.91 14.28
C ASP F 522 43.78 -4.59 12.93
N TYR F 523 42.63 -5.01 12.42
CA TYR F 523 42.49 -5.65 11.11
C TYR F 523 43.31 -6.93 11.02
N ALA F 524 43.08 -7.81 11.99
CA ALA F 524 43.50 -9.20 11.87
C ALA F 524 42.40 -10.08 11.31
N SER F 525 41.14 -9.66 11.48
CA SER F 525 40.02 -10.37 10.87
C SER F 525 40.17 -10.47 9.36
N TYR F 526 40.75 -9.44 8.72
CA TYR F 526 41.01 -9.48 7.29
C TYR F 526 42.35 -10.12 6.96
N ILE F 527 43.29 -10.11 7.91
CA ILE F 527 44.52 -10.90 7.80
C ILE F 527 44.68 -11.70 9.08
N MET F 528 44.21 -12.95 9.07
CA MET F 528 44.30 -13.85 10.21
C MET F 528 45.51 -14.76 10.15
N ASN F 529 45.87 -15.24 8.96
CA ASN F 529 47.01 -16.16 8.84
C ASN F 529 48.30 -15.37 8.79
N GLY F 530 48.40 -14.45 7.84
CA GLY F 530 49.61 -13.66 7.67
C GLY F 530 49.83 -13.34 6.22
N ILE F 531 50.87 -12.52 6.00
CA ILE F 531 51.25 -12.07 4.66
C ILE F 531 52.60 -12.69 4.34
N ILE F 532 52.72 -13.21 3.12
CA ILE F 532 53.93 -13.86 2.64
C ILE F 532 54.35 -13.15 1.36
N LYS F 533 55.65 -12.99 1.18
CA LYS F 533 56.20 -12.75 -0.15
C LYS F 533 56.66 -14.10 -0.67
N TRP F 534 55.79 -14.73 -1.46
CA TRP F 534 56.12 -16.01 -2.05
C TRP F 534 57.06 -15.87 -3.23
N GLY F 535 57.13 -14.69 -3.83
CA GLY F 535 58.06 -14.47 -4.90
C GLY F 535 58.18 -13.00 -5.22
N ASP F 536 58.74 -12.74 -6.41
CA ASP F 536 58.87 -11.39 -6.93
C ASP F 536 57.59 -10.56 -6.91
N PRO F 537 56.42 -11.08 -7.33
CA PRO F 537 55.27 -10.18 -7.56
C PRO F 537 54.80 -9.42 -6.34
N VAL F 538 55.04 -9.93 -5.12
CA VAL F 538 54.53 -9.26 -3.94
C VAL F 538 55.31 -7.98 -3.68
N THR F 539 56.63 -8.07 -3.66
CA THR F 539 57.43 -6.86 -3.57
C THR F 539 57.19 -5.97 -4.78
N ARG F 540 57.00 -6.57 -5.96
CA ARG F 540 56.73 -5.78 -7.17
C ARG F 540 55.50 -4.92 -7.00
N VAL F 541 54.45 -5.45 -6.38
CA VAL F 541 53.22 -4.68 -6.21
C VAL F 541 53.38 -3.66 -5.09
N LEU F 542 53.85 -4.09 -3.92
CA LEU F 542 53.74 -3.20 -2.77
C LEU F 542 54.82 -2.13 -2.80
N ASP F 543 55.92 -2.35 -3.53
CA ASP F 543 56.83 -1.26 -3.87
C ASP F 543 56.07 -0.10 -4.49
N ASP F 544 55.35 -0.39 -5.59
CA ASP F 544 54.56 0.65 -6.25
C ASP F 544 53.44 1.15 -5.36
N GLY F 545 52.90 0.31 -4.50
CA GLY F 545 51.89 0.76 -3.57
C GLY F 545 52.40 1.87 -2.66
N GLU F 546 53.51 1.60 -1.97
CA GLU F 546 54.09 2.62 -1.10
C GLU F 546 54.62 3.80 -1.90
N LEU F 547 55.12 3.53 -3.11
CA LEU F 547 55.50 4.59 -4.03
C LEU F 547 54.36 5.56 -4.25
N LEU F 548 53.19 5.02 -4.58
CA LEU F 548 52.00 5.84 -4.81
C LEU F 548 51.54 6.52 -3.54
N VAL F 549 51.78 5.89 -2.38
CA VAL F 549 51.47 6.54 -1.12
C VAL F 549 52.32 7.78 -0.93
N GLN F 550 53.63 7.64 -1.13
CA GLN F 550 54.53 8.79 -1.06
C GLN F 550 54.16 9.83 -2.10
N GLN F 551 53.70 9.39 -3.26
CA GLN F 551 53.28 10.32 -4.30
C GLN F 551 52.10 11.15 -3.81
N THR F 552 51.11 10.50 -3.18
CA THR F 552 50.02 11.26 -2.57
C THR F 552 50.57 12.25 -1.55
N LYS F 553 51.39 11.76 -0.61
CA LYS F 553 51.92 12.60 0.45
C LYS F 553 52.68 13.80 -0.08
N ASN F 554 53.19 13.74 -1.31
CA ASN F 554 53.90 14.85 -1.94
C ASN F 554 53.21 15.31 -3.22
N SER F 555 51.89 15.14 -3.29
CA SER F 555 51.10 15.62 -4.41
C SER F 555 50.52 16.99 -4.10
N ASP F 556 50.85 17.98 -4.93
CA ASP F 556 50.21 19.29 -4.91
C ASP F 556 49.08 19.41 -5.92
N ARG F 557 49.27 18.84 -7.11
CA ARG F 557 48.25 18.89 -8.15
C ARG F 557 47.04 18.03 -7.79
N THR F 558 47.28 16.74 -7.54
CA THR F 558 46.21 15.75 -7.41
C THR F 558 45.96 15.45 -5.94
N PRO F 559 44.83 15.86 -5.36
CA PRO F 559 44.58 15.49 -3.96
C PRO F 559 44.30 14.02 -3.75
N LEU F 560 43.74 13.31 -4.73
CA LEU F 560 43.34 11.92 -4.54
C LEU F 560 43.91 11.04 -5.65
N VAL F 561 43.93 9.74 -5.37
CA VAL F 561 44.29 8.71 -6.33
C VAL F 561 43.46 7.47 -6.08
N SER F 562 43.50 6.54 -7.03
CA SER F 562 42.66 5.35 -7.00
C SER F 562 43.34 4.22 -7.74
N VAL F 563 43.57 3.11 -7.04
CA VAL F 563 44.29 1.97 -7.60
C VAL F 563 43.37 0.76 -7.60
N LEU F 564 43.67 -0.17 -8.51
CA LEU F 564 43.12 -1.52 -8.47
C LEU F 564 44.19 -2.52 -8.04
N LEU F 565 43.75 -3.57 -7.34
CA LEU F 565 44.59 -4.73 -7.01
C LEU F 565 44.13 -5.97 -7.76
N GLU F 566 43.69 -5.76 -9.00
CA GLU F 566 43.02 -6.79 -9.77
C GLU F 566 43.87 -8.05 -9.90
N GLY F 567 43.19 -9.19 -9.99
CA GLY F 567 43.81 -10.48 -10.19
C GLY F 567 42.76 -11.55 -10.10
N PRO F 568 43.14 -12.82 -10.25
CA PRO F 568 42.16 -13.88 -10.04
C PRO F 568 41.67 -13.88 -8.60
N PRO F 569 40.59 -14.58 -8.29
CA PRO F 569 39.87 -14.30 -7.05
C PRO F 569 40.52 -14.78 -5.76
N HIS F 570 41.41 -15.77 -5.78
CA HIS F 570 42.03 -16.28 -4.56
C HIS F 570 43.46 -15.80 -4.38
N SER F 571 43.82 -14.73 -5.08
CA SER F 571 45.16 -14.14 -5.03
C SER F 571 45.55 -13.64 -3.64
N GLY F 572 44.59 -13.29 -2.80
CA GLY F 572 44.90 -12.68 -1.51
C GLY F 572 45.09 -11.18 -1.60
N LYS F 573 44.47 -10.57 -2.61
CA LYS F 573 44.60 -9.12 -2.81
C LYS F 573 44.05 -8.31 -1.65
N THR F 574 43.00 -8.80 -0.97
CA THR F 574 42.44 -8.07 0.16
C THR F 574 43.50 -7.86 1.24
N ALA F 575 44.06 -8.97 1.70
CA ALA F 575 45.17 -8.93 2.63
C ALA F 575 46.31 -8.06 2.12
N LEU F 576 46.56 -8.05 0.82
CA LEU F 576 47.62 -7.18 0.31
C LEU F 576 47.26 -5.71 0.50
N ALA F 577 46.02 -5.34 0.20
CA ALA F 577 45.55 -3.99 0.44
C ALA F 577 45.72 -3.59 1.90
N ALA F 578 45.33 -4.48 2.80
CA ALA F 578 45.45 -4.18 4.23
C ALA F 578 46.90 -3.97 4.62
N LYS F 579 47.80 -4.80 4.09
CA LYS F 579 49.22 -4.63 4.38
C LYS F 579 49.72 -3.29 3.86
N ILE F 580 49.28 -2.89 2.66
CA ILE F 580 49.69 -1.59 2.13
C ILE F 580 49.25 -0.47 3.06
N ALA F 581 48.00 -0.53 3.52
CA ALA F 581 47.48 0.49 4.40
C ALA F 581 48.29 0.56 5.69
N GLU F 582 48.44 -0.58 6.37
CA GLU F 582 49.13 -0.57 7.65
C GLU F 582 50.64 -0.34 7.51
N GLU F 583 51.20 -0.51 6.31
CA GLU F 583 52.58 -0.08 6.10
C GLU F 583 52.66 1.43 5.96
N SER F 584 51.66 2.04 5.33
CA SER F 584 51.64 3.51 5.30
C SER F 584 51.45 4.07 6.71
N ASN F 585 50.56 3.48 7.49
CA ASN F 585 50.26 3.95 8.84
C ASN F 585 49.66 5.35 8.80
N PHE F 586 48.67 5.53 7.92
CA PHE F 586 47.90 6.75 7.92
C PHE F 586 47.19 6.93 9.27
N PRO F 587 46.75 8.14 9.59
CA PRO F 587 45.97 8.33 10.82
C PRO F 587 44.63 7.62 10.77
N PHE F 588 43.92 7.82 9.66
CA PHE F 588 42.54 7.38 9.48
C PHE F 588 42.48 6.42 8.31
N ILE F 589 42.07 5.18 8.57
CA ILE F 589 41.82 4.21 7.50
C ILE F 589 40.62 3.38 7.91
N LYS F 590 39.79 3.02 6.93
CA LYS F 590 38.58 2.26 7.19
C LYS F 590 38.25 1.39 5.99
N ILE F 591 37.39 0.42 6.24
CA ILE F 591 36.94 -0.55 5.25
C ILE F 591 35.55 -0.15 4.78
N CYS F 592 35.24 -0.50 3.53
CA CYS F 592 33.87 -0.55 3.03
C CYS F 592 33.68 -1.95 2.48
N SER F 593 32.91 -2.77 3.19
CA SER F 593 32.80 -4.19 2.87
C SER F 593 31.38 -4.71 3.08
N PRO F 594 30.97 -5.73 2.31
CA PRO F 594 29.63 -6.28 2.52
C PRO F 594 29.49 -7.06 3.81
N ASP F 595 30.61 -7.57 4.34
CA ASP F 595 30.57 -8.37 5.57
C ASP F 595 29.91 -7.61 6.69
N LYS F 596 30.10 -6.30 6.74
CA LYS F 596 29.32 -5.42 7.59
C LYS F 596 28.13 -4.84 6.86
N MET F 597 28.21 -4.66 5.54
CA MET F 597 27.05 -4.26 4.74
C MET F 597 26.45 -5.49 4.07
N ILE F 598 25.62 -6.20 4.84
CA ILE F 598 24.91 -7.38 4.37
C ILE F 598 23.42 -7.13 4.45
N GLY F 599 22.70 -7.62 3.45
CA GLY F 599 21.25 -7.53 3.40
C GLY F 599 20.70 -6.13 3.26
N PHE F 600 21.56 -5.12 3.10
CA PHE F 600 21.10 -3.75 3.01
C PHE F 600 20.63 -3.44 1.60
N SER F 601 19.46 -2.83 1.50
CA SER F 601 19.00 -2.35 0.21
C SER F 601 19.98 -1.32 -0.33
N GLU F 602 19.89 -1.08 -1.64
CA GLU F 602 20.90 -0.30 -2.34
C GLU F 602 21.01 1.12 -1.79
N THR F 603 19.91 1.70 -1.33
CA THR F 603 19.96 3.10 -0.90
C THR F 603 20.63 3.27 0.45
N ALA F 604 20.59 2.25 1.30
CA ALA F 604 21.30 2.32 2.57
C ALA F 604 22.72 1.80 2.45
N LYS F 605 22.94 0.88 1.52
CA LYS F 605 24.30 0.52 1.17
C LYS F 605 25.06 1.74 0.69
N CYS F 606 24.44 2.50 -0.21
CA CYS F 606 25.02 3.75 -0.69
C CYS F 606 25.17 4.76 0.44
N GLN F 607 24.19 4.84 1.32
CA GLN F 607 24.25 5.80 2.42
C GLN F 607 25.45 5.52 3.32
N ALA F 608 25.68 4.25 3.66
CA ALA F 608 26.79 3.91 4.54
C ALA F 608 28.14 4.10 3.86
N MET F 609 28.28 3.61 2.63
CA MET F 609 29.55 3.80 1.94
C MET F 609 29.80 5.26 1.57
N LYS F 610 28.78 6.11 1.65
CA LYS F 610 28.97 7.54 1.47
C LYS F 610 29.37 8.21 2.78
N LYS F 611 28.72 7.86 3.89
CA LYS F 611 29.03 8.53 5.13
C LYS F 611 30.43 8.13 5.61
N ILE F 612 30.89 6.93 5.25
CA ILE F 612 32.27 6.57 5.55
C ILE F 612 33.23 7.57 4.92
N PHE F 613 33.02 7.89 3.65
CA PHE F 613 33.91 8.86 3.01
C PHE F 613 33.67 10.26 3.57
N ASP F 614 32.44 10.58 3.95
CA ASP F 614 32.17 11.88 4.56
C ASP F 614 32.91 12.02 5.87
N ASP F 615 33.10 10.92 6.60
CA ASP F 615 33.93 10.92 7.79
C ASP F 615 35.41 10.95 7.45
N ALA F 616 35.79 10.41 6.29
CA ALA F 616 37.19 10.39 5.89
C ALA F 616 37.69 11.73 5.38
N TYR F 617 36.83 12.53 4.74
CA TYR F 617 37.31 13.76 4.12
C TYR F 617 37.86 14.74 5.15
N LYS F 618 37.33 14.72 6.37
CA LYS F 618 37.69 15.73 7.36
C LYS F 618 39.08 15.50 7.94
N SER F 619 39.51 14.25 8.04
CA SER F 619 40.87 13.97 8.50
C SER F 619 41.90 14.53 7.53
N GLN F 620 43.13 14.65 8.03
CA GLN F 620 44.16 15.39 7.28
C GLN F 620 44.56 14.65 6.02
N LEU F 621 44.74 13.34 6.11
CA LEU F 621 45.04 12.54 4.93
C LEU F 621 44.86 11.08 5.28
N SER F 622 44.51 10.28 4.27
CA SER F 622 43.98 8.96 4.55
C SER F 622 44.01 8.07 3.32
N CYS F 623 43.84 6.77 3.57
CA CYS F 623 43.52 5.80 2.55
C CYS F 623 42.26 5.07 2.98
N VAL F 624 41.38 4.83 2.02
CA VAL F 624 40.22 3.98 2.23
C VAL F 624 40.28 2.86 1.21
N VAL F 625 39.73 1.72 1.60
CA VAL F 625 39.78 0.51 0.81
C VAL F 625 38.37 -0.01 0.63
N VAL F 626 38.08 -0.49 -0.57
CA VAL F 626 36.81 -1.08 -0.91
C VAL F 626 37.07 -2.47 -1.46
N ASP F 627 36.49 -3.47 -0.81
CA ASP F 627 36.85 -4.86 -1.01
C ASP F 627 35.67 -5.61 -1.61
N ASP F 628 35.98 -6.51 -2.55
CA ASP F 628 34.98 -7.24 -3.30
C ASP F 628 33.94 -6.28 -3.89
N ILE F 629 34.45 -5.39 -4.75
CA ILE F 629 33.62 -4.41 -5.44
C ILE F 629 32.40 -5.06 -6.06
N GLU F 630 32.57 -6.26 -6.61
CA GLU F 630 31.48 -6.89 -7.35
C GLU F 630 30.40 -7.41 -6.41
N ARG F 631 30.81 -8.06 -5.33
CA ARG F 631 29.85 -8.53 -4.35
C ARG F 631 29.18 -7.36 -3.64
N LEU F 632 29.88 -6.23 -3.56
CA LEU F 632 29.29 -4.99 -3.07
C LEU F 632 28.28 -4.43 -4.05
N LEU F 633 28.59 -4.54 -5.33
CA LEU F 633 27.83 -3.99 -6.43
C LEU F 633 26.66 -4.87 -6.86
N ASP F 634 26.56 -6.07 -6.28
CA ASP F 634 25.49 -7.01 -6.58
C ASP F 634 25.50 -7.42 -8.06
N TYR F 635 26.64 -7.95 -8.50
CA TYR F 635 26.83 -8.34 -9.90
C TYR F 635 26.67 -9.85 -10.09
N VAL F 636 25.80 -10.21 -11.04
CA VAL F 636 25.55 -11.60 -11.42
C VAL F 636 25.68 -11.72 -12.93
N PRO F 637 26.35 -12.72 -13.49
CA PRO F 637 26.52 -12.81 -14.95
C PRO F 637 25.47 -13.51 -15.78
N ILE F 638 24.41 -14.10 -15.22
CA ILE F 638 23.46 -14.86 -16.06
C ILE F 638 22.82 -13.94 -17.10
N GLY F 639 22.40 -12.77 -16.67
CA GLY F 639 21.86 -11.74 -17.49
C GLY F 639 22.26 -10.52 -16.70
N PRO F 640 23.28 -9.74 -17.17
CA PRO F 640 23.87 -8.74 -16.29
C PRO F 640 22.87 -7.81 -15.63
N ARG F 641 22.89 -7.84 -14.31
CA ARG F 641 21.99 -7.05 -13.50
C ARG F 641 22.70 -6.71 -12.21
N PHE F 642 22.31 -5.57 -11.65
CA PHE F 642 22.95 -5.00 -10.47
C PHE F 642 22.26 -3.71 -10.11
N SER F 643 22.78 -3.02 -9.11
CA SER F 643 22.28 -1.72 -8.69
C SER F 643 23.20 -0.67 -9.31
N ASN F 644 22.72 0.00 -10.37
CA ASN F 644 23.46 1.11 -10.94
C ASN F 644 23.57 2.28 -9.97
N LEU F 645 22.70 2.32 -8.96
CA LEU F 645 22.69 3.43 -8.01
C LEU F 645 24.02 3.51 -7.28
N VAL F 646 24.44 2.40 -6.68
CA VAL F 646 25.72 2.38 -5.97
C VAL F 646 26.86 2.55 -6.96
N LEU F 647 26.71 2.05 -8.19
CA LEU F 647 27.75 2.21 -9.19
C LEU F 647 28.04 3.68 -9.44
N GLN F 648 27.01 4.46 -9.72
CA GLN F 648 27.24 5.87 -10.02
C GLN F 648 27.61 6.63 -8.75
N ALA F 649 27.14 6.15 -7.59
CA ALA F 649 27.57 6.72 -6.33
C ALA F 649 29.06 6.53 -6.14
N LEU F 650 29.61 5.47 -6.73
CA LEU F 650 31.02 5.17 -6.55
C LEU F 650 31.85 5.85 -7.63
N LEU F 651 31.30 5.98 -8.83
CA LEU F 651 32.02 6.66 -9.89
C LEU F 651 32.16 8.14 -9.59
N VAL F 652 31.25 8.71 -8.80
CA VAL F 652 31.43 10.10 -8.42
C VAL F 652 32.43 10.23 -7.27
N LEU F 653 32.43 9.25 -6.35
CA LEU F 653 33.32 9.32 -5.20
C LEU F 653 34.76 9.01 -5.54
N LEU F 654 35.01 8.25 -6.60
CA LEU F 654 36.38 8.13 -7.12
C LEU F 654 36.97 9.49 -7.42
N LYS F 655 36.22 10.34 -8.12
CA LYS F 655 36.78 11.57 -8.65
C LYS F 655 36.44 12.79 -7.80
N LYS F 656 35.67 12.63 -6.73
CA LYS F 656 35.29 13.78 -5.92
C LYS F 656 36.49 14.20 -5.11
N ALA F 657 37.14 15.28 -5.54
CA ALA F 657 38.23 15.85 -4.79
C ALA F 657 37.68 16.42 -3.48
N PRO F 658 38.39 16.28 -2.36
CA PRO F 658 37.90 16.92 -1.13
C PRO F 658 37.90 18.42 -1.32
N PRO F 659 37.12 19.17 -0.54
CA PRO F 659 37.12 20.64 -0.75
C PRO F 659 38.48 21.25 -0.44
N GLN F 660 39.07 20.78 0.64
CA GLN F 660 40.36 21.20 1.17
C GLN F 660 41.49 20.46 0.47
N GLY F 661 42.71 20.93 0.76
CA GLY F 661 43.93 20.35 0.25
C GLY F 661 44.16 18.91 0.70
N ARG F 662 43.49 18.48 1.76
CA ARG F 662 43.69 17.15 2.34
C ARG F 662 43.52 16.06 1.31
N LYS F 663 44.36 15.03 1.40
CA LYS F 663 44.41 13.96 0.42
C LYS F 663 43.89 12.62 0.94
N LEU F 664 42.98 12.02 0.18
CA LEU F 664 42.44 10.71 0.46
C LEU F 664 42.64 9.84 -0.78
N LEU F 665 43.17 8.63 -0.58
CA LEU F 665 43.37 7.69 -1.68
C LEU F 665 42.39 6.54 -1.54
N ILE F 666 42.24 5.79 -2.64
CA ILE F 666 41.26 4.73 -2.75
C ILE F 666 41.91 3.46 -3.26
N ILE F 667 41.54 2.34 -2.65
CA ILE F 667 42.09 1.02 -2.96
C ILE F 667 40.93 0.12 -3.36
N GLY F 668 40.80 -0.17 -4.65
CA GLY F 668 39.79 -1.11 -5.13
C GLY F 668 40.33 -2.53 -5.22
N THR F 669 39.45 -3.49 -4.91
CA THR F 669 39.82 -4.89 -4.77
C THR F 669 39.06 -5.81 -5.72
N THR F 670 38.87 -5.40 -6.97
CA THR F 670 38.04 -6.17 -7.90
C THR F 670 38.52 -7.61 -8.05
N SER F 671 37.59 -8.45 -8.50
CA SER F 671 37.84 -9.86 -8.78
C SER F 671 38.01 -10.14 -10.27
N ARG F 672 37.28 -9.44 -11.12
CA ARG F 672 37.36 -9.60 -12.57
C ARG F 672 37.17 -8.23 -13.20
N LYS F 673 37.98 -7.94 -14.22
CA LYS F 673 38.19 -6.59 -14.73
C LYS F 673 37.34 -6.26 -15.94
N ASP F 674 37.09 -7.27 -16.77
CA ASP F 674 36.41 -7.04 -18.04
C ASP F 674 35.07 -6.34 -17.82
N VAL F 675 34.36 -6.72 -16.75
CA VAL F 675 33.04 -6.13 -16.50
C VAL F 675 33.19 -4.67 -16.05
N LEU F 676 34.22 -4.35 -15.27
CA LEU F 676 34.40 -2.97 -14.86
C LEU F 676 34.70 -2.08 -16.07
N GLN F 677 35.57 -2.54 -16.96
CA GLN F 677 35.83 -1.75 -18.16
C GLN F 677 34.67 -1.83 -19.14
N GLU F 678 33.77 -2.79 -18.96
CA GLU F 678 32.53 -2.85 -19.72
C GLU F 678 31.52 -1.83 -19.23
N MET F 679 31.60 -1.46 -17.96
CA MET F 679 30.81 -0.37 -17.40
C MET F 679 31.60 0.94 -17.29
N GLU F 680 32.76 1.03 -17.95
CA GLU F 680 33.46 2.30 -18.16
C GLU F 680 33.95 2.89 -16.84
N MET F 681 34.59 2.04 -16.04
CA MET F 681 34.98 2.34 -14.68
C MET F 681 36.49 2.50 -14.50
N LEU F 682 37.28 1.74 -15.26
CA LEU F 682 38.73 1.83 -15.13
C LEU F 682 39.24 3.17 -15.61
N ASN F 683 38.62 3.73 -16.64
CA ASN F 683 39.04 5.03 -17.13
C ASN F 683 38.86 6.09 -16.05
N ALA F 684 37.90 5.88 -15.15
CA ALA F 684 37.75 6.76 -13.98
C ALA F 684 38.78 6.45 -12.92
N PHE F 685 39.07 5.16 -12.70
CA PHE F 685 40.17 4.81 -11.82
C PHE F 685 41.48 5.36 -12.34
N SER F 686 42.35 5.75 -11.40
CA SER F 686 43.64 6.31 -11.79
C SER F 686 44.53 5.24 -12.40
N THR F 687 44.77 4.14 -11.68
CA THR F 687 45.64 3.11 -12.21
C THR F 687 45.29 1.74 -11.63
N THR F 688 46.09 0.75 -11.99
CA THR F 688 45.73 -0.64 -11.78
C THR F 688 46.96 -1.46 -11.41
N ILE F 689 46.68 -2.66 -10.89
CA ILE F 689 47.68 -3.67 -10.64
C ILE F 689 47.11 -5.02 -11.06
N HIS F 690 47.94 -5.84 -11.69
CA HIS F 690 47.63 -7.25 -11.92
C HIS F 690 48.39 -8.07 -10.89
N VAL F 691 47.65 -8.82 -10.08
CA VAL F 691 48.24 -9.65 -9.02
C VAL F 691 48.15 -11.10 -9.45
N PRO F 692 49.13 -11.64 -10.17
CA PRO F 692 49.04 -13.04 -10.59
C PRO F 692 49.23 -13.98 -9.42
N ASN F 693 48.50 -15.09 -9.47
CA ASN F 693 48.59 -16.11 -8.44
C ASN F 693 49.84 -16.96 -8.66
N ILE F 694 49.95 -18.06 -7.91
CA ILE F 694 51.11 -18.93 -8.01
C ILE F 694 51.20 -19.50 -9.42
N ALA F 695 52.31 -19.22 -10.10
CA ALA F 695 52.50 -19.60 -11.49
C ALA F 695 53.41 -20.81 -11.69
N THR F 696 54.46 -20.92 -10.89
CA THR F 696 55.54 -21.87 -11.13
C THR F 696 55.74 -22.78 -9.93
N GLY F 697 56.05 -24.04 -10.22
CA GLY F 697 56.15 -25.04 -9.18
C GLY F 697 57.24 -24.74 -8.17
N GLU F 698 58.31 -24.06 -8.59
CA GLU F 698 59.37 -23.76 -7.63
C GLU F 698 58.94 -22.67 -6.66
N GLN F 699 58.20 -21.67 -7.14
CA GLN F 699 57.68 -20.64 -6.26
C GLN F 699 56.60 -21.20 -5.34
N LEU F 700 55.73 -22.04 -5.90
CA LEU F 700 54.80 -22.84 -5.12
C LEU F 700 55.50 -23.56 -3.98
N LEU F 701 56.56 -24.28 -4.34
CA LEU F 701 57.30 -25.09 -3.38
C LEU F 701 57.96 -24.22 -2.33
N GLU F 702 58.42 -23.03 -2.72
CA GLU F 702 59.04 -22.12 -1.77
C GLU F 702 58.01 -21.59 -0.79
N ALA F 703 56.80 -21.28 -1.27
CA ALA F 703 55.75 -20.85 -0.35
C ALA F 703 55.38 -21.97 0.61
N LEU F 704 55.30 -23.19 0.10
CA LEU F 704 55.00 -24.33 0.97
C LEU F 704 56.10 -24.50 2.02
N GLU F 705 57.35 -24.35 1.60
CA GLU F 705 58.47 -24.43 2.53
C GLU F 705 58.39 -23.34 3.59
N LEU F 706 57.99 -22.14 3.18
CA LEU F 706 57.81 -21.06 4.15
C LEU F 706 56.73 -21.40 5.16
N LEU F 707 55.64 -22.03 4.70
CA LEU F 707 54.55 -22.37 5.60
C LEU F 707 54.84 -23.60 6.45
N GLY F 708 55.81 -24.42 6.06
CA GLY F 708 56.38 -25.39 6.98
C GLY F 708 55.46 -26.54 7.37
N ASN F 709 54.65 -27.03 6.43
CA ASN F 709 53.78 -28.16 6.71
C ASN F 709 54.46 -29.50 6.44
N PHE F 710 55.11 -29.63 5.28
CA PHE F 710 55.75 -30.87 4.87
C PHE F 710 57.26 -30.73 4.98
N LYS F 711 57.92 -31.84 5.27
CA LYS F 711 59.37 -31.86 5.35
C LYS F 711 59.98 -32.06 3.98
N ASP F 712 61.32 -31.94 3.93
CA ASP F 712 62.05 -32.20 2.69
C ASP F 712 61.79 -33.61 2.16
N LYS F 713 61.53 -34.57 3.05
CA LYS F 713 61.23 -35.93 2.64
C LYS F 713 60.07 -35.98 1.66
N GLU F 714 58.96 -35.32 2.00
CA GLU F 714 57.81 -35.25 1.10
C GLU F 714 58.06 -34.26 -0.02
N ARG F 715 58.73 -33.16 0.31
CA ARG F 715 58.95 -32.09 -0.65
C ARG F 715 59.74 -32.58 -1.86
N THR F 716 60.59 -33.59 -1.68
CA THR F 716 61.27 -34.19 -2.83
C THR F 716 60.26 -34.80 -3.81
N THR F 717 59.30 -35.55 -3.28
CA THR F 717 58.26 -36.12 -4.13
C THR F 717 57.44 -35.02 -4.79
N ILE F 718 57.15 -33.96 -4.02
CA ILE F 718 56.42 -32.82 -4.60
C ILE F 718 57.26 -32.19 -5.68
N ALA F 719 58.56 -32.11 -5.46
CA ALA F 719 59.47 -31.50 -6.43
C ALA F 719 59.41 -32.26 -7.73
N GLN F 720 59.50 -33.58 -7.68
CA GLN F 720 59.48 -34.31 -8.94
C GLN F 720 58.10 -34.18 -9.60
N GLN F 721 57.04 -34.34 -8.81
CA GLN F 721 55.71 -34.39 -9.37
C GLN F 721 55.22 -33.08 -10.00
N VAL F 722 55.31 -31.95 -9.28
CA VAL F 722 54.85 -30.65 -9.82
C VAL F 722 55.93 -29.64 -10.23
N LYS F 723 57.20 -29.83 -9.88
CA LYS F 723 58.24 -28.84 -10.24
C LYS F 723 58.45 -28.74 -11.74
N GLY F 724 58.43 -29.86 -12.45
CA GLY F 724 58.70 -29.80 -13.88
C GLY F 724 57.70 -28.97 -14.65
N LYS F 725 56.42 -29.07 -14.32
CA LYS F 725 55.37 -28.34 -15.05
C LYS F 725 54.81 -27.23 -14.18
N LYS F 726 54.77 -26.02 -14.74
CA LYS F 726 54.23 -24.86 -14.05
C LYS F 726 52.73 -25.04 -13.82
N VAL F 727 52.25 -24.54 -12.67
CA VAL F 727 50.83 -24.66 -12.34
C VAL F 727 50.28 -23.31 -11.92
N TRP F 728 49.00 -23.12 -12.21
CA TRP F 728 48.28 -21.89 -11.93
C TRP F 728 47.29 -22.22 -10.82
N ILE F 729 47.50 -21.64 -9.64
CA ILE F 729 46.65 -21.90 -8.48
C ILE F 729 46.61 -20.67 -7.61
N GLY F 730 45.45 -20.43 -7.00
CA GLY F 730 45.32 -19.38 -6.01
C GLY F 730 45.73 -19.83 -4.63
N ILE F 731 46.31 -18.90 -3.89
CA ILE F 731 46.98 -19.24 -2.64
C ILE F 731 45.99 -19.49 -1.51
N LYS F 732 44.86 -18.77 -1.51
CA LYS F 732 43.85 -18.98 -0.49
C LYS F 732 43.13 -20.30 -0.68
N LYS F 733 43.15 -20.84 -1.90
CA LYS F 733 42.70 -22.20 -2.15
C LYS F 733 43.76 -23.19 -1.72
N LEU F 734 45.03 -22.84 -1.95
CA LEU F 734 46.15 -23.70 -1.61
C LEU F 734 46.18 -23.99 -0.11
N LEU F 735 46.25 -22.94 0.70
CA LEU F 735 46.45 -23.15 2.12
C LEU F 735 45.24 -23.81 2.76
N MET F 736 44.07 -23.70 2.12
CA MET F 736 42.92 -24.51 2.53
C MET F 736 43.13 -25.98 2.22
N LEU F 737 43.44 -26.30 0.96
CA LEU F 737 43.45 -27.71 0.59
C LEU F 737 44.59 -28.47 1.23
N ILE F 738 45.68 -27.79 1.63
CA ILE F 738 46.71 -28.50 2.37
C ILE F 738 46.18 -28.91 3.73
N GLU F 739 45.38 -28.05 4.35
CA GLU F 739 44.74 -28.41 5.61
C GLU F 739 43.73 -29.52 5.41
N MET F 740 43.09 -29.56 4.24
CA MET F 740 42.11 -30.61 3.99
C MET F 740 42.78 -31.97 3.79
N SER F 741 43.96 -31.98 3.19
CA SER F 741 44.78 -33.19 3.05
C SER F 741 45.69 -33.45 4.26
N LEU F 742 45.71 -32.55 5.24
CA LEU F 742 46.59 -32.69 6.39
C LEU F 742 46.28 -33.93 7.21
N GLN F 743 45.01 -34.29 7.29
CA GLN F 743 44.61 -35.39 8.14
C GLN F 743 45.31 -36.69 7.76
N MET F 744 45.85 -37.38 8.78
CA MET F 744 46.55 -38.65 8.60
C MET F 744 47.66 -38.42 7.55
N ASP F 745 48.34 -37.28 7.68
CA ASP F 745 49.38 -36.92 6.72
C ASP F 745 50.61 -37.85 6.66
N PRO F 746 51.11 -38.48 7.74
CA PRO F 746 52.40 -39.18 7.59
C PRO F 746 52.43 -40.32 6.57
N GLU F 747 51.44 -41.20 6.55
CA GLU F 747 51.51 -42.36 5.66
C GLU F 747 51.30 -42.01 4.19
N TYR F 748 50.19 -41.39 3.82
CA TYR F 748 50.00 -41.08 2.40
C TYR F 748 48.96 -40.01 2.06
N ARG F 749 49.27 -38.74 2.32
CA ARG F 749 48.37 -37.66 1.95
C ARG F 749 48.93 -36.79 0.85
N VAL F 750 50.19 -37.02 0.47
CA VAL F 750 50.80 -36.27 -0.59
C VAL F 750 50.11 -36.59 -1.91
N ARG F 751 49.71 -37.83 -2.10
CA ARG F 751 49.00 -38.20 -3.32
C ARG F 751 47.64 -37.51 -3.37
N LYS F 752 46.99 -37.34 -2.21
CA LYS F 752 45.74 -36.60 -2.18
C LYS F 752 45.96 -35.15 -2.57
N PHE F 753 46.94 -34.49 -1.94
CA PHE F 753 47.32 -33.14 -2.34
C PHE F 753 47.58 -33.05 -3.84
N LEU F 754 48.27 -34.03 -4.38
CA LEU F 754 48.65 -34.00 -5.79
C LEU F 754 47.42 -34.10 -6.68
N ALA F 755 46.53 -35.05 -6.38
CA ALA F 755 45.31 -35.19 -7.18
C ALA F 755 44.42 -33.98 -7.06
N LEU F 756 44.41 -33.32 -5.90
CA LEU F 756 43.65 -32.08 -5.75
C LEU F 756 44.24 -30.99 -6.62
N LEU F 757 45.56 -30.82 -6.57
CA LEU F 757 46.21 -29.79 -7.36
C LEU F 757 46.06 -30.05 -8.84
N ARG F 758 45.98 -31.32 -9.25
CA ARG F 758 46.05 -31.67 -10.66
C ARG F 758 44.89 -31.11 -11.45
N GLU F 759 43.72 -30.92 -10.82
CA GLU F 759 42.53 -30.58 -11.59
C GLU F 759 42.45 -29.10 -11.90
N GLU F 760 43.06 -28.24 -11.08
CA GLU F 760 43.16 -26.82 -11.44
C GLU F 760 44.27 -26.58 -12.45
N GLY F 761 45.50 -26.94 -12.08
CA GLY F 761 46.67 -26.55 -12.82
C GLY F 761 47.02 -27.45 -13.99
N ALA F 762 46.90 -28.76 -13.79
CA ALA F 762 47.29 -29.74 -14.80
C ALA F 762 48.76 -29.57 -15.19
N MET G 4 3.02 9.58 8.31
CA MET G 4 1.68 9.91 8.85
C MET G 4 1.37 9.15 10.12
N ALA G 5 1.22 7.82 10.00
CA ALA G 5 0.81 6.98 11.12
C ALA G 5 -0.52 7.46 11.69
N GLU G 6 -1.51 7.60 10.82
CA GLU G 6 -2.77 8.22 11.18
C GLU G 6 -3.55 7.33 12.14
N ASP G 7 -4.66 7.87 12.64
CA ASP G 7 -5.48 7.22 13.66
C ASP G 7 -4.63 6.87 14.87
N ALA G 8 -3.97 7.91 15.41
CA ALA G 8 -3.27 7.84 16.68
C ALA G 8 -4.18 8.17 17.86
N ASP G 9 -5.50 8.06 17.68
CA ASP G 9 -6.46 8.36 18.73
C ASP G 9 -6.13 7.63 20.02
N MET G 10 -6.08 8.39 21.11
CA MET G 10 -5.63 7.91 22.40
C MET G 10 -6.55 8.47 23.47
N ARG G 11 -6.55 7.79 24.62
CA ARG G 11 -7.38 8.15 25.75
C ARG G 11 -6.54 8.26 27.02
N ASN G 12 -7.01 9.11 27.92
CA ASN G 12 -6.32 9.43 29.15
C ASN G 12 -7.24 9.12 30.34
N GLU G 13 -6.61 8.98 31.50
CA GLU G 13 -7.28 8.55 32.73
C GLU G 13 -7.10 9.58 33.83
N LEU G 14 -8.11 9.66 34.70
CA LEU G 14 -7.97 10.45 35.91
C LEU G 14 -7.07 9.71 36.89
N GLU G 15 -6.09 10.43 37.44
CA GLU G 15 -5.31 9.91 38.55
C GLU G 15 -5.22 10.88 39.73
N GLU G 16 -5.86 12.04 39.66
CA GLU G 16 -5.76 12.98 40.77
C GLU G 16 -6.75 12.63 41.88
N MET G 17 -8.04 12.52 41.55
CA MET G 17 -9.10 12.26 42.52
C MET G 17 -8.94 13.13 43.77
N GLN G 18 -8.93 14.44 43.54
CA GLN G 18 -8.63 15.39 44.60
C GLN G 18 -9.65 15.26 45.73
N ARG G 19 -9.15 14.91 46.92
CA ARG G 19 -9.97 14.76 48.10
C ARG G 19 -9.07 14.76 49.32
N ARG G 20 -9.56 15.35 50.41
CA ARG G 20 -8.78 15.50 51.64
C ARG G 20 -9.41 14.72 52.78
PB ADP H . 11.34 37.15 5.08
O1B ADP H . 10.40 37.04 6.25
O2B ADP H . 10.74 37.57 3.77
O3B ADP H . 12.27 35.96 5.00
PA ADP H . 13.02 38.33 6.93
O1A ADP H . 11.94 38.56 7.96
O2A ADP H . 13.81 37.04 6.96
O3A ADP H . 12.31 38.37 5.49
O5' ADP H . 13.99 39.60 6.94
C5' ADP H . 15.06 39.64 7.88
C4' ADP H . 15.69 41.02 7.88
O4' ADP H . 16.04 41.46 6.56
C3' ADP H . 14.70 42.00 8.46
O3' ADP H . 15.09 42.34 9.79
C2' ADP H . 14.74 43.17 7.50
O2' ADP H . 15.09 44.44 8.10
C1' ADP H . 15.76 42.85 6.43
N9 ADP H . 15.02 43.08 5.18
C8 ADP H . 14.46 42.09 4.47
N7 ADP H . 13.92 42.58 3.34
C5 ADP H . 14.14 43.90 3.31
C6 ADP H . 13.80 44.97 2.38
N6 ADP H . 13.10 44.68 1.26
N1 ADP H . 14.22 46.21 2.69
C2 ADP H . 14.92 46.45 3.82
N3 ADP H . 15.26 45.51 4.71
C4 ADP H . 14.93 44.22 4.50
H5'1 ADP H . 15.81 38.89 7.60
H5'2 ADP H . 14.70 39.39 8.87
H4' ADP H . 16.59 41.01 8.52
H3' ADP H . 13.70 41.56 8.45
HO3' ADP H . 14.47 42.96 10.18
H2' ADP H . 13.77 43.24 7.01
HO2' ADP H . 14.44 44.68 8.76
H1' ADP H . 16.64 43.47 6.52
H8 ADP H . 14.43 41.05 4.77
HN61 ADP H . 12.87 45.41 0.62
HN62 ADP H . 12.81 43.74 1.09
H2 ADP H . 15.24 47.47 4.01
PG ATP I . 35.97 13.59 -16.68
O1G ATP I . 35.72 13.57 -15.19
O2G ATP I . 36.42 12.27 -17.26
O3G ATP I . 34.92 14.31 -17.49
PB ATP I . 37.06 16.11 -16.63
O1B ATP I . 36.09 16.31 -15.50
O2B ATP I . 36.79 16.72 -17.98
O3B ATP I . 37.26 14.53 -16.83
PA ATP I . 38.67 17.71 -15.05
O1A ATP I . 38.42 17.10 -13.68
O2A ATP I . 37.81 18.86 -15.51
O3A ATP I . 38.53 16.55 -16.14
O5' ATP I . 40.22 18.15 -15.13
C5' ATP I . 40.56 19.31 -14.41
C4' ATP I . 41.98 19.84 -14.60
O4' ATP I . 42.34 19.90 -15.98
C3' ATP I . 42.10 21.24 -14.05
O3' ATP I . 42.89 21.22 -12.86
C2' ATP I . 42.76 22.09 -15.12
O2' ATP I . 44.04 22.59 -14.70
C1' ATP I . 42.93 21.17 -16.30
N9 ATP I . 42.18 21.71 -17.43
C8 ATP I . 40.86 21.57 -17.55
N7 ATP I . 40.40 22.14 -18.70
C5 ATP I . 41.47 22.67 -19.33
C6 ATP I . 41.71 23.42 -20.58
N6 ATP I . 40.70 23.74 -21.42
N1 ATP I . 42.96 23.78 -20.85
C2 ATP I . 43.98 23.47 -20.04
N3 ATP I . 43.84 22.80 -18.89
C4 ATP I . 42.63 22.39 -18.48
H5'1 ATP I . 40.38 19.16 -13.35
H5'2 ATP I . 39.87 20.07 -14.75
H4' ATP I . 42.66 19.19 -14.06
H3' ATP I . 41.12 21.66 -13.83
HO3' ATP I . 42.78 22.07 -12.45
H2' ATP I . 42.10 22.92 -15.40
HO2' ATP I . 43.91 23.34 -14.11
H1' ATP I . 43.99 21.09 -16.54
H8 ATP I . 40.26 21.06 -16.84
HN61 ATP I . 40.89 24.25 -22.26
HN62 ATP I . 39.76 23.46 -21.19
H2 ATP I . 44.96 23.79 -20.33
PG ATP J . 9.98 22.09 -30.37
O1G ATP J . 9.95 22.66 -28.97
O2G ATP J . 11.32 21.54 -30.78
O3G ATP J . 8.81 21.24 -30.75
PB ATP J . 8.49 24.28 -31.15
O1B ATP J . 7.77 23.88 -29.89
O2B ATP J . 7.76 24.30 -32.47
O3B ATP J . 9.80 23.38 -31.31
PA ATP J . 8.11 26.89 -30.45
O1A ATP J . 8.16 27.02 -28.95
O2A ATP J . 6.81 26.63 -31.16
O3A ATP J . 9.11 25.74 -30.93
O5' ATP J . 8.86 28.15 -31.12
C5' ATP J . 8.34 29.43 -30.79
C4' ATP J . 8.67 30.40 -31.91
O4' ATP J . 8.32 29.84 -33.16
C3' ATP J . 7.87 31.67 -31.76
O3' ATP J . 8.60 32.76 -31.25
C2' ATP J . 7.29 31.94 -33.13
O2' ATP J . 7.87 33.06 -33.80
C1' ATP J . 7.91 30.90 -34.01
N9 ATP J . 6.87 30.48 -34.95
C8 ATP J . 6.05 29.47 -34.70
N7 ATP J . 5.24 29.23 -35.76
C5 ATP J . 5.58 30.12 -36.70
C6 ATP J . 5.14 30.45 -38.07
N6 ATP J . 4.14 29.78 -38.67
N1 ATP J . 5.79 31.45 -38.68
C2 ATP J . 6.79 32.13 -38.12
N3 ATP J . 7.23 31.89 -36.88
C4 ATP J . 6.68 30.91 -36.16
H5'1 ATP J . 8.77 29.78 -29.85
H5'2 ATP J . 7.26 29.33 -30.68
H4' ATP J . 9.73 30.65 -31.88
H3' ATP J . 7.01 31.51 -31.11
HO3' ATP J . 7.96 33.47 -31.22
H2' ATP J . 6.20 31.90 -33.18
HO2' ATP J . 7.77 33.90 -33.36
H1' ATP J . 8.75 31.35 -34.54
H8 ATP J . 6.05 28.93 -33.77
HN61 ATP J . 3.86 30.03 -39.61
HN62 ATP J . 3.67 29.03 -38.18
H2 ATP J . 7.27 32.93 -38.68
PG ATP K . -15.52 27.03 -1.81
O1G ATP K . -15.08 26.18 -0.65
O2G ATP K . -14.80 28.35 -1.88
O3G ATP K . -15.70 26.27 -3.10
PB ATP K . -17.89 28.07 -2.56
O1B ATP K . -18.72 26.95 -3.07
O2B ATP K . -16.92 28.73 -3.51
O3B ATP K . -17.00 27.44 -1.39
PA ATP K . -18.65 30.77 -2.48
O1A ATP K . -17.27 31.27 -2.16
O2A ATP K . -19.14 30.71 -3.90
O3A ATP K . -18.74 29.28 -1.90
O5' ATP K . -19.70 31.69 -1.69
C5' ATP K . -19.30 32.86 -0.97
C4' ATP K . -18.98 34.00 -1.94
O4' ATP K . -19.63 33.80 -3.20
C3' ATP K . -19.38 35.39 -1.44
O3' ATP K . -18.21 36.06 -0.98
C2' ATP K . -20.02 36.07 -2.65
O2' ATP K . -19.34 37.25 -3.09
C1' ATP K . -19.94 35.06 -3.78
N9 ATP K . -21.19 34.85 -4.49
C8 ATP K . -22.21 34.32 -3.82
N7 ATP K . -23.27 34.08 -4.60
C5 ATP K . -22.90 34.40 -5.83
C6 ATP K . -23.59 34.36 -7.11
N6 ATP K . -24.87 33.93 -7.11
N1 ATP K . -22.90 34.75 -8.18
C2 ATP K . -21.61 35.18 -8.09
N3 ATP K . -20.93 35.24 -6.93
C4 ATP K . -21.51 34.84 -5.79
H5'1 ATP K . -18.40 32.64 -0.38
H5'2 ATP K . -20.09 33.13 -0.28
H4' ATP K . -17.91 34.02 -2.08
H3' ATP K . -20.13 35.35 -0.65
HO3' ATP K . -18.44 36.93 -0.62
H2' ATP K . -21.05 36.34 -2.41
HO2' ATP K . -19.32 37.93 -2.40
H1' ATP K . -19.16 35.37 -4.47
H8 ATP K . -22.17 34.18 -2.76
HN61 ATP K . -25.40 33.87 -7.96
HN62 ATP K . -25.29 33.65 -6.24
H2 ATP K . -21.13 35.49 -8.99
PG ATP L . -12.65 2.70 -31.53
O1G ATP L . -12.33 4.07 -30.98
O2G ATP L . -11.98 2.39 -32.84
O3G ATP L . -12.62 1.59 -30.51
PB ATP L . -15.22 3.03 -30.71
O1B ATP L . -14.83 4.32 -30.04
O2B ATP L . -15.26 1.75 -29.91
O3B ATP L . -14.20 2.79 -31.92
PA ATP L . -17.81 3.72 -30.48
O1A ATP L . -17.38 4.97 -29.74
O2A ATP L . -18.33 2.50 -29.75
O3A ATP L . -16.63 3.21 -31.42
O5' ATP L . -19.00 4.09 -31.49
C5' ATP L . -20.11 4.79 -30.99
C4' ATP L . -20.79 5.59 -32.08
O4' ATP L . -21.35 4.71 -33.04
C3' ATP L . -21.93 6.43 -31.54
O3' ATP L . -21.46 7.75 -31.25
C2' ATP L . -22.99 6.36 -32.63
O2' ATP L . -23.31 7.62 -33.22
C1' ATP L . -22.41 5.42 -33.67
N9 ATP L . -23.43 4.54 -34.28
C8 ATP L . -24.62 4.96 -34.74
N7 ATP L . -25.31 3.93 -35.30
C5 ATP L . -24.54 2.85 -35.25
C6 ATP L . -24.61 1.44 -35.67
N6 ATP L . -25.68 0.91 -36.28
N1 ATP L . -23.57 0.62 -35.44
C2 ATP L . -22.47 1.07 -34.84
N3 ATP L . -22.33 2.35 -34.44
C4 ATP L . -23.29 3.27 -34.61
H5'1 ATP L . -19.78 5.46 -30.18
H5'2 ATP L . -20.81 4.08 -30.56
H4' ATP L . -20.05 6.25 -32.55
H3' ATP L . -22.33 5.95 -30.64
HO3' ATP L . -22.18 8.30 -30.89
H2' ATP L . -23.88 5.91 -32.20
HO2' ATP L . -23.66 8.21 -32.54
H1' ATP L . -21.98 6.05 -34.46
H8 ATP L . -25.00 5.96 -34.62
HN61 ATP L . -26.48 1.47 -36.47
HN62 ATP L . -25.67 -0.05 -36.53
H2 ATP L . -21.66 0.37 -34.68
PG ATP M . -28.77 2.31 6.38
O1G ATP M . -29.27 2.63 7.77
O2G ATP M . -27.70 3.24 5.88
O3G ATP M . -28.50 0.85 6.13
PB ATP M . -31.33 1.68 5.61
O1B ATP M . -31.62 1.53 7.09
O2B ATP M . -31.13 0.46 4.76
O3B ATP M . -30.03 2.61 5.45
PA ATP M . -33.82 2.74 5.86
O1A ATP M . -33.53 3.74 6.95
O2A ATP M . -34.30 1.37 6.25
O3A ATP M . -32.50 2.56 4.98
O5' ATP M . -34.85 3.45 4.86
C5' ATP M . -36.07 3.95 5.40
C4' ATP M . -36.91 4.62 4.33
O4' ATP M . -37.15 3.75 3.21
C3' ATP M . -38.26 4.95 4.92
O3' ATP M . -38.74 6.20 4.42
C2' ATP M . -39.13 3.81 4.47
O2' ATP M . -40.50 4.19 4.32
C1' ATP M . -38.53 3.38 3.15
N9 ATP M . -38.66 1.93 2.93
C8 ATP M . -37.71 1.12 2.42
N7 ATP M . -38.15 -0.15 2.34
C5 ATP M . -39.41 -0.16 2.81
C6 ATP M . -40.45 -1.18 3.01
N6 ATP M . -40.20 -2.45 2.67
N1 ATP M . -41.64 -0.80 3.52
C2 ATP M . -41.88 0.48 3.85
N3 ATP M . -40.98 1.46 3.69
C4 ATP M . -39.74 1.21 3.18
H5'1 ATP M . -35.84 4.66 6.19
H5'2 ATP M . -36.63 3.13 5.82
H4' ATP M . -36.42 5.55 4.00
H3' ATP M . -38.20 4.95 6.01
HO3' ATP M . -39.57 6.43 4.85
H2' ATP M . -39.03 3.00 5.20
HO2' ATP M . -40.89 4.31 5.19
H1' ATP M . -39.03 3.93 2.34
H8 ATP M . -36.73 1.46 2.12
HN61 ATP M . -40.92 -3.16 2.81
HN62 ATP M . -39.30 -2.71 2.30
H2 ATP M . -42.85 0.74 4.27
PG ATP N . -10.74 -24.87 -18.35
O1G ATP N . -10.90 -23.45 -17.84
O2G ATP N . -10.58 -24.99 -19.84
O3G ATP N . -9.83 -25.73 -17.52
PB ATP N . -12.63 -25.84 -16.58
O1B ATP N . -12.63 -24.54 -15.80
O2B ATP N . -11.83 -27.02 -16.09
O3B ATP N . -12.19 -25.52 -18.09
PA ATP N . -14.99 -26.84 -15.54
O1A ATP N . -15.23 -25.68 -14.60
O2A ATP N . -14.27 -28.07 -15.05
O3A ATP N . -14.14 -26.32 -16.79
O5' ATP N . -16.38 -27.25 -16.22
C5' ATP N . -17.45 -27.62 -15.36
C4' ATP N . -18.62 -28.29 -16.08
O4' ATP N . -18.19 -29.41 -16.86
C3' ATP N . -19.64 -28.77 -15.06
O3' ATP N . -20.83 -27.97 -15.18
C2' ATP N . -19.85 -30.21 -15.43
O2' ATP N . -21.20 -30.62 -15.67
C1' ATP N . -19.04 -30.54 -16.66
N9 ATP N . -18.22 -31.73 -16.38
C8 ATP N . -17.16 -31.73 -15.59
N7 ATP N . -16.56 -32.95 -15.57
C5 ATP N . -17.24 -33.72 -16.43
C6 ATP N . -17.15 -35.11 -16.91
N6 ATP N . -16.19 -35.95 -16.48
N1 ATP N . -18.06 -35.51 -17.82
C2 ATP N . -19.03 -34.68 -18.24
N3 ATP N . -19.15 -33.41 -17.86
C4 ATP N . -18.29 -32.89 -17.00
H5'1 ATP N . -17.81 -26.74 -14.83
H5'2 ATP N . -17.04 -28.31 -14.62
H4' ATP N . -19.09 -27.55 -16.72
H3' ATP N . -19.23 -28.70 -14.05
HO3' ATP N . -21.49 -28.25 -14.54
H2' ATP N . -19.52 -30.83 -14.57
HO2' ATP N . -21.68 -30.46 -14.87
H1' ATP N . -19.71 -30.72 -17.50
H8 ATP N . -16.88 -30.86 -15.02
HN61 ATP N . -15.52 -35.64 -15.80
HN62 ATP N . -16.17 -36.90 -16.82
H2 ATP N . -19.72 -35.02 -18.99
PG ATP O . -16.74 -16.94 24.23
O1G ATP O . -16.57 -17.38 25.66
O2G ATP O . -17.39 -15.59 24.07
O3G ATP O . -15.55 -17.18 23.34
PB ATP O . -17.34 -19.14 22.66
O1B ATP O . -16.24 -19.92 23.30
O2B ATP O . -17.17 -18.48 21.32
O3B ATP O . -17.84 -17.96 23.65
PA ATP O . -18.91 -21.16 23.73
O1A ATP O . -18.55 -20.56 25.07
O2A ATP O . -18.39 -22.52 23.37
O3A ATP O . -18.64 -20.07 22.59
O5' ATP O . -20.52 -21.22 23.63
C5' ATP O . -21.22 -22.14 24.43
C4' ATP O . -22.38 -22.74 23.62
O4' ATP O . -22.21 -24.15 23.41
C3' ATP O . -23.74 -22.57 24.26
O3' ATP O . -24.43 -21.44 23.72
C2' ATP O . -24.48 -23.86 23.97
O2' ATP O . -25.57 -23.63 23.07
C1' ATP O . -23.48 -24.82 23.34
N9 ATP O . -23.35 -26.18 23.94
C8 ATP O . -24.17 -26.80 24.81
N7 ATP O . -23.74 -28.03 25.14
C5 ATP O . -22.61 -28.24 24.47
C6 ATP O . -21.63 -29.35 24.38
N6 ATP O . -21.81 -30.48 25.07
N1 ATP O . -20.59 -29.20 23.56
C2 ATP O . -20.42 -28.07 22.85
N3 ATP O . -21.25 -27.02 22.90
C4 ATP O . -22.36 -27.05 23.67
H5'1 ATP O . -21.59 -21.60 25.30
H5'2 ATP O . -20.54 -22.89 24.78
H4' ATP O . -22.40 -22.22 22.66
H3' ATP O . -23.65 -22.49 25.35
HO3' ATP O . -25.19 -21.25 24.27
H2' ATP O . -24.86 -24.18 24.94
HO2' ATP O . -26.29 -23.18 23.54
H1' ATP O . -23.76 -24.94 22.27
H8 ATP O . -25.08 -26.38 25.23
HN61 ATP O . -22.61 -30.58 25.67
HN62 ATP O . -21.14 -31.22 24.98
H2 ATP O . -19.55 -28.03 22.22
PG ATP P . 14.56 -32.75 -4.12
O1G ATP P . 14.82 -31.50 -3.31
O2G ATP P . 13.11 -33.14 -4.21
O3G ATP P . 15.34 -32.83 -5.41
PB ATP P . 14.52 -34.23 -1.80
O1B ATP P . 14.13 -32.93 -1.15
O2B ATP P . 13.50 -35.33 -2.01
O3B ATP P . 15.21 -33.90 -3.21
PA ATP P . 15.61 -35.24 0.55
O1A ATP P . 14.31 -34.68 1.06
O2A ATP P . 16.91 -34.86 1.25
O3A ATP P . 15.76 -34.84 -0.99
O5' ATP P . 15.52 -36.85 0.53
C5' ATP P . 14.34 -37.43 1.05
C4' ATP P . 14.28 -38.95 0.90
O4' ATP P . 15.59 -39.55 0.92
C3' ATP P . 13.49 -39.64 2.01
O3' ATP P . 12.18 -39.95 1.54
C2' ATP P . 14.32 -40.85 2.41
O2' ATP P . 13.64 -42.10 2.24
C1' ATP P . 15.55 -40.86 1.52
N9 ATP P . 16.85 -41.14 2.21
C8 ATP P . 17.28 -40.72 3.41
N7 ATP P . 18.54 -41.16 3.66
C5 ATP P . 18.93 -41.87 2.60
C6 ATP P . 20.13 -42.61 2.19
N6 ATP P . 21.19 -42.70 3.00
N1 ATP P . 20.18 -43.22 1.00
C2 ATP P . 19.14 -43.15 0.19
N3 ATP P . 18.00 -42.49 0.49
C4 ATP P . 17.84 -41.83 1.65
H5'1 ATP P . 14.27 -37.12 2.10
H5'2 ATP P . 13.50 -36.99 0.54
H4' ATP P . 13.80 -39.18 -0.06
H3' ATP P . 13.42 -39.00 2.91
HO3' ATP P . 11.65 -40.36 2.24
H2' ATP P . 14.57 -40.74 3.46
HO2' ATP P . 12.86 -42.14 2.79
H1' ATP P . 15.40 -41.62 0.75
H8 ATP P . 16.70 -40.11 4.09
HN61 ATP P . 21.15 -42.23 3.88
HN62 ATP P . 22.01 -43.20 2.72
H2 ATP P . 19.21 -43.65 -0.76
PB ADP Q . 8.55 -16.02 37.44
O1B ADP Q . 7.38 -15.40 38.16
O2B ADP Q . 8.23 -16.49 36.03
O3B ADP Q . 9.84 -15.26 37.56
PA ADP Q . 9.17 -17.41 39.80
O1A ADP Q . 8.09 -16.58 40.45
O2A ADP Q . 10.64 -17.13 40.01
O3A ADP Q . 8.85 -17.39 38.23
O5' ADP Q . 8.86 -18.97 40.07
C5' ADP Q . 8.24 -19.40 41.28
C4' ADP Q . 7.75 -20.81 41.01
O4' ADP Q . 8.86 -21.61 40.65
C3' ADP Q . 7.10 -21.47 42.21
O3' ADP Q . 5.67 -21.40 42.08
C2' ADP Q . 7.65 -22.90 42.26
O2' ADP Q . 6.69 -23.94 42.05
C1' ADP Q . 8.68 -22.93 41.15
N9 ADP Q . 10.00 -23.51 41.52
C8 ADP Q . 10.32 -24.35 42.53
N7 ADP Q . 11.63 -24.70 42.48
C5 ADP Q . 12.14 -24.13 41.39
C6 ADP Q . 13.46 -24.10 40.73
N6 ADP Q . 14.49 -24.76 41.27
N1 ADP Q . 13.60 -23.39 39.59
C2 ADP Q . 12.56 -22.73 39.06
N3 ADP Q . 11.34 -22.71 39.61
C4 ADP Q . 11.06 -23.41 40.74
H5'1 ADP Q . 7.42 -18.74 41.56
H5'2 ADP Q . 8.97 -19.43 42.08
H4' ADP Q . 7.02 -20.77 40.19
H3' ADP Q . 7.42 -20.94 43.12
HO3' ADP Q . 5.24 -21.83 42.83
H2' ADP Q . 8.09 -22.99 43.26
HO2' ADP Q . 6.01 -23.93 42.74
H1' ADP Q . 8.27 -23.55 40.34
H8 ADP Q . 9.65 -24.65 43.33
HN61 ADP Q . 15.39 -24.74 40.81
HN62 ADP Q . 14.34 -25.28 42.11
H2 ADP Q . 12.71 -22.19 38.15
PG ATP R . 37.20 -13.48 -3.55
O1G ATP R . 36.31 -13.06 -2.42
O2G ATP R . 37.70 -12.28 -4.32
O3G ATP R . 36.74 -14.66 -4.38
PB ATP R . 39.31 -12.90 -1.94
O1B ATP R . 38.36 -12.34 -0.91
O2B ATP R . 40.01 -11.97 -2.91
O3B ATP R . 38.54 -13.99 -2.82
PA ATP R . 41.28 -12.85 -0.09
O1A ATP R . 40.32 -12.32 0.94
O2A ATP R . 42.13 -11.93 -0.92
O3A ATP R . 40.46 -13.71 -1.17
O5' ATP R . 42.24 -13.95 0.59
C5' ATP R . 43.07 -13.59 1.71
C4' ATP R . 43.90 -14.75 2.27
O4' ATP R . 45.04 -15.11 1.48
C3' ATP R . 44.46 -14.36 3.63
O3' ATP R . 43.85 -15.23 4.59
C2' ATP R . 45.97 -14.54 3.55
O2' ATP R . 46.55 -15.21 4.68
C1' ATP R . 46.22 -15.31 2.27
N9 ATP R . 47.46 -14.90 1.52
C8 ATP R . 48.34 -15.82 1.09
N7 ATP R . 49.39 -15.24 0.46
C5 ATP R . 49.22 -13.92 0.51
C6 ATP R . 49.97 -12.75 0.04
N6 ATP R . 51.14 -12.88 -0.63
N1 ATP R . 49.44 -11.53 0.29
C2 ATP R . 48.27 -11.39 0.94
N3 ATP R . 47.56 -12.43 1.39
C4 ATP R . 47.95 -13.69 1.21
H5'1 ATP R . 42.40 -13.22 2.49
H5'2 ATP R . 43.73 -12.77 1.42
H4' ATP R . 43.25 -15.62 2.40
H3' ATP R . 44.24 -13.32 3.85
HO3' ATP R . 44.18 -15.02 5.47
H2' ATP R . 46.40 -13.54 3.48
HO2' ATP R . 46.40 -14.68 5.48
H1' ATP R . 46.32 -16.37 2.53
H8 ATP R . 48.21 -16.88 1.20
HN61 ATP R . 51.63 -12.05 -0.94
HN62 ATP R . 51.53 -13.79 -0.81
H2 ATP R . 47.90 -10.39 1.10
#